data_5OG1
#
_entry.id   5OG1
#
loop_
_entity.id
_entity.type
_entity.pdbx_description
1 polymer 'Chaperone protein ClpB,ATP-dependent Clp protease ATP-binding subunit ClpA,Chaperone protein ClpB'
2 non-polymer 'PHOSPHOTHIOPHOSPHORIC ACID-ADENYLATE ESTER'
#
_entity_poly.entity_id   1
_entity_poly.type   'polypeptide(L)'
_entity_poly.pdbx_seq_one_letter_code
;MRGSMRLDRLTNKFQLALADAQSLALGHDNQFIEPLHLMSALLNQEGGSVSPLLTSAGINAGQLRTDINQALNRLPQVEG
TGGDVQPSQDLVRVLNLCDKLAQKRGDNFISSELFVLAALESRGTLADILKAAGATTANITQAIEQMRGGESVNDQGAED
QRQALKKYTIDLTERAEQGKLDPVIGRDEEIRRTIQVLQRRTKNNPVLIGEPGVGKTAIVEGLAQRIINGEVPEGLKGRR
VLALDMGALVAGAKYRGEFEERLKGVLNDLAKQEGNVILFIDALHTMVGAGKADGAMDAGNMLKPALARGELHCVGATTL
DEYRQYIEKDAALERRFQKVFVAEPSVEDTIAILRGLKERYELHHHVQITDPAIVAAATLSHRYIADRQLPDKAIDLIDE
AASSIRMQIDSKPEELDRLDRRIIQLKLEQQALMKESDEASKKRLDMLNEELSDKERQYSELEEEWKAEKASLSGTQTIK
AELEQAKIAIEQARRVGDLARMSELQYGKIPELEKQLEAATQLEGKTMRLLRNKVTDAEIAEVLARWTGIPVSRMMESER
EKLLRMEQELHHRVIGQNEAVDAVSNAIRRSRAGLADPNRPIGSFLFLGPTGVGKTELCKALANFMFDSDEAMVRIDMSE
FMEKHSVSRLVGAPPGYVGYEEGGYLTEAVRRRPYSVILLDAVEKAHPDVFNILLQVLDDGRLTDGQGRTVDFRNTVVIM
TSNLGVRETERKSIGLIHQDNSTDAMEEIKKIFRPEFINRIDEVVVFHPLGEQHIASIAQIQLKRLYKRLEERGYEIHIS
DEALKLLSENGYDPVYGARPLKRAIQQQIENPLAQQILSGELVPGKVIRLEVNEDRIVAVQGSRSHHHHHH
;
_entity_poly.pdbx_strand_id   C,F,E,D,B,A
#
loop_
_chem_comp.id
_chem_comp.type
_chem_comp.name
_chem_comp.formula
AGS non-polymer 'PHOSPHOTHIOPHOSPHORIC ACID-ADENYLATE ESTER' 'C10 H16 N5 O12 P3 S'
#
# COMPACT_ATOMS: atom_id res chain seq x y z
N LEU A 165 21.25 0.97 -41.53
CA LEU A 165 22.49 1.65 -41.17
C LEU A 165 22.60 2.99 -41.90
N LYS A 166 21.85 3.14 -42.98
CA LYS A 166 21.85 4.41 -43.71
C LYS A 166 20.68 5.29 -43.28
N LYS A 167 19.65 4.68 -42.68
CA LYS A 167 18.44 5.40 -42.32
C LYS A 167 18.45 5.89 -40.88
N TYR A 168 18.79 4.99 -39.94
CA TYR A 168 18.53 5.26 -38.53
C TYR A 168 19.78 5.73 -37.78
N THR A 169 20.96 5.62 -38.39
CA THR A 169 22.21 5.81 -37.66
C THR A 169 22.78 7.21 -37.90
N ILE A 170 23.58 7.65 -36.94
CA ILE A 170 24.30 8.91 -37.03
C ILE A 170 25.79 8.62 -36.96
N ASP A 171 26.52 9.07 -37.97
CA ASP A 171 27.93 8.72 -38.12
C ASP A 171 28.76 9.62 -37.21
N LEU A 172 29.19 9.08 -36.07
CA LEU A 172 29.96 9.86 -35.11
C LEU A 172 31.36 10.14 -35.63
N THR A 173 31.89 9.23 -36.45
CA THR A 173 33.18 9.45 -37.08
C THR A 173 33.11 10.57 -38.12
N GLU A 174 31.95 10.74 -38.75
CA GLU A 174 31.74 11.86 -39.66
C GLU A 174 31.57 13.15 -38.87
N ARG A 175 30.96 13.05 -37.69
CA ARG A 175 30.85 14.20 -36.79
C ARG A 175 32.23 14.64 -36.31
N ALA A 176 33.14 13.69 -36.15
CA ALA A 176 34.52 14.02 -35.81
C ALA A 176 35.32 14.34 -37.06
N GLU A 177 34.75 14.07 -38.24
CA GLU A 177 35.42 14.42 -39.48
C GLU A 177 35.23 15.89 -39.81
N GLN A 178 33.98 16.37 -39.79
CA GLN A 178 33.77 17.81 -39.96
C GLN A 178 34.23 18.60 -38.74
N GLY A 179 34.20 18.00 -37.56
CA GLY A 179 34.61 18.70 -36.36
C GLY A 179 33.47 19.29 -35.54
N LYS A 180 32.26 18.78 -35.68
CA LYS A 180 31.17 19.23 -34.81
C LYS A 180 31.33 18.61 -33.43
N LEU A 181 32.01 17.47 -33.35
CA LEU A 181 32.46 16.91 -32.08
C LEU A 181 33.68 17.68 -31.61
N ASP A 182 33.49 18.46 -30.54
CA ASP A 182 34.47 19.25 -29.82
C ASP A 182 35.64 18.36 -29.40
N PRO A 183 36.84 18.74 -29.82
CA PRO A 183 37.99 17.86 -29.63
C PRO A 183 38.36 17.75 -28.16
N VAL A 184 38.73 16.55 -27.77
CA VAL A 184 39.03 16.23 -26.38
C VAL A 184 40.53 16.00 -26.27
N ILE A 185 41.20 16.86 -25.52
CA ILE A 185 42.64 16.80 -25.30
C ILE A 185 42.85 16.14 -23.94
N GLY A 186 43.46 14.96 -23.93
CA GLY A 186 43.77 14.23 -22.70
C GLY A 186 42.93 12.98 -22.53
N ARG A 187 43.08 12.37 -21.33
CA ARG A 187 42.38 11.16 -20.89
C ARG A 187 42.46 10.00 -21.87
N ASP A 188 43.68 9.48 -22.10
CA ASP A 188 43.84 8.35 -22.99
C ASP A 188 43.41 7.06 -22.29
N GLU A 189 43.26 7.10 -20.96
CA GLU A 189 43.06 5.91 -20.15
C GLU A 189 41.75 5.22 -20.46
N GLU A 190 40.65 5.99 -20.52
CA GLU A 190 39.35 5.35 -20.57
C GLU A 190 38.89 5.12 -22.00
N ILE A 191 39.45 5.86 -22.95
CA ILE A 191 39.25 5.53 -24.36
C ILE A 191 40.02 4.26 -24.71
N ARG A 192 41.23 4.13 -24.16
CA ARG A 192 41.90 2.83 -24.20
C ARG A 192 41.08 1.76 -23.51
N ARG A 193 40.34 2.11 -22.45
CA ARG A 193 39.48 1.12 -21.80
C ARG A 193 38.35 0.69 -22.73
N THR A 194 37.82 1.64 -23.53
CA THR A 194 36.83 1.30 -24.55
C THR A 194 37.40 0.37 -25.60
N ILE A 195 38.61 0.66 -26.09
CA ILE A 195 39.21 -0.17 -27.15
C ILE A 195 39.56 -1.55 -26.61
N GLN A 196 39.93 -1.63 -25.33
CA GLN A 196 40.18 -2.92 -24.68
C GLN A 196 38.89 -3.74 -24.55
N VAL A 197 37.76 -3.08 -24.35
CA VAL A 197 36.52 -3.84 -24.40
C VAL A 197 36.18 -4.25 -25.83
N LEU A 198 36.54 -3.42 -26.81
CA LEU A 198 36.17 -3.69 -28.19
C LEU A 198 36.94 -4.86 -28.77
N GLN A 199 38.18 -5.09 -28.32
CA GLN A 199 38.87 -6.30 -28.76
C GLN A 199 38.34 -7.53 -28.04
N ARG A 200 37.67 -7.33 -26.90
CA ARG A 200 37.23 -8.47 -26.10
C ARG A 200 36.02 -9.09 -26.78
N ARG A 201 36.06 -10.41 -27.00
CA ARG A 201 34.98 -11.15 -27.65
C ARG A 201 33.69 -11.15 -26.82
N THR A 202 33.74 -11.77 -25.63
CA THR A 202 32.61 -11.76 -24.69
C THR A 202 32.71 -10.44 -23.94
N LYS A 203 31.60 -10.00 -23.32
CA LYS A 203 31.50 -8.69 -22.62
C LYS A 203 31.85 -7.52 -23.53
N ASN A 204 31.54 -7.67 -24.82
CA ASN A 204 32.07 -6.80 -25.87
C ASN A 204 31.50 -5.40 -25.84
N ASN A 205 30.34 -5.20 -25.22
CA ASN A 205 29.70 -3.90 -25.23
C ASN A 205 30.17 -3.16 -24.00
N PRO A 206 30.96 -2.10 -24.13
CA PRO A 206 31.35 -1.34 -22.94
C PRO A 206 30.21 -0.50 -22.44
N VAL A 207 30.19 -0.25 -21.14
CA VAL A 207 29.22 0.66 -20.55
C VAL A 207 29.99 1.79 -19.87
N LEU A 208 29.92 2.98 -20.45
CA LEU A 208 30.57 4.14 -19.86
C LEU A 208 29.78 4.62 -18.64
N ILE A 209 30.37 4.46 -17.46
CA ILE A 209 29.73 4.82 -16.20
C ILE A 209 30.59 5.84 -15.48
N GLY A 210 30.10 7.06 -15.41
CA GLY A 210 30.59 8.02 -14.45
C GLY A 210 29.39 8.72 -13.87
N GLU A 211 29.63 9.85 -13.22
CA GLU A 211 28.55 10.79 -13.04
C GLU A 211 28.17 11.35 -14.41
N PRO A 212 26.95 11.85 -14.56
CA PRO A 212 26.65 12.67 -15.74
C PRO A 212 27.57 13.88 -15.78
N GLY A 213 28.29 14.02 -16.88
CA GLY A 213 29.38 14.97 -16.98
C GLY A 213 30.75 14.33 -16.88
N VAL A 214 30.81 13.00 -16.77
CA VAL A 214 32.05 12.28 -17.06
C VAL A 214 32.14 12.05 -18.56
N GLY A 215 31.05 12.31 -19.28
CA GLY A 215 31.09 12.43 -20.71
C GLY A 215 30.89 11.14 -21.46
N LYS A 216 29.86 10.37 -21.13
CA LYS A 216 29.74 8.99 -21.57
C LYS A 216 29.43 8.92 -23.07
N THR A 217 28.44 9.71 -23.51
CA THR A 217 28.24 9.97 -24.93
C THR A 217 29.47 10.59 -25.56
N ALA A 218 30.13 11.49 -24.83
CA ALA A 218 31.33 12.14 -25.38
C ALA A 218 32.53 11.20 -25.39
N ILE A 219 32.50 10.12 -24.61
CA ILE A 219 33.59 9.13 -24.67
C ILE A 219 33.36 8.15 -25.82
N VAL A 220 32.10 7.87 -26.15
CA VAL A 220 31.86 7.07 -27.37
C VAL A 220 32.15 7.90 -28.62
N GLU A 221 31.68 9.15 -28.63
CA GLU A 221 31.92 10.01 -29.78
C GLU A 221 33.37 10.47 -29.85
N GLY A 222 34.05 10.53 -28.71
CA GLY A 222 35.49 10.76 -28.71
C GLY A 222 36.27 9.50 -29.04
N LEU A 223 35.66 8.34 -28.85
CA LEU A 223 36.23 7.12 -29.40
C LEU A 223 36.15 7.15 -30.92
N ALA A 224 35.08 7.74 -31.46
CA ALA A 224 35.06 8.03 -32.88
C ALA A 224 36.09 9.10 -33.26
N GLN A 225 36.36 10.05 -32.36
CA GLN A 225 37.44 11.02 -32.59
C GLN A 225 38.80 10.33 -32.61
N ARG A 226 38.97 9.25 -31.84
CA ARG A 226 40.23 8.53 -31.88
C ARG A 226 40.34 7.69 -33.15
N ILE A 227 39.22 7.08 -33.55
CA ILE A 227 39.19 6.25 -34.75
C ILE A 227 39.45 7.08 -36.00
N ILE A 228 39.04 8.36 -36.00
CA ILE A 228 39.42 9.20 -37.13
C ILE A 228 40.81 9.82 -36.92
N ASN A 229 41.20 10.08 -35.67
CA ASN A 229 42.45 10.80 -35.43
C ASN A 229 43.64 9.85 -35.36
N GLY A 230 43.40 8.55 -35.49
CA GLY A 230 44.49 7.59 -35.60
C GLY A 230 45.24 7.31 -34.33
N GLU A 231 44.68 7.66 -33.17
CA GLU A 231 45.33 7.32 -31.91
C GLU A 231 44.99 5.91 -31.48
N VAL A 232 44.13 5.24 -32.25
CA VAL A 232 43.77 3.83 -32.05
C VAL A 232 44.73 2.95 -32.82
N PRO A 233 45.19 1.83 -32.25
CA PRO A 233 46.05 0.90 -33.00
C PRO A 233 45.26 0.04 -33.98
N GLU A 234 45.97 -0.93 -34.56
CA GLU A 234 45.40 -1.82 -35.58
C GLU A 234 44.34 -2.74 -34.97
N GLY A 235 43.36 -3.11 -35.80
CA GLY A 235 42.30 -4.01 -35.37
C GLY A 235 40.91 -3.44 -35.59
N LEU A 236 40.75 -2.14 -35.37
CA LEU A 236 39.45 -1.50 -35.53
C LEU A 236 39.37 -0.61 -36.75
N LYS A 237 40.49 -0.40 -37.46
CA LYS A 237 40.48 0.38 -38.69
C LYS A 237 39.72 -0.37 -39.78
N GLY A 238 38.56 0.17 -40.16
CA GLY A 238 37.62 -0.51 -41.01
C GLY A 238 36.32 -0.86 -40.33
N ARG A 239 36.38 -1.19 -39.05
CA ARG A 239 35.18 -1.40 -38.25
C ARG A 239 34.53 -0.04 -37.95
N ARG A 240 33.39 0.20 -38.58
CA ARG A 240 32.81 1.53 -38.73
C ARG A 240 31.84 1.85 -37.60
N VAL A 241 31.96 3.06 -37.04
CA VAL A 241 31.10 3.50 -35.94
C VAL A 241 29.86 4.16 -36.53
N LEU A 242 28.71 3.52 -36.33
CA LEU A 242 27.41 4.03 -36.77
C LEU A 242 26.45 3.96 -35.59
N ALA A 243 25.86 5.10 -35.22
CA ALA A 243 25.20 5.26 -33.93
C ALA A 243 23.68 5.31 -34.08
N LEU A 244 23.01 4.26 -33.62
CA LEU A 244 21.56 4.31 -33.47
C LEU A 244 21.17 5.17 -32.29
N ASP A 245 20.76 6.40 -32.56
CA ASP A 245 20.32 7.33 -31.54
C ASP A 245 18.83 7.17 -31.33
N MET A 246 18.31 7.76 -30.26
CA MET A 246 16.87 7.75 -30.05
C MET A 246 16.18 8.66 -31.05
N GLY A 247 14.89 8.42 -31.26
CA GLY A 247 14.15 9.20 -32.22
C GLY A 247 14.10 8.55 -33.59
N ALA A 248 15.08 7.69 -33.88
CA ALA A 248 15.19 7.10 -35.21
C ALA A 248 14.17 5.99 -35.43
N LEU A 249 14.00 5.11 -34.44
CA LEU A 249 13.13 3.95 -34.61
C LEU A 249 11.67 4.28 -34.34
N VAL A 250 11.34 5.56 -34.18
CA VAL A 250 10.00 5.95 -33.76
C VAL A 250 9.18 6.39 -34.98
N ALA A 251 9.44 5.76 -36.13
CA ALA A 251 8.74 6.08 -37.38
C ALA A 251 7.25 5.74 -37.34
N GLY A 252 6.54 6.07 -38.43
CA GLY A 252 5.10 5.96 -38.47
C GLY A 252 4.52 4.57 -38.56
N ALA A 253 4.86 3.71 -37.59
CA ALA A 253 4.34 2.34 -37.51
C ALA A 253 3.12 2.38 -36.59
N LYS A 254 1.95 2.54 -37.22
CA LYS A 254 0.72 2.70 -36.45
C LYS A 254 0.18 1.36 -35.98
N TYR A 255 0.69 0.26 -36.52
CA TYR A 255 0.16 -1.06 -36.27
C TYR A 255 1.29 -2.04 -35.96
N ARG A 256 0.92 -3.22 -35.49
CA ARG A 256 1.90 -4.12 -34.87
C ARG A 256 2.67 -4.94 -35.91
N GLY A 257 3.71 -5.63 -35.43
CA GLY A 257 4.48 -6.57 -36.20
C GLY A 257 5.57 -5.97 -37.07
N GLU A 258 5.40 -4.71 -37.48
CA GLU A 258 6.37 -4.09 -38.37
C GLU A 258 7.65 -3.72 -37.62
N PHE A 259 7.54 -3.54 -36.31
CA PHE A 259 8.70 -3.27 -35.46
C PHE A 259 9.70 -4.42 -35.51
N GLU A 260 9.20 -5.65 -35.30
CA GLU A 260 10.04 -6.84 -35.33
C GLU A 260 10.58 -7.09 -36.74
N GLU A 261 9.84 -6.60 -37.75
CA GLU A 261 10.26 -6.78 -39.14
C GLU A 261 11.43 -5.87 -39.50
N ARG A 262 11.32 -4.58 -39.16
CA ARG A 262 12.41 -3.65 -39.44
C ARG A 262 13.63 -3.95 -38.58
N LEU A 263 13.41 -4.40 -37.34
CA LEU A 263 14.52 -4.81 -36.50
C LEU A 263 15.18 -6.08 -37.04
N LYS A 264 14.39 -6.98 -37.63
CA LYS A 264 14.97 -8.12 -38.33
C LYS A 264 15.76 -7.68 -39.56
N GLY A 265 15.30 -6.61 -40.23
CA GLY A 265 16.04 -6.11 -41.37
C GLY A 265 17.39 -5.51 -40.99
N VAL A 266 17.43 -4.72 -39.92
CA VAL A 266 18.69 -4.08 -39.54
C VAL A 266 19.62 -5.08 -38.85
N LEU A 267 19.06 -6.16 -38.28
CA LEU A 267 19.92 -7.17 -37.67
C LEU A 267 20.39 -8.19 -38.71
N ASN A 268 19.67 -8.32 -39.84
CA ASN A 268 20.28 -8.96 -41.00
C ASN A 268 21.38 -8.08 -41.60
N ASP A 269 21.24 -6.75 -41.48
CA ASP A 269 22.27 -5.85 -42.00
C ASP A 269 23.57 -5.95 -41.19
N LEU A 270 23.48 -5.86 -39.86
CA LEU A 270 24.69 -6.05 -39.06
C LEU A 270 25.09 -7.52 -39.01
N ALA A 271 24.15 -8.42 -39.33
CA ALA A 271 24.50 -9.83 -39.50
C ALA A 271 25.32 -10.06 -40.76
N LYS A 272 25.18 -9.20 -41.76
CA LYS A 272 26.05 -9.33 -42.93
C LYS A 272 27.22 -8.37 -42.89
N GLN A 273 27.31 -7.51 -41.86
CA GLN A 273 28.51 -6.70 -41.73
C GLN A 273 29.72 -7.53 -41.31
N GLU A 274 29.53 -8.49 -40.39
CA GLU A 274 30.56 -9.43 -39.93
C GLU A 274 31.79 -8.71 -39.36
N GLY A 275 31.53 -7.75 -38.47
CA GLY A 275 32.60 -6.95 -37.92
C GLY A 275 33.05 -5.81 -38.79
N ASN A 276 32.12 -5.12 -39.46
CA ASN A 276 32.52 -3.98 -40.28
C ASN A 276 31.78 -2.71 -39.90
N VAL A 277 30.56 -2.80 -39.36
CA VAL A 277 29.86 -1.65 -38.81
C VAL A 277 29.50 -1.93 -37.36
N ILE A 278 29.98 -1.05 -36.49
CA ILE A 278 29.74 -1.10 -35.06
C ILE A 278 28.46 -0.32 -34.76
N LEU A 279 27.61 -0.91 -33.92
CA LEU A 279 26.38 -0.27 -33.48
C LEU A 279 26.66 0.55 -32.23
N PHE A 280 25.81 1.53 -31.94
CA PHE A 280 25.89 2.29 -30.69
C PHE A 280 24.51 2.75 -30.28
N ILE A 281 24.20 2.61 -29.00
CA ILE A 281 22.95 3.04 -28.41
C ILE A 281 23.25 4.25 -27.55
N ASP A 282 22.93 5.44 -28.05
CA ASP A 282 23.08 6.65 -27.27
C ASP A 282 22.00 6.73 -26.19
N ALA A 283 22.45 6.98 -24.96
CA ALA A 283 21.62 6.93 -23.75
C ALA A 283 20.94 5.55 -23.65
N LEU A 284 21.79 4.57 -23.33
CA LEU A 284 21.59 3.13 -23.53
C LEU A 284 20.23 2.60 -23.07
N HIS A 285 19.57 3.29 -22.13
CA HIS A 285 18.29 2.83 -21.58
C HIS A 285 17.15 2.83 -22.59
N THR A 286 17.38 3.34 -23.82
CA THR A 286 16.32 3.36 -24.83
C THR A 286 15.91 1.95 -25.26
N MET A 287 16.81 1.20 -25.90
CA MET A 287 16.36 0.08 -26.72
C MET A 287 15.93 -1.12 -25.86
N ALA A 299 13.30 -3.90 -26.82
CA ALA A 299 14.34 -4.69 -27.47
C ALA A 299 15.03 -5.58 -26.45
N GLY A 300 15.93 -6.44 -26.94
CA GLY A 300 16.56 -7.43 -26.09
C GLY A 300 16.15 -8.83 -26.49
N ASN A 301 14.95 -8.92 -27.08
CA ASN A 301 14.47 -10.19 -27.60
C ASN A 301 15.16 -10.55 -28.91
N MET A 302 15.84 -9.59 -29.54
CA MET A 302 16.39 -9.80 -30.87
C MET A 302 17.89 -9.55 -30.90
N LEU A 303 18.41 -8.77 -29.96
CA LEU A 303 19.83 -8.46 -30.00
C LEU A 303 20.67 -9.62 -29.47
N LYS A 304 20.09 -10.45 -28.59
CA LYS A 304 20.84 -11.59 -28.06
C LYS A 304 21.22 -12.64 -29.09
N PRO A 305 20.42 -12.96 -30.13
CA PRO A 305 21.01 -13.75 -31.24
C PRO A 305 22.09 -13.01 -32.00
N ALA A 306 21.94 -11.69 -32.18
CA ALA A 306 22.94 -10.92 -32.89
C ALA A 306 24.14 -10.61 -31.99
N LEU A 307 23.96 -10.74 -30.68
CA LEU A 307 25.11 -10.74 -29.77
C LEU A 307 25.56 -12.17 -29.47
N ALA A 308 24.94 -13.15 -30.11
CA ALA A 308 25.28 -14.55 -29.84
C ALA A 308 26.09 -15.17 -30.96
N ARG A 309 25.72 -14.89 -32.21
CA ARG A 309 26.58 -15.28 -33.33
C ARG A 309 27.89 -14.52 -33.31
N GLY A 310 27.83 -13.24 -32.99
CA GLY A 310 28.91 -12.32 -33.26
C GLY A 310 28.60 -11.30 -34.34
N GLU A 311 27.40 -10.71 -34.32
CA GLU A 311 27.01 -9.85 -35.44
C GLU A 311 26.59 -8.46 -35.00
N LEU A 312 25.96 -8.32 -33.84
CA LEU A 312 25.71 -7.02 -33.23
C LEU A 312 26.97 -6.61 -32.51
N HIS A 313 27.37 -5.36 -32.69
CA HIS A 313 28.48 -4.79 -31.95
C HIS A 313 28.00 -3.45 -31.42
N CYS A 314 27.22 -3.48 -30.34
CA CYS A 314 26.60 -2.27 -29.82
C CYS A 314 27.47 -1.75 -28.68
N VAL A 315 27.19 -0.53 -28.24
CA VAL A 315 27.98 0.11 -27.19
C VAL A 315 26.99 0.77 -26.22
N GLY A 316 27.26 0.63 -24.92
CA GLY A 316 26.50 1.34 -23.91
C GLY A 316 27.17 2.63 -23.44
N ALA A 317 26.38 3.70 -23.43
CA ALA A 317 26.80 4.96 -22.84
C ALA A 317 25.59 5.63 -22.21
N THR A 318 25.41 5.43 -20.92
CA THR A 318 24.33 6.08 -20.19
C THR A 318 24.75 6.21 -18.73
N THR A 319 23.95 6.96 -17.97
CA THR A 319 24.29 7.34 -16.60
C THR A 319 24.22 6.14 -15.65
N LEU A 320 24.45 6.43 -14.37
CA LEU A 320 24.52 5.40 -13.34
C LEU A 320 23.15 4.74 -13.12
N ASP A 321 22.14 5.56 -12.84
CA ASP A 321 20.78 5.06 -12.62
C ASP A 321 20.18 4.49 -13.89
N GLU A 322 20.59 4.99 -15.05
CA GLU A 322 19.99 4.55 -16.31
C GLU A 322 20.71 3.33 -16.88
N TYR A 323 21.91 3.01 -16.35
CA TYR A 323 22.49 1.71 -16.67
C TYR A 323 22.02 0.64 -15.70
N ARG A 324 21.99 0.94 -14.39
CA ARG A 324 21.50 -0.07 -13.46
C ARG A 324 20.03 -0.38 -13.71
N GLN A 325 19.21 0.67 -13.84
CA GLN A 325 17.80 0.50 -14.18
C GLN A 325 17.59 0.22 -15.66
N TYR A 326 18.62 0.44 -16.50
CA TYR A 326 18.60 -0.20 -17.82
C TYR A 326 18.57 -1.71 -17.66
N ILE A 327 19.67 -2.29 -17.17
CA ILE A 327 19.68 -3.60 -16.52
C ILE A 327 20.97 -3.70 -15.70
N GLU A 328 20.86 -4.23 -14.48
CA GLU A 328 22.06 -4.76 -13.85
C GLU A 328 21.95 -6.27 -13.66
N LYS A 329 20.76 -6.76 -13.29
CA LYS A 329 20.64 -8.06 -12.65
C LYS A 329 20.39 -9.22 -13.61
N ASP A 330 20.11 -8.97 -14.89
CA ASP A 330 20.05 -10.07 -15.84
C ASP A 330 21.47 -10.55 -16.08
N ALA A 331 21.74 -11.80 -15.71
CA ALA A 331 23.07 -12.34 -15.92
C ALA A 331 23.27 -12.74 -17.37
N ALA A 332 22.22 -12.68 -18.18
CA ALA A 332 22.38 -12.82 -19.62
C ALA A 332 22.70 -11.48 -20.26
N LEU A 333 22.14 -10.39 -19.71
CA LEU A 333 22.39 -9.07 -20.29
C LEU A 333 23.59 -8.39 -19.68
N GLU A 334 23.97 -8.77 -18.46
CA GLU A 334 25.28 -8.32 -17.97
C GLU A 334 26.37 -9.20 -18.54
N ARG A 335 25.99 -10.34 -19.14
CA ARG A 335 26.89 -11.07 -20.01
C ARG A 335 27.02 -10.35 -21.36
N ARG A 336 26.06 -9.46 -21.66
CA ARG A 336 26.16 -8.65 -22.87
C ARG A 336 26.92 -7.35 -22.61
N PHE A 337 26.98 -6.89 -21.36
CA PHE A 337 27.48 -5.55 -21.08
C PHE A 337 28.53 -5.53 -19.96
N GLN A 338 29.68 -4.93 -20.28
CA GLN A 338 30.79 -4.71 -19.36
C GLN A 338 30.86 -3.24 -18.98
N LYS A 339 31.09 -2.97 -17.70
CA LYS A 339 31.14 -1.60 -17.19
C LYS A 339 32.55 -1.02 -17.35
N VAL A 340 32.67 0.30 -17.22
CA VAL A 340 33.94 1.02 -17.40
C VAL A 340 34.15 1.96 -16.21
N PHE A 341 35.28 1.83 -15.53
CA PHE A 341 35.58 2.58 -14.30
C PHE A 341 36.86 3.41 -14.46
N VAL A 342 36.94 4.51 -13.72
CA VAL A 342 37.91 5.57 -14.02
C VAL A 342 38.85 5.82 -12.84
N ALA A 343 39.76 6.78 -13.03
CA ALA A 343 40.65 7.28 -11.99
C ALA A 343 40.73 8.80 -12.04
N GLU A 344 40.94 9.43 -10.88
CA GLU A 344 40.84 10.89 -10.80
C GLU A 344 42.15 11.51 -10.31
N PRO A 345 42.93 12.12 -11.20
CA PRO A 345 44.01 13.01 -10.77
C PRO A 345 43.53 14.42 -10.43
N SER A 346 44.51 15.31 -10.28
CA SER A 346 44.38 16.64 -9.69
C SER A 346 43.70 17.64 -10.63
N VAL A 347 43.79 18.91 -10.23
CA VAL A 347 43.14 20.02 -10.93
C VAL A 347 43.98 20.45 -12.11
N GLU A 348 45.24 19.97 -12.16
CA GLU A 348 46.18 20.22 -13.26
C GLU A 348 45.59 19.89 -14.62
N ASP A 349 45.10 18.68 -14.78
CA ASP A 349 44.62 18.24 -16.08
C ASP A 349 43.27 18.87 -16.41
N THR A 350 42.59 19.41 -15.38
CA THR A 350 41.39 20.22 -15.61
C THR A 350 41.77 21.56 -16.23
N ILE A 351 42.85 22.17 -15.72
CA ILE A 351 43.41 23.37 -16.35
C ILE A 351 43.81 23.06 -17.79
N ALA A 352 44.32 21.85 -18.03
CA ALA A 352 44.65 21.44 -19.40
C ALA A 352 43.41 21.23 -20.26
N ILE A 353 42.28 20.89 -19.64
CA ILE A 353 41.03 20.85 -20.41
C ILE A 353 40.61 22.26 -20.81
N LEU A 354 40.71 23.20 -19.88
CA LEU A 354 40.23 24.55 -20.14
C LEU A 354 41.11 25.28 -21.15
N ARG A 355 42.44 25.16 -21.01
CA ARG A 355 43.30 25.73 -22.04
C ARG A 355 43.22 24.92 -23.34
N GLY A 356 42.90 23.63 -23.23
CA GLY A 356 42.76 22.82 -24.43
C GLY A 356 41.49 23.12 -25.21
N LEU A 357 40.54 23.79 -24.57
CA LEU A 357 39.26 24.08 -25.23
C LEU A 357 39.01 25.57 -25.44
N LYS A 358 39.90 26.44 -24.90
CA LYS A 358 39.53 27.85 -24.76
C LYS A 358 39.50 28.58 -26.10
N GLU A 359 40.22 28.08 -27.12
CA GLU A 359 40.16 28.75 -28.43
C GLU A 359 39.02 28.20 -29.29
N ARG A 360 38.62 26.94 -29.07
CA ARG A 360 37.36 26.47 -29.62
C ARG A 360 36.20 27.31 -29.10
N TYR A 361 36.27 27.75 -27.85
CA TYR A 361 35.21 28.64 -27.37
C TYR A 361 35.60 30.12 -27.53
N GLU A 362 36.75 30.40 -28.16
CA GLU A 362 36.96 31.71 -28.78
C GLU A 362 36.21 31.79 -30.10
N LEU A 363 36.34 30.75 -30.93
CA LEU A 363 35.62 30.70 -32.20
C LEU A 363 34.25 30.05 -32.02
N HIS A 364 33.81 29.92 -30.78
CA HIS A 364 32.47 29.47 -30.47
C HIS A 364 31.81 30.44 -29.51
N HIS A 365 32.60 31.37 -28.97
CA HIS A 365 32.15 32.33 -27.97
C HIS A 365 32.69 33.74 -28.19
N HIS A 366 33.17 34.05 -29.40
CA HIS A 366 33.42 35.40 -29.92
C HIS A 366 34.40 36.24 -29.13
N VAL A 367 35.42 35.60 -28.57
CA VAL A 367 36.33 36.24 -27.64
C VAL A 367 37.77 35.88 -27.92
N GLN A 368 38.68 36.30 -27.04
CA GLN A 368 40.03 35.76 -26.91
C GLN A 368 40.26 35.38 -25.46
N ILE A 369 40.16 34.08 -25.17
CA ILE A 369 40.17 33.64 -23.77
C ILE A 369 41.56 33.79 -23.18
N THR A 370 41.69 34.80 -22.34
CA THR A 370 42.86 34.93 -21.50
C THR A 370 42.77 33.85 -20.42
N ASP A 371 43.92 33.51 -19.84
CA ASP A 371 43.95 32.42 -18.86
C ASP A 371 43.21 32.63 -17.51
N PRO A 372 43.05 33.83 -16.90
CA PRO A 372 42.66 33.84 -15.47
C PRO A 372 41.23 33.37 -15.20
N ALA A 373 40.32 33.56 -16.16
CA ALA A 373 38.96 33.05 -16.03
C ALA A 373 38.93 31.54 -15.97
N ILE A 374 39.78 30.86 -16.74
CA ILE A 374 39.70 29.41 -16.80
C ILE A 374 40.53 28.76 -15.70
N VAL A 375 41.63 29.40 -15.27
CA VAL A 375 42.38 28.81 -14.15
C VAL A 375 41.64 29.06 -12.83
N ALA A 376 40.91 30.18 -12.75
CA ALA A 376 40.03 30.40 -11.61
C ALA A 376 38.82 29.48 -11.67
N ALA A 377 38.38 29.15 -12.89
CA ALA A 377 37.30 28.17 -13.05
C ALA A 377 37.74 26.79 -12.57
N ALA A 378 39.00 26.43 -12.82
CA ALA A 378 39.47 25.10 -12.45
C ALA A 378 39.73 25.00 -10.95
N THR A 379 40.62 25.87 -10.43
CA THR A 379 40.98 25.82 -9.01
C THR A 379 39.78 26.16 -8.13
N LEU A 380 39.03 27.19 -8.49
CA LEU A 380 37.86 27.55 -7.69
C LEU A 380 36.71 26.57 -7.89
N SER A 381 36.68 25.86 -9.03
CA SER A 381 35.69 24.81 -9.18
C SER A 381 36.01 23.63 -8.29
N HIS A 382 37.31 23.33 -8.11
CA HIS A 382 37.68 22.26 -7.20
C HIS A 382 37.52 22.69 -5.74
N ARG A 383 37.48 23.99 -5.47
CA ARG A 383 37.28 24.45 -4.10
C ARG A 383 35.79 24.52 -3.75
N TYR A 384 34.96 25.10 -4.62
CA TYR A 384 33.62 25.53 -4.22
C TYR A 384 32.51 24.56 -4.64
N ILE A 385 32.46 24.19 -5.91
CA ILE A 385 31.26 23.58 -6.50
C ILE A 385 31.15 22.14 -6.03
N ALA A 386 30.11 21.86 -5.24
CA ALA A 386 29.80 20.54 -4.74
C ALA A 386 28.59 19.92 -5.44
N ASP A 387 28.39 20.21 -6.73
CA ASP A 387 27.28 19.65 -7.49
C ASP A 387 27.73 18.91 -8.74
N ARG A 388 28.75 19.39 -9.43
CA ARG A 388 29.31 18.70 -10.58
C ARG A 388 30.78 18.39 -10.34
N GLN A 389 31.44 17.89 -11.37
CA GLN A 389 32.80 17.40 -11.20
C GLN A 389 33.77 18.10 -12.15
N LEU A 390 35.04 18.04 -11.79
CA LEU A 390 36.14 18.54 -12.59
C LEU A 390 36.22 17.77 -13.91
N PRO A 391 36.55 18.44 -15.03
CA PRO A 391 36.74 19.87 -15.30
C PRO A 391 35.47 20.52 -15.81
N ASP A 392 34.37 19.74 -15.83
CA ASP A 392 33.25 20.13 -16.67
C ASP A 392 32.43 21.23 -16.01
N LYS A 393 32.40 21.26 -14.68
CA LYS A 393 31.82 22.37 -13.95
C LYS A 393 32.54 23.68 -14.26
N ALA A 394 33.86 23.60 -14.46
CA ALA A 394 34.59 24.76 -14.93
C ALA A 394 34.24 25.09 -16.38
N ILE A 395 33.93 24.07 -17.19
CA ILE A 395 33.62 24.28 -18.60
C ILE A 395 32.31 25.05 -18.78
N ASP A 396 31.23 24.61 -18.12
CA ASP A 396 30.00 25.36 -18.29
C ASP A 396 30.00 26.65 -17.46
N LEU A 397 30.92 26.78 -16.49
CA LEU A 397 31.18 28.10 -15.93
C LEU A 397 31.79 29.06 -16.95
N ILE A 398 32.63 28.54 -17.85
CA ILE A 398 33.17 29.42 -18.89
C ILE A 398 32.13 29.65 -20.00
N ASP A 399 31.19 28.72 -20.16
CA ASP A 399 30.03 28.94 -21.01
C ASP A 399 29.19 30.12 -20.52
N GLU A 400 28.82 30.09 -19.24
CA GLU A 400 28.09 31.19 -18.61
C GLU A 400 28.88 32.49 -18.64
N ALA A 401 30.19 32.37 -18.43
CA ALA A 401 31.08 33.53 -18.42
C ALA A 401 31.10 34.23 -19.76
N ALA A 402 31.39 33.49 -20.83
CA ALA A 402 31.42 34.07 -22.17
C ALA A 402 30.03 34.48 -22.64
N SER A 403 28.99 33.91 -22.03
CA SER A 403 27.63 34.41 -22.27
C SER A 403 27.47 35.84 -21.79
N SER A 404 27.81 36.10 -20.52
CA SER A 404 27.71 37.45 -20.01
C SER A 404 28.73 38.38 -20.65
N ILE A 405 29.86 37.82 -21.12
CA ILE A 405 30.85 38.62 -21.83
C ILE A 405 30.29 39.11 -23.16
N ARG A 406 29.66 38.23 -23.93
CA ARG A 406 29.09 38.66 -25.20
C ARG A 406 27.89 39.58 -25.00
N MET A 407 27.22 39.43 -23.84
CA MET A 407 26.27 40.45 -23.40
C MET A 407 26.95 41.81 -23.27
N GLN A 408 28.19 41.85 -22.79
CA GLN A 408 28.92 43.12 -22.80
C GLN A 408 29.37 43.51 -24.20
N ILE A 409 29.74 42.52 -25.04
CA ILE A 409 30.36 42.78 -26.34
C ILE A 409 29.37 43.48 -27.27
N ASP A 410 28.14 43.01 -27.29
CA ASP A 410 27.24 43.53 -28.33
C ASP A 410 26.48 44.76 -27.86
N SER A 411 26.52 45.06 -26.56
CA SER A 411 25.88 46.27 -26.05
C SER A 411 26.79 47.49 -26.23
N LYS A 412 26.36 48.60 -25.62
CA LYS A 412 27.11 49.87 -25.58
C LYS A 412 28.22 49.79 -24.54
N PRO A 413 29.14 50.77 -24.50
CA PRO A 413 30.12 50.80 -23.39
C PRO A 413 29.50 51.05 -22.03
N GLU A 414 30.35 50.99 -21.00
CA GLU A 414 29.92 50.54 -19.68
C GLU A 414 29.05 51.58 -18.98
N GLU A 415 29.65 52.73 -18.66
CA GLU A 415 28.98 53.75 -17.87
C GLU A 415 27.85 54.40 -18.65
N LEU A 416 27.94 54.33 -19.97
CA LEU A 416 26.82 54.65 -20.83
C LEU A 416 25.63 53.75 -20.53
N ASP A 417 25.89 52.46 -20.31
CA ASP A 417 24.80 51.55 -19.95
C ASP A 417 24.40 51.69 -18.50
N ARG A 418 25.33 52.17 -17.64
CA ARG A 418 24.94 52.56 -16.29
C ARG A 418 23.86 53.63 -16.35
N LEU A 419 24.15 54.70 -17.09
CA LEU A 419 23.23 55.82 -17.22
C LEU A 419 21.93 55.43 -17.91
N ASP A 420 22.03 54.74 -19.05
CA ASP A 420 20.85 54.46 -19.86
C ASP A 420 19.94 53.42 -19.21
N ARG A 421 20.54 52.39 -18.60
CA ARG A 421 19.73 51.38 -17.95
C ARG A 421 19.05 51.92 -16.68
N ARG A 422 19.76 52.75 -15.91
CA ARG A 422 19.09 53.35 -14.75
C ARG A 422 18.08 54.40 -15.19
N ILE A 423 18.23 54.95 -16.40
CA ILE A 423 17.16 55.76 -16.99
C ILE A 423 15.90 54.92 -17.20
N ILE A 424 16.05 53.69 -17.73
CA ILE A 424 14.87 52.85 -18.01
C ILE A 424 14.16 52.40 -16.72
N GLN A 425 14.90 51.84 -15.77
CA GLN A 425 14.25 51.36 -14.54
C GLN A 425 13.73 52.51 -13.68
N LEU A 426 14.52 53.59 -13.55
CA LEU A 426 14.08 54.69 -12.73
C LEU A 426 12.93 55.48 -13.39
N LYS A 427 12.81 55.43 -14.72
CA LYS A 427 11.64 56.05 -15.34
C LYS A 427 10.44 55.13 -15.24
N LEU A 428 10.67 53.84 -14.98
CA LEU A 428 9.55 53.02 -14.54
C LEU A 428 9.16 53.35 -13.11
N GLU A 429 10.10 53.84 -12.29
CA GLU A 429 9.75 54.28 -10.95
C GLU A 429 8.96 55.59 -10.97
N GLN A 430 9.38 56.55 -11.79
CA GLN A 430 8.58 57.78 -11.89
C GLN A 430 7.28 57.50 -12.63
N GLN A 431 7.31 56.52 -13.54
CA GLN A 431 6.08 55.97 -14.12
C GLN A 431 5.15 55.44 -13.03
N ALA A 432 5.70 54.88 -11.96
CA ALA A 432 4.87 54.68 -10.78
C ALA A 432 4.63 56.00 -10.04
N LEU A 433 5.59 56.92 -10.09
CA LEU A 433 5.45 58.13 -9.27
C LEU A 433 4.86 59.31 -10.01
N MET A 434 3.89 59.11 -10.92
CA MET A 434 3.22 60.26 -11.52
C MET A 434 1.69 60.13 -11.48
N LYS A 435 1.15 58.92 -11.66
CA LYS A 435 -0.30 58.75 -11.73
C LYS A 435 -0.90 58.80 -10.32
N GLU A 436 -1.38 59.97 -9.93
CA GLU A 436 -1.73 60.25 -8.54
C GLU A 436 -3.07 60.96 -8.53
N SER A 437 -3.60 61.17 -7.33
CA SER A 437 -4.70 62.10 -7.15
C SER A 437 -4.27 63.52 -7.47
N ASP A 438 -3.35 64.06 -6.66
CA ASP A 438 -2.78 65.39 -6.89
C ASP A 438 -1.31 65.19 -7.27
N GLU A 439 -0.96 65.66 -8.46
CA GLU A 439 0.35 65.36 -9.04
C GLU A 439 1.43 66.30 -8.51
N ALA A 440 1.06 67.55 -8.21
CA ALA A 440 2.06 68.58 -7.92
C ALA A 440 2.59 68.47 -6.49
N SER A 441 1.69 68.18 -5.54
CA SER A 441 2.08 68.15 -4.14
C SER A 441 2.93 66.92 -3.82
N LYS A 442 2.56 65.78 -4.39
CA LYS A 442 3.36 64.57 -4.16
C LYS A 442 4.37 64.37 -5.27
N LYS A 443 4.90 65.47 -5.81
CA LYS A 443 6.02 65.41 -6.72
C LYS A 443 7.26 65.75 -5.89
N ARG A 444 7.30 65.18 -4.69
CA ARG A 444 8.37 65.21 -3.69
C ARG A 444 9.66 64.58 -4.22
N LEU A 445 9.54 63.86 -5.34
CA LEU A 445 10.63 63.31 -6.14
C LEU A 445 11.16 64.28 -7.21
N ASP A 446 11.02 65.59 -7.04
CA ASP A 446 11.46 66.58 -8.03
C ASP A 446 12.98 66.55 -8.26
N MET A 447 13.74 66.21 -7.21
CA MET A 447 15.19 66.04 -7.33
C MET A 447 15.53 64.92 -8.30
N LEU A 448 14.66 63.92 -8.42
CA LEU A 448 14.89 62.80 -9.31
C LEU A 448 14.63 63.17 -10.76
N ASN A 449 13.91 64.28 -11.01
CA ASN A 449 13.66 64.71 -12.38
C ASN A 449 14.71 65.71 -12.84
N GLU A 450 15.18 66.58 -11.94
CA GLU A 450 16.41 67.31 -12.24
C GLU A 450 17.57 66.35 -12.46
N GLU A 451 17.61 65.27 -11.67
CA GLU A 451 18.53 64.19 -11.95
C GLU A 451 18.19 63.44 -13.23
N LEU A 452 16.94 63.48 -13.70
CA LEU A 452 16.62 62.86 -15.00
C LEU A 452 17.27 63.62 -16.16
N SER A 453 17.09 64.95 -16.19
CA SER A 453 17.78 65.73 -17.21
C SER A 453 19.29 65.73 -17.00
N ASP A 454 19.73 65.45 -15.76
CA ASP A 454 21.16 65.28 -15.51
C ASP A 454 21.68 63.94 -16.04
N LYS A 455 20.84 62.89 -16.00
CA LYS A 455 21.21 61.62 -16.65
C LYS A 455 21.28 61.81 -18.16
N GLU A 456 20.41 62.68 -18.71
CA GLU A 456 20.60 63.10 -20.09
C GLU A 456 21.91 63.87 -20.28
N ARG A 457 22.36 64.59 -19.24
CA ARG A 457 23.56 65.43 -19.39
C ARG A 457 24.84 64.60 -19.39
N GLN A 458 25.06 63.77 -18.36
CA GLN A 458 26.28 62.96 -18.33
C GLN A 458 26.21 61.80 -19.32
N TYR A 459 24.99 61.25 -19.55
CA TYR A 459 24.81 60.24 -20.58
C TYR A 459 25.05 60.82 -21.97
N SER A 460 24.85 62.13 -22.12
CA SER A 460 25.26 62.81 -23.35
C SER A 460 26.76 62.99 -23.42
N GLU A 461 27.39 63.29 -22.27
CA GLU A 461 28.86 63.38 -22.21
C GLU A 461 29.52 62.09 -22.63
N LEU A 462 28.91 60.96 -22.29
CA LEU A 462 29.55 59.68 -22.55
C LEU A 462 29.06 59.05 -23.84
N GLU A 463 27.90 59.50 -24.35
CA GLU A 463 27.51 59.08 -25.70
C GLU A 463 28.32 59.81 -26.76
N GLU A 464 28.54 61.11 -26.57
CA GLU A 464 29.49 61.79 -27.44
C GLU A 464 30.90 61.32 -27.14
N GLU A 465 31.16 60.98 -25.88
CA GLU A 465 32.45 60.52 -25.41
C GLU A 465 32.53 59.00 -25.46
N MET A 528 40.19 48.57 -23.47
CA MET A 528 39.93 49.81 -22.76
C MET A 528 39.57 49.54 -21.29
N ARG A 529 39.17 50.59 -20.57
CA ARG A 529 38.42 50.39 -19.32
C ARG A 529 36.94 50.34 -19.60
N LEU A 530 36.55 50.60 -20.86
CA LEU A 530 35.22 50.23 -21.33
C LEU A 530 35.22 48.83 -21.90
N LEU A 531 36.37 48.15 -21.83
CA LEU A 531 36.48 46.77 -22.29
C LEU A 531 37.04 45.90 -21.18
N ARG A 532 36.71 44.60 -21.21
CA ARG A 532 37.32 43.61 -20.33
C ARG A 532 37.66 42.33 -21.08
N ASN A 533 38.95 42.12 -21.35
CA ASN A 533 39.43 40.77 -21.65
C ASN A 533 39.81 40.06 -20.36
N LYS A 534 40.20 40.84 -19.35
CA LYS A 534 40.13 40.33 -17.99
C LYS A 534 38.65 40.08 -17.69
N VAL A 535 38.27 38.82 -17.81
CA VAL A 535 36.87 38.41 -17.98
C VAL A 535 35.88 38.92 -16.90
N THR A 536 36.09 38.64 -15.60
CA THR A 536 37.33 38.39 -14.85
C THR A 536 37.04 37.26 -13.85
N ASP A 537 38.09 36.79 -13.19
CA ASP A 537 37.92 36.01 -11.96
C ASP A 537 37.11 36.77 -10.93
N ALA A 538 37.30 38.09 -10.86
CA ALA A 538 36.52 38.89 -9.92
C ALA A 538 35.08 39.02 -10.38
N GLU A 539 34.83 38.90 -11.68
CA GLU A 539 33.50 39.23 -12.18
C GLU A 539 32.63 37.98 -12.30
N ILE A 540 33.22 36.84 -12.62
CA ILE A 540 32.49 35.58 -12.46
C ILE A 540 32.53 35.17 -10.99
N ALA A 541 33.45 35.76 -10.24
CA ALA A 541 33.32 35.77 -8.79
C ALA A 541 32.20 36.71 -8.33
N GLU A 542 31.79 37.67 -9.19
CA GLU A 542 30.58 38.43 -8.88
C GLU A 542 29.32 37.65 -9.24
N VAL A 543 29.41 36.79 -10.26
CA VAL A 543 28.26 35.92 -10.58
C VAL A 543 28.09 34.86 -9.50
N LEU A 544 29.18 34.14 -9.20
CA LEU A 544 29.21 33.19 -8.09
C LEU A 544 29.00 33.90 -6.75
N ALA A 545 29.30 35.19 -6.68
CA ALA A 545 29.02 35.97 -5.48
C ALA A 545 27.56 36.35 -5.39
N ARG A 546 26.87 36.44 -6.54
CA ARG A 546 25.40 36.51 -6.51
C ARG A 546 24.80 35.16 -6.13
N TRP A 547 25.58 34.09 -6.27
CA TRP A 547 25.07 32.77 -5.89
C TRP A 547 25.24 32.50 -4.39
N THR A 548 26.47 32.58 -3.87
CA THR A 548 26.78 31.89 -2.62
C THR A 548 26.38 32.69 -1.37
N GLY A 549 27.05 33.80 -1.10
CA GLY A 549 26.89 34.45 0.18
C GLY A 549 28.14 35.07 0.79
N ILE A 550 29.25 35.05 0.06
CA ILE A 550 30.36 35.96 0.29
C ILE A 550 30.57 36.79 -0.97
N PRO A 551 30.29 38.09 -0.93
CA PRO A 551 30.27 38.89 -2.17
C PRO A 551 31.66 39.37 -2.58
N VAL A 552 31.79 39.71 -3.86
CA VAL A 552 32.95 40.47 -4.30
C VAL A 552 32.51 41.61 -5.22
N SER A 553 31.23 41.65 -5.56
CA SER A 553 30.67 42.85 -6.19
C SER A 553 30.63 44.00 -5.20
N ARG A 554 30.55 43.69 -3.90
CA ARG A 554 30.67 44.72 -2.87
C ARG A 554 32.11 45.20 -2.76
N MET A 555 33.07 44.39 -3.24
CA MET A 555 34.48 44.67 -2.97
C MET A 555 34.99 45.82 -3.82
N MET A 556 34.44 46.01 -5.02
CA MET A 556 34.83 47.16 -5.83
C MET A 556 33.98 48.38 -5.49
N GLU A 557 33.12 48.27 -4.48
CA GLU A 557 32.36 49.39 -3.97
C GLU A 557 33.05 50.06 -2.78
N SER A 558 32.30 50.94 -2.11
CA SER A 558 32.79 51.71 -0.97
C SER A 558 32.18 51.15 0.31
N GLU A 559 33.01 50.46 1.10
CA GLU A 559 32.50 49.70 2.23
C GLU A 559 33.26 50.01 3.53
N ARG A 560 34.43 50.64 3.42
CA ARG A 560 35.31 50.83 4.57
C ARG A 560 34.72 51.82 5.58
N GLU A 561 33.86 52.73 5.12
CA GLU A 561 33.30 53.75 6.00
C GLU A 561 32.28 53.14 6.96
N LYS A 562 31.50 52.17 6.49
CA LYS A 562 30.59 51.47 7.40
C LYS A 562 31.32 50.35 8.13
N LEU A 563 32.50 49.94 7.65
CA LEU A 563 33.28 48.95 8.41
C LEU A 563 33.98 49.59 9.61
N LEU A 564 34.45 50.84 9.48
CA LEU A 564 35.22 51.46 10.55
C LEU A 564 34.33 51.95 11.70
N ARG A 565 33.04 52.19 11.42
CA ARG A 565 32.07 52.41 12.48
C ARG A 565 30.96 51.35 12.46
N MET A 566 31.34 50.09 12.26
CA MET A 566 30.41 48.97 12.47
C MET A 566 29.96 48.91 13.93
N GLU A 567 30.86 49.24 14.85
CA GLU A 567 30.49 49.43 16.25
C GLU A 567 29.43 50.52 16.39
N GLN A 568 29.68 51.71 15.81
CA GLN A 568 28.76 52.83 15.99
C GLN A 568 27.46 52.63 15.19
N GLU A 569 27.54 51.94 14.06
CA GLU A 569 26.32 51.61 13.34
C GLU A 569 25.53 50.51 14.04
N LEU A 570 26.18 49.74 14.91
CA LEU A 570 25.41 48.99 15.89
C LEU A 570 24.93 49.89 17.03
N HIS A 571 25.69 50.95 17.35
CA HIS A 571 25.29 51.87 18.42
C HIS A 571 24.10 52.74 18.01
N HIS A 572 23.72 52.73 16.73
CA HIS A 572 22.45 53.35 16.34
C HIS A 572 21.26 52.53 16.82
N ARG A 573 21.44 51.24 17.12
CA ARG A 573 20.34 50.44 17.65
C ARG A 573 20.72 49.53 18.82
N VAL A 574 22.00 49.25 19.05
CA VAL A 574 22.45 48.50 20.23
C VAL A 574 23.66 49.24 20.82
N ILE A 575 23.45 49.92 21.95
CA ILE A 575 24.50 50.74 22.53
C ILE A 575 25.07 50.01 23.75
N GLY A 576 26.31 50.36 24.09
CA GLY A 576 27.00 49.74 25.21
C GLY A 576 27.62 48.41 24.82
N GLN A 577 28.03 47.67 25.86
CA GLN A 577 28.57 46.30 25.77
C GLN A 577 29.81 46.24 24.88
N ASN A 578 30.88 46.88 25.37
CA ASN A 578 32.04 47.20 24.53
C ASN A 578 32.80 45.96 24.10
N GLU A 579 33.05 45.01 25.01
CA GLU A 579 33.74 43.78 24.62
C GLU A 579 32.81 42.87 23.85
N ALA A 580 31.49 43.11 23.94
CA ALA A 580 30.55 42.36 23.14
C ALA A 580 30.42 42.93 21.73
N VAL A 581 30.44 44.25 21.59
CA VAL A 581 30.37 44.80 20.24
C VAL A 581 31.74 44.72 19.56
N ASP A 582 32.81 44.61 20.34
CA ASP A 582 34.14 44.50 19.75
C ASP A 582 34.52 43.04 19.54
N ALA A 583 34.12 42.17 20.47
CA ALA A 583 34.36 40.75 20.29
C ALA A 583 33.40 40.18 19.25
N VAL A 584 32.14 40.59 19.31
CA VAL A 584 31.15 40.14 18.32
C VAL A 584 31.38 40.84 16.98
N SER A 585 31.61 42.15 16.99
CA SER A 585 31.77 42.86 15.71
C SER A 585 33.11 42.54 15.07
N ASN A 586 34.18 42.41 15.87
CA ASN A 586 35.46 41.94 15.34
C ASN A 586 35.36 40.48 14.91
N ALA A 587 34.50 39.70 15.56
CA ALA A 587 34.28 38.32 15.13
C ALA A 587 33.52 38.27 13.81
N ILE A 588 32.72 39.31 13.53
CA ILE A 588 32.09 39.46 12.22
C ILE A 588 33.12 39.89 11.19
N ARG A 589 34.05 40.76 11.59
CA ARG A 589 35.12 41.21 10.69
C ARG A 589 36.04 40.05 10.28
N ARG A 590 36.50 39.26 11.24
CA ARG A 590 37.33 38.10 10.89
C ARG A 590 36.49 37.00 10.26
N SER A 591 35.17 36.97 10.52
CA SER A 591 34.36 35.91 9.95
C SER A 591 34.13 36.14 8.46
N ARG A 592 33.45 37.24 8.11
CA ARG A 592 33.18 37.47 6.69
C ARG A 592 34.41 37.99 5.97
N ALA A 593 35.46 38.38 6.70
CA ALA A 593 36.76 38.51 6.06
C ALA A 593 37.29 37.17 5.59
N GLY A 594 37.09 36.11 6.36
CA GLY A 594 37.46 34.77 5.97
C GLY A 594 38.81 34.27 6.42
N LEU A 595 39.12 34.37 7.73
CA LEU A 595 40.48 34.02 8.17
C LEU A 595 40.64 32.55 8.49
N ALA A 596 39.57 31.76 8.51
CA ALA A 596 39.67 30.34 8.78
C ALA A 596 39.62 29.53 7.49
N ASP A 597 39.67 28.21 7.64
CA ASP A 597 39.46 27.19 6.63
C ASP A 597 38.10 27.39 5.96
N PRO A 598 38.04 27.35 4.61
CA PRO A 598 36.74 27.24 3.94
C PRO A 598 36.03 25.93 4.26
N ASN A 599 36.80 24.91 4.63
CA ASN A 599 36.24 23.68 5.15
C ASN A 599 36.06 23.77 6.68
N ARG A 600 36.05 24.99 7.21
CA ARG A 600 35.55 25.35 8.53
C ARG A 600 34.44 26.35 8.36
N PRO A 601 33.56 26.51 9.35
CA PRO A 601 32.57 27.61 9.30
C PRO A 601 33.18 28.99 9.44
N ILE A 602 32.31 30.00 9.28
CA ILE A 602 32.72 31.39 9.19
C ILE A 602 32.56 32.14 10.52
N GLY A 603 31.34 32.30 11.01
CA GLY A 603 31.13 33.01 12.25
C GLY A 603 30.43 32.11 13.24
N SER A 604 31.21 31.59 14.19
CA SER A 604 30.77 30.47 15.00
C SER A 604 30.70 30.92 16.45
N PHE A 605 29.51 30.95 17.03
CA PHE A 605 29.30 31.58 18.31
C PHE A 605 28.54 30.67 19.25
N LEU A 606 29.11 30.40 20.42
CA LEU A 606 28.36 29.88 21.56
C LEU A 606 28.20 31.03 22.55
N PHE A 607 26.97 31.52 22.69
CA PHE A 607 26.72 32.62 23.61
C PHE A 607 26.40 32.07 24.99
N LEU A 608 27.01 32.66 26.03
CA LEU A 608 26.80 32.26 27.40
C LEU A 608 26.74 33.50 28.27
N GLY A 609 25.62 33.70 28.98
CA GLY A 609 25.47 34.88 29.80
C GLY A 609 24.09 35.14 30.40
N PRO A 610 23.91 36.33 30.97
CA PRO A 610 22.67 36.64 31.71
C PRO A 610 21.47 36.91 30.82
N THR A 611 20.38 37.35 31.43
CA THR A 611 19.22 37.83 30.71
C THR A 611 19.04 39.32 30.94
N GLY A 612 17.93 39.85 30.44
CA GLY A 612 17.72 41.28 30.45
C GLY A 612 18.57 42.02 29.44
N VAL A 613 18.78 41.41 28.27
CA VAL A 613 19.69 41.97 27.27
C VAL A 613 19.01 42.18 25.92
N GLY A 614 18.19 41.24 25.46
CA GLY A 614 17.55 41.40 24.16
C GLY A 614 18.21 40.68 23.01
N LYS A 615 18.41 39.36 23.12
CA LYS A 615 19.21 38.60 22.16
C LYS A 615 18.57 38.55 20.77
N THR A 616 17.25 38.36 20.70
CA THR A 616 16.62 38.21 19.39
C THR A 616 16.54 39.56 18.67
N GLU A 617 16.50 40.66 19.42
CA GLU A 617 16.54 41.97 18.78
C GLU A 617 17.94 42.28 18.27
N LEU A 618 18.96 41.62 18.83
CA LEU A 618 20.31 41.69 18.26
C LEU A 618 20.43 40.80 17.03
N CYS A 619 19.71 39.67 17.02
CA CYS A 619 19.66 38.84 15.81
C CYS A 619 18.92 39.55 14.69
N LYS A 620 17.89 40.32 15.06
CA LYS A 620 17.22 41.22 14.12
C LYS A 620 18.12 42.39 13.77
N ALA A 621 19.06 42.73 14.64
CA ALA A 621 20.02 43.77 14.31
C ALA A 621 21.07 43.24 13.33
N LEU A 622 21.27 41.92 13.28
CA LEU A 622 22.28 41.38 12.38
C LEU A 622 21.67 40.96 11.05
N ALA A 623 20.44 40.45 11.07
CA ALA A 623 19.73 40.23 9.83
C ALA A 623 19.27 41.56 9.22
N ASN A 624 18.87 42.49 10.07
CA ASN A 624 18.52 43.82 9.61
C ASN A 624 19.77 44.67 9.40
N PHE A 625 20.92 44.14 9.83
CA PHE A 625 22.20 44.80 9.55
C PHE A 625 22.74 44.36 8.19
N MET A 626 23.05 43.08 8.05
CA MET A 626 23.59 42.57 6.79
C MET A 626 22.47 42.21 5.81
N PHE A 627 21.52 41.41 6.27
CA PHE A 627 20.35 41.04 5.49
C PHE A 627 19.35 42.19 5.34
N ASP A 628 19.55 43.31 6.04
CA ASP A 628 18.87 44.60 5.90
C ASP A 628 17.40 44.58 6.30
N SER A 629 16.85 43.41 6.57
CA SER A 629 15.60 43.19 7.28
C SER A 629 15.67 41.74 7.73
N ASP A 630 14.62 41.27 8.38
CA ASP A 630 14.80 40.09 9.21
C ASP A 630 14.34 38.79 8.55
N GLU A 631 14.61 38.57 7.25
CA GLU A 631 14.22 37.31 6.62
C GLU A 631 15.03 36.13 7.13
N ALA A 632 16.28 36.36 7.53
CA ALA A 632 17.21 35.28 7.82
C ALA A 632 16.98 34.65 9.19
N MET A 633 16.08 35.25 9.98
CA MET A 633 15.85 34.84 11.36
C MET A 633 15.04 33.55 11.36
N VAL A 634 15.68 32.45 10.95
CA VAL A 634 15.05 31.14 10.88
C VAL A 634 15.10 30.57 12.29
N ARG A 635 14.03 30.82 13.06
CA ARG A 635 14.00 30.48 14.48
C ARG A 635 13.41 29.11 14.67
N ILE A 636 14.25 28.17 15.11
CA ILE A 636 13.87 26.78 15.32
C ILE A 636 14.28 26.39 16.73
N ASP A 637 13.29 26.22 17.61
CA ASP A 637 13.53 26.01 19.03
C ASP A 637 13.89 24.54 19.22
N MET A 638 15.04 24.28 19.85
CA MET A 638 15.51 22.91 20.02
C MET A 638 15.02 22.25 21.30
N SER A 639 13.99 22.83 21.93
CA SER A 639 13.54 22.37 23.22
C SER A 639 12.74 21.07 23.17
N GLU A 640 12.21 20.70 22.00
CA GLU A 640 11.23 19.63 21.93
C GLU A 640 11.83 18.24 22.09
N PHE A 641 13.15 18.13 22.16
CA PHE A 641 13.84 16.92 21.73
C PHE A 641 14.38 16.21 22.98
N MET A 642 13.52 15.40 23.59
CA MET A 642 13.85 14.77 24.87
C MET A 642 13.94 13.26 24.78
N GLU A 643 13.11 12.66 23.93
CA GLU A 643 13.04 11.22 23.81
C GLU A 643 14.21 10.69 22.99
N LYS A 644 14.13 9.40 22.65
CA LYS A 644 15.24 8.72 22.01
C LYS A 644 15.47 9.19 20.58
N HIS A 645 14.42 9.62 19.91
CA HIS A 645 14.45 9.68 18.44
C HIS A 645 14.72 11.10 17.94
N SER A 646 15.56 11.84 18.67
CA SER A 646 15.66 13.28 18.49
C SER A 646 16.35 13.65 17.18
N VAL A 647 17.31 12.84 16.73
CA VAL A 647 18.00 13.19 15.50
C VAL A 647 17.23 12.68 14.29
N SER A 648 16.27 11.79 14.51
CA SER A 648 15.25 11.61 13.49
C SER A 648 14.29 12.80 13.49
N ARG A 649 14.16 13.48 14.63
CA ARG A 649 13.30 14.67 14.65
C ARG A 649 13.93 15.81 13.86
N LEU A 650 15.13 16.28 14.27
CA LEU A 650 15.63 17.50 13.65
C LEU A 650 16.57 17.19 12.48
N VAL A 651 17.17 15.99 12.47
CA VAL A 651 18.05 15.66 11.35
C VAL A 651 17.21 15.28 10.15
N GLY A 652 16.09 14.63 10.38
CA GLY A 652 15.26 14.07 9.34
C GLY A 652 15.04 12.59 9.57
N ALA A 653 13.84 12.14 9.26
CA ALA A 653 13.47 10.75 9.52
C ALA A 653 14.09 9.83 8.47
N PRO A 654 14.26 8.54 8.78
CA PRO A 654 14.63 7.57 7.73
C PRO A 654 13.54 7.47 6.68
N PRO A 655 13.90 7.16 5.43
CA PRO A 655 12.91 7.27 4.35
C PRO A 655 11.88 6.16 4.38
N GLY A 656 10.86 6.34 3.58
CA GLY A 656 9.71 5.47 3.63
C GLY A 656 8.65 5.89 4.62
N TYR A 657 8.41 7.19 4.77
CA TYR A 657 7.49 7.67 5.78
C TYR A 657 7.13 9.12 5.47
N VAL A 658 6.26 9.70 6.30
CA VAL A 658 5.89 11.10 6.11
C VAL A 658 7.05 12.01 6.52
N GLY A 659 7.80 11.57 7.53
CA GLY A 659 8.75 12.45 8.19
C GLY A 659 10.02 12.73 7.40
N TYR A 660 10.40 11.80 6.51
CA TYR A 660 11.57 12.02 5.67
C TYR A 660 11.30 13.05 4.60
N GLU A 661 10.15 12.93 3.93
CA GLU A 661 9.78 13.91 2.92
C GLU A 661 9.48 15.25 3.55
N GLU A 662 8.97 15.23 4.78
CA GLU A 662 8.93 16.46 5.57
C GLU A 662 10.31 16.83 6.11
N GLY A 663 11.19 15.85 6.27
CA GLY A 663 12.55 16.13 6.68
C GLY A 663 12.64 16.53 8.16
N GLY A 664 13.82 17.02 8.53
CA GLY A 664 14.02 17.51 9.88
C GLY A 664 13.54 18.94 10.07
N TYR A 665 13.86 19.51 11.23
CA TYR A 665 13.48 20.90 11.52
C TYR A 665 14.51 21.89 10.97
N LEU A 666 15.73 21.88 11.54
CA LEU A 666 16.78 22.79 11.10
C LEU A 666 17.30 22.37 9.74
N THR A 667 17.24 21.06 9.47
CA THR A 667 17.67 20.49 8.20
C THR A 667 16.89 21.09 7.04
N GLU A 668 15.57 21.26 7.21
CA GLU A 668 14.75 21.74 6.11
C GLU A 668 14.65 23.26 6.12
N ALA A 669 14.35 23.86 7.28
CA ALA A 669 14.13 25.31 7.29
C ALA A 669 15.44 26.07 7.15
N VAL A 670 16.58 25.40 7.30
CA VAL A 670 17.83 26.02 6.89
C VAL A 670 18.34 25.33 5.61
N ARG A 671 17.67 24.27 5.17
CA ARG A 671 17.97 23.73 3.84
C ARG A 671 17.47 24.67 2.74
N ARG A 672 16.40 25.42 3.02
CA ARG A 672 15.94 26.43 2.08
C ARG A 672 16.98 27.53 1.88
N ARG A 673 17.53 28.04 2.98
CA ARG A 673 18.58 29.06 2.92
C ARG A 673 19.81 28.53 3.67
N PRO A 674 20.70 27.79 2.98
CA PRO A 674 21.87 27.24 3.69
C PRO A 674 22.89 28.29 4.09
N TYR A 675 23.01 29.37 3.34
CA TYR A 675 23.99 30.42 3.63
C TYR A 675 23.26 31.62 4.16
N SER A 676 22.98 31.59 5.45
CA SER A 676 22.07 32.51 6.14
C SER A 676 22.42 32.42 7.62
N VAL A 677 21.55 32.97 8.47
CA VAL A 677 21.69 32.83 9.92
C VAL A 677 21.04 31.49 10.28
N ILE A 678 21.82 30.61 10.89
CA ILE A 678 21.29 29.38 11.47
C ILE A 678 21.03 29.71 12.92
N LEU A 679 19.86 30.29 13.20
CA LEU A 679 19.57 30.80 14.54
C LEU A 679 19.00 29.67 15.38
N LEU A 680 19.53 29.52 16.60
CA LEU A 680 19.11 28.48 17.53
C LEU A 680 18.91 29.08 18.91
N ASP A 681 17.83 28.70 19.56
CA ASP A 681 17.63 28.99 20.97
C ASP A 681 17.53 27.67 21.73
N ALA A 682 18.24 27.59 22.85
CA ALA A 682 18.17 26.48 23.80
C ALA A 682 18.57 25.15 23.17
N VAL A 683 19.84 25.07 22.76
CA VAL A 683 20.34 23.86 22.11
C VAL A 683 20.71 22.77 23.11
N GLU A 684 20.86 23.12 24.39
CA GLU A 684 21.46 22.22 25.36
C GLU A 684 20.55 21.03 25.69
N LYS A 685 19.25 21.18 25.45
CA LYS A 685 18.32 20.10 25.77
C LYS A 685 18.24 19.11 24.62
N ALA A 686 18.85 19.45 23.49
CA ALA A 686 18.92 18.52 22.39
C ALA A 686 19.97 17.43 22.67
N HIS A 687 20.07 16.49 21.75
CA HIS A 687 20.77 15.23 22.00
C HIS A 687 22.29 15.42 22.00
N PRO A 688 23.04 14.51 22.62
CA PRO A 688 24.47 14.37 22.30
C PRO A 688 24.77 14.27 20.82
N ASP A 689 23.88 13.65 20.05
CA ASP A 689 24.07 13.54 18.61
C ASP A 689 23.88 14.89 17.95
N VAL A 690 23.02 15.73 18.53
CA VAL A 690 22.87 17.09 18.03
C VAL A 690 24.12 17.88 18.36
N PHE A 691 24.75 17.54 19.47
CA PHE A 691 25.97 18.22 19.88
C PHE A 691 27.12 17.86 18.97
N ASN A 692 27.17 16.60 18.52
CA ASN A 692 28.28 16.19 17.68
C ASN A 692 28.03 16.51 16.21
N ILE A 693 26.79 16.87 15.84
CA ILE A 693 26.59 17.41 14.50
C ILE A 693 26.73 18.91 14.52
N LEU A 694 26.66 19.53 15.70
CA LEU A 694 27.29 20.83 15.86
C LEU A 694 28.80 20.70 15.74
N LEU A 695 29.35 19.57 16.17
CA LEU A 695 30.77 19.31 15.92
C LEU A 695 31.00 18.98 14.43
N GLN A 696 29.95 18.61 13.70
CA GLN A 696 30.07 18.42 12.25
C GLN A 696 30.00 19.74 11.51
N VAL A 697 29.08 20.64 11.88
CA VAL A 697 28.97 21.91 11.18
C VAL A 697 29.98 22.91 11.72
N LEU A 698 30.70 22.52 12.77
CA LEU A 698 31.75 23.37 13.32
C LEU A 698 33.14 22.83 12.98
N ASP A 699 33.27 21.52 12.83
CA ASP A 699 34.52 20.99 12.28
C ASP A 699 34.48 20.98 10.75
N ASP A 700 33.55 20.21 10.19
CA ASP A 700 33.45 20.06 8.75
C ASP A 700 32.76 21.25 8.11
N GLY A 701 31.65 21.70 8.68
CA GLY A 701 30.86 22.74 8.06
C GLY A 701 29.89 22.26 7.01
N ARG A 702 29.36 21.06 7.15
CA ARG A 702 28.29 20.54 6.30
C ARG A 702 27.33 19.75 7.18
N LEU A 703 26.17 19.43 6.64
CA LEU A 703 25.14 18.74 7.39
C LEU A 703 24.63 17.54 6.60
N THR A 704 24.23 16.49 7.31
CA THR A 704 23.75 15.25 6.72
C THR A 704 22.41 14.88 7.36
N ASP A 705 21.41 14.59 6.52
CA ASP A 705 20.13 14.12 7.01
C ASP A 705 20.13 12.60 7.09
N GLY A 706 18.94 11.99 7.17
CA GLY A 706 18.86 10.53 7.28
C GLY A 706 19.26 9.80 6.02
N GLN A 707 19.08 10.42 4.84
CA GLN A 707 19.36 9.75 3.58
C GLN A 707 20.85 9.64 3.31
N GLY A 708 21.63 10.66 3.69
CA GLY A 708 23.07 10.63 3.58
C GLY A 708 23.71 11.55 2.54
N ARG A 709 23.24 12.78 2.38
CA ARG A 709 23.85 13.75 1.49
C ARG A 709 24.41 14.93 2.29
N THR A 710 25.17 15.79 1.61
CA THR A 710 25.82 16.90 2.27
C THR A 710 25.13 18.22 1.95
N VAL A 711 24.44 18.76 2.96
CA VAL A 711 23.92 20.11 2.90
C VAL A 711 25.05 21.03 3.27
N ASP A 712 25.41 21.93 2.37
CA ASP A 712 26.65 22.66 2.47
C ASP A 712 26.46 23.89 3.34
N PHE A 713 27.25 23.97 4.42
CA PHE A 713 27.32 25.14 5.30
C PHE A 713 28.68 25.81 5.29
N ARG A 714 29.49 25.60 4.23
CA ARG A 714 30.84 26.13 4.25
C ARG A 714 30.89 27.65 4.04
N ASN A 715 29.73 28.30 3.85
CA ASN A 715 29.69 29.74 3.62
C ASN A 715 28.56 30.43 4.37
N THR A 716 28.41 30.14 5.66
CA THR A 716 27.36 30.72 6.48
C THR A 716 27.91 31.14 7.84
N VAL A 717 27.27 32.15 8.44
CA VAL A 717 27.54 32.57 9.81
C VAL A 717 26.41 32.06 10.68
N VAL A 718 26.75 31.41 11.80
CA VAL A 718 25.76 30.86 12.70
C VAL A 718 25.57 31.87 13.83
N ILE A 719 24.39 31.89 14.42
CA ILE A 719 24.14 32.58 15.68
C ILE A 719 23.43 31.59 16.58
N MET A 720 24.04 31.25 17.71
CA MET A 720 23.40 30.34 18.67
C MET A 720 23.09 31.08 19.96
N THR A 721 21.95 31.75 20.00
CA THR A 721 21.46 32.39 21.22
C THR A 721 20.81 31.34 22.11
N SER A 722 21.62 30.43 22.62
CA SER A 722 21.12 29.28 23.35
C SER A 722 20.76 29.72 24.76
N ASN A 723 19.93 28.93 25.42
CA ASN A 723 19.58 29.18 26.80
C ASN A 723 20.42 28.37 27.78
N LEU A 724 21.68 28.05 27.44
CA LEU A 724 22.63 27.42 28.37
C LEU A 724 22.93 28.27 29.60
N GLY A 725 23.03 29.59 29.41
CA GLY A 725 23.58 30.45 30.45
C GLY A 725 22.64 30.84 31.57
N VAL A 726 21.33 30.89 31.27
CA VAL A 726 20.28 31.58 32.03
C VAL A 726 20.28 31.27 33.52
N ARG A 727 20.22 29.99 33.88
CA ARG A 727 20.13 29.64 35.29
C ARG A 727 21.49 29.76 35.97
N GLU A 728 22.57 29.45 35.26
CA GLU A 728 23.91 29.55 35.84
C GLU A 728 24.34 31.00 36.01
N THR A 729 24.04 31.83 35.03
CA THR A 729 24.57 33.19 35.04
C THR A 729 23.61 34.15 35.74
N GLU A 730 22.31 33.85 35.70
CA GLU A 730 21.38 34.53 36.60
C GLU A 730 21.57 34.09 38.05
N ARG A 731 21.88 32.83 38.27
CA ARG A 731 21.96 32.33 39.64
C ARG A 731 23.35 32.57 40.24
N LYS A 732 24.33 32.94 39.41
CA LYS A 732 25.70 33.03 39.88
C LYS A 732 25.92 34.28 40.74
N SER A 733 25.03 35.26 40.64
CA SER A 733 25.15 36.51 41.39
C SER A 733 24.09 36.53 42.49
N ILE A 734 24.52 36.60 43.74
CA ILE A 734 25.94 36.62 44.12
C ILE A 734 26.26 35.29 44.80
N GLY A 735 27.53 34.90 44.81
CA GLY A 735 27.94 33.69 45.51
C GLY A 735 28.73 32.73 44.67
N LEU A 736 28.89 33.03 43.38
CA LEU A 736 29.51 32.12 42.44
C LEU A 736 30.41 32.93 41.51
N ILE A 737 31.72 32.66 41.58
CA ILE A 737 32.72 33.43 40.85
C ILE A 737 32.76 32.93 39.41
N HIS A 738 33.41 33.70 38.52
CA HIS A 738 33.30 33.45 37.09
C HIS A 738 34.01 32.17 36.65
N GLN A 739 35.12 31.82 37.31
CA GLN A 739 35.82 30.57 37.01
C GLN A 739 35.00 29.36 37.39
N ASP A 740 34.09 29.50 38.37
CA ASP A 740 33.25 28.38 38.75
C ASP A 740 32.11 28.17 37.76
N ASN A 741 31.61 29.27 37.17
CA ASN A 741 30.59 29.13 36.12
C ASN A 741 31.22 28.58 34.85
N SER A 742 32.47 28.93 34.58
CA SER A 742 33.20 28.27 33.51
C SER A 742 33.54 26.83 33.88
N THR A 743 33.59 26.53 35.17
CA THR A 743 33.94 25.18 35.61
C THR A 743 32.77 24.22 35.43
N ASP A 744 31.57 24.63 35.84
CA ASP A 744 30.43 23.72 35.71
C ASP A 744 29.77 23.84 34.33
N ALA A 745 29.86 25.02 33.70
CA ALA A 745 29.43 25.15 32.32
C ALA A 745 30.38 24.42 31.37
N MET A 746 31.67 24.44 31.70
CA MET A 746 32.64 23.64 30.96
C MET A 746 32.57 22.18 31.40
N GLU A 747 31.87 21.91 32.51
CA GLU A 747 31.57 20.53 32.88
C GLU A 747 30.36 20.03 32.11
N GLU A 748 29.49 20.94 31.66
CA GLU A 748 28.46 20.57 30.69
C GLU A 748 29.04 20.38 29.31
N ILE A 749 29.84 21.34 28.86
CA ILE A 749 30.46 21.25 27.55
C ILE A 749 31.37 20.04 27.49
N LYS A 750 32.37 19.99 28.37
CA LYS A 750 33.27 18.84 28.40
C LYS A 750 32.60 17.61 29.00
N LYS A 751 31.39 17.76 29.56
CA LYS A 751 30.56 16.58 29.79
C LYS A 751 30.17 15.94 28.47
N ILE A 752 29.80 16.75 27.48
CA ILE A 752 29.48 16.11 26.21
C ILE A 752 30.45 16.46 25.08
N PHE A 753 30.68 17.76 24.85
CA PHE A 753 31.52 18.21 23.75
C PHE A 753 32.96 17.87 24.07
N ARG A 754 33.78 17.93 23.03
CA ARG A 754 35.23 17.77 23.05
C ARG A 754 35.86 19.16 23.13
N PRO A 755 37.19 19.30 23.35
CA PRO A 755 37.77 20.65 23.51
C PRO A 755 37.54 21.63 22.35
N GLU A 756 37.16 21.17 21.16
CA GLU A 756 36.97 22.06 20.02
C GLU A 756 35.70 22.91 20.12
N PHE A 757 34.87 22.66 21.14
CA PHE A 757 33.69 23.50 21.33
C PHE A 757 33.99 24.61 22.32
N ILE A 758 34.91 24.35 23.25
CA ILE A 758 35.53 25.43 24.01
C ILE A 758 36.39 26.28 23.09
N ASN A 759 37.04 25.64 22.11
CA ASN A 759 38.10 26.34 21.40
C ASN A 759 37.62 26.96 20.11
N ARG A 760 36.85 26.21 19.30
CA ARG A 760 36.67 26.59 17.90
C ARG A 760 35.51 27.55 17.68
N ILE A 761 34.85 28.03 18.74
CA ILE A 761 33.90 29.12 18.58
C ILE A 761 34.66 30.43 18.48
N ASP A 762 33.94 31.49 18.10
CA ASP A 762 34.59 32.80 17.97
C ASP A 762 34.94 33.38 19.33
N GLU A 763 33.93 33.68 20.13
CA GLU A 763 34.14 34.21 21.47
C GLU A 763 33.11 33.64 22.43
N VAL A 764 33.48 33.45 23.68
CA VAL A 764 32.53 33.25 24.77
C VAL A 764 32.06 34.62 25.21
N VAL A 765 30.90 35.05 24.71
CA VAL A 765 30.45 36.43 24.89
C VAL A 765 29.53 36.51 26.10
N VAL A 766 30.03 37.14 27.17
CA VAL A 766 29.30 37.29 28.42
C VAL A 766 28.90 38.75 28.56
N PHE A 767 27.61 38.98 28.83
CA PHE A 767 27.06 40.33 28.91
C PHE A 767 27.11 40.85 30.34
N HIS A 768 26.79 42.15 30.50
CA HIS A 768 26.75 42.79 31.81
C HIS A 768 25.54 43.72 31.89
N PRO A 769 25.06 44.06 33.09
CA PRO A 769 23.93 45.01 33.18
C PRO A 769 24.30 46.41 32.73
N LEU A 770 23.27 47.23 32.56
CA LEU A 770 23.36 48.48 31.83
C LEU A 770 23.48 49.68 32.77
N GLY A 771 23.71 50.85 32.16
CA GLY A 771 23.78 52.11 32.88
C GLY A 771 22.60 53.01 32.56
N GLU A 772 22.63 54.20 33.15
CA GLU A 772 21.49 55.11 33.05
C GLU A 772 21.46 55.84 31.70
N GLN A 773 22.63 56.19 31.16
CA GLN A 773 22.68 56.81 29.84
C GLN A 773 22.30 55.83 28.75
N HIS A 774 22.48 54.53 29.01
CA HIS A 774 22.02 53.52 28.07
C HIS A 774 20.51 53.40 28.10
N ILE A 775 19.90 53.59 29.27
CA ILE A 775 18.45 53.66 29.40
C ILE A 775 17.92 54.88 28.63
N ALA A 776 18.66 55.99 28.69
CA ALA A 776 18.30 57.17 27.89
C ALA A 776 18.43 56.89 26.39
N SER A 777 19.46 56.14 25.99
CA SER A 777 19.65 55.86 24.57
C SER A 777 18.59 54.91 24.03
N ILE A 778 18.20 53.90 24.81
CA ILE A 778 17.16 52.97 24.34
C ILE A 778 15.79 53.63 24.43
N ALA A 779 15.66 54.68 25.26
CA ALA A 779 14.48 55.52 25.17
C ALA A 779 14.45 56.26 23.83
N GLN A 780 15.59 56.81 23.40
CA GLN A 780 15.63 57.59 22.15
C GLN A 780 15.36 56.72 20.92
N ILE A 781 16.06 55.57 20.81
CA ILE A 781 15.87 54.72 19.65
C ILE A 781 14.57 53.93 19.77
N GLN A 782 14.04 53.79 21.00
CA GLN A 782 12.68 53.30 21.15
C GLN A 782 11.67 54.32 20.62
N LEU A 783 12.02 55.61 20.70
CA LEU A 783 11.17 56.65 20.13
C LEU A 783 11.32 56.81 18.61
N LYS A 784 12.46 56.46 18.01
CA LYS A 784 12.65 56.69 16.57
C LYS A 784 11.72 55.82 15.72
N ARG A 785 11.45 54.60 16.19
CA ARG A 785 10.48 53.74 15.52
C ARG A 785 9.08 54.34 15.63
N LEU A 786 8.78 54.95 16.77
CA LEU A 786 7.51 55.64 16.93
C LEU A 786 7.45 56.89 16.05
N TYR A 787 8.62 57.50 15.77
CA TYR A 787 8.66 58.64 14.85
C TYR A 787 8.31 58.22 13.44
N LYS A 788 8.86 57.09 12.96
CA LYS A 788 8.52 56.70 11.59
C LYS A 788 7.11 56.12 11.53
N ARG A 789 6.66 55.49 12.63
CA ARG A 789 5.32 54.91 12.67
C ARG A 789 4.23 55.96 12.66
N LEU A 790 4.27 56.93 13.59
CA LEU A 790 3.28 58.01 13.54
C LEU A 790 3.60 59.01 12.44
N GLU A 791 4.80 58.94 11.87
CA GLU A 791 5.14 59.69 10.67
C GLU A 791 4.33 59.19 9.47
N GLU A 792 4.03 57.88 9.43
CA GLU A 792 3.19 57.37 8.35
C GLU A 792 1.75 57.90 8.45
N ARG A 793 1.30 58.24 9.65
CA ARG A 793 0.02 58.93 9.74
C ARG A 793 0.11 60.40 9.39
N GLY A 794 1.23 61.05 9.69
CA GLY A 794 1.36 62.47 9.46
C GLY A 794 1.21 63.35 10.67
N TYR A 795 1.63 62.90 11.85
CA TYR A 795 1.61 63.69 13.07
C TYR A 795 3.01 64.07 13.51
N GLU A 796 3.10 64.93 14.53
CA GLU A 796 4.37 65.37 15.10
C GLU A 796 4.27 65.41 16.62
N ILE A 797 5.31 64.92 17.30
CA ILE A 797 5.38 64.90 18.76
C ILE A 797 6.79 65.30 19.18
N HIS A 798 6.89 66.36 20.00
CA HIS A 798 8.13 66.74 20.65
C HIS A 798 7.96 66.59 22.16
N ILE A 799 8.97 66.00 22.82
CA ILE A 799 8.88 65.65 24.23
C ILE A 799 9.96 66.41 25.01
N SER A 800 9.55 66.97 26.16
CA SER A 800 10.44 67.72 27.03
C SER A 800 11.37 66.82 27.82
N ASP A 801 12.14 67.44 28.72
CA ASP A 801 13.13 66.72 29.51
C ASP A 801 12.57 66.22 30.84
N GLU A 802 11.43 66.76 31.29
CA GLU A 802 10.87 66.34 32.56
C GLU A 802 10.26 64.94 32.48
N ALA A 803 9.58 64.64 31.37
CA ALA A 803 9.11 63.28 31.12
C ALA A 803 10.28 62.32 30.98
N LEU A 804 11.40 62.80 30.41
CA LEU A 804 12.64 62.03 30.37
C LEU A 804 13.17 61.79 31.79
N LYS A 805 12.96 62.73 32.71
CA LYS A 805 13.40 62.53 34.09
C LYS A 805 12.51 61.53 34.80
N LEU A 806 11.20 61.53 34.51
CA LEU A 806 10.32 60.54 35.13
C LEU A 806 10.57 59.14 34.57
N LEU A 807 10.88 59.04 33.27
CA LEU A 807 11.19 57.72 32.71
C LEU A 807 12.56 57.23 33.18
N SER A 808 13.50 58.15 33.41
CA SER A 808 14.78 57.76 33.99
C SER A 808 14.62 57.38 35.45
N GLU A 809 13.64 57.97 36.14
CA GLU A 809 13.34 57.56 37.51
C GLU A 809 12.73 56.17 37.54
N ASN A 810 11.82 55.89 36.59
CA ASN A 810 11.14 54.59 36.58
C ASN A 810 11.91 53.55 35.78
N GLY A 811 13.10 53.89 35.30
CA GLY A 811 13.87 53.00 34.45
C GLY A 811 14.45 51.76 35.11
N TYR A 812 15.26 51.93 36.14
CA TYR A 812 16.08 50.85 36.69
C TYR A 812 15.50 50.29 37.98
N ASP A 813 15.56 48.97 38.13
CA ASP A 813 15.31 48.27 39.37
C ASP A 813 16.51 47.39 39.69
N PRO A 814 16.79 47.14 40.98
CA PRO A 814 18.00 46.38 41.34
C PRO A 814 17.91 44.88 41.03
N VAL A 815 16.75 44.40 40.58
CA VAL A 815 16.57 42.96 40.42
C VAL A 815 16.59 42.57 38.94
N TYR A 816 16.01 43.40 38.07
CA TYR A 816 15.68 42.96 36.72
C TYR A 816 16.34 43.78 35.61
N GLY A 817 16.68 45.04 35.87
CA GLY A 817 17.32 45.84 34.85
C GLY A 817 16.37 46.58 33.92
N ALA A 818 16.72 46.67 32.64
CA ALA A 818 16.08 47.61 31.72
C ALA A 818 14.91 47.03 30.94
N ARG A 819 14.40 45.86 31.34
CA ARG A 819 13.29 45.26 30.60
C ARG A 819 11.90 45.90 30.79
N PRO A 820 11.43 46.28 32.00
CA PRO A 820 10.05 46.82 32.07
C PRO A 820 9.88 48.28 31.62
N LEU A 821 10.86 48.85 30.89
CA LEU A 821 10.78 50.25 30.49
C LEU A 821 9.64 50.51 29.51
N LYS A 822 9.45 49.59 28.55
CA LYS A 822 8.37 49.72 27.58
C LYS A 822 7.01 49.58 28.24
N ARG A 823 6.93 48.72 29.26
CA ARG A 823 5.69 48.56 30.01
C ARG A 823 5.36 49.81 30.83
N ALA A 824 6.38 50.44 31.41
CA ALA A 824 6.16 51.68 32.15
C ALA A 824 5.79 52.82 31.22
N ILE A 825 6.45 52.89 30.05
CA ILE A 825 6.14 53.92 29.05
C ILE A 825 4.72 53.77 28.54
N GLN A 826 4.26 52.54 28.32
CA GLN A 826 2.90 52.39 27.81
C GLN A 826 1.87 52.61 28.91
N GLN A 827 2.19 52.21 30.15
CA GLN A 827 1.18 52.27 31.21
C GLN A 827 1.04 53.67 31.77
N GLN A 828 2.09 54.49 31.66
CA GLN A 828 2.01 55.83 32.21
C GLN A 828 1.85 56.87 31.10
N ILE A 829 2.22 56.53 29.87
CA ILE A 829 2.17 57.47 28.76
C ILE A 829 1.04 57.15 27.80
N GLU A 830 0.86 55.87 27.43
CA GLU A 830 0.03 55.58 26.27
C GLU A 830 -1.45 55.46 26.64
N ASN A 831 -1.76 55.47 27.94
CA ASN A 831 -3.17 55.44 28.34
C ASN A 831 -3.89 56.77 28.15
N PRO A 832 -3.40 57.94 28.63
CA PRO A 832 -4.15 59.17 28.32
C PRO A 832 -3.95 59.64 26.88
N LEU A 833 -2.90 59.16 26.21
CA LEU A 833 -2.72 59.47 24.79
C LEU A 833 -3.78 58.80 23.95
N ALA A 834 -4.07 57.53 24.23
CA ALA A 834 -5.17 56.84 23.55
C ALA A 834 -6.51 57.39 24.00
N GLN A 835 -6.60 57.77 25.29
CA GLN A 835 -7.85 58.29 25.84
C GLN A 835 -8.22 59.63 25.23
N GLN A 836 -7.21 60.43 24.83
CA GLN A 836 -7.51 61.72 24.24
C GLN A 836 -7.43 61.70 22.72
N ILE A 837 -6.83 60.67 22.11
CA ILE A 837 -6.91 60.56 20.66
C ILE A 837 -8.21 59.86 20.27
N LEU A 838 -8.85 59.17 21.21
CA LEU A 838 -10.20 58.66 20.94
C LEU A 838 -11.26 59.56 21.58
N SER A 839 -10.88 60.34 22.59
CA SER A 839 -11.86 61.19 23.27
C SER A 839 -12.24 62.41 22.45
N GLY A 840 -11.34 62.86 21.57
CA GLY A 840 -11.56 64.03 20.76
C GLY A 840 -10.75 65.23 21.16
N GLU A 841 -9.92 65.11 22.21
CA GLU A 841 -9.18 66.27 22.70
C GLU A 841 -7.87 66.49 21.94
N LEU A 842 -7.54 65.60 21.01
CA LEU A 842 -6.32 65.74 20.20
C LEU A 842 -6.77 65.91 18.74
N VAL A 843 -6.36 67.00 18.12
CA VAL A 843 -6.92 67.41 16.84
C VAL A 843 -5.96 66.96 15.73
N PRO A 844 -6.49 66.33 14.69
CA PRO A 844 -5.64 65.97 13.54
C PRO A 844 -5.15 67.19 12.78
N GLY A 845 -4.05 67.00 12.06
CA GLY A 845 -3.45 68.08 11.29
C GLY A 845 -2.68 69.09 12.11
N LYS A 846 -2.45 68.82 13.40
CA LYS A 846 -1.79 69.76 14.29
C LYS A 846 -0.66 69.05 15.02
N VAL A 847 0.31 69.83 15.46
CA VAL A 847 1.46 69.29 16.19
C VAL A 847 1.02 68.94 17.61
N ILE A 848 1.56 67.84 18.13
CA ILE A 848 1.23 67.35 19.47
C ILE A 848 2.46 67.54 20.34
N ARG A 849 2.26 67.92 21.60
CA ARG A 849 3.35 67.99 22.57
C ARG A 849 2.91 67.36 23.89
N LEU A 850 3.76 66.49 24.43
CA LEU A 850 3.49 65.81 25.68
C LEU A 850 4.04 66.65 26.84
N GLU A 851 3.14 67.26 27.59
CA GLU A 851 3.47 68.08 28.76
C GLU A 851 3.08 67.30 30.01
N VAL A 852 3.26 67.94 31.17
CA VAL A 852 2.90 67.33 32.44
C VAL A 852 2.04 68.33 33.23
N ASN A 853 0.72 68.28 33.02
CA ASN A 853 -0.23 68.93 33.91
C ASN A 853 -0.79 67.90 34.89
N GLU A 854 0.13 67.12 35.48
CA GLU A 854 -0.15 66.00 36.37
C GLU A 854 1.07 65.74 37.22
N ASP A 855 1.10 64.61 37.93
CA ASP A 855 2.33 64.05 38.48
C ASP A 855 2.90 62.96 37.57
N ARG A 856 2.23 62.68 36.45
CA ARG A 856 2.70 61.75 35.43
C ARG A 856 2.56 62.36 34.05
N ILE A 857 2.72 61.56 33.00
CA ILE A 857 2.71 62.07 31.64
C ILE A 857 1.28 62.14 31.14
N VAL A 858 0.89 63.31 30.60
CA VAL A 858 -0.45 63.53 30.08
C VAL A 858 -0.29 64.18 28.71
N ALA A 859 -1.38 64.19 27.94
CA ALA A 859 -1.40 64.79 26.61
C ALA A 859 -2.18 66.09 26.63
N VAL A 860 -1.83 67.00 25.70
CA VAL A 860 -2.43 68.33 25.62
C VAL A 860 -2.13 68.87 24.23
N GLN A 861 -2.95 69.84 23.79
CA GLN A 861 -2.80 70.46 22.48
C GLN A 861 -2.53 71.95 22.66
N LEU B 165 -40.74 -1.61 -31.91
CA LEU B 165 -42.05 -2.07 -31.50
C LEU B 165 -42.27 -3.50 -31.92
N LYS B 166 -42.09 -3.77 -33.22
CA LYS B 166 -42.40 -5.09 -33.76
C LYS B 166 -41.17 -5.99 -33.84
N LYS B 167 -40.21 -5.63 -34.69
CA LYS B 167 -39.20 -6.60 -35.13
C LYS B 167 -38.11 -6.77 -34.08
N TYR B 168 -37.97 -5.79 -33.18
CA TYR B 168 -36.87 -5.81 -32.23
C TYR B 168 -37.34 -5.48 -30.81
N THR B 169 -38.65 -5.39 -30.63
CA THR B 169 -39.29 -5.22 -29.34
C THR B 169 -40.45 -6.21 -29.30
N ILE B 170 -40.80 -6.73 -28.12
CA ILE B 170 -41.85 -7.75 -28.00
C ILE B 170 -42.82 -7.33 -26.90
N ASP B 171 -44.12 -7.39 -27.20
CA ASP B 171 -45.20 -7.08 -26.28
C ASP B 171 -45.31 -8.20 -25.24
N LEU B 172 -45.31 -7.83 -23.95
CA LEU B 172 -45.48 -8.83 -22.90
C LEU B 172 -46.93 -9.20 -22.69
N THR B 173 -47.84 -8.53 -23.41
CA THR B 173 -49.22 -9.00 -23.51
C THR B 173 -49.27 -10.40 -24.09
N GLU B 174 -48.47 -10.67 -25.13
CA GLU B 174 -48.53 -11.99 -25.74
C GLU B 174 -47.49 -12.95 -25.15
N ARG B 175 -46.52 -12.45 -24.36
CA ARG B 175 -45.64 -13.39 -23.69
C ARG B 175 -46.25 -13.88 -22.38
N ALA B 176 -46.86 -12.98 -21.61
CA ALA B 176 -47.64 -13.43 -20.45
C ALA B 176 -48.93 -14.09 -20.90
N GLU B 177 -49.43 -13.70 -22.08
CA GLU B 177 -50.64 -14.33 -22.63
C GLU B 177 -50.33 -15.74 -23.13
N GLN B 178 -49.17 -15.94 -23.76
CA GLN B 178 -48.74 -17.29 -24.13
C GLN B 178 -48.44 -18.16 -22.91
N GLY B 179 -48.03 -17.57 -21.80
CA GLY B 179 -47.78 -18.36 -20.60
C GLY B 179 -46.45 -19.04 -20.55
N LYS B 180 -45.35 -18.31 -20.74
CA LYS B 180 -44.00 -18.88 -20.63
C LYS B 180 -43.49 -18.86 -19.19
N LEU B 181 -44.41 -18.93 -18.22
CA LEU B 181 -44.15 -18.54 -16.84
C LEU B 181 -44.26 -19.76 -15.92
N ASP B 182 -43.33 -19.87 -14.98
CA ASP B 182 -43.46 -20.84 -13.91
C ASP B 182 -44.39 -20.30 -12.83
N PRO B 183 -45.08 -21.17 -12.10
CA PRO B 183 -46.06 -20.69 -11.11
C PRO B 183 -45.39 -20.04 -9.91
N VAL B 184 -46.07 -19.05 -9.33
CA VAL B 184 -45.51 -18.25 -8.24
C VAL B 184 -46.38 -18.43 -7.01
N ILE B 185 -45.81 -18.10 -5.86
CA ILE B 185 -46.36 -18.46 -4.57
C ILE B 185 -46.30 -17.24 -3.67
N GLY B 186 -47.43 -16.55 -3.53
CA GLY B 186 -47.69 -15.62 -2.44
C GLY B 186 -46.74 -14.46 -2.28
N ARG B 187 -46.34 -13.83 -3.38
CA ARG B 187 -45.27 -12.85 -3.35
C ARG B 187 -45.85 -11.44 -3.16
N ASP B 188 -46.19 -11.12 -1.91
CA ASP B 188 -47.06 -9.98 -1.65
C ASP B 188 -46.28 -8.68 -1.48
N GLU B 189 -45.27 -8.69 -0.59
CA GLU B 189 -44.68 -7.44 -0.09
C GLU B 189 -43.87 -6.73 -1.17
N GLU B 190 -43.06 -7.50 -1.90
CA GLU B 190 -42.22 -6.94 -2.95
C GLU B 190 -43.04 -6.46 -4.15
N ILE B 191 -44.13 -7.16 -4.48
CA ILE B 191 -44.91 -6.78 -5.66
C ILE B 191 -45.79 -5.55 -5.35
N ARG B 192 -46.32 -5.47 -4.12
CA ARG B 192 -47.11 -4.29 -3.77
C ARG B 192 -46.23 -3.04 -3.63
N ARG B 193 -45.01 -3.23 -3.10
CA ARG B 193 -44.01 -2.15 -3.11
C ARG B 193 -43.67 -1.73 -4.54
N THR B 194 -43.61 -2.70 -5.47
CA THR B 194 -43.38 -2.38 -6.88
C THR B 194 -44.51 -1.54 -7.45
N ILE B 195 -45.75 -1.81 -7.02
CA ILE B 195 -46.91 -1.04 -7.48
C ILE B 195 -46.83 0.41 -6.99
N GLN B 196 -46.60 0.62 -5.69
CA GLN B 196 -46.60 1.99 -5.17
C GLN B 196 -45.40 2.79 -5.66
N VAL B 197 -44.26 2.11 -5.89
CA VAL B 197 -43.13 2.80 -6.51
C VAL B 197 -43.45 3.17 -7.95
N LEU B 198 -44.14 2.29 -8.68
CA LEU B 198 -44.47 2.58 -10.08
C LEU B 198 -45.60 3.61 -10.21
N GLN B 199 -46.25 3.97 -9.10
CA GLN B 199 -47.23 5.06 -9.18
C GLN B 199 -46.64 6.43 -8.82
N ARG B 200 -45.40 6.48 -8.34
CA ARG B 200 -44.67 7.75 -8.28
C ARG B 200 -44.52 8.36 -9.67
N ARG B 201 -44.58 9.70 -9.74
CA ARG B 201 -44.55 10.36 -11.05
C ARG B 201 -43.14 10.37 -11.63
N THR B 202 -42.14 10.40 -10.76
CA THR B 202 -40.74 10.25 -11.14
C THR B 202 -40.11 9.18 -10.25
N LYS B 203 -38.86 8.84 -10.55
CA LYS B 203 -38.10 7.68 -10.03
C LYS B 203 -38.94 6.38 -10.01
N ASN B 204 -39.76 6.19 -11.04
CA ASN B 204 -40.58 5.00 -11.22
C ASN B 204 -39.84 3.93 -12.03
N ASN B 205 -38.53 3.84 -11.84
CA ASN B 205 -37.72 2.77 -12.39
C ASN B 205 -37.22 1.96 -11.22
N PRO B 206 -38.03 1.07 -10.66
CA PRO B 206 -37.64 0.38 -9.43
C PRO B 206 -36.56 -0.65 -9.71
N VAL B 207 -35.61 -0.75 -8.80
CA VAL B 207 -34.48 -1.68 -8.90
C VAL B 207 -34.54 -2.60 -7.69
N LEU B 208 -34.56 -3.90 -7.94
CA LEU B 208 -34.76 -4.88 -6.87
C LEU B 208 -33.43 -5.38 -6.34
N ILE B 209 -33.14 -5.04 -5.08
CA ILE B 209 -31.89 -5.39 -4.43
C ILE B 209 -31.92 -6.87 -4.07
N GLY B 210 -31.16 -7.67 -4.81
CA GLY B 210 -31.15 -9.10 -4.58
C GLY B 210 -30.40 -9.79 -5.71
N GLU B 211 -30.25 -11.08 -5.56
CA GLU B 211 -29.61 -11.89 -6.58
C GLU B 211 -30.58 -12.90 -7.14
N PRO B 212 -30.40 -13.33 -8.39
CA PRO B 212 -31.23 -14.41 -8.93
C PRO B 212 -30.97 -15.73 -8.21
N GLY B 213 -32.06 -16.46 -7.98
CA GLY B 213 -32.08 -17.54 -7.02
C GLY B 213 -33.08 -17.33 -5.89
N VAL B 214 -33.40 -16.07 -5.59
CA VAL B 214 -34.61 -15.78 -4.84
C VAL B 214 -35.80 -15.74 -5.79
N GLY B 215 -35.51 -15.62 -7.08
CA GLY B 215 -36.51 -15.65 -8.11
C GLY B 215 -37.05 -14.30 -8.51
N LYS B 216 -36.17 -13.33 -8.77
CA LYS B 216 -36.61 -11.99 -9.15
C LYS B 216 -37.29 -12.00 -10.52
N THR B 217 -36.69 -12.72 -11.47
CA THR B 217 -37.35 -12.97 -12.75
C THR B 217 -38.67 -13.73 -12.56
N ALA B 218 -38.72 -14.63 -11.57
CA ALA B 218 -39.96 -15.33 -11.25
C ALA B 218 -40.97 -14.41 -10.56
N ILE B 219 -40.49 -13.39 -9.82
CA ILE B 219 -41.40 -12.38 -9.28
C ILE B 219 -41.99 -11.55 -10.42
N VAL B 220 -41.20 -11.29 -11.46
CA VAL B 220 -41.74 -10.63 -12.65
C VAL B 220 -42.71 -11.55 -13.39
N GLU B 221 -42.43 -12.86 -13.37
CA GLU B 221 -43.35 -13.85 -13.93
C GLU B 221 -44.66 -13.89 -13.15
N GLY B 222 -44.62 -13.53 -11.86
CA GLY B 222 -45.82 -13.55 -11.06
C GLY B 222 -46.60 -12.27 -11.14
N LEU B 223 -45.91 -11.14 -11.32
CA LEU B 223 -46.59 -9.90 -11.70
C LEU B 223 -47.22 -10.05 -13.09
N ALA B 224 -46.64 -10.90 -13.93
CA ALA B 224 -47.27 -11.24 -15.20
C ALA B 224 -48.38 -12.26 -15.00
N GLN B 225 -48.36 -13.01 -13.89
CA GLN B 225 -49.54 -13.79 -13.51
C GLN B 225 -50.59 -12.92 -12.83
N ARG B 226 -50.24 -11.69 -12.48
CA ARG B 226 -51.25 -10.80 -11.91
C ARG B 226 -51.73 -9.84 -12.98
N ILE B 227 -51.01 -9.75 -14.08
CA ILE B 227 -51.56 -9.17 -15.30
C ILE B 227 -52.45 -10.20 -16.00
N ILE B 228 -51.95 -11.43 -16.12
CA ILE B 228 -52.69 -12.42 -16.91
C ILE B 228 -53.69 -13.17 -16.03
N ASN B 229 -53.55 -13.06 -14.72
CA ASN B 229 -54.64 -13.50 -13.86
C ASN B 229 -55.46 -12.31 -13.39
N GLY B 230 -55.17 -11.11 -13.91
CA GLY B 230 -55.98 -9.94 -13.66
C GLY B 230 -55.86 -9.36 -12.27
N GLU B 231 -54.77 -9.63 -11.57
CA GLU B 231 -54.71 -9.33 -10.14
C GLU B 231 -53.94 -8.04 -9.87
N VAL B 232 -53.63 -7.27 -10.90
CA VAL B 232 -52.99 -5.96 -10.78
C VAL B 232 -54.04 -4.88 -10.50
N PRO B 233 -53.69 -3.78 -9.80
CA PRO B 233 -54.69 -2.75 -9.49
C PRO B 233 -55.10 -1.88 -10.66
N GLU B 234 -55.90 -0.85 -10.36
CA GLU B 234 -56.46 0.04 -11.39
C GLU B 234 -55.40 0.92 -12.02
N GLY B 235 -54.28 1.13 -11.32
CA GLY B 235 -53.22 1.96 -11.89
C GLY B 235 -52.52 1.29 -13.05
N LEU B 236 -52.17 0.01 -12.91
CA LEU B 236 -51.39 -0.68 -13.92
C LEU B 236 -52.23 -1.52 -14.87
N LYS B 237 -53.52 -1.21 -15.02
CA LYS B 237 -54.33 -1.91 -16.02
C LYS B 237 -54.53 -1.03 -17.26
N GLY B 238 -54.68 -1.68 -18.41
CA GLY B 238 -54.78 -0.98 -19.66
C GLY B 238 -53.47 -0.64 -20.34
N ARG B 239 -52.35 -0.73 -19.62
CA ARG B 239 -51.04 -0.38 -20.15
C ARG B 239 -50.51 -1.48 -21.06
N ARG B 240 -49.95 -1.07 -22.19
CA ARG B 240 -49.48 -2.01 -23.19
C ARG B 240 -47.95 -2.06 -23.12
N VAL B 241 -47.46 -3.14 -22.49
CA VAL B 241 -46.09 -3.21 -21.99
C VAL B 241 -45.28 -4.07 -22.94
N LEU B 242 -44.31 -3.45 -23.62
CA LEU B 242 -43.49 -4.10 -24.62
C LEU B 242 -42.07 -4.24 -24.07
N ALA B 243 -41.50 -5.45 -24.19
CA ALA B 243 -40.17 -5.75 -23.68
C ALA B 243 -39.15 -5.71 -24.80
N LEU B 244 -38.00 -5.09 -24.52
CA LEU B 244 -36.87 -5.08 -25.44
C LEU B 244 -36.18 -6.43 -25.44
N ASP B 245 -35.72 -6.84 -26.61
CA ASP B 245 -34.91 -8.05 -26.72
C ASP B 245 -33.61 -7.67 -27.42
N MET B 246 -32.55 -7.50 -26.63
CA MET B 246 -31.23 -7.26 -27.19
C MET B 246 -30.74 -8.49 -27.95
N GLY B 247 -31.12 -9.67 -27.48
CA GLY B 247 -30.86 -10.89 -28.24
C GLY B 247 -31.60 -10.93 -29.56
N ALA B 248 -32.67 -10.15 -29.70
CA ALA B 248 -33.25 -9.94 -31.02
C ALA B 248 -32.59 -8.76 -31.71
N LEU B 249 -32.01 -7.84 -30.94
CA LEU B 249 -31.43 -6.64 -31.53
C LEU B 249 -30.07 -6.92 -32.16
N VAL B 250 -29.45 -8.05 -31.84
CA VAL B 250 -28.18 -8.38 -32.49
C VAL B 250 -28.40 -8.89 -33.91
N ALA B 251 -29.64 -9.24 -34.24
CA ALA B 251 -29.97 -9.77 -35.55
C ALA B 251 -29.89 -8.69 -36.62
N GLY B 252 -29.25 -9.01 -37.73
CA GLY B 252 -29.12 -8.11 -38.84
C GLY B 252 -27.97 -7.13 -38.74
N ALA B 253 -26.87 -7.52 -38.09
CA ALA B 253 -25.68 -6.67 -37.98
C ALA B 253 -24.48 -7.40 -38.57
N LYS B 254 -24.00 -6.90 -39.71
CA LYS B 254 -22.83 -7.51 -40.35
C LYS B 254 -21.64 -6.56 -40.39
N TYR B 255 -21.77 -5.41 -41.06
CA TYR B 255 -20.73 -4.40 -41.05
C TYR B 255 -20.74 -3.73 -39.68
N ARG B 256 -19.62 -3.12 -39.33
CA ARG B 256 -19.40 -2.71 -37.95
C ARG B 256 -20.23 -1.48 -37.60
N GLY B 257 -21.30 -1.69 -36.83
CA GLY B 257 -22.17 -0.61 -36.40
C GLY B 257 -23.65 -0.76 -36.74
N GLU B 258 -24.21 -1.97 -36.79
CA GLU B 258 -25.63 -2.07 -37.11
C GLU B 258 -26.49 -2.50 -35.92
N PHE B 259 -25.87 -3.03 -34.86
CA PHE B 259 -26.60 -3.26 -33.62
C PHE B 259 -27.10 -1.96 -33.02
N GLU B 260 -26.29 -0.91 -33.08
CA GLU B 260 -26.70 0.37 -32.53
C GLU B 260 -27.53 1.17 -33.55
N GLU B 261 -27.43 0.79 -34.84
CA GLU B 261 -28.47 1.17 -35.81
C GLU B 261 -29.84 0.73 -35.32
N ARG B 262 -29.98 -0.56 -35.03
CA ARG B 262 -31.31 -1.05 -34.69
C ARG B 262 -31.68 -0.66 -33.25
N LEU B 263 -30.66 -0.37 -32.43
CA LEU B 263 -30.91 0.08 -31.06
C LEU B 263 -31.42 1.52 -31.04
N LYS B 264 -30.84 2.40 -31.87
CA LYS B 264 -31.37 3.77 -31.87
C LYS B 264 -32.63 3.87 -32.72
N GLY B 265 -32.88 2.89 -33.58
CA GLY B 265 -34.22 2.75 -34.13
C GLY B 265 -35.24 2.39 -33.07
N VAL B 266 -34.83 1.56 -32.09
CA VAL B 266 -35.68 1.31 -30.93
C VAL B 266 -35.87 2.61 -30.13
N LEU B 267 -34.86 3.48 -30.12
CA LEU B 267 -35.06 4.79 -29.53
C LEU B 267 -35.99 5.66 -30.40
N ASN B 268 -36.04 5.40 -31.71
CA ASN B 268 -36.98 6.13 -32.56
C ASN B 268 -38.44 5.75 -32.28
N ASP B 269 -38.76 4.44 -32.33
CA ASP B 269 -40.18 4.08 -32.18
C ASP B 269 -40.66 4.11 -30.73
N LEU B 270 -39.77 3.80 -29.77
CA LEU B 270 -40.15 4.04 -28.38
C LEU B 270 -40.03 5.51 -28.01
N ALA B 271 -39.45 6.33 -28.88
CA ALA B 271 -39.53 7.78 -28.71
C ALA B 271 -40.89 8.32 -29.18
N LYS B 272 -41.40 7.80 -30.31
CA LYS B 272 -42.72 8.27 -30.76
C LYS B 272 -43.84 7.65 -29.94
N GLN B 273 -43.57 6.52 -29.26
CA GLN B 273 -44.62 5.82 -28.55
C GLN B 273 -45.10 6.63 -27.34
N GLU B 274 -44.19 7.38 -26.71
CA GLU B 274 -44.47 8.47 -25.79
C GLU B 274 -45.25 8.03 -24.55
N GLY B 275 -44.68 7.11 -23.78
CA GLY B 275 -45.31 6.69 -22.53
C GLY B 275 -46.21 5.47 -22.52
N ASN B 276 -46.57 4.95 -23.71
CA ASN B 276 -47.48 3.81 -23.81
C ASN B 276 -46.80 2.53 -23.33
N VAL B 277 -45.49 2.45 -23.48
CA VAL B 277 -44.74 1.24 -23.22
C VAL B 277 -43.95 1.38 -21.93
N ILE B 278 -44.26 0.54 -20.95
CA ILE B 278 -43.37 0.28 -19.82
C ILE B 278 -42.31 -0.68 -20.33
N LEU B 279 -41.06 -0.43 -19.98
CA LEU B 279 -39.98 -1.31 -20.37
C LEU B 279 -39.66 -2.27 -19.23
N PHE B 280 -39.36 -3.52 -19.57
CA PHE B 280 -38.70 -4.45 -18.67
C PHE B 280 -37.39 -4.90 -19.30
N ILE B 281 -36.29 -4.70 -18.58
CA ILE B 281 -34.98 -5.09 -19.04
C ILE B 281 -34.63 -6.36 -18.29
N ASP B 282 -34.78 -7.50 -18.96
CA ASP B 282 -34.26 -8.74 -18.44
C ASP B 282 -32.76 -8.61 -18.34
N ALA B 283 -32.24 -8.81 -17.13
CA ALA B 283 -30.88 -8.47 -16.72
C ALA B 283 -30.66 -6.97 -16.93
N LEU B 284 -31.22 -6.14 -16.04
CA LEU B 284 -30.99 -4.70 -16.02
C LEU B 284 -29.50 -4.33 -16.15
N HIS B 285 -28.61 -5.08 -15.49
CA HIS B 285 -27.20 -4.68 -15.45
C HIS B 285 -26.48 -4.94 -16.78
N THR B 286 -27.21 -5.39 -17.81
CA THR B 286 -26.76 -5.20 -19.17
C THR B 286 -26.78 -3.72 -19.57
N MET B 287 -27.77 -2.96 -19.09
CA MET B 287 -27.94 -1.59 -19.58
C MET B 287 -26.93 -0.62 -18.98
N ALA B 299 -21.79 0.49 -21.34
CA ALA B 299 -22.60 1.64 -21.74
C ALA B 299 -22.80 2.57 -20.56
N GLY B 300 -23.71 3.54 -20.68
CA GLY B 300 -24.12 4.30 -19.53
C GLY B 300 -24.31 5.78 -19.76
N ASN B 301 -23.54 6.39 -20.66
CA ASN B 301 -23.72 7.81 -20.94
C ASN B 301 -24.93 8.04 -21.87
N MET B 302 -25.38 6.98 -22.55
CA MET B 302 -26.43 7.13 -23.54
C MET B 302 -27.78 6.61 -23.04
N LEU B 303 -27.80 5.85 -21.93
CA LEU B 303 -29.06 5.51 -21.28
C LEU B 303 -29.62 6.70 -20.50
N LYS B 304 -28.82 7.75 -20.33
CA LYS B 304 -29.20 8.89 -19.51
C LYS B 304 -30.15 9.92 -20.17
N PRO B 305 -29.94 10.44 -21.40
CA PRO B 305 -30.79 11.57 -21.84
C PRO B 305 -32.23 11.20 -22.16
N ALA B 306 -32.51 9.97 -22.57
CA ALA B 306 -33.88 9.57 -22.88
C ALA B 306 -34.72 9.49 -21.61
N LEU B 307 -34.19 8.88 -20.56
CA LEU B 307 -34.87 8.83 -19.28
C LEU B 307 -34.93 10.21 -18.62
N ALA B 308 -33.89 11.03 -18.81
CA ALA B 308 -33.84 12.34 -18.16
C ALA B 308 -34.81 13.32 -18.80
N ARG B 309 -34.99 13.23 -20.12
CA ARG B 309 -36.05 14.00 -20.75
C ARG B 309 -37.42 13.40 -20.44
N GLY B 310 -37.47 12.10 -20.14
CA GLY B 310 -38.73 11.44 -19.85
C GLY B 310 -39.29 10.64 -21.00
N GLU B 311 -38.44 10.11 -21.88
CA GLU B 311 -38.90 9.53 -23.13
C GLU B 311 -39.43 8.11 -22.98
N LEU B 312 -39.38 7.53 -21.78
CA LEU B 312 -39.75 6.12 -21.60
C LEU B 312 -40.04 5.84 -20.14
N HIS B 313 -40.29 4.56 -19.85
CA HIS B 313 -40.75 4.09 -18.54
C HIS B 313 -40.24 2.67 -18.34
N CYS B 314 -39.41 2.44 -17.31
CA CYS B 314 -38.79 1.12 -17.16
C CYS B 314 -38.80 0.67 -15.71
N VAL B 315 -38.27 -0.55 -15.52
CA VAL B 315 -38.16 -1.23 -14.23
C VAL B 315 -36.83 -1.99 -14.25
N GLY B 316 -36.09 -2.00 -13.13
CA GLY B 316 -34.86 -2.78 -13.08
C GLY B 316 -34.67 -3.76 -11.93
N ALA B 317 -33.50 -4.42 -11.87
CA ALA B 317 -33.12 -5.39 -10.83
C ALA B 317 -31.64 -5.72 -10.92
N THR B 318 -30.93 -5.79 -9.78
CA THR B 318 -29.52 -6.18 -9.76
C THR B 318 -29.09 -6.64 -8.36
N THR B 319 -27.88 -7.20 -8.30
CA THR B 319 -27.15 -7.70 -7.14
C THR B 319 -26.97 -6.60 -6.09
N LEU B 320 -26.93 -7.00 -4.81
CA LEU B 320 -26.62 -6.11 -3.69
C LEU B 320 -25.35 -5.30 -3.92
N ASP B 321 -24.24 -5.98 -4.19
CA ASP B 321 -22.96 -5.29 -4.34
C ASP B 321 -22.94 -4.46 -5.61
N GLU B 322 -23.57 -4.97 -6.68
CA GLU B 322 -23.71 -4.20 -7.91
C GLU B 322 -24.56 -2.96 -7.70
N TYR B 323 -25.57 -3.05 -6.82
CA TYR B 323 -26.43 -1.90 -6.55
C TYR B 323 -25.70 -0.84 -5.75
N ARG B 324 -24.94 -1.29 -4.75
CA ARG B 324 -24.14 -0.40 -3.92
C ARG B 324 -23.04 0.28 -4.73
N GLN B 325 -22.55 -0.38 -5.78
CA GLN B 325 -21.65 0.30 -6.71
C GLN B 325 -22.42 0.88 -7.91
N TYR B 326 -23.75 0.97 -7.80
CA TYR B 326 -24.56 1.45 -8.93
C TYR B 326 -25.13 2.85 -8.69
N ILE B 327 -25.87 3.07 -7.60
CA ILE B 327 -26.70 4.29 -7.62
C ILE B 327 -25.99 5.53 -7.06
N GLU B 328 -25.19 5.38 -5.98
CA GLU B 328 -25.00 6.48 -5.02
C GLU B 328 -24.16 7.63 -5.58
N LYS B 329 -23.32 7.35 -6.56
CA LYS B 329 -22.33 8.34 -6.98
C LYS B 329 -22.95 9.40 -7.89
N ASP B 330 -23.50 8.99 -9.04
CA ASP B 330 -23.95 9.95 -10.05
C ASP B 330 -25.23 10.64 -9.61
N ALA B 331 -25.36 11.90 -10.05
CA ALA B 331 -26.44 12.77 -9.59
C ALA B 331 -27.79 12.29 -10.10
N ALA B 332 -28.00 12.31 -11.42
CA ALA B 332 -29.30 11.94 -11.94
C ALA B 332 -29.52 10.44 -11.87
N LEU B 333 -28.44 9.66 -11.70
CA LEU B 333 -28.63 8.22 -11.54
C LEU B 333 -29.21 7.88 -10.18
N GLU B 334 -28.79 8.57 -9.11
CA GLU B 334 -29.46 8.33 -7.83
C GLU B 334 -30.75 9.13 -7.74
N ARG B 335 -30.96 10.07 -8.66
CA ARG B 335 -32.29 10.64 -8.81
C ARG B 335 -33.30 9.61 -9.28
N ARG B 336 -32.88 8.67 -10.15
CA ARG B 336 -33.86 7.82 -10.81
C ARG B 336 -33.96 6.43 -10.16
N PHE B 337 -32.87 5.68 -10.09
CA PHE B 337 -32.95 4.27 -9.72
C PHE B 337 -33.17 4.12 -8.22
N GLN B 338 -33.97 3.11 -7.85
CA GLN B 338 -34.79 3.14 -6.64
C GLN B 338 -34.61 1.85 -5.84
N LYS B 339 -34.70 1.96 -4.52
CA LYS B 339 -34.45 0.83 -3.63
C LYS B 339 -35.75 0.14 -3.21
N VAL B 340 -35.75 -1.19 -3.25
CA VAL B 340 -36.86 -2.03 -2.79
C VAL B 340 -36.27 -3.21 -2.04
N PHE B 341 -36.73 -3.45 -0.82
CA PHE B 341 -36.28 -4.59 -0.03
C PHE B 341 -36.95 -5.87 -0.54
N VAL B 342 -36.17 -6.71 -1.21
CA VAL B 342 -36.61 -8.04 -1.66
C VAL B 342 -35.60 -9.07 -1.15
N ALA B 343 -36.10 -10.03 -0.38
CA ALA B 343 -35.23 -10.99 0.29
C ALA B 343 -35.73 -12.42 0.09
N GLU B 344 -34.83 -13.45 0.53
CA GLU B 344 -34.92 -14.89 0.66
C GLU B 344 -35.72 -15.26 1.91
N PRO B 345 -36.75 -16.09 1.76
CA PRO B 345 -37.70 -16.30 2.86
C PRO B 345 -37.20 -17.24 3.94
N SER B 346 -38.04 -17.41 4.97
CA SER B 346 -37.81 -18.36 6.04
C SER B 346 -38.21 -19.76 5.61
N VAL B 347 -38.37 -20.64 6.62
CA VAL B 347 -38.59 -22.07 6.41
C VAL B 347 -39.89 -22.35 5.67
N GLU B 348 -41.01 -21.95 6.26
CA GLU B 348 -42.31 -22.42 5.82
C GLU B 348 -42.74 -21.76 4.51
N ASP B 349 -42.13 -20.63 4.19
CA ASP B 349 -42.48 -19.95 2.95
C ASP B 349 -41.80 -20.61 1.75
N THR B 350 -40.54 -21.03 1.91
CA THR B 350 -39.87 -21.83 0.88
C THR B 350 -40.56 -23.19 0.74
N ILE B 351 -41.05 -23.72 1.87
CA ILE B 351 -41.94 -24.89 1.84
C ILE B 351 -43.16 -24.62 0.96
N ALA B 352 -43.75 -23.43 1.08
CA ALA B 352 -44.89 -23.08 0.24
C ALA B 352 -44.51 -22.90 -1.23
N ILE B 353 -43.27 -22.47 -1.50
CA ILE B 353 -42.83 -22.32 -2.88
C ILE B 353 -42.63 -23.69 -3.53
N LEU B 354 -42.03 -24.63 -2.81
CA LEU B 354 -41.86 -25.98 -3.35
C LEU B 354 -43.22 -26.69 -3.51
N ARG B 355 -44.16 -26.41 -2.60
CA ARG B 355 -45.54 -26.90 -2.80
C ARG B 355 -46.17 -26.29 -4.05
N GLY B 356 -45.89 -25.02 -4.33
CA GLY B 356 -46.49 -24.40 -5.50
C GLY B 356 -45.82 -24.83 -6.78
N LEU B 357 -44.62 -25.40 -6.68
CA LEU B 357 -43.88 -25.78 -7.87
C LEU B 357 -43.82 -27.29 -8.08
N LYS B 358 -44.40 -28.08 -7.17
CA LYS B 358 -44.44 -29.52 -7.37
C LYS B 358 -45.44 -29.92 -8.47
N GLU B 359 -46.27 -28.97 -8.94
CA GLU B 359 -46.98 -29.13 -10.20
C GLU B 359 -46.02 -29.40 -11.35
N ARG B 360 -45.11 -28.46 -11.60
CA ARG B 360 -44.15 -28.61 -12.68
C ARG B 360 -43.13 -29.69 -12.37
N TYR B 361 -42.84 -29.89 -11.07
CA TYR B 361 -41.86 -30.90 -10.68
C TYR B 361 -42.37 -32.30 -10.94
N GLU B 362 -43.53 -32.63 -10.36
CA GLU B 362 -44.10 -33.95 -10.54
C GLU B 362 -44.55 -34.17 -11.97
N LEU B 363 -45.26 -33.19 -12.54
CA LEU B 363 -45.86 -33.39 -13.85
C LEU B 363 -44.87 -33.07 -14.97
N HIS B 364 -43.63 -32.74 -14.62
CA HIS B 364 -42.60 -32.61 -15.65
C HIS B 364 -41.54 -33.72 -15.52
N HIS B 365 -41.28 -34.19 -14.30
CA HIS B 365 -40.10 -35.02 -14.08
C HIS B 365 -40.39 -36.52 -13.95
N HIS B 366 -41.61 -36.97 -14.27
CA HIS B 366 -42.06 -38.36 -14.09
C HIS B 366 -41.93 -38.83 -12.64
N VAL B 367 -42.13 -37.93 -11.69
CA VAL B 367 -41.94 -38.22 -10.28
C VAL B 367 -43.17 -37.80 -9.50
N GLN B 368 -43.16 -38.13 -8.22
CA GLN B 368 -44.12 -37.63 -7.25
C GLN B 368 -43.36 -36.94 -6.13
N ILE B 369 -44.05 -36.08 -5.39
CA ILE B 369 -43.48 -35.34 -4.27
C ILE B 369 -44.46 -35.35 -3.11
N THR B 370 -43.96 -35.69 -1.91
CA THR B 370 -44.74 -35.60 -0.69
C THR B 370 -44.35 -34.35 0.10
N ASP B 371 -45.11 -34.08 1.17
CA ASP B 371 -44.88 -32.87 1.97
C ASP B 371 -43.63 -32.90 2.85
N PRO B 372 -43.27 -33.98 3.58
CA PRO B 372 -42.04 -33.89 4.38
C PRO B 372 -40.74 -33.82 3.57
N ALA B 373 -40.75 -34.16 2.29
CA ALA B 373 -39.58 -33.94 1.45
C ALA B 373 -39.40 -32.46 1.15
N ILE B 374 -40.51 -31.75 0.97
CA ILE B 374 -40.48 -30.31 0.77
C ILE B 374 -40.12 -29.60 2.07
N VAL B 375 -40.70 -30.06 3.18
CA VAL B 375 -40.44 -29.43 4.48
C VAL B 375 -39.00 -29.68 4.91
N ALA B 376 -38.52 -30.91 4.76
CA ALA B 376 -37.15 -31.22 5.13
C ALA B 376 -36.15 -30.59 4.16
N ALA B 377 -36.54 -30.44 2.90
CA ALA B 377 -35.67 -29.80 1.91
C ALA B 377 -35.50 -28.32 2.20
N ALA B 378 -36.61 -27.60 2.36
CA ALA B 378 -36.53 -26.16 2.61
C ALA B 378 -36.01 -25.87 4.02
N THR B 379 -36.27 -26.78 4.95
CA THR B 379 -35.87 -26.58 6.35
C THR B 379 -34.38 -26.84 6.54
N LEU B 380 -33.92 -28.03 6.16
CA LEU B 380 -32.51 -28.37 6.34
C LEU B 380 -31.63 -27.59 5.36
N SER B 381 -32.15 -27.34 4.15
CA SER B 381 -31.45 -26.49 3.20
C SER B 381 -31.41 -25.05 3.69
N HIS B 382 -32.45 -24.62 4.42
CA HIS B 382 -32.45 -23.33 5.07
C HIS B 382 -31.39 -23.26 6.16
N ARG B 383 -31.24 -24.36 6.92
CA ARG B 383 -30.42 -24.32 8.12
C ARG B 383 -28.93 -24.46 7.81
N TYR B 384 -28.54 -25.55 7.14
CA TYR B 384 -27.12 -25.88 6.99
C TYR B 384 -26.40 -24.90 6.07
N ILE B 385 -26.80 -24.86 4.81
CA ILE B 385 -26.13 -24.07 3.80
C ILE B 385 -26.61 -22.63 3.99
N ALA B 386 -25.76 -21.82 4.62
CA ALA B 386 -25.97 -20.37 4.58
C ALA B 386 -25.40 -19.74 3.31
N ASP B 387 -24.93 -20.54 2.34
CA ASP B 387 -24.34 -20.02 1.10
C ASP B 387 -25.39 -19.85 0.00
N ARG B 388 -25.95 -20.97 -0.48
CA ARG B 388 -26.81 -20.90 -1.65
C ARG B 388 -28.20 -20.40 -1.28
N GLN B 389 -29.11 -20.50 -2.25
CA GLN B 389 -30.34 -19.73 -2.26
C GLN B 389 -31.54 -20.64 -2.04
N LEU B 390 -32.60 -20.05 -1.55
CA LEU B 390 -33.86 -20.78 -1.50
C LEU B 390 -34.87 -20.17 -2.46
N PRO B 391 -35.63 -21.02 -3.18
CA PRO B 391 -35.58 -22.49 -3.15
C PRO B 391 -34.55 -23.13 -4.09
N ASP B 392 -33.48 -22.41 -4.47
CA ASP B 392 -32.56 -22.81 -5.53
C ASP B 392 -31.92 -24.17 -5.27
N LYS B 393 -31.39 -24.38 -4.06
CA LYS B 393 -30.73 -25.64 -3.77
C LYS B 393 -31.74 -26.78 -3.64
N ALA B 394 -32.98 -26.45 -3.25
CA ALA B 394 -34.04 -27.47 -3.28
C ALA B 394 -34.48 -27.75 -4.72
N ILE B 395 -34.31 -26.77 -5.61
CA ILE B 395 -34.54 -27.01 -7.03
C ILE B 395 -33.44 -27.89 -7.60
N ASP B 396 -32.24 -27.80 -7.02
CA ASP B 396 -31.17 -28.73 -7.36
C ASP B 396 -31.49 -30.14 -6.85
N LEU B 397 -32.13 -30.23 -5.69
CA LEU B 397 -32.48 -31.52 -5.12
C LEU B 397 -33.61 -32.20 -5.90
N ILE B 398 -34.72 -31.48 -6.11
CA ILE B 398 -35.86 -32.06 -6.83
C ILE B 398 -35.52 -32.25 -8.31
N ASP B 399 -34.73 -31.36 -8.87
CA ASP B 399 -34.38 -31.45 -10.29
C ASP B 399 -33.42 -32.61 -10.55
N GLU B 400 -32.26 -32.60 -9.88
CA GLU B 400 -31.27 -33.66 -10.04
C GLU B 400 -31.78 -35.02 -9.58
N ALA B 401 -32.39 -35.06 -8.39
CA ALA B 401 -32.84 -36.33 -7.83
C ALA B 401 -34.06 -36.86 -8.55
N ALA B 402 -34.99 -35.98 -8.94
CA ALA B 402 -36.15 -36.40 -9.71
C ALA B 402 -35.75 -36.97 -11.06
N SER B 403 -34.71 -36.39 -11.68
CA SER B 403 -34.23 -36.97 -12.92
C SER B 403 -33.43 -38.23 -12.68
N SER B 404 -32.91 -38.38 -11.46
CA SER B 404 -32.29 -39.65 -11.08
C SER B 404 -33.34 -40.75 -10.97
N ILE B 405 -34.51 -40.42 -10.41
CA ILE B 405 -35.59 -41.40 -10.31
C ILE B 405 -36.14 -41.73 -11.69
N ARG B 406 -36.30 -40.72 -12.55
CA ARG B 406 -36.78 -40.97 -13.90
C ARG B 406 -35.77 -41.81 -14.70
N MET B 407 -34.49 -41.50 -14.53
CA MET B 407 -33.44 -42.16 -15.27
C MET B 407 -33.24 -43.60 -14.84
N GLN B 408 -33.26 -43.87 -13.52
CA GLN B 408 -33.05 -45.25 -13.08
C GLN B 408 -34.34 -46.06 -13.15
N ILE B 409 -35.50 -45.40 -13.26
CA ILE B 409 -36.71 -46.12 -13.66
C ILE B 409 -36.61 -46.58 -15.09
N ASP B 410 -36.00 -45.76 -15.96
CA ASP B 410 -35.77 -46.17 -17.34
C ASP B 410 -34.83 -47.37 -17.43
N SER B 411 -33.99 -47.58 -16.42
CA SER B 411 -33.10 -48.73 -16.39
C SER B 411 -33.86 -50.01 -16.06
N LYS B 412 -33.27 -51.13 -16.48
CA LYS B 412 -33.74 -52.49 -16.26
C LYS B 412 -33.32 -52.93 -14.85
N PRO B 413 -34.16 -53.70 -14.14
CA PRO B 413 -33.88 -54.00 -12.73
C PRO B 413 -32.68 -54.92 -12.52
N GLU B 414 -32.42 -55.19 -11.24
CA GLU B 414 -31.13 -55.76 -10.84
C GLU B 414 -31.08 -57.27 -11.04
N GLU B 415 -32.15 -57.99 -10.67
CA GLU B 415 -32.17 -59.43 -10.90
C GLU B 415 -32.17 -59.75 -12.39
N LEU B 416 -32.69 -58.80 -13.19
CA LEU B 416 -32.64 -58.89 -14.64
C LEU B 416 -31.21 -58.95 -15.16
N ASP B 417 -30.33 -58.04 -14.71
CA ASP B 417 -29.00 -58.06 -15.31
C ASP B 417 -28.03 -58.97 -14.57
N ARG B 418 -28.34 -59.37 -13.32
CA ARG B 418 -27.70 -60.54 -12.73
C ARG B 418 -27.90 -61.76 -13.62
N LEU B 419 -29.17 -62.05 -13.94
CA LEU B 419 -29.48 -63.19 -14.79
C LEU B 419 -28.96 -62.99 -16.20
N ASP B 420 -28.81 -61.73 -16.65
CA ASP B 420 -28.30 -61.49 -17.99
C ASP B 420 -26.81 -61.82 -18.08
N ARG B 421 -26.04 -61.45 -17.04
CA ARG B 421 -24.64 -61.86 -17.01
C ARG B 421 -24.49 -63.37 -16.92
N ARG B 422 -25.39 -64.01 -16.16
CA ARG B 422 -25.29 -65.47 -16.02
C ARG B 422 -25.67 -66.19 -17.31
N ILE B 423 -26.65 -65.68 -18.07
CA ILE B 423 -27.03 -66.36 -19.31
C ILE B 423 -26.03 -66.08 -20.42
N ILE B 424 -25.36 -64.92 -20.39
CA ILE B 424 -24.37 -64.68 -21.45
C ILE B 424 -23.10 -65.48 -21.17
N GLN B 425 -22.74 -65.68 -19.90
CA GLN B 425 -21.64 -66.58 -19.57
C GLN B 425 -21.98 -68.03 -19.89
N LEU B 426 -23.24 -68.41 -19.70
CA LEU B 426 -23.62 -69.80 -19.95
C LEU B 426 -23.74 -70.07 -21.45
N LYS B 427 -24.11 -69.05 -22.23
CA LYS B 427 -24.14 -69.22 -23.68
C LYS B 427 -22.73 -69.27 -24.27
N LEU B 428 -21.81 -68.45 -23.76
CA LEU B 428 -20.43 -68.54 -24.23
C LEU B 428 -19.79 -69.87 -23.82
N GLU B 429 -20.16 -70.40 -22.66
CA GLU B 429 -19.63 -71.71 -22.27
C GLU B 429 -20.28 -72.82 -23.09
N GLN B 430 -21.54 -72.63 -23.52
CA GLN B 430 -22.16 -73.59 -24.41
C GLN B 430 -21.51 -73.58 -25.78
N GLN B 431 -21.12 -72.41 -26.28
CA GLN B 431 -20.31 -72.32 -27.49
C GLN B 431 -18.94 -72.95 -27.28
N ALA B 432 -18.42 -72.89 -26.06
CA ALA B 432 -17.19 -73.62 -25.75
C ALA B 432 -17.41 -75.13 -25.71
N LEU B 433 -18.66 -75.56 -25.53
CA LEU B 433 -18.95 -77.00 -25.46
C LEU B 433 -19.35 -77.59 -26.81
N MET B 434 -19.83 -76.77 -27.75
CA MET B 434 -20.34 -77.34 -29.00
C MET B 434 -19.21 -77.72 -29.94
N LYS B 435 -18.18 -76.87 -30.05
CA LYS B 435 -17.03 -77.16 -30.90
C LYS B 435 -16.15 -78.20 -30.21
N GLU B 436 -16.20 -79.43 -30.73
CA GLU B 436 -15.59 -80.58 -30.08
C GLU B 436 -14.62 -81.29 -31.02
N SER B 437 -13.65 -81.99 -30.42
CA SER B 437 -12.80 -82.93 -31.12
C SER B 437 -12.97 -84.35 -30.61
N ASP B 438 -12.95 -84.54 -29.29
CA ASP B 438 -13.30 -85.80 -28.65
C ASP B 438 -14.79 -85.76 -28.33
N GLU B 439 -15.55 -86.66 -28.95
CA GLU B 439 -17.00 -86.61 -28.87
C GLU B 439 -17.51 -87.09 -27.50
N ALA B 440 -17.01 -88.21 -27.01
CA ALA B 440 -17.56 -88.82 -25.80
C ALA B 440 -17.21 -88.01 -24.55
N SER B 441 -16.20 -87.14 -24.64
CA SER B 441 -15.88 -86.27 -23.51
C SER B 441 -16.66 -84.96 -23.57
N LYS B 442 -17.08 -84.55 -24.78
CA LYS B 442 -17.64 -83.21 -24.93
C LYS B 442 -19.14 -83.22 -25.23
N LYS B 443 -19.78 -84.39 -25.26
CA LYS B 443 -21.24 -84.40 -25.41
C LYS B 443 -22.00 -84.38 -24.10
N ARG B 444 -21.47 -83.72 -23.06
CA ARG B 444 -22.08 -83.73 -21.73
C ARG B 444 -23.08 -82.59 -21.54
N LEU B 445 -23.23 -81.70 -22.52
CA LEU B 445 -23.85 -80.38 -22.38
C LEU B 445 -25.38 -80.39 -22.22
N ASP B 446 -26.02 -81.55 -22.02
CA ASP B 446 -27.47 -81.64 -21.88
C ASP B 446 -27.99 -80.90 -20.66
N MET B 447 -27.33 -81.10 -19.51
CA MET B 447 -27.73 -80.41 -18.30
C MET B 447 -27.46 -78.91 -18.40
N LEU B 448 -26.42 -78.53 -19.14
CA LEU B 448 -26.16 -77.12 -19.43
C LEU B 448 -27.27 -76.53 -20.29
N ASN B 449 -27.84 -77.35 -21.17
CA ASN B 449 -28.93 -76.90 -22.03
C ASN B 449 -30.23 -76.73 -21.24
N GLU B 450 -30.53 -77.64 -20.32
CA GLU B 450 -31.78 -77.49 -19.57
C GLU B 450 -31.68 -76.36 -18.54
N GLU B 451 -30.49 -76.15 -17.97
CA GLU B 451 -30.27 -74.97 -17.14
C GLU B 451 -30.38 -73.68 -17.95
N LEU B 452 -29.92 -73.71 -19.21
CA LEU B 452 -30.08 -72.57 -20.12
C LEU B 452 -31.56 -72.27 -20.36
N SER B 453 -32.36 -73.32 -20.56
CA SER B 453 -33.80 -73.15 -20.77
C SER B 453 -34.48 -72.57 -19.54
N ASP B 454 -34.11 -73.03 -18.35
CA ASP B 454 -34.72 -72.54 -17.12
C ASP B 454 -34.38 -71.07 -16.87
N LYS B 455 -33.11 -70.70 -17.07
CA LYS B 455 -32.70 -69.31 -16.84
C LYS B 455 -33.27 -68.37 -17.90
N GLU B 456 -33.43 -68.84 -19.14
CA GLU B 456 -34.09 -68.02 -20.15
C GLU B 456 -35.57 -67.82 -19.81
N ARG B 457 -36.22 -68.84 -19.25
CA ARG B 457 -37.61 -68.70 -18.82
C ARG B 457 -37.74 -67.67 -17.69
N GLN B 458 -36.82 -67.72 -16.72
CA GLN B 458 -36.91 -66.79 -15.60
C GLN B 458 -36.61 -65.35 -16.01
N TYR B 459 -35.60 -65.16 -16.88
CA TYR B 459 -35.28 -63.83 -17.36
C TYR B 459 -36.41 -63.27 -18.23
N SER B 460 -37.07 -64.14 -19.01
CA SER B 460 -38.21 -63.71 -19.83
C SER B 460 -39.38 -63.28 -18.97
N GLU B 461 -39.61 -63.98 -17.86
CA GLU B 461 -40.71 -63.61 -16.97
C GLU B 461 -40.42 -62.31 -16.24
N LEU B 462 -39.17 -62.09 -15.82
CA LEU B 462 -38.84 -60.87 -15.09
C LEU B 462 -38.86 -59.64 -16.00
N GLU B 463 -38.38 -59.78 -17.24
CA GLU B 463 -38.48 -58.65 -18.16
C GLU B 463 -39.91 -58.45 -18.63
N GLU B 464 -40.72 -59.51 -18.62
CA GLU B 464 -42.16 -59.37 -18.82
C GLU B 464 -42.79 -58.55 -17.70
N GLU B 465 -42.31 -58.73 -16.46
CA GLU B 465 -42.78 -57.90 -15.35
C GLU B 465 -42.34 -56.45 -15.53
N TRP B 466 -41.14 -56.24 -16.10
CA TRP B 466 -40.68 -54.89 -16.40
C TRP B 466 -41.58 -54.22 -17.44
N LYS B 467 -42.00 -54.97 -18.45
CA LYS B 467 -42.92 -54.41 -19.45
C LYS B 467 -44.33 -54.24 -18.88
N ALA B 468 -44.69 -55.00 -17.85
CA ALA B 468 -45.97 -54.79 -17.18
C ALA B 468 -45.98 -53.46 -16.41
N GLU B 469 -44.87 -53.17 -15.73
CA GLU B 469 -44.73 -51.85 -15.11
C GLU B 469 -44.65 -50.75 -16.16
N LYS B 470 -44.08 -51.06 -17.33
CA LYS B 470 -44.09 -50.10 -18.44
C LYS B 470 -45.47 -49.97 -19.06
N ALA B 471 -46.36 -50.94 -18.80
CA ALA B 471 -47.74 -50.82 -19.28
C ALA B 471 -48.55 -49.93 -18.36
N SER B 472 -48.32 -50.07 -17.05
CA SER B 472 -48.85 -49.11 -16.08
C SER B 472 -48.34 -47.71 -16.37
N LEU B 473 -47.06 -47.59 -16.72
CA LEU B 473 -46.50 -46.29 -17.07
C LEU B 473 -46.94 -45.83 -18.45
N SER B 474 -47.42 -46.75 -19.30
CA SER B 474 -47.97 -46.33 -20.58
C SER B 474 -49.32 -45.66 -20.39
N GLY B 475 -50.23 -46.35 -19.69
CA GLY B 475 -51.53 -45.78 -19.40
C GLY B 475 -51.45 -44.51 -18.56
N THR B 476 -50.59 -44.53 -17.53
CA THR B 476 -50.46 -43.33 -16.72
C THR B 476 -49.64 -42.27 -17.44
N GLN B 477 -48.90 -42.66 -18.49
CA GLN B 477 -48.16 -41.69 -19.28
C GLN B 477 -49.09 -40.88 -20.16
N THR B 478 -49.97 -41.56 -20.90
CA THR B 478 -50.94 -40.84 -21.73
C THR B 478 -51.96 -40.09 -20.88
N ILE B 479 -52.26 -40.60 -19.68
CA ILE B 479 -53.20 -39.85 -18.83
C ILE B 479 -52.49 -38.71 -18.11
N LYS B 480 -51.15 -38.77 -18.02
CA LYS B 480 -50.39 -37.58 -17.61
C LYS B 480 -50.47 -36.50 -18.66
N ALA B 481 -50.32 -36.88 -19.94
CA ALA B 481 -50.40 -35.90 -21.03
C ALA B 481 -51.79 -35.27 -21.10
N GLU B 482 -52.84 -36.11 -21.13
CA GLU B 482 -54.20 -35.59 -21.18
C GLU B 482 -54.59 -34.93 -19.85
N LEU B 483 -53.85 -35.23 -18.77
CA LEU B 483 -54.10 -34.60 -17.49
C LEU B 483 -53.63 -33.14 -17.47
N GLU B 484 -52.37 -32.91 -17.89
CA GLU B 484 -51.86 -31.52 -17.96
C GLU B 484 -52.63 -30.72 -19.00
N GLN B 485 -53.05 -31.38 -20.10
CA GLN B 485 -53.93 -30.71 -21.05
C GLN B 485 -55.29 -30.38 -20.44
N ALA B 486 -55.73 -31.19 -19.46
CA ALA B 486 -57.04 -30.96 -18.86
C ALA B 486 -57.01 -29.80 -17.87
N LYS B 487 -55.95 -29.68 -17.05
CA LYS B 487 -55.91 -28.57 -16.11
C LYS B 487 -55.52 -27.27 -16.78
N ILE B 488 -54.69 -27.35 -17.84
CA ILE B 488 -54.49 -26.18 -18.69
C ILE B 488 -55.79 -25.81 -19.40
N ALA B 489 -56.61 -26.82 -19.72
CA ALA B 489 -57.91 -26.56 -20.34
C ALA B 489 -58.87 -25.86 -19.36
N ILE B 490 -58.86 -26.25 -18.08
CA ILE B 490 -59.77 -25.61 -17.14
C ILE B 490 -59.26 -24.22 -16.78
N GLU B 491 -57.95 -24.01 -16.81
CA GLU B 491 -57.43 -22.68 -16.48
C GLU B 491 -57.61 -21.70 -17.64
N GLN B 492 -57.40 -22.16 -18.88
CA GLN B 492 -57.71 -21.33 -20.03
C GLN B 492 -59.21 -21.12 -20.17
N ALA B 493 -60.00 -22.08 -19.72
CA ALA B 493 -61.44 -21.90 -19.63
C ALA B 493 -61.79 -20.84 -18.61
N ARG B 494 -60.99 -20.73 -17.55
CA ARG B 494 -61.15 -19.60 -16.63
C ARG B 494 -60.69 -18.29 -17.27
N ARG B 495 -59.75 -18.37 -18.22
CA ARG B 495 -59.17 -17.14 -18.76
C ARG B 495 -60.05 -16.52 -19.84
N VAL B 496 -60.22 -17.22 -20.96
CA VAL B 496 -60.78 -16.55 -22.13
C VAL B 496 -62.31 -16.50 -22.06
N GLY B 497 -62.94 -17.53 -21.49
CA GLY B 497 -64.35 -17.45 -21.15
C GLY B 497 -65.36 -17.94 -22.17
N ASP B 498 -65.29 -19.22 -22.58
CA ASP B 498 -66.38 -19.83 -23.34
C ASP B 498 -67.35 -20.47 -22.35
N LEU B 499 -68.66 -20.29 -22.57
CA LEU B 499 -69.65 -20.58 -21.53
C LEU B 499 -69.86 -22.08 -21.35
N ALA B 500 -70.16 -22.80 -22.44
CA ALA B 500 -70.45 -24.22 -22.33
C ALA B 500 -69.19 -25.03 -22.07
N ARG B 501 -68.03 -24.50 -22.43
CA ARG B 501 -66.80 -25.24 -22.23
C ARG B 501 -66.39 -25.25 -20.76
N MET B 502 -66.75 -24.19 -20.02
CA MET B 502 -66.41 -24.12 -18.60
C MET B 502 -67.16 -25.17 -17.79
N SER B 503 -68.50 -25.17 -17.86
CA SER B 503 -69.27 -26.21 -17.16
C SER B 503 -69.03 -27.58 -17.78
N GLU B 504 -68.74 -27.61 -19.08
CA GLU B 504 -68.38 -28.84 -19.78
C GLU B 504 -67.15 -29.49 -19.16
N LEU B 505 -66.16 -28.70 -18.78
CA LEU B 505 -64.97 -29.26 -18.16
C LEU B 505 -65.16 -29.44 -16.66
N GLN B 506 -65.87 -28.50 -16.02
CA GLN B 506 -66.05 -28.53 -14.56
C GLN B 506 -66.87 -29.74 -14.12
N TYR B 507 -68.10 -29.85 -14.60
CA TYR B 507 -68.88 -31.06 -14.37
C TYR B 507 -68.91 -31.80 -15.71
N GLY B 508 -68.10 -32.85 -15.79
CA GLY B 508 -67.70 -33.35 -17.09
C GLY B 508 -66.32 -33.98 -17.06
N LYS B 509 -65.39 -33.42 -17.85
CA LYS B 509 -64.20 -34.17 -18.23
C LYS B 509 -63.17 -34.27 -17.11
N ILE B 510 -62.86 -33.17 -16.41
CA ILE B 510 -61.72 -33.18 -15.48
C ILE B 510 -61.95 -33.94 -14.17
N PRO B 511 -63.16 -34.03 -13.56
CA PRO B 511 -63.25 -34.92 -12.38
C PRO B 511 -63.25 -36.39 -12.74
N GLU B 512 -63.63 -36.74 -13.97
CA GLU B 512 -63.43 -38.10 -14.48
C GLU B 512 -61.96 -38.45 -14.49
N LEU B 513 -61.13 -37.54 -14.97
CA LEU B 513 -59.68 -37.75 -14.97
C LEU B 513 -59.10 -37.67 -13.57
N GLU B 514 -59.82 -37.04 -12.63
CA GLU B 514 -59.43 -37.10 -11.23
C GLU B 514 -59.70 -38.48 -10.64
N LYS B 515 -60.87 -39.07 -10.95
CA LYS B 515 -61.23 -40.37 -10.37
C LYS B 515 -60.36 -41.49 -10.96
N GLN B 516 -60.23 -41.54 -12.29
CA GLN B 516 -59.36 -42.57 -12.85
C GLN B 516 -57.90 -42.16 -12.76
N LEU B 517 -57.62 -40.91 -12.37
CA LEU B 517 -56.28 -40.57 -11.88
C LEU B 517 -56.00 -41.25 -10.56
N GLU B 518 -56.99 -41.31 -9.67
CA GLU B 518 -56.83 -42.08 -8.43
C GLU B 518 -56.73 -43.58 -8.72
N ALA B 519 -57.46 -44.05 -9.74
CA ALA B 519 -57.31 -45.44 -10.18
C ALA B 519 -55.96 -45.69 -10.83
N ALA B 520 -55.34 -44.64 -11.38
CA ALA B 520 -53.99 -44.78 -11.92
C ALA B 520 -52.94 -44.76 -10.81
N THR B 521 -53.21 -44.04 -9.72
CA THR B 521 -52.30 -44.09 -8.57
C THR B 521 -52.42 -45.44 -7.86
N GLN B 522 -53.59 -46.07 -7.91
CA GLN B 522 -53.67 -47.45 -7.45
C GLN B 522 -53.08 -48.42 -8.47
N LEU B 523 -53.06 -48.03 -9.75
CA LEU B 523 -52.40 -48.84 -10.78
C LEU B 523 -50.89 -48.90 -10.55
N GLU B 524 -50.27 -47.76 -10.24
CA GLU B 524 -48.88 -47.79 -9.83
C GLU B 524 -48.74 -48.31 -8.39
N GLY B 525 -49.82 -48.27 -7.62
CA GLY B 525 -49.76 -48.75 -6.26
C GLY B 525 -49.85 -50.26 -6.15
N LYS B 526 -50.15 -50.92 -7.27
CA LYS B 526 -50.22 -52.39 -7.26
C LYS B 526 -49.37 -53.03 -8.36
N THR B 527 -48.97 -52.26 -9.38
CA THR B 527 -48.13 -52.84 -10.43
C THR B 527 -46.65 -52.63 -10.16
N MET B 528 -46.28 -51.51 -9.53
CA MET B 528 -44.88 -51.11 -9.45
C MET B 528 -44.19 -51.82 -8.30
N ARG B 529 -43.53 -52.94 -8.62
CA ARG B 529 -42.80 -53.72 -7.63
C ARG B 529 -41.31 -53.45 -7.72
N LEU B 530 -40.71 -53.66 -8.88
CA LEU B 530 -39.29 -53.45 -9.04
C LEU B 530 -38.92 -51.98 -9.12
N LEU B 531 -39.48 -51.26 -10.07
CA LEU B 531 -39.21 -49.84 -10.24
C LEU B 531 -40.05 -49.07 -9.24
N ARG B 532 -39.46 -48.03 -8.68
CA ARG B 532 -40.08 -47.23 -7.64
C ARG B 532 -40.38 -45.84 -8.20
N ASN B 533 -41.65 -45.58 -8.49
CA ASN B 533 -42.07 -44.30 -9.05
C ASN B 533 -42.06 -43.15 -8.05
N LYS B 534 -42.25 -43.43 -6.75
CA LYS B 534 -42.40 -42.37 -5.78
C LYS B 534 -41.04 -41.96 -5.20
N VAL B 535 -40.85 -40.66 -5.03
CA VAL B 535 -39.62 -40.10 -4.50
C VAL B 535 -39.77 -39.86 -3.01
N THR B 536 -38.83 -40.37 -2.23
CA THR B 536 -38.80 -40.22 -0.79
C THR B 536 -37.47 -39.65 -0.36
N ASP B 537 -37.22 -39.65 0.96
CA ASP B 537 -36.02 -39.01 1.49
C ASP B 537 -34.78 -39.86 1.28
N ALA B 538 -34.95 -41.14 0.94
CA ALA B 538 -33.80 -42.03 0.85
C ALA B 538 -33.02 -41.80 -0.44
N GLU B 539 -33.72 -41.48 -1.52
CA GLU B 539 -33.04 -41.10 -2.76
C GLU B 539 -32.43 -39.72 -2.62
N ILE B 540 -33.01 -38.87 -1.77
CA ILE B 540 -32.38 -37.60 -1.42
C ILE B 540 -31.11 -37.86 -0.62
N ALA B 541 -31.11 -38.92 0.19
CA ALA B 541 -29.90 -39.33 0.88
C ALA B 541 -28.93 -40.01 -0.08
N GLU B 542 -29.41 -40.50 -1.22
CA GLU B 542 -28.48 -41.01 -2.22
C GLU B 542 -27.77 -39.87 -2.93
N VAL B 543 -28.55 -38.93 -3.48
CA VAL B 543 -27.98 -37.82 -4.24
C VAL B 543 -27.18 -36.91 -3.32
N LEU B 544 -27.65 -36.72 -2.09
CA LEU B 544 -26.93 -35.89 -1.13
C LEU B 544 -25.74 -36.63 -0.54
N ALA B 545 -25.88 -37.95 -0.29
CA ALA B 545 -24.77 -38.73 0.24
C ALA B 545 -23.66 -38.89 -0.79
N ARG B 546 -23.97 -38.64 -2.05
CA ARG B 546 -22.90 -38.60 -3.05
C ARG B 546 -22.61 -37.18 -3.49
N TRP B 547 -23.36 -36.20 -2.96
CA TRP B 547 -22.91 -34.81 -3.01
C TRP B 547 -21.79 -34.56 -2.00
N THR B 548 -22.09 -34.70 -0.71
CA THR B 548 -21.23 -34.11 0.31
C THR B 548 -20.03 -35.00 0.63
N GLY B 549 -20.27 -36.19 1.20
CA GLY B 549 -19.19 -37.07 1.59
C GLY B 549 -18.95 -37.19 3.09
N ILE B 550 -19.59 -36.36 3.89
CA ILE B 550 -19.61 -36.50 5.36
C ILE B 550 -20.40 -37.77 5.63
N PRO B 551 -20.01 -38.60 6.62
CA PRO B 551 -20.72 -39.86 6.87
C PRO B 551 -22.18 -39.66 7.27
N VAL B 552 -23.04 -40.52 6.72
CA VAL B 552 -24.49 -40.40 6.92
C VAL B 552 -24.87 -40.89 8.32
N SER B 553 -23.98 -41.64 8.96
CA SER B 553 -24.24 -42.08 10.33
C SER B 553 -24.20 -40.91 11.30
N ARG B 554 -23.42 -39.87 10.97
CA ARG B 554 -23.38 -38.67 11.80
C ARG B 554 -24.71 -37.93 11.80
N MET B 555 -25.48 -38.05 10.71
CA MET B 555 -26.85 -37.55 10.72
C MET B 555 -27.79 -38.56 11.36
N MET B 556 -27.47 -39.86 11.23
CA MET B 556 -28.23 -40.87 11.95
C MET B 556 -27.95 -40.81 13.45
N GLU B 557 -26.79 -40.28 13.83
CA GLU B 557 -26.54 -39.97 15.23
C GLU B 557 -27.45 -38.83 15.69
N SER B 558 -27.93 -38.95 16.91
CA SER B 558 -28.59 -37.84 17.61
C SER B 558 -27.61 -37.26 18.61
N GLU B 559 -28.00 -36.17 19.26
CA GLU B 559 -27.10 -35.57 20.24
C GLU B 559 -27.06 -36.38 21.53
N ARG B 560 -28.23 -36.78 22.04
CA ARG B 560 -28.32 -37.44 23.35
C ARG B 560 -27.65 -38.81 23.34
N GLU B 561 -27.70 -39.51 22.21
CA GLU B 561 -27.10 -40.83 22.14
C GLU B 561 -25.57 -40.74 22.11
N LYS B 562 -25.02 -39.76 21.39
CA LYS B 562 -23.57 -39.58 21.39
C LYS B 562 -23.10 -38.77 22.58
N LEU B 563 -24.05 -38.34 23.43
CA LEU B 563 -23.67 -37.84 24.76
C LEU B 563 -23.62 -38.95 25.79
N LEU B 564 -24.56 -39.90 25.73
CA LEU B 564 -24.55 -40.99 26.71
C LEU B 564 -23.56 -42.08 26.34
N ARG B 565 -23.34 -42.32 25.05
CA ARG B 565 -22.35 -43.29 24.61
C ARG B 565 -21.05 -42.61 24.16
N MET B 566 -20.64 -41.55 24.85
CA MET B 566 -19.40 -40.86 24.51
C MET B 566 -18.20 -41.57 25.12
N GLU B 567 -18.39 -42.22 26.28
CA GLU B 567 -17.29 -42.87 26.98
C GLU B 567 -16.80 -44.10 26.22
N GLN B 568 -17.67 -44.74 25.44
CA GLN B 568 -17.28 -45.96 24.74
C GLN B 568 -16.35 -45.66 23.57
N GLU B 569 -16.72 -44.70 22.73
CA GLU B 569 -15.88 -44.36 21.58
C GLU B 569 -14.69 -43.51 22.03
N LEU B 570 -14.81 -42.78 23.15
CA LEU B 570 -13.62 -42.16 23.74
C LEU B 570 -12.70 -43.22 24.34
N HIS B 571 -13.23 -44.39 24.70
CA HIS B 571 -12.36 -45.48 25.14
C HIS B 571 -11.99 -46.42 23.99
N HIS B 572 -12.47 -46.17 22.77
CA HIS B 572 -11.87 -46.84 21.61
C HIS B 572 -10.48 -46.29 21.31
N ARG B 573 -10.40 -45.00 20.98
CA ARG B 573 -9.10 -44.41 20.63
C ARG B 573 -8.25 -44.15 21.87
N VAL B 574 -8.74 -43.31 22.78
CA VAL B 574 -7.91 -42.79 23.87
C VAL B 574 -7.97 -43.72 25.07
N ILE B 575 -6.81 -44.04 25.64
CA ILE B 575 -6.70 -44.82 26.86
C ILE B 575 -6.43 -43.84 28.01
N GLY B 576 -7.00 -44.14 29.18
CA GLY B 576 -6.77 -43.33 30.36
C GLY B 576 -7.78 -42.20 30.56
N GLN B 577 -7.50 -41.32 31.53
CA GLN B 577 -8.30 -40.16 31.89
C GLN B 577 -9.76 -40.50 32.20
N ASN B 578 -9.98 -41.30 33.25
CA ASN B 578 -11.33 -41.77 33.57
C ASN B 578 -12.21 -40.65 34.11
N GLU B 579 -11.72 -39.87 35.06
CA GLU B 579 -12.53 -38.78 35.61
C GLU B 579 -12.61 -37.61 34.64
N ALA B 580 -11.66 -37.52 33.71
CA ALA B 580 -11.76 -36.51 32.66
C ALA B 580 -12.85 -36.87 31.65
N VAL B 581 -12.91 -38.14 31.24
CA VAL B 581 -13.94 -38.56 30.29
C VAL B 581 -15.31 -38.54 30.96
N ASP B 582 -15.39 -38.96 32.22
CA ASP B 582 -16.68 -39.01 32.91
C ASP B 582 -17.16 -37.63 33.33
N ALA B 583 -16.27 -36.81 33.90
CA ALA B 583 -16.67 -35.52 34.46
C ALA B 583 -16.75 -34.45 33.37
N VAL B 584 -15.80 -34.47 32.43
CA VAL B 584 -15.90 -33.64 31.24
C VAL B 584 -17.10 -34.07 30.40
N SER B 585 -17.40 -35.37 30.40
CA SER B 585 -18.61 -35.85 29.75
C SER B 585 -19.86 -35.38 30.47
N ASN B 586 -19.78 -35.18 31.79
CA ASN B 586 -20.88 -34.54 32.49
C ASN B 586 -21.02 -33.08 32.09
N ALA B 587 -19.88 -32.39 31.88
CA ALA B 587 -19.94 -30.99 31.47
C ALA B 587 -20.48 -30.83 30.06
N ILE B 588 -20.22 -31.82 29.19
CA ILE B 588 -20.69 -31.74 27.80
C ILE B 588 -22.15 -32.21 27.71
N ARG B 589 -22.54 -33.18 28.54
CA ARG B 589 -23.95 -33.55 28.62
C ARG B 589 -24.80 -32.42 29.20
N ARG B 590 -24.26 -31.70 30.20
CA ARG B 590 -24.93 -30.52 30.70
C ARG B 590 -24.96 -29.40 29.66
N SER B 591 -23.85 -29.21 28.95
CA SER B 591 -23.72 -28.07 28.04
C SER B 591 -24.59 -28.25 26.80
N ARG B 592 -24.50 -29.43 26.17
CA ARG B 592 -25.33 -29.71 25.01
C ARG B 592 -26.77 -29.96 25.42
N ALA B 593 -27.01 -30.41 26.67
CA ALA B 593 -28.38 -30.54 27.15
C ALA B 593 -29.02 -29.17 27.41
N GLY B 594 -28.20 -28.15 27.67
CA GLY B 594 -28.68 -26.83 28.01
C GLY B 594 -28.72 -26.55 29.49
N LEU B 595 -27.85 -27.18 30.28
CA LEU B 595 -27.94 -27.10 31.73
C LEU B 595 -27.07 -25.98 32.28
N ALA B 596 -26.47 -25.20 31.41
CA ALA B 596 -25.84 -23.94 31.77
C ALA B 596 -26.71 -22.81 31.27
N ASP B 597 -26.19 -21.60 31.39
CA ASP B 597 -26.80 -20.47 30.72
C ASP B 597 -26.67 -20.68 29.21
N PRO B 598 -27.77 -20.61 28.45
CA PRO B 598 -27.63 -20.68 26.98
C PRO B 598 -26.91 -19.49 26.36
N ASN B 599 -26.70 -18.41 27.11
CA ASN B 599 -25.79 -17.34 26.70
C ASN B 599 -24.35 -17.62 27.15
N ARG B 600 -23.82 -18.80 26.79
CA ARG B 600 -22.44 -19.17 27.07
C ARG B 600 -21.87 -19.90 25.86
N PRO B 601 -20.56 -20.07 25.75
CA PRO B 601 -20.02 -21.05 24.80
C PRO B 601 -20.29 -22.46 25.29
N ILE B 602 -19.78 -23.43 24.52
CA ILE B 602 -20.15 -24.82 24.77
C ILE B 602 -19.49 -25.33 26.04
N GLY B 603 -18.18 -25.46 26.02
CA GLY B 603 -17.53 -26.06 27.18
C GLY B 603 -16.73 -25.10 28.02
N SER B 604 -17.28 -24.68 29.16
CA SER B 604 -16.61 -23.77 30.09
C SER B 604 -15.72 -24.59 31.01
N PHE B 605 -14.46 -24.77 30.63
CA PHE B 605 -13.57 -25.70 31.31
C PHE B 605 -12.45 -24.95 32.02
N LEU B 606 -11.70 -25.74 32.81
CA LEU B 606 -10.46 -25.31 33.44
C LEU B 606 -9.64 -26.58 33.66
N PHE B 607 -8.55 -26.72 32.92
CA PHE B 607 -7.71 -27.92 33.01
C PHE B 607 -6.35 -27.58 33.60
N LEU B 608 -5.92 -28.38 34.56
CA LEU B 608 -4.59 -28.33 35.16
C LEU B 608 -3.81 -29.58 34.79
N GLY B 609 -2.50 -29.42 34.60
CA GLY B 609 -1.64 -30.55 34.31
C GLY B 609 -0.53 -30.20 33.34
N PRO B 610 0.40 -31.13 33.11
CA PRO B 610 1.54 -30.86 32.23
C PRO B 610 1.13 -30.97 30.76
N THR B 611 2.12 -30.80 29.89
CA THR B 611 1.92 -30.81 28.45
C THR B 611 2.35 -32.17 27.90
N GLY B 612 1.66 -32.63 26.86
CA GLY B 612 2.03 -33.87 26.19
C GLY B 612 1.35 -35.11 26.71
N VAL B 613 0.37 -34.98 27.61
CA VAL B 613 -0.38 -36.12 28.11
C VAL B 613 -1.59 -36.44 27.26
N GLY B 614 -1.89 -35.65 26.25
CA GLY B 614 -2.99 -35.93 25.34
C GLY B 614 -3.99 -34.81 25.15
N LYS B 615 -3.64 -33.55 25.47
CA LYS B 615 -4.57 -32.44 25.28
C LYS B 615 -4.88 -32.23 23.80
N THR B 616 -3.84 -32.15 22.97
CA THR B 616 -4.03 -32.11 21.53
C THR B 616 -4.67 -33.39 21.03
N GLU B 617 -4.34 -34.52 21.67
CA GLU B 617 -4.95 -35.79 21.33
C GLU B 617 -6.42 -35.81 21.74
N LEU B 618 -6.77 -35.09 22.82
CA LEU B 618 -8.17 -34.98 23.22
C LEU B 618 -8.94 -34.09 22.25
N CYS B 619 -8.29 -33.03 21.75
CA CYS B 619 -8.91 -32.18 20.74
C CYS B 619 -9.10 -32.93 19.44
N LYS B 620 -8.16 -33.82 19.09
CA LYS B 620 -8.29 -34.64 17.89
C LYS B 620 -9.36 -35.71 18.06
N ALA B 621 -9.50 -36.25 19.27
CA ALA B 621 -10.47 -37.32 19.48
C ALA B 621 -11.90 -36.78 19.50
N LEU B 622 -12.13 -35.70 20.27
CA LEU B 622 -13.46 -35.10 20.29
C LEU B 622 -13.78 -34.46 18.94
N ALA B 623 -12.76 -33.87 18.31
CA ALA B 623 -12.92 -33.29 16.97
C ALA B 623 -13.27 -34.37 15.95
N ASN B 624 -12.71 -35.57 16.12
CA ASN B 624 -12.96 -36.66 15.18
C ASN B 624 -14.31 -37.31 15.43
N PHE B 625 -14.77 -37.29 16.68
CA PHE B 625 -16.05 -37.91 16.97
C PHE B 625 -17.21 -37.00 16.61
N MET B 626 -17.27 -35.83 17.24
CA MET B 626 -18.43 -34.97 17.01
C MET B 626 -18.16 -33.95 15.92
N PHE B 627 -16.89 -33.70 15.61
CA PHE B 627 -16.59 -32.73 14.58
C PHE B 627 -16.08 -33.38 13.30
N ASP B 628 -15.74 -34.67 13.35
CA ASP B 628 -15.37 -35.54 12.24
C ASP B 628 -14.06 -35.15 11.56
N SER B 629 -12.98 -34.87 12.30
CA SER B 629 -11.73 -34.44 11.66
C SER B 629 -10.51 -34.85 12.49
N ASP B 630 -9.51 -35.36 11.79
CA ASP B 630 -8.16 -35.46 12.33
C ASP B 630 -7.35 -34.18 12.15
N GLU B 631 -7.94 -33.16 11.52
CA GLU B 631 -7.24 -31.92 11.23
C GLU B 631 -7.71 -30.76 12.12
N ALA B 632 -8.64 -31.01 13.05
CA ALA B 632 -9.33 -29.92 13.74
C ALA B 632 -8.80 -29.64 15.15
N MET B 633 -7.86 -28.69 15.24
CA MET B 633 -7.46 -28.02 16.46
C MET B 633 -6.61 -26.80 16.10
N VAL B 634 -6.87 -25.68 16.76
CA VAL B 634 -5.89 -24.60 16.87
C VAL B 634 -5.72 -24.36 18.36
N ARG B 635 -4.50 -24.04 18.79
CA ARG B 635 -4.24 -23.91 20.21
C ARG B 635 -3.63 -22.55 20.54
N ILE B 636 -3.91 -22.07 21.75
CA ILE B 636 -3.44 -20.77 22.23
C ILE B 636 -2.76 -20.94 23.58
N ASP B 637 -1.45 -20.78 23.61
CA ASP B 637 -0.77 -20.36 24.81
C ASP B 637 -0.74 -18.84 24.82
N MET B 638 -0.57 -18.27 26.02
CA MET B 638 -0.74 -16.82 26.16
C MET B 638 0.46 -16.07 25.61
N SER B 639 1.58 -16.77 25.38
CA SER B 639 2.73 -16.16 24.74
C SER B 639 2.67 -16.26 23.22
N GLU B 640 1.60 -16.85 22.67
CA GLU B 640 1.43 -16.86 21.22
C GLU B 640 1.14 -15.46 20.71
N PHE B 641 0.57 -14.61 21.57
CA PHE B 641 -0.51 -13.72 21.18
C PHE B 641 -0.07 -12.73 20.12
N MET B 642 -0.42 -13.06 18.89
CA MET B 642 -0.52 -12.13 17.80
C MET B 642 -1.47 -10.99 18.19
N GLU B 643 -1.03 -9.78 17.90
CA GLU B 643 -1.36 -8.64 18.75
C GLU B 643 -2.62 -7.93 18.28
N LYS B 644 -2.79 -6.70 18.80
CA LYS B 644 -3.85 -5.79 18.36
C LYS B 644 -3.79 -5.53 16.87
N HIS B 645 -2.58 -5.46 16.31
CA HIS B 645 -2.42 -5.31 14.87
C HIS B 645 -2.80 -6.57 14.10
N SER B 646 -2.92 -7.70 14.79
CA SER B 646 -3.08 -8.97 14.08
C SER B 646 -4.53 -9.22 13.69
N VAL B 647 -5.48 -8.60 14.37
CA VAL B 647 -6.86 -8.66 13.90
C VAL B 647 -6.99 -7.86 12.60
N SER B 648 -6.19 -6.79 12.48
CA SER B 648 -6.04 -6.12 11.21
C SER B 648 -5.25 -6.97 10.23
N ARG B 649 -4.44 -7.91 10.72
CA ARG B 649 -3.75 -8.79 9.80
C ARG B 649 -4.67 -9.86 9.24
N LEU B 650 -5.65 -10.36 10.01
CA LEU B 650 -6.56 -11.33 9.41
C LEU B 650 -7.66 -10.66 8.60
N VAL B 651 -7.97 -9.37 8.84
CA VAL B 651 -8.75 -8.68 7.82
C VAL B 651 -7.82 -8.23 6.69
N GLY B 652 -6.51 -8.31 6.92
CA GLY B 652 -5.53 -8.00 5.90
C GLY B 652 -5.46 -6.52 5.60
N ALA B 653 -5.43 -6.23 4.31
CA ALA B 653 -5.62 -4.85 3.91
C ALA B 653 -7.08 -4.45 4.11
N PRO B 654 -7.34 -3.18 4.43
CA PRO B 654 -8.70 -2.66 4.32
C PRO B 654 -9.18 -2.73 2.89
N PRO B 655 -10.50 -2.90 2.68
CA PRO B 655 -11.01 -3.11 1.32
C PRO B 655 -10.80 -1.91 0.42
N GLY B 656 -10.13 -2.17 -0.70
CA GLY B 656 -9.69 -1.13 -1.59
C GLY B 656 -8.19 -0.93 -1.68
N TYR B 657 -7.40 -1.79 -1.05
CA TYR B 657 -5.95 -1.75 -1.13
C TYR B 657 -5.44 -3.00 -1.84
N VAL B 658 -4.11 -3.14 -1.89
CA VAL B 658 -3.51 -4.32 -2.54
C VAL B 658 -3.72 -5.54 -1.65
N GLY B 659 -3.70 -6.72 -2.26
CA GLY B 659 -3.94 -7.93 -1.51
C GLY B 659 -5.25 -8.60 -1.77
N TYR B 660 -5.89 -8.36 -2.92
CA TYR B 660 -7.13 -9.05 -3.25
C TYR B 660 -6.84 -10.50 -3.64
N GLU B 661 -5.56 -10.82 -3.90
CA GLU B 661 -5.15 -12.19 -4.16
C GLU B 661 -5.33 -13.09 -2.94
N GLU B 662 -5.07 -12.56 -1.74
CA GLU B 662 -5.31 -13.36 -0.55
C GLU B 662 -6.36 -12.73 0.36
N GLY B 663 -6.16 -11.47 0.74
CA GLY B 663 -7.07 -10.83 1.67
C GLY B 663 -6.91 -11.36 3.07
N GLY B 664 -7.92 -12.12 3.49
CA GLY B 664 -7.89 -12.78 4.78
C GLY B 664 -7.43 -14.23 4.63
N TYR B 665 -6.46 -14.59 5.47
CA TYR B 665 -6.16 -16.00 5.72
C TYR B 665 -7.16 -16.60 6.70
N LEU B 666 -8.00 -15.73 7.27
CA LEU B 666 -9.31 -16.11 7.79
C LEU B 666 -10.05 -17.04 6.83
N THR B 667 -9.97 -16.75 5.53
CA THR B 667 -10.55 -17.62 4.51
C THR B 667 -9.83 -18.97 4.45
N GLU B 668 -8.59 -19.06 4.91
CA GLU B 668 -7.86 -20.33 4.84
C GLU B 668 -8.14 -21.20 6.08
N ALA B 669 -7.73 -20.70 7.25
CA ALA B 669 -7.88 -21.46 8.49
C ALA B 669 -9.34 -21.58 8.88
N VAL B 670 -10.19 -20.72 8.32
CA VAL B 670 -11.62 -20.89 8.50
C VAL B 670 -12.26 -21.42 7.20
N ARG B 671 -11.48 -21.60 6.12
CA ARG B 671 -11.98 -22.42 5.01
C ARG B 671 -12.11 -23.87 5.44
N ARG B 672 -11.07 -24.41 6.10
CA ARG B 672 -11.17 -25.82 6.48
C ARG B 672 -12.04 -26.00 7.72
N ARG B 673 -11.91 -25.14 8.73
CA ARG B 673 -12.64 -25.31 9.98
C ARG B 673 -13.47 -24.08 10.34
N PRO B 674 -14.79 -24.11 10.16
CA PRO B 674 -15.63 -23.00 10.64
C PRO B 674 -15.72 -22.93 12.16
N TYR B 675 -15.90 -24.08 12.81
CA TYR B 675 -15.75 -24.21 14.24
C TYR B 675 -14.27 -24.19 14.59
N SER B 676 -13.99 -24.31 15.87
CA SER B 676 -12.64 -24.64 16.32
C SER B 676 -12.75 -25.28 17.70
N VAL B 677 -11.79 -26.13 18.00
CA VAL B 677 -11.51 -26.52 19.37
C VAL B 677 -10.18 -25.87 19.76
N ILE B 678 -10.22 -25.09 20.83
CA ILE B 678 -9.12 -24.21 21.18
C ILE B 678 -8.58 -24.68 22.53
N LEU B 679 -7.26 -24.71 22.67
CA LEU B 679 -6.62 -25.19 23.89
C LEU B 679 -5.99 -23.99 24.56
N LEU B 680 -6.79 -23.23 25.34
CA LEU B 680 -6.36 -21.96 25.92
C LEU B 680 -5.42 -22.27 27.07
N ASP B 681 -4.13 -22.32 26.78
CA ASP B 681 -3.14 -22.72 27.76
C ASP B 681 -2.88 -21.58 28.73
N ALA B 682 -2.53 -21.97 29.97
CA ALA B 682 -2.15 -21.14 31.12
C ALA B 682 -3.01 -19.90 31.32
N VAL B 683 -4.30 -20.10 31.62
CA VAL B 683 -5.22 -18.99 31.86
C VAL B 683 -4.85 -18.19 33.13
N GLU B 684 -4.26 -18.82 34.14
CA GLU B 684 -3.92 -18.09 35.36
C GLU B 684 -2.71 -17.20 35.17
N LYS B 685 -1.77 -17.60 34.31
CA LYS B 685 -0.56 -16.81 34.12
C LYS B 685 -0.80 -15.58 33.24
N ALA B 686 -1.97 -15.46 32.63
CA ALA B 686 -2.29 -14.28 31.84
C ALA B 686 -2.68 -13.12 32.74
N HIS B 687 -2.89 -11.96 32.12
CA HIS B 687 -3.24 -10.76 32.86
C HIS B 687 -4.70 -10.84 33.32
N PRO B 688 -5.07 -10.09 34.37
CA PRO B 688 -6.51 -9.96 34.70
C PRO B 688 -7.34 -9.27 33.62
N ASP B 689 -6.70 -8.57 32.67
CA ASP B 689 -7.41 -8.15 31.47
C ASP B 689 -7.84 -9.34 30.63
N VAL B 690 -7.12 -10.46 30.72
CA VAL B 690 -7.54 -11.68 30.06
C VAL B 690 -8.52 -12.45 30.96
N PHE B 691 -8.60 -12.08 32.24
CA PHE B 691 -9.73 -12.54 33.05
C PHE B 691 -11.01 -11.77 32.68
N ASN B 692 -10.86 -10.58 32.11
CA ASN B 692 -12.05 -9.80 31.73
C ASN B 692 -12.40 -10.01 30.25
N ILE B 693 -11.39 -10.10 29.38
CA ILE B 693 -11.63 -10.51 28.00
C ILE B 693 -12.09 -11.95 27.96
N LEU B 694 -11.44 -12.82 28.75
CA LEU B 694 -11.85 -14.22 28.81
C LEU B 694 -13.10 -14.38 29.70
N LEU B 695 -13.39 -13.38 30.54
CA LEU B 695 -14.71 -13.34 31.16
C LEU B 695 -15.78 -13.02 30.13
N GLN B 696 -15.47 -12.15 29.16
CA GLN B 696 -16.38 -11.95 28.04
C GLN B 696 -16.39 -13.15 27.11
N VAL B 697 -15.36 -14.01 27.18
CA VAL B 697 -15.44 -15.28 26.47
C VAL B 697 -16.45 -16.20 27.16
N LEU B 698 -16.30 -16.40 28.48
CA LEU B 698 -17.16 -17.36 29.17
C LEU B 698 -18.59 -16.86 29.32
N ASP B 699 -18.77 -15.55 29.54
CA ASP B 699 -20.10 -14.97 29.52
C ASP B 699 -20.50 -14.63 28.08
N ASP B 700 -21.82 -14.50 27.89
CA ASP B 700 -22.48 -13.94 26.71
C ASP B 700 -22.34 -14.77 25.43
N GLY B 701 -21.55 -15.85 25.46
CA GLY B 701 -21.37 -16.71 24.30
C GLY B 701 -20.72 -16.05 23.10
N ARG B 702 -20.03 -14.93 23.29
CA ARG B 702 -19.40 -14.16 22.22
C ARG B 702 -18.46 -13.13 22.84
N LEU B 703 -17.35 -12.87 22.14
CA LEU B 703 -16.34 -11.92 22.59
C LEU B 703 -16.24 -10.76 21.60
N THR B 704 -16.43 -9.55 22.11
CA THR B 704 -15.98 -8.35 21.43
C THR B 704 -14.46 -8.34 21.48
N ASP B 705 -13.83 -8.47 20.32
CA ASP B 705 -12.40 -8.74 20.24
C ASP B 705 -11.61 -7.42 20.25
N GLY B 706 -10.35 -7.47 19.81
CA GLY B 706 -9.54 -6.26 19.79
C GLY B 706 -9.95 -5.28 18.70
N GLN B 707 -10.77 -5.73 17.75
CA GLN B 707 -11.26 -4.81 16.73
C GLN B 707 -12.61 -4.20 17.15
N GLY B 708 -13.35 -4.89 18.02
CA GLY B 708 -14.61 -4.37 18.51
C GLY B 708 -15.83 -5.15 18.09
N ARG B 709 -15.79 -5.84 16.95
CA ARG B 709 -16.90 -6.69 16.53
C ARG B 709 -16.88 -7.97 17.35
N THR B 710 -17.94 -8.76 17.25
CA THR B 710 -18.07 -9.96 18.06
C THR B 710 -18.59 -11.12 17.21
N VAL B 711 -18.07 -12.32 17.49
CA VAL B 711 -18.37 -13.55 16.75
C VAL B 711 -18.89 -14.57 17.75
N ASP B 712 -19.82 -15.41 17.30
CA ASP B 712 -20.59 -16.27 18.19
C ASP B 712 -19.74 -17.44 18.67
N PHE B 713 -19.33 -17.39 19.96
CA PHE B 713 -18.64 -18.50 20.61
C PHE B 713 -19.57 -19.63 21.03
N ARG B 714 -20.88 -19.48 20.84
CA ARG B 714 -21.82 -20.52 21.25
C ARG B 714 -21.68 -21.77 20.40
N ASN B 715 -21.04 -21.65 19.24
CA ASN B 715 -20.57 -22.80 18.47
C ASN B 715 -19.08 -23.05 18.66
N THR B 716 -18.58 -22.78 19.86
CA THR B 716 -17.16 -22.96 20.14
C THR B 716 -16.98 -23.44 21.58
N VAL B 717 -16.36 -24.61 21.72
CA VAL B 717 -15.98 -25.15 23.02
C VAL B 717 -14.76 -24.37 23.48
N VAL B 718 -14.86 -23.72 24.63
CA VAL B 718 -13.75 -22.92 25.14
C VAL B 718 -12.96 -23.73 26.18
N ILE B 719 -12.06 -24.58 25.69
CA ILE B 719 -11.23 -25.42 26.54
C ILE B 719 -10.04 -24.59 26.99
N MET B 720 -9.89 -24.42 28.30
CA MET B 720 -8.86 -23.57 28.88
C MET B 720 -7.97 -24.40 29.79
N THR B 721 -6.70 -24.52 29.41
CA THR B 721 -5.78 -25.39 30.12
C THR B 721 -4.74 -24.56 30.86
N SER B 722 -3.97 -25.23 31.71
CA SER B 722 -3.07 -24.54 32.63
C SER B 722 -2.00 -25.50 33.14
N ASN B 723 -0.99 -24.94 33.80
CA ASN B 723 0.15 -25.74 34.24
C ASN B 723 0.63 -25.33 35.64
N LEU B 724 -0.30 -25.02 36.55
CA LEU B 724 0.07 -24.54 37.89
C LEU B 724 0.82 -25.58 38.74
N GLY B 725 0.13 -26.65 39.13
CA GLY B 725 0.65 -27.62 40.10
C GLY B 725 1.25 -28.88 39.52
N VAL B 726 2.41 -28.80 38.86
CA VAL B 726 2.93 -29.91 38.06
C VAL B 726 3.38 -31.12 38.89
N ARG B 727 4.13 -30.89 39.97
CA ARG B 727 4.86 -31.98 40.62
C ARG B 727 3.92 -32.85 41.46
N GLU B 728 3.05 -32.22 42.25
CA GLU B 728 2.14 -32.98 43.09
C GLU B 728 1.07 -33.69 42.27
N THR B 729 0.77 -33.17 41.08
CA THR B 729 -0.12 -33.89 40.16
C THR B 729 0.61 -35.07 39.53
N GLU B 730 1.91 -34.90 39.24
CA GLU B 730 2.70 -36.03 38.72
C GLU B 730 2.91 -37.11 39.78
N ARG B 731 2.80 -36.76 41.06
CA ARG B 731 2.85 -37.79 42.10
C ARG B 731 1.48 -38.42 42.32
N LYS B 732 0.46 -37.60 42.61
CA LYS B 732 -0.87 -38.10 42.99
C LYS B 732 -1.65 -38.62 41.79
N SER B 733 -1.20 -39.77 41.27
CA SER B 733 -1.82 -40.39 40.11
C SER B 733 -2.10 -41.87 40.31
N ILE B 734 -1.29 -42.56 41.10
CA ILE B 734 -1.35 -44.01 41.21
C ILE B 734 -1.93 -44.37 42.57
N GLY B 735 -3.11 -44.97 42.57
CA GLY B 735 -3.72 -45.46 43.79
C GLY B 735 -4.62 -44.47 44.51
N LEU B 736 -4.17 -43.22 44.61
CA LEU B 736 -4.91 -42.19 45.36
C LEU B 736 -6.07 -41.70 44.50
N ILE B 737 -7.20 -41.39 45.15
CA ILE B 737 -8.36 -40.81 44.48
C ILE B 737 -8.02 -39.44 43.91
N HIS B 738 -8.67 -39.08 42.79
CA HIS B 738 -8.28 -37.89 42.06
C HIS B 738 -9.18 -36.70 42.38
N GLN B 739 -10.30 -36.96 43.09
CA GLN B 739 -11.13 -35.87 43.61
C GLN B 739 -10.37 -35.09 44.69
N ASP B 740 -9.46 -35.78 45.40
CA ASP B 740 -8.55 -35.11 46.32
C ASP B 740 -7.71 -34.06 45.59
N ASN B 741 -7.12 -34.44 44.45
CA ASN B 741 -6.29 -33.51 43.68
C ASN B 741 -7.12 -32.39 43.07
N SER B 742 -8.37 -32.71 42.67
CA SER B 742 -9.25 -31.68 42.14
C SER B 742 -9.65 -30.66 43.20
N THR B 743 -9.99 -31.12 44.41
CA THR B 743 -10.49 -30.21 45.43
C THR B 743 -9.36 -29.40 46.07
N ASP B 744 -8.21 -30.01 46.34
CA ASP B 744 -7.12 -29.19 46.89
C ASP B 744 -6.47 -28.34 45.80
N ALA B 745 -6.68 -28.73 44.53
CA ALA B 745 -6.40 -27.79 43.44
C ALA B 745 -7.35 -26.60 43.51
N MET B 746 -8.63 -26.84 43.83
CA MET B 746 -9.59 -25.74 43.95
C MET B 746 -9.32 -24.89 45.18
N GLU B 747 -8.57 -25.42 46.15
CA GLU B 747 -8.10 -24.59 47.26
C GLU B 747 -7.10 -23.56 46.78
N GLU B 748 -6.37 -23.86 45.69
CA GLU B 748 -5.49 -22.86 45.08
C GLU B 748 -6.25 -22.00 44.09
N ILE B 749 -7.28 -22.57 43.44
CA ILE B 749 -8.05 -21.85 42.44
C ILE B 749 -8.93 -20.78 43.08
N LYS B 750 -9.44 -21.07 44.29
CA LYS B 750 -10.29 -20.12 44.99
C LYS B 750 -9.52 -18.87 45.40
N LYS B 751 -8.24 -19.03 45.74
CA LYS B 751 -7.41 -17.89 46.13
C LYS B 751 -7.03 -17.04 44.93
N ILE B 752 -6.63 -17.69 43.83
CA ILE B 752 -6.05 -16.93 42.73
C ILE B 752 -7.13 -16.33 41.83
N PHE B 753 -8.31 -16.95 41.77
CA PHE B 753 -9.41 -16.40 41.00
C PHE B 753 -10.37 -15.63 41.89
N ARG B 754 -11.20 -14.84 41.23
CA ARG B 754 -12.45 -14.34 41.77
C ARG B 754 -13.43 -15.50 41.89
N PRO B 755 -14.44 -15.40 42.77
CA PRO B 755 -15.48 -16.44 42.78
C PRO B 755 -16.39 -16.39 41.56
N GLU B 756 -16.34 -15.30 40.78
CA GLU B 756 -17.08 -15.25 39.52
C GLU B 756 -16.58 -16.27 38.51
N PHE B 757 -15.25 -16.48 38.44
CA PHE B 757 -14.71 -17.50 37.54
C PHE B 757 -15.11 -18.90 37.98
N ILE B 758 -15.20 -19.10 39.31
CA ILE B 758 -15.66 -20.38 39.82
C ILE B 758 -17.13 -20.58 39.49
N ASN B 759 -17.89 -19.49 39.46
CA ASN B 759 -19.28 -19.53 39.02
C ASN B 759 -19.38 -19.82 37.51
N ARG B 760 -18.39 -19.38 36.72
CA ARG B 760 -18.47 -19.58 35.28
C ARG B 760 -18.28 -21.04 34.87
N ILE B 761 -17.20 -21.66 35.31
CA ILE B 761 -16.90 -23.04 34.99
C ILE B 761 -17.81 -23.95 35.81
N ASP B 762 -18.14 -25.11 35.23
CA ASP B 762 -19.07 -26.03 35.87
C ASP B 762 -18.36 -26.91 36.91
N GLU B 763 -17.29 -27.59 36.50
CA GLU B 763 -16.50 -28.41 37.40
C GLU B 763 -15.04 -28.11 37.17
N VAL B 764 -14.18 -28.69 38.01
CA VAL B 764 -12.74 -28.49 37.88
C VAL B 764 -12.05 -29.81 37.60
N VAL B 765 -11.47 -29.94 36.41
CA VAL B 765 -10.80 -31.16 36.00
C VAL B 765 -9.30 -30.92 35.92
N VAL B 766 -8.53 -31.85 36.48
CA VAL B 766 -7.07 -31.79 36.44
C VAL B 766 -6.55 -33.07 35.77
N PHE B 767 -5.75 -32.88 34.71
CA PHE B 767 -5.18 -34.00 33.99
C PHE B 767 -4.00 -34.58 34.76
N HIS B 768 -3.91 -35.94 34.80
CA HIS B 768 -2.75 -36.50 35.48
C HIS B 768 -1.95 -37.39 34.54
N PRO B 769 -0.63 -37.43 34.72
CA PRO B 769 0.20 -38.45 34.03
C PRO B 769 -0.18 -39.85 34.50
N LEU B 770 -0.30 -40.76 33.55
CA LEU B 770 -0.95 -42.06 33.75
C LEU B 770 -0.24 -43.00 34.71
N GLY B 771 -0.92 -44.08 35.10
CA GLY B 771 -0.34 -45.06 36.00
C GLY B 771 0.67 -45.97 35.32
N GLU B 772 1.18 -46.93 36.11
CA GLU B 772 2.34 -47.75 35.74
C GLU B 772 2.13 -48.58 34.48
N GLN B 773 1.06 -49.39 34.47
CA GLN B 773 0.74 -50.16 33.27
C GLN B 773 0.27 -49.25 32.14
N HIS B 774 -0.22 -48.06 32.48
CA HIS B 774 -0.66 -47.13 31.46
C HIS B 774 0.49 -46.27 30.97
N ILE B 775 1.52 -46.07 31.81
CA ILE B 775 2.79 -45.55 31.32
C ILE B 775 3.43 -46.54 30.36
N ALA B 776 3.33 -47.84 30.68
CA ALA B 776 3.74 -48.88 29.73
C ALA B 776 2.91 -48.84 28.45
N SER B 777 1.64 -48.45 28.56
CA SER B 777 0.82 -48.24 27.37
C SER B 777 1.28 -47.02 26.58
N ILE B 778 1.75 -45.97 27.28
CA ILE B 778 2.28 -44.79 26.59
C ILE B 778 3.55 -45.12 25.83
N ALA B 779 4.46 -45.86 26.47
CA ALA B 779 5.72 -46.19 25.83
C ALA B 779 5.53 -47.19 24.69
N GLN B 780 4.58 -48.14 24.84
CA GLN B 780 4.36 -49.09 23.75
C GLN B 780 3.59 -48.44 22.60
N ILE B 781 2.79 -47.40 22.89
CA ILE B 781 2.11 -46.68 21.81
C ILE B 781 3.10 -45.79 21.06
N GLN B 782 4.04 -45.18 21.79
CA GLN B 782 5.14 -44.47 21.11
C GLN B 782 6.06 -45.43 20.36
N LEU B 783 6.08 -46.70 20.75
CA LEU B 783 6.83 -47.71 19.99
C LEU B 783 5.96 -48.39 18.94
N LYS B 784 4.67 -48.04 18.83
CA LYS B 784 3.84 -48.60 17.77
C LYS B 784 4.28 -48.10 16.41
N ARG B 785 4.78 -46.87 16.36
CA ARG B 785 5.47 -46.39 15.17
C ARG B 785 6.67 -47.25 14.84
N LEU B 786 7.35 -47.76 15.87
CA LEU B 786 8.49 -48.64 15.60
C LEU B 786 8.02 -50.02 15.19
N TYR B 787 6.83 -50.43 15.66
CA TYR B 787 6.28 -51.71 15.23
C TYR B 787 5.87 -51.70 13.78
N LYS B 788 5.36 -50.56 13.30
CA LYS B 788 4.85 -50.53 11.93
C LYS B 788 5.94 -50.11 10.94
N ARG B 789 6.76 -49.10 11.31
CA ARG B 789 7.98 -48.78 10.57
C ARG B 789 8.89 -49.99 10.43
N LEU B 790 8.99 -50.79 11.49
CA LEU B 790 9.83 -51.98 11.38
C LEU B 790 9.09 -53.16 10.79
N GLU B 791 7.76 -53.24 10.93
CA GLU B 791 7.09 -54.41 10.35
C GLU B 791 6.94 -54.26 8.85
N GLU B 792 7.05 -53.04 8.34
CA GLU B 792 7.22 -52.87 6.90
C GLU B 792 8.59 -53.37 6.45
N ARG B 793 9.65 -52.94 7.13
CA ARG B 793 11.01 -53.30 6.73
C ARG B 793 11.34 -54.75 7.01
N GLY B 794 10.60 -55.42 7.88
CA GLY B 794 10.86 -56.80 8.20
C GLY B 794 11.43 -57.07 9.57
N TYR B 795 11.14 -56.21 10.56
CA TYR B 795 11.55 -56.41 11.93
C TYR B 795 10.33 -56.42 12.83
N GLU B 796 10.28 -57.37 13.76
CA GLU B 796 9.22 -57.40 14.75
C GLU B 796 9.82 -57.48 16.13
N ILE B 797 9.63 -56.42 16.91
CA ILE B 797 10.04 -56.39 18.30
C ILE B 797 8.94 -57.04 19.13
N HIS B 798 9.34 -57.90 20.06
CA HIS B 798 8.50 -58.22 21.19
C HIS B 798 9.19 -57.67 22.42
N ILE B 799 8.98 -56.39 22.68
CA ILE B 799 9.68 -55.71 23.76
C ILE B 799 9.10 -56.22 25.07
N SER B 800 9.99 -56.55 25.99
CA SER B 800 9.59 -56.98 27.31
C SER B 800 9.12 -55.78 28.11
N ASP B 801 8.44 -56.07 29.22
CA ASP B 801 8.04 -55.02 30.15
C ASP B 801 9.23 -54.47 30.91
N GLU B 802 10.34 -55.22 30.94
CA GLU B 802 11.50 -54.81 31.72
C GLU B 802 12.46 -53.97 30.88
N ALA B 803 12.53 -54.22 29.57
CA ALA B 803 13.30 -53.35 28.69
C ALA B 803 12.58 -52.03 28.44
N LEU B 804 11.26 -52.10 28.24
CA LEU B 804 10.45 -50.90 28.19
C LEU B 804 10.35 -50.24 29.56
N LYS B 805 10.57 -51.01 30.62
CA LYS B 805 10.62 -50.43 31.96
C LYS B 805 11.92 -49.69 32.19
N LEU B 806 13.03 -50.16 31.60
CA LEU B 806 14.25 -49.38 31.67
C LEU B 806 14.19 -48.16 30.76
N LEU B 807 13.42 -48.26 29.66
CA LEU B 807 13.02 -47.07 28.91
C LEU B 807 12.23 -46.11 29.78
N SER B 808 11.39 -46.65 30.67
CA SER B 808 10.49 -45.83 31.46
C SER B 808 11.22 -45.14 32.61
N GLU B 809 11.93 -45.89 33.45
CA GLU B 809 12.59 -45.29 34.61
C GLU B 809 13.90 -44.62 34.21
N ASN B 810 14.47 -45.00 33.06
CA ASN B 810 15.52 -44.18 32.47
C ASN B 810 14.94 -43.03 31.68
N GLY B 811 13.61 -43.02 31.52
CA GLY B 811 12.94 -41.88 30.89
C GLY B 811 12.24 -40.98 31.89
N TYR B 812 11.85 -41.53 33.04
CA TYR B 812 11.05 -40.79 34.03
C TYR B 812 11.93 -39.75 34.71
N ASP B 813 11.99 -38.58 34.09
CA ASP B 813 12.58 -37.39 34.67
C ASP B 813 11.45 -36.54 35.22
N PRO B 814 11.44 -36.22 36.52
CA PRO B 814 10.26 -35.52 37.09
C PRO B 814 10.12 -34.06 36.68
N VAL B 815 10.94 -33.58 35.74
CA VAL B 815 10.91 -32.20 35.29
C VAL B 815 9.67 -31.95 34.43
N TYR B 816 9.55 -32.67 33.31
CA TYR B 816 8.50 -32.43 32.34
C TYR B 816 7.39 -33.49 32.37
N GLY B 817 7.63 -34.65 32.96
CA GLY B 817 6.66 -35.70 32.80
C GLY B 817 7.14 -36.72 31.78
N ALA B 818 6.29 -36.99 30.79
CA ALA B 818 6.59 -37.99 29.77
C ALA B 818 7.33 -37.43 28.57
N ARG B 819 7.87 -36.22 28.69
CA ARG B 819 8.44 -35.53 27.53
C ARG B 819 9.92 -35.86 27.27
N PRO B 820 10.77 -36.09 28.29
CA PRO B 820 12.03 -36.80 28.02
C PRO B 820 11.88 -38.32 27.98
N LEU B 821 10.66 -38.85 28.07
CA LEU B 821 10.45 -40.29 27.93
C LEU B 821 10.60 -40.72 26.47
N LYS B 822 10.11 -39.90 25.54
CA LYS B 822 10.37 -40.14 24.12
C LYS B 822 11.84 -39.89 23.80
N ARG B 823 12.44 -38.89 24.46
CA ARG B 823 13.86 -38.60 24.28
C ARG B 823 14.73 -39.76 24.76
N ALA B 824 14.30 -40.45 25.82
CA ALA B 824 15.09 -41.55 26.36
C ALA B 824 14.74 -42.86 25.68
N ILE B 825 13.55 -42.97 25.08
CA ILE B 825 13.31 -44.14 24.26
C ILE B 825 14.09 -44.05 22.96
N GLN B 826 13.90 -42.98 22.18
CA GLN B 826 14.53 -42.93 20.87
C GLN B 826 16.04 -42.72 21.01
N GLN B 827 16.47 -41.98 22.03
CA GLN B 827 17.88 -41.72 22.24
C GLN B 827 18.56 -42.91 22.93
N GLN B 828 17.89 -43.51 23.91
CA GLN B 828 18.55 -44.56 24.68
C GLN B 828 18.57 -45.89 23.93
N ILE B 829 17.44 -46.33 23.38
CA ILE B 829 17.53 -47.57 22.59
C ILE B 829 17.63 -47.28 21.10
N GLU B 830 16.84 -46.33 20.56
CA GLU B 830 16.57 -46.41 19.12
C GLU B 830 17.74 -45.88 18.30
N ASN B 831 18.49 -44.90 18.82
CA ASN B 831 19.74 -44.55 18.16
C ASN B 831 20.76 -45.67 18.25
N PRO B 832 20.98 -46.35 19.40
CA PRO B 832 21.68 -47.64 19.33
C PRO B 832 20.92 -48.70 18.55
N LEU B 833 19.58 -48.68 18.51
CA LEU B 833 18.88 -49.67 17.68
C LEU B 833 18.96 -49.30 16.21
N ALA B 834 19.16 -48.03 15.88
CA ALA B 834 19.44 -47.69 14.49
C ALA B 834 20.86 -48.05 14.12
N GLN B 835 21.78 -48.03 15.09
CA GLN B 835 23.14 -48.47 14.79
C GLN B 835 23.20 -50.00 14.68
N GLN B 836 22.36 -50.69 15.46
CA GLN B 836 22.40 -52.15 15.49
C GLN B 836 21.57 -52.74 14.34
N ILE B 837 20.46 -52.11 13.99
CA ILE B 837 19.71 -52.52 12.80
C ILE B 837 20.43 -52.10 11.53
N LEU B 838 20.94 -50.87 11.50
CA LEU B 838 21.51 -50.34 10.27
C LEU B 838 22.98 -50.72 10.12
N SER B 839 23.57 -51.35 11.14
CA SER B 839 24.95 -51.80 11.02
C SER B 839 25.04 -53.23 10.51
N GLY B 840 24.02 -54.04 10.78
CA GLY B 840 24.01 -55.43 10.39
C GLY B 840 23.91 -56.41 11.55
N GLU B 841 23.81 -55.90 12.78
CA GLU B 841 23.72 -56.77 13.94
C GLU B 841 22.35 -57.43 14.03
N LEU B 842 21.29 -56.69 13.65
CA LEU B 842 19.93 -57.22 13.67
C LEU B 842 19.53 -57.56 12.23
N VAL B 843 19.37 -58.86 11.97
CA VAL B 843 18.97 -59.38 10.67
C VAL B 843 17.45 -59.33 10.57
N PRO B 844 16.88 -58.79 9.50
CA PRO B 844 15.42 -58.74 9.37
C PRO B 844 14.83 -60.12 9.09
N GLY B 845 13.51 -60.19 9.20
CA GLY B 845 12.80 -61.45 9.06
C GLY B 845 12.79 -62.31 10.30
N LYS B 846 13.36 -61.84 11.40
CA LYS B 846 13.40 -62.58 12.65
C LYS B 846 12.76 -61.75 13.75
N VAL B 847 12.11 -62.43 14.70
CA VAL B 847 11.40 -61.76 15.78
C VAL B 847 12.43 -61.23 16.78
N ILE B 848 12.34 -59.94 17.09
CA ILE B 848 13.19 -59.29 18.08
C ILE B 848 12.48 -59.40 19.41
N ARG B 849 13.21 -59.78 20.45
CA ARG B 849 12.80 -59.52 21.82
C ARG B 849 13.87 -58.62 22.43
N LEU B 850 13.48 -57.41 22.80
CA LEU B 850 14.38 -56.49 23.49
C LEU B 850 14.64 -57.03 24.89
N GLU B 851 15.82 -57.62 25.07
CA GLU B 851 16.21 -58.43 26.23
C GLU B 851 16.65 -57.53 27.39
N VAL B 852 17.25 -58.17 28.39
CA VAL B 852 17.56 -57.54 29.68
C VAL B 852 19.02 -57.79 30.07
N ASN B 853 19.89 -56.86 29.69
CA ASN B 853 21.32 -56.90 30.02
C ASN B 853 21.64 -55.96 31.18
N GLU B 854 22.74 -55.23 31.03
CA GLU B 854 23.08 -54.07 31.86
C GLU B 854 22.11 -52.92 31.50
N ASP B 855 22.28 -51.76 32.14
CA ASP B 855 21.29 -50.70 32.03
C ASP B 855 21.25 -50.06 30.64
N ARG B 856 22.38 -49.99 29.95
CA ARG B 856 22.30 -49.68 28.53
C ARG B 856 21.78 -50.91 27.80
N ILE B 857 20.85 -50.68 26.89
CA ILE B 857 20.06 -51.77 26.34
C ILE B 857 20.55 -52.11 24.94
N VAL B 858 20.89 -53.38 24.75
CA VAL B 858 21.44 -53.89 23.51
C VAL B 858 20.51 -54.98 22.99
N ALA B 859 20.08 -54.83 21.75
CA ALA B 859 19.18 -55.77 21.10
C ALA B 859 19.95 -57.01 20.67
N VAL B 860 19.37 -58.19 20.92
CA VAL B 860 20.01 -59.47 20.66
C VAL B 860 19.13 -60.28 19.71
N GLN B 861 19.77 -60.85 18.69
CA GLN B 861 19.11 -61.75 17.74
C GLN B 861 19.30 -63.19 18.19
N LEU C 165 -18.96 -31.32 -40.47
CA LEU C 165 -18.32 -31.43 -39.15
C LEU C 165 -16.91 -31.99 -39.23
N LYS C 166 -16.53 -32.50 -40.40
CA LYS C 166 -15.25 -33.18 -40.53
C LYS C 166 -14.10 -32.21 -40.82
N LYS C 167 -14.39 -30.90 -40.86
CA LYS C 167 -13.38 -29.96 -41.30
C LYS C 167 -12.90 -29.05 -40.17
N TYR C 168 -13.79 -28.71 -39.23
CA TYR C 168 -13.40 -27.81 -38.14
C TYR C 168 -13.79 -28.33 -36.75
N THR C 169 -14.40 -29.52 -36.67
CA THR C 169 -14.75 -30.13 -35.39
C THR C 169 -14.24 -31.57 -35.33
N ILE C 170 -14.07 -32.12 -34.13
CA ILE C 170 -13.65 -33.52 -33.96
C ILE C 170 -14.60 -34.23 -33.01
N ASP C 171 -15.15 -35.36 -33.45
CA ASP C 171 -16.03 -36.16 -32.62
C ASP C 171 -15.15 -37.05 -31.75
N LEU C 172 -15.24 -36.86 -30.43
CA LEU C 172 -14.45 -37.67 -29.51
C LEU C 172 -15.03 -39.07 -29.36
N THR C 173 -16.27 -39.27 -29.81
CA THR C 173 -16.82 -40.62 -29.85
C THR C 173 -16.55 -41.28 -31.20
N GLU C 174 -16.13 -40.50 -32.20
CA GLU C 174 -15.47 -41.11 -33.35
C GLU C 174 -14.10 -41.66 -32.95
N ARG C 175 -13.36 -40.87 -32.16
CA ARG C 175 -12.07 -41.33 -31.64
C ARG C 175 -12.26 -42.47 -30.65
N ALA C 176 -13.36 -42.45 -29.90
CA ALA C 176 -13.69 -43.58 -29.05
C ALA C 176 -14.25 -44.75 -29.86
N GLU C 177 -14.69 -44.46 -31.10
CA GLU C 177 -15.22 -45.51 -31.95
C GLU C 177 -14.09 -46.28 -32.62
N GLN C 178 -12.98 -45.60 -32.97
CA GLN C 178 -11.82 -46.31 -33.49
C GLN C 178 -11.08 -47.10 -32.42
N GLY C 179 -11.29 -46.80 -31.14
CA GLY C 179 -10.57 -47.47 -30.08
C GLY C 179 -9.19 -46.93 -29.81
N LYS C 180 -8.97 -45.64 -30.00
CA LYS C 180 -7.64 -45.03 -29.94
C LYS C 180 -7.33 -44.53 -28.54
N LEU C 181 -8.21 -44.78 -27.57
CA LEU C 181 -8.11 -44.23 -26.23
C LEU C 181 -8.01 -45.36 -25.20
N ASP C 182 -8.12 -44.98 -23.92
CA ASP C 182 -7.89 -45.83 -22.76
C ASP C 182 -9.11 -45.84 -21.85
N PRO C 183 -9.38 -46.95 -21.14
CA PRO C 183 -10.61 -47.06 -20.35
C PRO C 183 -10.51 -46.32 -19.01
N VAL C 184 -11.70 -45.98 -18.49
CA VAL C 184 -11.84 -45.32 -17.20
C VAL C 184 -12.35 -46.35 -16.20
N ILE C 185 -11.48 -46.74 -15.26
CA ILE C 185 -11.65 -47.95 -14.47
C ILE C 185 -11.81 -47.57 -13.00
N GLY C 186 -12.83 -48.13 -12.36
CA GLY C 186 -13.16 -47.80 -10.98
C GLY C 186 -13.71 -46.40 -10.87
N ARG C 187 -13.77 -45.91 -9.62
CA ARG C 187 -14.20 -44.55 -9.27
C ARG C 187 -15.62 -44.25 -9.78
N ASP C 188 -16.63 -44.89 -9.18
CA ASP C 188 -17.95 -44.84 -9.79
C ASP C 188 -18.81 -43.73 -9.15
N GLU C 189 -18.45 -43.30 -7.94
CA GLU C 189 -19.16 -42.17 -7.32
C GLU C 189 -18.92 -40.89 -8.10
N GLU C 190 -17.75 -40.74 -8.71
CA GLU C 190 -17.46 -39.53 -9.48
C GLU C 190 -18.22 -39.54 -10.81
N ILE C 191 -18.28 -40.70 -11.48
CA ILE C 191 -18.95 -40.78 -12.78
C ILE C 191 -20.46 -40.64 -12.61
N ARG C 192 -21.04 -41.31 -11.60
CA ARG C 192 -22.45 -41.12 -11.29
C ARG C 192 -22.72 -39.69 -10.79
N ARG C 193 -21.71 -39.06 -10.17
CA ARG C 193 -21.84 -37.67 -9.71
C ARG C 193 -22.02 -36.72 -10.88
N THR C 194 -21.15 -36.84 -11.89
CA THR C 194 -21.25 -35.97 -13.05
C THR C 194 -22.52 -36.26 -13.85
N ILE C 195 -22.95 -37.53 -13.90
CA ILE C 195 -24.16 -37.87 -14.64
C ILE C 195 -25.40 -37.31 -13.94
N GLN C 196 -25.39 -37.33 -12.60
CA GLN C 196 -26.46 -36.69 -11.84
C GLN C 196 -26.43 -35.18 -12.05
N VAL C 197 -25.24 -34.62 -12.28
CA VAL C 197 -25.20 -33.20 -12.63
C VAL C 197 -25.74 -32.99 -14.04
N LEU C 198 -25.54 -33.97 -14.94
CA LEU C 198 -26.01 -33.83 -16.32
C LEU C 198 -27.52 -33.85 -16.40
N GLN C 199 -28.15 -34.75 -15.66
CA GLN C 199 -29.56 -35.03 -15.86
C GLN C 199 -30.45 -33.94 -15.29
N ARG C 200 -29.87 -32.97 -14.57
CA ARG C 200 -30.61 -31.88 -13.97
C ARG C 200 -31.14 -30.96 -15.06
N ARG C 201 -32.36 -30.44 -14.91
CA ARG C 201 -32.88 -29.54 -15.93
C ARG C 201 -32.37 -28.11 -15.73
N THR C 202 -32.77 -27.50 -14.63
CA THR C 202 -32.30 -26.17 -14.27
C THR C 202 -31.01 -26.31 -13.50
N LYS C 203 -29.98 -25.57 -13.96
CA LYS C 203 -28.56 -25.87 -13.75
C LYS C 203 -28.16 -27.22 -14.35
N ASN C 204 -28.16 -27.28 -15.70
CA ASN C 204 -28.02 -28.53 -16.43
C ASN C 204 -26.58 -29.00 -16.63
N ASN C 205 -25.66 -28.11 -17.00
CA ASN C 205 -24.37 -28.54 -17.54
C ASN C 205 -23.37 -28.70 -16.42
N PRO C 206 -22.38 -29.60 -16.55
CA PRO C 206 -21.42 -29.79 -15.46
C PRO C 206 -20.17 -28.94 -15.64
N VAL C 207 -19.42 -28.77 -14.56
CA VAL C 207 -18.00 -28.42 -14.58
C VAL C 207 -17.29 -29.37 -13.63
N LEU C 208 -16.26 -30.04 -14.12
CA LEU C 208 -15.34 -30.74 -13.23
C LEU C 208 -14.37 -29.73 -12.64
N ILE C 209 -14.29 -29.69 -11.32
CA ILE C 209 -13.50 -28.69 -10.63
C ILE C 209 -12.55 -29.37 -9.66
N GLY C 210 -11.27 -29.13 -9.83
CA GLY C 210 -10.32 -29.49 -8.80
C GLY C 210 -8.95 -28.99 -9.18
N GLU C 211 -8.04 -29.19 -8.27
CA GLU C 211 -6.67 -28.97 -8.70
C GLU C 211 -6.27 -30.12 -9.63
N PRO C 212 -5.79 -29.82 -10.83
CA PRO C 212 -5.80 -30.82 -11.92
C PRO C 212 -4.83 -31.97 -11.68
N GLY C 213 -5.04 -33.03 -12.45
CA GLY C 213 -4.35 -34.28 -12.23
C GLY C 213 -5.17 -35.33 -11.54
N VAL C 214 -6.49 -35.15 -11.48
CA VAL C 214 -7.40 -36.13 -10.92
C VAL C 214 -8.18 -36.83 -12.03
N GLY C 215 -8.15 -36.25 -13.22
CA GLY C 215 -8.72 -36.89 -14.39
C GLY C 215 -10.01 -36.25 -14.88
N LYS C 216 -10.05 -34.92 -14.96
CA LYS C 216 -11.31 -34.21 -15.28
C LYS C 216 -11.79 -34.52 -16.68
N THR C 217 -10.93 -34.34 -17.69
CA THR C 217 -11.25 -34.82 -19.03
C THR C 217 -11.30 -36.35 -19.05
N ALA C 218 -10.58 -37.01 -18.14
CA ALA C 218 -10.69 -38.46 -18.04
C ALA C 218 -12.00 -38.89 -17.39
N ILE C 219 -12.57 -38.03 -16.53
CA ILE C 219 -13.90 -38.31 -16.00
C ILE C 219 -14.96 -38.06 -17.08
N VAL C 220 -14.71 -37.04 -17.92
CA VAL C 220 -15.48 -36.88 -19.16
C VAL C 220 -15.38 -38.14 -20.01
N GLU C 221 -14.19 -38.75 -20.03
CA GLU C 221 -14.04 -40.04 -20.69
C GLU C 221 -14.74 -41.15 -19.92
N GLY C 222 -14.97 -40.97 -18.61
CA GLY C 222 -15.82 -41.92 -17.89
C GLY C 222 -17.26 -41.85 -18.35
N LEU C 223 -17.77 -40.62 -18.53
CA LEU C 223 -19.09 -40.40 -19.11
C LEU C 223 -19.19 -40.97 -20.51
N ALA C 224 -18.25 -40.60 -21.39
CA ALA C 224 -18.34 -40.96 -22.79
C ALA C 224 -18.16 -42.45 -22.99
N GLN C 225 -17.26 -43.08 -22.22
CA GLN C 225 -17.12 -44.53 -22.30
C GLN C 225 -18.32 -45.24 -21.70
N ARG C 226 -18.96 -44.64 -20.69
CA ARG C 226 -20.20 -45.22 -20.19
C ARG C 226 -21.31 -45.09 -21.24
N ILE C 227 -21.30 -44.02 -22.03
CA ILE C 227 -22.31 -43.85 -23.07
C ILE C 227 -22.08 -44.83 -24.21
N ILE C 228 -20.84 -44.94 -24.69
CA ILE C 228 -20.59 -45.75 -25.88
C ILE C 228 -20.55 -47.23 -25.54
N ASN C 229 -20.31 -47.58 -24.27
CA ASN C 229 -20.39 -48.98 -23.87
C ASN C 229 -21.84 -49.47 -23.79
N GLY C 230 -22.79 -48.55 -23.70
CA GLY C 230 -24.19 -48.91 -23.63
C GLY C 230 -24.70 -49.27 -22.25
N GLU C 231 -23.84 -49.23 -21.23
CA GLU C 231 -24.27 -49.50 -19.86
C GLU C 231 -24.74 -48.26 -19.14
N VAL C 232 -24.91 -47.15 -19.85
CA VAL C 232 -25.28 -45.88 -19.24
C VAL C 232 -26.74 -45.95 -18.83
N PRO C 233 -27.12 -45.39 -17.67
CA PRO C 233 -28.53 -45.14 -17.40
C PRO C 233 -29.08 -44.14 -18.41
N GLU C 234 -30.34 -44.34 -18.78
CA GLU C 234 -30.87 -43.89 -20.06
C GLU C 234 -30.99 -42.37 -20.15
N GLY C 235 -31.08 -41.88 -21.39
CA GLY C 235 -31.11 -40.45 -21.64
C GLY C 235 -29.93 -39.96 -22.44
N LEU C 236 -28.80 -40.65 -22.29
CA LEU C 236 -27.57 -40.30 -22.99
C LEU C 236 -27.27 -41.22 -24.18
N LYS C 237 -28.17 -42.15 -24.49
CA LYS C 237 -27.94 -43.09 -25.58
C LYS C 237 -28.07 -42.41 -26.94
N GLY C 238 -27.20 -42.78 -27.87
CA GLY C 238 -27.22 -42.28 -29.23
C GLY C 238 -26.46 -41.00 -29.45
N ARG C 239 -25.74 -40.50 -28.45
CA ARG C 239 -25.15 -39.18 -28.53
C ARG C 239 -23.65 -39.25 -28.88
N ARG C 240 -23.16 -38.16 -29.47
CA ARG C 240 -21.77 -37.99 -29.83
C ARG C 240 -21.13 -37.02 -28.85
N VAL C 241 -19.80 -36.92 -28.86
CA VAL C 241 -19.09 -35.88 -28.13
C VAL C 241 -18.17 -35.18 -29.11
N LEU C 242 -18.58 -34.01 -29.58
CA LEU C 242 -17.74 -33.21 -30.45
C LEU C 242 -17.06 -32.16 -29.61
N ALA C 243 -15.74 -32.25 -29.51
CA ALA C 243 -14.93 -31.34 -28.72
C ALA C 243 -14.97 -29.96 -29.38
N LEU C 244 -15.36 -28.95 -28.61
CA LEU C 244 -15.24 -27.58 -29.09
C LEU C 244 -13.78 -27.17 -29.05
N ASP C 245 -13.16 -27.07 -30.22
CA ASP C 245 -11.71 -27.08 -30.36
C ASP C 245 -11.18 -25.71 -30.80
N MET C 246 -10.26 -25.16 -30.00
CA MET C 246 -9.63 -23.91 -30.37
C MET C 246 -8.39 -24.19 -31.23
N GLY C 247 -8.18 -23.34 -32.23
CA GLY C 247 -7.13 -23.56 -33.20
C GLY C 247 -7.66 -23.95 -34.56
N ALA C 248 -8.69 -24.81 -34.57
CA ALA C 248 -9.34 -25.18 -35.83
C ALA C 248 -10.53 -24.26 -36.11
N LEU C 249 -11.06 -23.62 -35.07
CA LEU C 249 -12.09 -22.60 -35.28
C LEU C 249 -11.44 -21.27 -35.64
N VAL C 250 -10.13 -21.15 -35.40
CA VAL C 250 -9.39 -19.92 -35.70
C VAL C 250 -8.62 -20.11 -37.02
N ALA C 251 -9.08 -21.04 -37.86
CA ALA C 251 -8.48 -21.41 -39.13
C ALA C 251 -8.76 -20.38 -40.22
N GLY C 252 -8.66 -20.76 -41.50
CA GLY C 252 -8.65 -19.81 -42.61
C GLY C 252 -9.94 -19.05 -42.85
N ALA C 253 -10.34 -18.29 -41.82
CA ALA C 253 -11.53 -17.45 -41.76
C ALA C 253 -11.06 -16.12 -41.20
N LYS C 254 -10.66 -15.23 -42.10
CA LYS C 254 -9.74 -14.14 -41.79
C LYS C 254 -10.38 -12.95 -41.07
N TYR C 255 -11.36 -12.30 -41.70
CA TYR C 255 -11.97 -11.09 -41.16
C TYR C 255 -12.97 -11.40 -40.03
N ARG C 256 -13.72 -10.37 -39.65
CA ARG C 256 -14.79 -10.52 -38.67
C ARG C 256 -16.03 -11.09 -39.35
N GLY C 257 -16.76 -11.94 -38.62
CA GLY C 257 -17.91 -12.62 -39.15
C GLY C 257 -17.60 -13.98 -39.76
N GLU C 258 -16.39 -14.15 -40.31
CA GLU C 258 -16.00 -15.46 -40.85
C GLU C 258 -15.79 -16.47 -39.73
N PHE C 259 -15.18 -16.03 -38.63
CA PHE C 259 -15.18 -16.79 -37.39
C PHE C 259 -16.62 -17.05 -36.92
N GLU C 260 -17.47 -16.02 -37.03
CA GLU C 260 -18.87 -16.18 -36.71
C GLU C 260 -19.60 -17.01 -37.77
N GLU C 261 -19.01 -17.14 -38.97
CA GLU C 261 -19.60 -17.99 -39.99
C GLU C 261 -19.34 -19.46 -39.71
N ARG C 262 -18.12 -19.78 -39.28
CA ARG C 262 -17.82 -21.18 -38.96
C ARG C 262 -18.47 -21.59 -37.65
N LEU C 263 -18.43 -20.70 -36.64
CA LEU C 263 -19.08 -21.02 -35.37
C LEU C 263 -20.60 -21.01 -35.50
N LYS C 264 -21.14 -20.09 -36.33
CA LYS C 264 -22.57 -20.08 -36.58
C LYS C 264 -23.00 -21.30 -37.38
N GLY C 265 -22.12 -21.77 -38.27
CA GLY C 265 -22.40 -22.99 -39.01
C GLY C 265 -22.43 -24.23 -38.13
N VAL C 266 -21.45 -24.36 -37.24
CA VAL C 266 -21.39 -25.57 -36.40
C VAL C 266 -22.44 -25.50 -35.30
N LEU C 267 -22.86 -24.29 -34.89
CA LEU C 267 -23.83 -24.21 -33.81
C LEU C 267 -25.27 -24.25 -34.32
N ASN C 268 -25.50 -23.80 -35.56
CA ASN C 268 -26.75 -24.16 -36.22
C ASN C 268 -26.78 -25.64 -36.57
N ASP C 269 -25.61 -26.23 -36.80
CA ASP C 269 -25.54 -27.67 -37.05
C ASP C 269 -25.91 -28.43 -35.78
N LEU C 270 -25.38 -28.02 -34.62
CA LEU C 270 -25.79 -28.64 -33.37
C LEU C 270 -27.23 -28.28 -33.02
N ALA C 271 -27.73 -27.15 -33.55
CA ALA C 271 -29.14 -26.81 -33.37
C ALA C 271 -30.04 -27.69 -34.23
N LYS C 272 -29.49 -28.29 -35.30
CA LYS C 272 -30.35 -29.08 -36.18
C LYS C 272 -30.04 -30.57 -36.13
N GLN C 273 -29.10 -30.99 -35.27
CA GLN C 273 -28.88 -32.43 -35.08
C GLN C 273 -29.98 -33.06 -34.23
N GLU C 274 -30.73 -32.24 -33.47
CA GLU C 274 -31.85 -32.66 -32.61
C GLU C 274 -31.42 -33.68 -31.55
N GLY C 275 -30.43 -33.31 -30.75
CA GLY C 275 -30.04 -34.07 -29.58
C GLY C 275 -29.05 -35.20 -29.80
N ASN C 276 -27.87 -34.91 -30.37
CA ASN C 276 -26.95 -35.96 -30.75
C ASN C 276 -25.52 -35.67 -30.30
N VAL C 277 -25.23 -34.48 -29.79
CA VAL C 277 -23.84 -34.13 -29.48
C VAL C 277 -23.71 -33.55 -28.08
N ILE C 278 -22.90 -34.20 -27.24
CA ILE C 278 -22.34 -33.54 -26.06
C ILE C 278 -21.28 -32.57 -26.53
N LEU C 279 -21.52 -31.28 -26.29
CA LEU C 279 -20.53 -30.26 -26.55
C LEU C 279 -19.48 -30.36 -25.45
N PHE C 280 -18.21 -30.23 -25.81
CA PHE C 280 -17.12 -30.47 -24.88
C PHE C 280 -16.16 -29.29 -24.87
N ILE C 281 -15.95 -28.71 -23.69
CA ILE C 281 -15.08 -27.55 -23.52
C ILE C 281 -13.96 -27.94 -22.57
N ASP C 282 -12.84 -28.38 -23.11
CA ASP C 282 -11.64 -28.54 -22.31
C ASP C 282 -11.02 -27.16 -22.13
N ALA C 283 -10.47 -26.91 -20.94
CA ALA C 283 -9.92 -25.62 -20.52
C ALA C 283 -10.97 -24.53 -20.61
N LEU C 284 -11.96 -24.59 -19.70
CA LEU C 284 -13.23 -23.87 -19.84
C LEU C 284 -13.07 -22.35 -19.90
N HIS C 285 -11.92 -21.84 -19.44
CA HIS C 285 -11.74 -20.39 -19.35
C HIS C 285 -11.30 -19.75 -20.67
N THR C 286 -11.10 -20.55 -21.72
CA THR C 286 -10.45 -20.02 -22.92
C THR C 286 -11.47 -19.41 -23.89
N MET C 287 -12.64 -20.03 -24.04
CA MET C 287 -13.55 -19.65 -25.12
C MET C 287 -14.24 -18.32 -24.86
N ALA C 299 -16.68 -14.87 -27.51
CA ALA C 299 -17.87 -15.71 -27.50
C ALA C 299 -18.65 -15.49 -26.22
N GLY C 300 -19.90 -15.97 -26.20
CA GLY C 300 -20.73 -15.87 -25.00
C GLY C 300 -22.12 -15.31 -25.18
N ASN C 301 -22.28 -14.34 -26.08
CA ASN C 301 -23.59 -13.74 -26.32
C ASN C 301 -24.47 -14.68 -27.15
N MET C 302 -23.86 -15.65 -27.83
CA MET C 302 -24.63 -16.66 -28.55
C MET C 302 -25.24 -17.67 -27.59
N LEU C 303 -24.72 -17.71 -26.35
CA LEU C 303 -25.08 -18.76 -25.41
C LEU C 303 -26.31 -18.42 -24.59
N LYS C 304 -26.34 -17.22 -24.01
CA LYS C 304 -27.34 -16.90 -22.99
C LYS C 304 -28.79 -16.86 -23.48
N PRO C 305 -29.12 -16.47 -24.72
CA PRO C 305 -30.47 -16.78 -25.21
C PRO C 305 -30.73 -18.27 -25.37
N ALA C 306 -29.78 -18.99 -25.96
CA ALA C 306 -29.97 -20.42 -26.22
C ALA C 306 -29.95 -21.23 -24.92
N LEU C 307 -29.07 -20.86 -23.99
CA LEU C 307 -29.08 -21.49 -22.68
C LEU C 307 -30.26 -21.01 -21.86
N ALA C 308 -30.78 -19.83 -22.18
CA ALA C 308 -31.97 -19.33 -21.49
C ALA C 308 -33.21 -20.11 -21.90
N ARG C 309 -33.23 -20.62 -23.13
CA ARG C 309 -34.25 -21.60 -23.48
C ARG C 309 -33.92 -22.97 -22.89
N GLY C 310 -32.64 -23.22 -22.60
CA GLY C 310 -32.22 -24.41 -21.90
C GLY C 310 -31.92 -25.60 -22.76
N GLU C 311 -30.94 -25.53 -23.67
CA GLU C 311 -30.77 -26.57 -24.67
C GLU C 311 -29.40 -27.24 -24.67
N LEU C 312 -28.30 -26.47 -24.71
CA LEU C 312 -26.98 -26.97 -25.05
C LEU C 312 -26.38 -27.80 -23.92
N HIS C 313 -25.73 -28.89 -24.29
CA HIS C 313 -25.07 -29.79 -23.36
C HIS C 313 -23.56 -29.62 -23.48
N CYS C 314 -23.02 -28.63 -22.76
CA CYS C 314 -21.59 -28.32 -22.84
C CYS C 314 -20.91 -28.65 -21.53
N VAL C 315 -19.80 -29.38 -21.62
CA VAL C 315 -19.14 -29.97 -20.46
C VAL C 315 -17.74 -29.38 -20.34
N GLY C 316 -17.37 -28.99 -19.12
CA GLY C 316 -16.12 -28.31 -18.86
C GLY C 316 -15.15 -29.11 -17.99
N ALA C 317 -13.92 -28.58 -17.90
CA ALA C 317 -12.86 -29.17 -17.09
C ALA C 317 -11.84 -28.10 -16.73
N THR C 318 -11.89 -27.64 -15.47
CA THR C 318 -11.10 -26.50 -15.03
C THR C 318 -11.02 -26.51 -13.50
N THR C 319 -10.58 -25.38 -12.93
CA THR C 319 -10.43 -25.28 -11.50
C THR C 319 -11.53 -24.42 -10.86
N LEU C 320 -11.38 -24.18 -9.56
CA LEU C 320 -12.40 -23.51 -8.74
C LEU C 320 -12.39 -22.00 -8.95
N ASP C 321 -11.19 -21.42 -8.86
CA ASP C 321 -11.01 -19.98 -9.05
C ASP C 321 -11.43 -19.53 -10.44
N GLU C 322 -11.30 -20.41 -11.44
CA GLU C 322 -11.75 -20.07 -12.78
C GLU C 322 -13.27 -20.09 -12.91
N TYR C 323 -14.00 -20.72 -11.98
CA TYR C 323 -15.46 -20.63 -12.06
C TYR C 323 -15.99 -19.45 -11.24
N ARG C 324 -15.51 -19.27 -10.00
CA ARG C 324 -15.98 -18.14 -9.19
C ARG C 324 -15.63 -16.80 -9.84
N GLN C 325 -14.38 -16.66 -10.29
CA GLN C 325 -14.02 -15.44 -11.01
C GLN C 325 -14.09 -15.62 -12.53
N TYR C 326 -14.55 -16.78 -13.01
CA TYR C 326 -15.21 -16.77 -14.31
C TYR C 326 -16.38 -15.81 -14.22
N ILE C 327 -17.29 -16.09 -13.27
CA ILE C 327 -18.28 -15.10 -12.84
C ILE C 327 -18.78 -15.45 -11.45
N GLU C 328 -19.08 -14.43 -10.65
CA GLU C 328 -20.10 -14.59 -9.61
C GLU C 328 -21.03 -13.39 -9.60
N LYS C 329 -21.46 -12.92 -10.79
CA LYS C 329 -22.20 -11.66 -10.92
C LYS C 329 -23.43 -11.77 -11.83
N ASP C 330 -23.39 -12.65 -12.85
CA ASP C 330 -24.50 -12.76 -13.79
C ASP C 330 -25.24 -14.09 -13.63
N ALA C 331 -26.54 -14.10 -13.94
CA ALA C 331 -27.36 -15.28 -13.71
C ALA C 331 -27.23 -16.29 -14.84
N ALA C 332 -27.12 -15.82 -16.09
CA ALA C 332 -27.47 -16.64 -17.24
C ALA C 332 -26.42 -17.71 -17.53
N LEU C 333 -25.27 -17.64 -16.86
CA LEU C 333 -24.33 -18.74 -16.96
C LEU C 333 -24.14 -19.45 -15.62
N GLU C 334 -24.46 -18.78 -14.52
CA GLU C 334 -24.37 -19.46 -13.22
C GLU C 334 -25.52 -20.43 -13.03
N ARG C 335 -26.60 -20.28 -13.82
CA ARG C 335 -27.78 -21.10 -13.58
C ARG C 335 -27.92 -22.19 -14.62
N ARG C 336 -26.85 -22.44 -15.38
CA ARG C 336 -26.80 -23.67 -16.19
C ARG C 336 -25.57 -24.50 -15.85
N PHE C 337 -24.75 -24.07 -14.89
CA PHE C 337 -23.60 -24.87 -14.48
C PHE C 337 -23.66 -25.21 -13.00
N GLN C 338 -23.65 -26.51 -12.70
CA GLN C 338 -23.47 -27.04 -11.35
C GLN C 338 -22.10 -27.73 -11.28
N LYS C 339 -21.40 -27.50 -10.18
CA LYS C 339 -20.01 -27.94 -10.01
C LYS C 339 -19.94 -29.44 -9.73
N VAL C 340 -18.86 -30.06 -10.20
CA VAL C 340 -18.43 -31.39 -9.73
C VAL C 340 -17.02 -31.25 -9.21
N PHE C 341 -16.87 -31.30 -7.90
CA PHE C 341 -15.58 -31.15 -7.26
C PHE C 341 -14.75 -32.41 -7.47
N VAL C 342 -13.46 -32.24 -7.72
CA VAL C 342 -12.50 -33.34 -7.58
C VAL C 342 -11.38 -32.91 -6.64
N ALA C 343 -11.53 -33.25 -5.37
CA ALA C 343 -10.46 -33.15 -4.39
C ALA C 343 -9.59 -34.40 -4.46
N GLU C 344 -8.78 -34.60 -3.42
CA GLU C 344 -7.85 -35.72 -3.43
C GLU C 344 -8.56 -37.04 -3.22
N PRO C 345 -8.45 -37.96 -4.18
CA PRO C 345 -9.07 -39.28 -4.03
C PRO C 345 -8.30 -40.14 -3.05
N SER C 346 -8.82 -41.35 -2.84
CA SER C 346 -8.07 -42.33 -2.06
C SER C 346 -7.00 -42.99 -2.93
N VAL C 347 -6.27 -43.91 -2.31
CA VAL C 347 -5.16 -44.58 -2.99
C VAL C 347 -5.69 -45.66 -3.93
N GLU C 348 -6.89 -46.19 -3.64
CA GLU C 348 -7.42 -47.33 -4.37
C GLU C 348 -7.83 -46.97 -5.80
N ASP C 349 -8.34 -45.74 -5.99
CA ASP C 349 -8.58 -45.25 -7.35
C ASP C 349 -7.26 -45.14 -8.12
N THR C 350 -6.18 -44.75 -7.44
CA THR C 350 -4.90 -44.57 -8.10
C THR C 350 -4.28 -45.91 -8.50
N ILE C 351 -4.39 -46.91 -7.62
CA ILE C 351 -3.94 -48.26 -7.95
C ILE C 351 -4.79 -48.86 -9.06
N ALA C 352 -6.08 -48.49 -9.11
CA ALA C 352 -6.94 -48.92 -10.20
C ALA C 352 -6.50 -48.32 -11.54
N ILE C 353 -6.10 -47.05 -11.54
CA ILE C 353 -5.67 -46.41 -12.79
C ILE C 353 -4.32 -46.98 -13.23
N LEU C 354 -3.38 -47.17 -12.30
CA LEU C 354 -2.06 -47.69 -12.66
C LEU C 354 -2.13 -49.13 -13.16
N ARG C 355 -2.84 -49.99 -12.43
CA ARG C 355 -2.97 -51.39 -12.85
C ARG C 355 -3.90 -51.52 -14.05
N GLY C 356 -4.69 -50.49 -14.35
CA GLY C 356 -5.48 -50.49 -15.56
C GLY C 356 -4.70 -50.08 -16.79
N LEU C 357 -3.72 -49.19 -16.62
CA LEU C 357 -2.99 -48.67 -17.78
C LEU C 357 -1.61 -49.32 -17.96
N LYS C 358 -1.25 -50.26 -17.07
CA LYS C 358 0.07 -50.88 -17.13
C LYS C 358 0.25 -51.71 -18.40
N GLU C 359 -0.84 -52.22 -18.98
CA GLU C 359 -0.74 -53.06 -20.16
C GLU C 359 -0.45 -52.22 -21.41
N ARG C 360 -1.18 -51.11 -21.58
CA ARG C 360 -0.87 -50.16 -22.65
C ARG C 360 0.52 -49.58 -22.49
N TYR C 361 0.99 -49.46 -21.24
CA TYR C 361 2.38 -49.03 -21.03
C TYR C 361 3.36 -50.14 -21.41
N GLU C 362 2.95 -51.41 -21.30
CA GLU C 362 3.79 -52.50 -21.77
C GLU C 362 3.82 -52.60 -23.28
N LEU C 363 2.77 -52.14 -23.96
CA LEU C 363 2.75 -52.26 -25.42
C LEU C 363 3.30 -51.02 -26.09
N HIS C 364 3.28 -49.88 -25.42
CA HIS C 364 3.92 -48.69 -25.98
C HIS C 364 5.33 -48.52 -25.42
N HIS C 365 5.71 -49.35 -24.43
CA HIS C 365 7.00 -49.21 -23.77
C HIS C 365 7.85 -50.48 -23.73
N HIS C 366 7.26 -51.64 -24.06
CA HIS C 366 7.98 -52.89 -24.32
C HIS C 366 8.73 -53.42 -23.08
N VAL C 367 8.20 -53.14 -21.88
CA VAL C 367 8.83 -53.46 -20.60
C VAL C 367 7.87 -54.22 -19.71
N GLN C 368 8.26 -54.44 -18.45
CA GLN C 368 7.46 -55.23 -17.51
C GLN C 368 6.98 -54.36 -16.35
N ILE C 369 5.99 -54.86 -15.61
CA ILE C 369 5.35 -54.11 -14.53
C ILE C 369 5.50 -54.89 -13.22
N THR C 370 5.81 -54.18 -12.14
CA THR C 370 6.01 -54.77 -10.83
C THR C 370 5.36 -53.88 -9.77
N ASP C 371 4.73 -54.53 -8.76
CA ASP C 371 3.85 -53.94 -7.74
C ASP C 371 4.54 -53.16 -6.61
N PRO C 372 5.71 -53.56 -6.06
CA PRO C 372 6.38 -52.66 -5.10
C PRO C 372 6.80 -51.31 -5.67
N ALA C 373 6.97 -51.21 -6.99
CA ALA C 373 7.23 -49.91 -7.62
C ALA C 373 6.04 -48.98 -7.48
N ILE C 374 4.82 -49.50 -7.68
CA ILE C 374 3.66 -48.62 -7.70
C ILE C 374 3.15 -48.36 -6.29
N VAL C 375 3.33 -49.31 -5.35
CA VAL C 375 2.90 -49.02 -3.98
C VAL C 375 3.94 -48.15 -3.27
N ALA C 376 5.22 -48.30 -3.64
CA ALA C 376 6.25 -47.36 -3.16
C ALA C 376 6.05 -45.98 -3.77
N ALA C 377 5.58 -45.95 -5.02
CA ALA C 377 5.22 -44.67 -5.64
C ALA C 377 4.00 -44.06 -4.97
N ALA C 378 3.13 -44.89 -4.37
CA ALA C 378 1.99 -44.36 -3.64
C ALA C 378 2.41 -43.72 -2.32
N THR C 379 3.17 -44.46 -1.50
CA THR C 379 3.60 -43.96 -0.19
C THR C 379 4.52 -42.74 -0.34
N LEU C 380 5.47 -42.82 -1.27
CA LEU C 380 6.33 -41.67 -1.54
C LEU C 380 5.57 -40.55 -2.25
N SER C 381 4.44 -40.89 -2.90
CA SER C 381 3.66 -39.88 -3.60
C SER C 381 2.88 -39.00 -2.62
N HIS C 382 2.31 -39.57 -1.56
CA HIS C 382 1.62 -38.70 -0.61
C HIS C 382 2.60 -38.09 0.39
N ARG C 383 3.65 -38.84 0.76
CA ARG C 383 4.60 -38.29 1.73
C ARG C 383 5.46 -37.18 1.11
N TYR C 384 6.19 -37.49 0.04
CA TYR C 384 7.17 -36.53 -0.46
C TYR C 384 6.53 -35.42 -1.29
N ILE C 385 5.31 -35.65 -1.79
CA ILE C 385 4.67 -34.69 -2.69
C ILE C 385 3.34 -34.28 -2.05
N ALA C 386 3.23 -33.00 -1.67
CA ALA C 386 1.98 -32.47 -1.12
C ALA C 386 1.38 -31.34 -1.96
N ASP C 387 1.74 -31.25 -3.24
CA ASP C 387 1.14 -30.24 -4.13
C ASP C 387 0.50 -30.85 -5.37
N ARG C 388 1.10 -31.91 -5.94
CA ARG C 388 0.51 -32.55 -7.11
C ARG C 388 -0.73 -33.36 -6.71
N GLN C 389 -1.45 -33.86 -7.70
CA GLN C 389 -2.76 -34.45 -7.48
C GLN C 389 -2.84 -35.84 -8.12
N LEU C 390 -3.63 -36.71 -7.51
CA LEU C 390 -3.71 -38.13 -7.80
C LEU C 390 -4.92 -38.46 -8.66
N PRO C 391 -4.80 -39.47 -9.53
CA PRO C 391 -3.63 -40.29 -9.87
C PRO C 391 -2.80 -39.87 -11.07
N ASP C 392 -2.36 -38.61 -11.15
CA ASP C 392 -1.51 -38.24 -12.27
C ASP C 392 -0.04 -38.50 -11.95
N LYS C 393 0.36 -38.19 -10.71
CA LYS C 393 1.78 -38.25 -10.36
C LYS C 393 2.28 -39.69 -10.27
N ALA C 394 1.40 -40.62 -9.91
CA ALA C 394 1.76 -42.03 -9.95
C ALA C 394 1.97 -42.49 -11.39
N ILE C 395 1.17 -41.94 -12.32
CA ILE C 395 1.29 -42.27 -13.74
C ILE C 395 2.62 -41.82 -14.31
N ASP C 396 2.99 -40.55 -14.12
CA ASP C 396 4.22 -40.11 -14.77
C ASP C 396 5.47 -40.56 -13.99
N LEU C 397 5.32 -40.88 -12.69
CA LEU C 397 6.39 -41.56 -11.97
C LEU C 397 6.68 -42.94 -12.55
N ILE C 398 5.66 -43.81 -12.59
CA ILE C 398 5.89 -45.21 -13.00
C ILE C 398 6.23 -45.28 -14.48
N ASP C 399 5.59 -44.45 -15.31
CA ASP C 399 5.82 -44.51 -16.75
C ASP C 399 7.16 -43.88 -17.13
N GLU C 400 7.51 -42.75 -16.48
CA GLU C 400 8.79 -42.11 -16.79
C GLU C 400 9.96 -42.96 -16.30
N ALA C 401 9.80 -43.63 -15.15
CA ALA C 401 10.82 -44.57 -14.70
C ALA C 401 10.89 -45.79 -15.62
N ALA C 402 9.76 -46.17 -16.23
CA ALA C 402 9.77 -47.25 -17.22
C ALA C 402 10.49 -46.83 -18.50
N SER C 403 10.46 -45.54 -18.82
CA SER C 403 11.27 -45.04 -19.93
C SER C 403 12.75 -45.04 -19.57
N SER C 404 13.06 -44.85 -18.27
CA SER C 404 14.44 -45.02 -17.82
C SER C 404 14.88 -46.47 -17.92
N ILE C 405 13.94 -47.41 -17.73
CA ILE C 405 14.23 -48.82 -17.97
C ILE C 405 14.44 -49.07 -19.47
N ARG C 406 13.72 -48.33 -20.33
CA ARG C 406 13.98 -48.41 -21.77
C ARG C 406 15.38 -47.91 -22.11
N MET C 407 15.86 -46.89 -21.36
CA MET C 407 17.24 -46.43 -21.56
C MET C 407 18.24 -47.46 -21.05
N GLN C 408 17.89 -48.21 -20.00
CA GLN C 408 18.80 -49.23 -19.48
C GLN C 408 18.87 -50.44 -20.40
N ILE C 409 17.75 -50.83 -21.01
CA ILE C 409 17.72 -52.02 -21.86
C ILE C 409 18.28 -51.71 -23.24
N ASP C 410 17.97 -50.50 -23.76
CA ASP C 410 18.32 -50.18 -25.15
C ASP C 410 19.83 -49.98 -25.31
N SER C 411 20.55 -49.74 -24.20
CA SER C 411 22.00 -49.58 -24.29
C SER C 411 22.69 -50.92 -24.04
N LYS C 412 24.04 -50.85 -23.85
CA LYS C 412 25.07 -51.88 -23.71
C LYS C 412 25.64 -51.87 -22.28
N PRO C 413 25.84 -53.05 -21.69
CA PRO C 413 26.19 -53.11 -20.26
C PRO C 413 27.62 -52.64 -19.96
N GLU C 414 27.97 -52.75 -18.67
CA GLU C 414 29.18 -52.10 -18.18
C GLU C 414 30.44 -52.88 -18.53
N GLU C 415 30.40 -54.21 -18.36
CA GLU C 415 31.57 -55.01 -18.70
C GLU C 415 31.81 -55.03 -20.22
N LEU C 416 30.74 -54.89 -21.00
CA LEU C 416 30.90 -54.77 -22.45
C LEU C 416 31.45 -53.40 -22.84
N ASP C 417 31.17 -52.38 -22.03
CA ASP C 417 31.80 -51.07 -22.24
C ASP C 417 33.28 -51.12 -21.89
N ARG C 418 33.64 -51.88 -20.84
CA ARG C 418 35.03 -52.10 -20.50
C ARG C 418 35.76 -52.84 -21.62
N LEU C 419 35.12 -53.90 -22.15
CA LEU C 419 35.67 -54.67 -23.25
C LEU C 419 35.84 -53.82 -24.50
N ASP C 420 34.83 -53.00 -24.83
CA ASP C 420 34.89 -52.16 -26.03
C ASP C 420 35.97 -51.10 -25.90
N ARG C 421 36.02 -50.39 -24.76
CA ARG C 421 37.00 -49.33 -24.59
C ARG C 421 38.42 -49.86 -24.51
N ARG C 422 38.64 -51.01 -23.85
CA ARG C 422 40.01 -51.50 -23.75
C ARG C 422 40.45 -52.22 -25.02
N ILE C 423 39.49 -52.75 -25.80
CA ILE C 423 39.84 -53.24 -27.13
C ILE C 423 40.23 -52.09 -28.04
N ILE C 424 39.50 -50.97 -27.98
CA ILE C 424 39.83 -49.80 -28.79
C ILE C 424 41.18 -49.21 -28.39
N GLN C 425 41.45 -49.12 -27.08
CA GLN C 425 42.72 -48.58 -26.61
C GLN C 425 43.89 -49.50 -26.97
N LEU C 426 43.72 -50.81 -26.83
CA LEU C 426 44.82 -51.72 -27.13
C LEU C 426 45.01 -51.92 -28.63
N LYS C 427 43.99 -51.64 -29.44
CA LYS C 427 44.18 -51.75 -30.88
C LYS C 427 44.72 -50.45 -31.46
N LEU C 428 44.50 -49.32 -30.77
CA LEU C 428 45.23 -48.11 -31.14
C LEU C 428 46.68 -48.18 -30.67
N GLU C 429 46.92 -48.88 -29.56
CA GLU C 429 48.30 -49.14 -29.13
C GLU C 429 48.99 -50.10 -30.08
N GLN C 430 48.26 -51.12 -30.56
CA GLN C 430 48.80 -52.02 -31.58
C GLN C 430 49.04 -51.30 -32.89
N GLN C 431 48.17 -50.34 -33.23
CA GLN C 431 48.39 -49.49 -34.39
C GLN C 431 49.62 -48.61 -34.21
N ALA C 432 49.91 -48.22 -32.97
CA ALA C 432 51.13 -47.46 -32.71
C ALA C 432 52.36 -48.36 -32.73
N LEU C 433 52.16 -49.67 -32.50
CA LEU C 433 53.32 -50.57 -32.43
C LEU C 433 53.61 -51.27 -33.76
N MET C 434 52.68 -51.22 -34.73
CA MET C 434 52.99 -51.79 -36.03
C MET C 434 53.99 -50.93 -36.79
N LYS C 435 53.89 -49.60 -36.65
CA LYS C 435 54.90 -48.69 -37.19
C LYS C 435 56.06 -48.66 -36.21
N GLU C 436 56.92 -49.67 -36.31
CA GLU C 436 57.97 -49.90 -35.34
C GLU C 436 59.35 -49.73 -35.99
N SER C 437 60.35 -49.50 -35.15
CA SER C 437 61.74 -49.47 -35.60
C SER C 437 62.58 -50.58 -34.99
N ASP C 438 62.24 -51.02 -33.78
CA ASP C 438 62.90 -52.12 -33.08
C ASP C 438 61.95 -53.30 -33.11
N GLU C 439 62.09 -54.17 -34.12
CA GLU C 439 61.13 -55.24 -34.32
C GLU C 439 61.33 -56.38 -33.32
N ALA C 440 62.54 -56.53 -32.79
CA ALA C 440 62.81 -57.62 -31.85
C ALA C 440 62.22 -57.33 -30.48
N SER C 441 62.30 -56.07 -30.03
CA SER C 441 61.79 -55.70 -28.72
C SER C 441 60.29 -55.45 -28.76
N LYS C 442 59.78 -54.95 -29.89
CA LYS C 442 58.35 -54.67 -29.98
C LYS C 442 57.59 -55.83 -30.59
N LYS C 443 58.28 -56.90 -30.99
CA LYS C 443 57.62 -58.16 -31.32
C LYS C 443 57.28 -58.97 -30.07
N ARG C 444 57.74 -58.51 -28.91
CA ARG C 444 57.61 -59.18 -27.62
C ARG C 444 56.26 -58.90 -26.95
N LEU C 445 55.25 -58.51 -27.72
CA LEU C 445 53.94 -58.15 -27.19
C LEU C 445 53.00 -59.35 -27.09
N ASP C 446 53.57 -60.56 -27.11
CA ASP C 446 52.80 -61.80 -27.28
C ASP C 446 51.85 -62.05 -26.10
N MET C 447 52.25 -61.64 -24.90
CA MET C 447 51.38 -61.74 -23.74
C MET C 447 50.18 -60.81 -23.85
N LEU C 448 50.45 -59.55 -24.21
CA LEU C 448 49.36 -58.58 -24.36
C LEU C 448 48.56 -58.83 -25.63
N ASN C 449 49.17 -59.48 -26.63
CA ASN C 449 48.43 -59.89 -27.81
C ASN C 449 47.49 -61.05 -27.49
N GLU C 450 47.93 -61.96 -26.61
CA GLU C 450 47.06 -63.04 -26.17
C GLU C 450 45.92 -62.51 -25.30
N GLU C 451 46.22 -61.52 -24.45
CA GLU C 451 45.18 -60.84 -23.68
C GLU C 451 44.18 -60.15 -24.60
N LEU C 452 44.66 -59.44 -25.62
CA LEU C 452 43.79 -58.71 -26.54
C LEU C 452 42.94 -59.67 -27.37
N SER C 453 43.52 -60.80 -27.76
CA SER C 453 42.76 -61.81 -28.51
C SER C 453 41.71 -62.48 -27.62
N ASP C 454 42.00 -62.62 -26.33
CA ASP C 454 40.99 -63.13 -25.40
C ASP C 454 39.86 -62.12 -25.23
N LYS C 455 40.19 -60.82 -25.24
CA LYS C 455 39.16 -59.79 -25.18
C LYS C 455 38.32 -59.78 -26.46
N GLU C 456 38.93 -60.11 -27.60
CA GLU C 456 38.18 -60.17 -28.85
C GLU C 456 37.24 -61.37 -28.89
N ARG C 457 37.71 -62.53 -28.41
CA ARG C 457 36.87 -63.73 -28.44
C ARG C 457 35.73 -63.64 -27.43
N GLN C 458 36.02 -63.21 -26.19
CA GLN C 458 34.97 -63.03 -25.19
C GLN C 458 34.04 -61.89 -25.58
N TYR C 459 34.58 -60.87 -26.26
CA TYR C 459 33.76 -59.78 -26.79
C TYR C 459 32.80 -60.29 -27.86
N SER C 460 33.25 -61.21 -28.71
CA SER C 460 32.37 -61.79 -29.72
C SER C 460 31.29 -62.67 -29.08
N GLU C 461 31.64 -63.35 -27.99
CA GLU C 461 30.65 -64.13 -27.24
C GLU C 461 29.58 -63.22 -26.63
N LEU C 462 29.99 -62.08 -26.06
CA LEU C 462 29.03 -61.13 -25.51
C LEU C 462 28.18 -60.50 -26.60
N GLU C 463 28.76 -60.33 -27.80
CA GLU C 463 27.98 -59.82 -28.93
C GLU C 463 26.91 -60.82 -29.37
N GLU C 464 27.27 -62.11 -29.46
CA GLU C 464 26.30 -63.14 -29.85
C GLU C 464 25.20 -63.28 -28.80
N GLU C 465 25.55 -63.13 -27.53
CA GLU C 465 24.54 -63.06 -26.47
C GLU C 465 23.63 -61.85 -26.66
N TRP C 466 24.18 -60.74 -27.15
CA TRP C 466 23.36 -59.57 -27.43
C TRP C 466 22.45 -59.80 -28.64
N LYS C 467 22.87 -60.64 -29.57
CA LYS C 467 21.98 -61.03 -30.67
C LYS C 467 20.82 -61.88 -30.18
N ALA C 468 21.08 -62.77 -29.22
CA ALA C 468 19.99 -63.52 -28.59
C ALA C 468 19.03 -62.59 -27.85
N GLU C 469 19.58 -61.54 -27.21
CA GLU C 469 18.75 -60.55 -26.53
C GLU C 469 17.90 -59.75 -27.52
N LYS C 470 18.47 -59.44 -28.69
CA LYS C 470 17.70 -58.72 -29.71
C LYS C 470 16.62 -59.60 -30.32
N ALA C 471 16.86 -60.92 -30.37
CA ALA C 471 15.82 -61.83 -30.85
C ALA C 471 14.67 -61.91 -29.86
N SER C 472 14.98 -61.96 -28.56
CA SER C 472 13.94 -62.00 -27.53
C SER C 472 13.13 -60.70 -27.49
N LEU C 473 13.82 -59.56 -27.51
CA LEU C 473 13.13 -58.27 -27.42
C LEU C 473 12.35 -57.94 -28.69
N SER C 474 12.92 -58.27 -29.86
CA SER C 474 12.23 -58.00 -31.11
C SER C 474 11.02 -58.91 -31.28
N GLY C 475 11.16 -60.18 -30.87
CA GLY C 475 10.02 -61.08 -30.87
C GLY C 475 8.93 -60.63 -29.91
N THR C 476 9.34 -60.03 -28.77
CA THR C 476 8.37 -59.44 -27.86
C THR C 476 7.67 -58.24 -28.49
N GLN C 477 8.40 -57.47 -29.31
CA GLN C 477 7.79 -56.34 -30.02
C GLN C 477 6.78 -56.82 -31.06
N THR C 478 7.07 -57.95 -31.72
CA THR C 478 6.15 -58.49 -32.71
C THR C 478 4.89 -59.06 -32.07
N ILE C 479 5.05 -59.80 -30.96
CA ILE C 479 3.88 -60.40 -30.33
C ILE C 479 3.10 -59.35 -29.53
N LYS C 480 3.70 -58.18 -29.26
CA LYS C 480 2.95 -57.12 -28.60
C LYS C 480 2.23 -56.23 -29.60
N ALA C 481 2.81 -56.01 -30.78
CA ALA C 481 2.08 -55.29 -31.82
C ALA C 481 0.93 -56.13 -32.36
N GLU C 482 1.21 -57.41 -32.63
CA GLU C 482 0.15 -58.32 -33.05
C GLU C 482 -0.77 -58.66 -31.89
N LEU C 483 -0.29 -58.52 -30.65
CA LEU C 483 -1.18 -58.61 -29.48
C LEU C 483 -2.13 -57.43 -29.43
N GLU C 484 -1.66 -56.25 -29.85
CA GLU C 484 -2.54 -55.10 -29.96
C GLU C 484 -3.57 -55.29 -31.06
N GLN C 485 -3.14 -55.83 -32.21
CA GLN C 485 -4.08 -56.07 -33.30
C GLN C 485 -5.09 -57.15 -32.92
N ALA C 486 -4.66 -58.16 -32.17
CA ALA C 486 -5.56 -59.24 -31.79
C ALA C 486 -6.52 -58.81 -30.70
N LYS C 487 -6.09 -57.91 -29.80
CA LYS C 487 -7.01 -57.44 -28.77
C LYS C 487 -7.97 -56.39 -29.31
N ILE C 488 -7.56 -55.64 -30.34
CA ILE C 488 -8.52 -54.87 -31.12
C ILE C 488 -9.52 -55.81 -31.80
N ALA C 489 -9.05 -56.98 -32.25
CA ALA C 489 -9.92 -57.93 -32.92
C ALA C 489 -10.93 -58.56 -31.96
N ILE C 490 -10.55 -58.80 -30.71
CA ILE C 490 -11.47 -59.45 -29.78
C ILE C 490 -12.38 -58.41 -29.11
N GLU C 491 -11.91 -57.16 -28.98
CA GLU C 491 -12.80 -56.10 -28.53
C GLU C 491 -13.78 -55.70 -29.62
N GLN C 492 -13.42 -55.92 -30.89
CA GLN C 492 -14.40 -55.80 -31.96
C GLN C 492 -15.35 -57.00 -31.96
N ALA C 493 -14.83 -58.18 -31.61
CA ALA C 493 -15.66 -59.39 -31.60
C ALA C 493 -16.69 -59.36 -30.48
N ARG C 494 -16.39 -58.66 -29.38
CA ARG C 494 -17.39 -58.48 -28.33
C ARG C 494 -18.45 -57.48 -28.76
N ARG C 495 -18.12 -56.55 -29.65
CA ARG C 495 -19.09 -55.56 -30.09
C ARG C 495 -20.03 -56.12 -31.15
N VAL C 496 -19.48 -56.59 -32.26
CA VAL C 496 -20.33 -56.98 -33.39
C VAL C 496 -20.97 -58.35 -33.11
N GLY C 497 -20.31 -59.20 -32.34
CA GLY C 497 -20.92 -60.43 -31.89
C GLY C 497 -20.77 -61.56 -32.88
N ASP C 498 -20.04 -62.59 -32.45
CA ASP C 498 -19.88 -63.82 -33.22
C ASP C 498 -19.51 -64.95 -32.26
N LEU C 499 -20.11 -66.12 -32.43
CA LEU C 499 -19.94 -67.18 -31.44
C LEU C 499 -18.70 -68.02 -31.72
N ALA C 500 -18.62 -68.60 -32.93
CA ALA C 500 -17.53 -69.52 -33.24
C ALA C 500 -16.19 -68.79 -33.36
N ARG C 501 -16.23 -67.51 -33.74
CA ARG C 501 -15.01 -66.72 -33.84
C ARG C 501 -14.42 -66.43 -32.47
N MET C 502 -15.27 -66.02 -31.52
CA MET C 502 -14.80 -65.80 -30.15
C MET C 502 -14.35 -67.10 -29.50
N SER C 503 -15.02 -68.22 -29.82
CA SER C 503 -14.61 -69.50 -29.25
C SER C 503 -13.26 -69.94 -29.81
N GLU C 504 -13.03 -69.76 -31.11
CA GLU C 504 -11.76 -70.18 -31.69
C GLU C 504 -10.64 -69.19 -31.36
N LEU C 505 -10.98 -67.96 -30.97
CA LEU C 505 -9.95 -67.02 -30.57
C LEU C 505 -9.56 -67.19 -29.11
N GLN C 506 -10.52 -67.07 -28.18
CA GLN C 506 -10.15 -67.15 -26.77
C GLN C 506 -9.89 -68.59 -26.34
N TYR C 507 -10.42 -69.56 -27.10
CA TYR C 507 -9.96 -70.94 -26.95
C TYR C 507 -8.97 -71.28 -28.05
N GLY C 508 -8.55 -70.29 -28.83
CA GLY C 508 -7.63 -70.47 -29.93
C GLY C 508 -6.29 -69.79 -29.74
N LYS C 509 -6.16 -68.59 -30.34
CA LYS C 509 -4.86 -67.94 -30.48
C LYS C 509 -4.32 -67.43 -29.14
N ILE C 510 -5.19 -66.94 -28.28
CA ILE C 510 -4.79 -66.29 -27.02
C ILE C 510 -4.16 -67.27 -26.03
N PRO C 511 -4.72 -68.46 -25.69
CA PRO C 511 -3.98 -69.33 -24.75
C PRO C 511 -2.73 -69.97 -25.35
N GLU C 512 -2.64 -70.01 -26.68
CA GLU C 512 -1.40 -70.45 -27.33
C GLU C 512 -0.27 -69.48 -27.06
N LEU C 513 -0.52 -68.18 -27.28
CA LEU C 513 0.47 -67.16 -26.95
C LEU C 513 0.65 -66.99 -25.45
N GLU C 514 -0.33 -67.42 -24.64
CA GLU C 514 -0.12 -67.42 -23.19
C GLU C 514 0.83 -68.53 -22.78
N LYS C 515 0.69 -69.73 -23.34
CA LYS C 515 1.56 -70.83 -22.90
C LYS C 515 2.95 -70.72 -23.52
N GLN C 516 3.06 -70.23 -24.76
CA GLN C 516 4.39 -70.00 -25.31
C GLN C 516 4.98 -68.70 -24.77
N LEU C 517 4.13 -67.82 -24.25
CA LEU C 517 4.63 -66.66 -23.51
C LEU C 517 5.20 -67.06 -22.17
N GLU C 518 4.57 -68.03 -21.48
CA GLU C 518 5.14 -68.54 -20.24
C GLU C 518 6.39 -69.36 -20.51
N ALA C 519 6.44 -70.04 -21.67
CA ALA C 519 7.68 -70.69 -22.10
C ALA C 519 8.75 -69.64 -22.42
N ALA C 520 8.35 -68.47 -22.88
CA ALA C 520 9.30 -67.39 -23.12
C ALA C 520 9.80 -66.77 -21.82
N THR C 521 8.95 -66.74 -20.79
CA THR C 521 9.37 -66.15 -19.52
C THR C 521 10.21 -67.12 -18.71
N GLN C 522 10.00 -68.43 -18.87
CA GLN C 522 10.93 -69.37 -18.24
C GLN C 522 12.20 -69.50 -19.07
N LEU C 523 12.11 -69.23 -20.38
CA LEU C 523 13.30 -69.16 -21.22
C LEU C 523 14.16 -67.96 -20.83
N GLU C 524 13.52 -66.82 -20.56
CA GLU C 524 14.25 -65.66 -20.05
C GLU C 524 14.64 -65.87 -18.60
N GLY C 525 13.97 -66.78 -17.90
CA GLY C 525 14.43 -67.19 -16.58
C GLY C 525 15.67 -68.05 -16.65
N LYS C 526 15.90 -68.69 -17.80
CA LYS C 526 17.08 -69.54 -17.94
C LYS C 526 18.27 -68.79 -18.54
N THR C 527 18.11 -68.23 -19.73
CA THR C 527 19.27 -67.83 -20.51
C THR C 527 19.59 -66.34 -20.45
N MET C 528 18.76 -65.53 -19.81
CA MET C 528 19.04 -64.10 -19.66
C MET C 528 19.92 -63.88 -18.43
N ARG C 529 21.23 -63.96 -18.66
CA ARG C 529 22.19 -63.84 -17.56
C ARG C 529 22.54 -62.39 -17.29
N LEU C 530 22.86 -61.63 -18.35
CA LEU C 530 23.33 -60.26 -18.15
C LEU C 530 22.18 -59.29 -17.91
N LEU C 531 21.24 -59.21 -18.85
CA LEU C 531 20.13 -58.28 -18.78
C LEU C 531 18.95 -58.90 -18.06
N ARG C 532 18.21 -58.09 -17.33
CA ARG C 532 16.98 -58.48 -16.67
C ARG C 532 15.88 -57.52 -17.13
N ASN C 533 14.90 -58.03 -17.85
CA ASN C 533 13.86 -57.17 -18.42
C ASN C 533 12.83 -56.75 -17.38
N LYS C 534 12.67 -57.50 -16.30
CA LYS C 534 11.70 -57.17 -15.27
C LYS C 534 12.25 -56.06 -14.38
N VAL C 535 11.36 -55.30 -13.76
CA VAL C 535 11.74 -54.12 -13.01
C VAL C 535 11.57 -54.36 -11.52
N THR C 536 12.30 -53.58 -10.72
CA THR C 536 12.20 -53.60 -9.26
C THR C 536 11.96 -52.19 -8.74
N ASP C 537 11.73 -52.10 -7.43
CA ASP C 537 11.50 -50.81 -6.78
C ASP C 537 12.81 -50.06 -6.54
N ALA C 538 13.93 -50.78 -6.50
CA ALA C 538 15.24 -50.16 -6.28
C ALA C 538 15.64 -49.26 -7.44
N GLU C 539 15.24 -49.64 -8.66
CA GLU C 539 15.45 -48.79 -9.82
C GLU C 539 14.66 -47.49 -9.70
N ILE C 540 13.44 -47.57 -9.15
CA ILE C 540 12.59 -46.40 -9.00
C ILE C 540 13.19 -45.45 -7.97
N ALA C 541 13.73 -46.02 -6.88
CA ALA C 541 14.40 -45.20 -5.86
C ALA C 541 15.70 -44.61 -6.40
N GLU C 542 16.36 -45.29 -7.33
CA GLU C 542 17.58 -44.73 -7.91
C GLU C 542 17.28 -43.60 -8.89
N VAL C 543 16.17 -43.70 -9.64
CA VAL C 543 15.80 -42.60 -10.54
C VAL C 543 15.36 -41.38 -9.73
N LEU C 544 14.60 -41.59 -8.66
CA LEU C 544 14.23 -40.48 -7.78
C LEU C 544 15.45 -39.88 -7.07
N ALA C 545 16.42 -40.73 -6.71
CA ALA C 545 17.63 -40.24 -6.05
C ALA C 545 18.52 -39.47 -7.00
N ARG C 546 18.49 -39.82 -8.30
CA ARG C 546 19.16 -38.99 -9.29
C ARG C 546 18.38 -37.71 -9.55
N TRP C 547 17.08 -37.71 -9.26
CA TRP C 547 16.29 -36.50 -9.48
C TRP C 547 16.55 -35.45 -8.41
N THR C 548 16.27 -35.77 -7.15
CA THR C 548 16.15 -34.69 -6.16
C THR C 548 17.51 -34.20 -5.68
N GLY C 549 18.57 -34.97 -5.92
CA GLY C 549 19.88 -34.60 -5.43
C GLY C 549 20.21 -35.12 -4.06
N ILE C 550 19.35 -35.96 -3.49
CA ILE C 550 19.65 -36.70 -2.26
C ILE C 550 20.83 -37.63 -2.51
N PRO C 551 21.72 -37.86 -1.53
CA PRO C 551 22.73 -38.92 -1.67
C PRO C 551 22.13 -40.31 -1.85
N VAL C 552 22.46 -40.94 -2.98
CA VAL C 552 21.98 -42.28 -3.28
C VAL C 552 22.83 -43.33 -2.56
N SER C 553 24.02 -42.94 -2.09
CA SER C 553 24.98 -43.91 -1.58
C SER C 553 24.78 -44.22 -0.11
N ARG C 554 23.56 -44.07 0.41
CA ARG C 554 23.31 -44.41 1.81
C ARG C 554 23.15 -45.91 2.00
N MET C 555 22.88 -46.65 0.92
CA MET C 555 22.66 -48.08 1.03
C MET C 555 23.86 -48.89 0.58
N MET C 556 24.32 -48.65 -0.65
CA MET C 556 25.35 -49.50 -1.24
C MET C 556 26.74 -49.16 -0.70
N GLU C 557 27.08 -47.87 -0.68
CA GLU C 557 28.29 -47.43 -0.02
C GLU C 557 28.16 -47.63 1.48
N SER C 558 29.28 -47.96 2.13
CA SER C 558 29.30 -48.33 3.54
C SER C 558 28.97 -47.09 4.37
N GLU C 559 27.74 -47.04 4.89
CA GLU C 559 27.28 -45.89 5.65
C GLU C 559 27.87 -45.85 7.05
N ARG C 560 28.01 -47.02 7.69
CA ARG C 560 28.44 -47.07 9.08
C ARG C 560 29.93 -46.78 9.23
N GLU C 561 30.69 -46.96 8.14
CA GLU C 561 32.14 -46.76 8.21
C GLU C 561 32.47 -45.27 8.33
N LYS C 562 31.64 -44.40 7.75
CA LYS C 562 31.85 -42.97 7.93
C LYS C 562 30.94 -42.42 9.02
N LEU C 563 29.84 -43.13 9.32
CA LEU C 563 28.89 -42.65 10.31
C LEU C 563 29.36 -42.95 11.74
N LEU C 564 30.20 -43.96 11.91
CA LEU C 564 30.78 -44.21 13.23
C LEU C 564 31.93 -43.26 13.53
N ARG C 565 32.51 -42.65 12.50
CA ARG C 565 33.59 -41.69 12.67
C ARG C 565 33.16 -40.25 12.35
N MET C 566 31.86 -39.93 12.54
CA MET C 566 31.39 -38.56 12.36
C MET C 566 32.02 -37.62 13.36
N GLU C 567 32.32 -38.14 14.56
CA GLU C 567 33.01 -37.37 15.59
C GLU C 567 34.37 -36.89 15.10
N GLN C 568 35.20 -37.79 14.58
CA GLN C 568 36.55 -37.44 14.16
C GLN C 568 36.55 -36.60 12.89
N GLU C 569 35.60 -36.89 11.97
CA GLU C 569 35.44 -36.08 10.77
C GLU C 569 35.04 -34.66 11.12
N LEU C 570 34.29 -34.48 12.21
CA LEU C 570 34.10 -33.14 12.75
C LEU C 570 35.36 -32.65 13.47
N HIS C 571 36.14 -33.57 14.07
CA HIS C 571 37.37 -33.20 14.79
C HIS C 571 38.47 -32.68 13.86
N HIS C 572 38.34 -32.88 12.54
CA HIS C 572 39.30 -32.31 11.60
C HIS C 572 39.28 -30.78 11.63
N ARG C 573 38.12 -30.18 11.90
CA ARG C 573 38.08 -28.72 12.00
C ARG C 573 37.45 -28.24 13.31
N VAL C 574 36.42 -28.93 13.82
CA VAL C 574 35.82 -28.62 15.10
C VAL C 574 36.28 -29.71 16.08
N ILE C 575 37.39 -29.47 16.77
CA ILE C 575 38.00 -30.51 17.58
C ILE C 575 37.56 -30.29 19.02
N GLY C 576 37.57 -31.38 19.80
CA GLY C 576 36.95 -31.34 21.10
C GLY C 576 35.44 -31.43 20.98
N GLN C 577 34.76 -30.92 22.01
CA GLN C 577 33.29 -30.80 22.09
C GLN C 577 32.62 -32.16 21.96
N ASN C 578 32.91 -33.02 22.94
CA ASN C 578 32.39 -34.39 22.93
C ASN C 578 30.89 -34.41 23.17
N GLU C 579 30.42 -33.58 24.10
CA GLU C 579 28.99 -33.54 24.40
C GLU C 579 28.21 -32.86 23.27
N ALA C 580 28.85 -31.89 22.59
CA ALA C 580 28.22 -31.22 21.47
C ALA C 580 28.02 -32.16 20.29
N VAL C 581 28.97 -33.06 20.06
CA VAL C 581 28.80 -34.03 18.98
C VAL C 581 27.99 -35.22 19.45
N ASP C 582 27.84 -35.40 20.77
CA ASP C 582 26.88 -36.38 21.28
C ASP C 582 25.45 -35.93 20.99
N ALA C 583 25.11 -34.69 21.37
CA ALA C 583 23.75 -34.23 21.15
C ALA C 583 23.50 -33.92 19.68
N VAL C 584 24.36 -33.09 19.09
CA VAL C 584 24.21 -32.69 17.68
C VAL C 584 24.38 -33.89 16.76
N SER C 585 25.48 -34.64 16.95
CA SER C 585 25.75 -35.73 16.03
C SER C 585 24.84 -36.93 16.28
N ASN C 586 24.35 -37.11 17.52
CA ASN C 586 23.26 -38.06 17.71
C ASN C 586 21.99 -37.61 17.03
N ALA C 587 21.74 -36.30 17.01
CA ALA C 587 20.57 -35.78 16.29
C ALA C 587 20.72 -35.99 14.79
N ILE C 588 21.96 -36.07 14.31
CA ILE C 588 22.17 -36.48 12.93
C ILE C 588 22.04 -38.00 12.80
N ARG C 589 22.28 -38.74 13.89
CA ARG C 589 22.06 -40.19 13.83
C ARG C 589 20.57 -40.50 13.74
N ARG C 590 19.74 -39.65 14.37
CA ARG C 590 18.32 -39.75 14.08
C ARG C 590 17.88 -38.77 12.99
N SER C 591 18.83 -38.19 12.23
CA SER C 591 18.44 -37.60 10.94
C SER C 591 18.61 -38.61 9.82
N ARG C 592 19.82 -39.19 9.73
CA ARG C 592 20.09 -40.23 8.73
C ARG C 592 19.53 -41.58 9.14
N ALA C 593 19.02 -41.70 10.37
CA ALA C 593 18.24 -42.89 10.71
C ALA C 593 16.77 -42.69 10.40
N GLY C 594 16.23 -41.53 10.75
CA GLY C 594 14.83 -41.21 10.52
C GLY C 594 13.92 -41.38 11.72
N LEU C 595 14.48 -41.46 12.93
CA LEU C 595 13.71 -41.84 14.12
C LEU C 595 12.77 -40.76 14.60
N ALA C 596 13.14 -39.48 14.42
CA ALA C 596 12.25 -38.40 14.80
C ALA C 596 11.08 -38.34 13.81
N ASP C 597 10.06 -37.69 14.22
CA ASP C 597 8.81 -37.62 13.48
C ASP C 597 8.99 -36.68 12.29
N PRO C 598 8.57 -37.08 11.08
CA PRO C 598 8.54 -36.12 9.98
C PRO C 598 7.46 -35.06 10.12
N ASN C 599 6.43 -35.28 10.95
CA ASN C 599 5.50 -34.20 11.25
C ASN C 599 6.01 -33.38 12.43
N ARG C 600 7.16 -33.76 12.96
CA ARG C 600 8.04 -32.86 13.71
C ARG C 600 9.07 -32.34 12.74
N PRO C 601 9.92 -31.40 13.18
CA PRO C 601 11.26 -31.34 12.58
C PRO C 601 12.07 -32.52 13.07
N ILE C 602 12.79 -33.12 12.13
CA ILE C 602 13.65 -34.24 12.47
C ILE C 602 14.77 -33.77 13.39
N GLY C 603 15.27 -32.56 13.15
CA GLY C 603 16.21 -31.94 14.07
C GLY C 603 15.87 -30.50 14.29
N SER C 604 16.27 -29.98 15.44
CA SER C 604 16.24 -28.57 15.81
C SER C 604 17.12 -28.40 17.04
N PHE C 605 17.75 -27.23 17.20
CA PHE C 605 18.70 -27.03 18.29
C PHE C 605 18.53 -25.67 18.95
N LEU C 606 19.31 -25.46 20.01
CA LEU C 606 19.66 -24.14 20.53
C LEU C 606 21.13 -24.20 20.93
N PHE C 607 22.01 -23.76 20.04
CA PHE C 607 23.46 -23.82 20.29
C PHE C 607 23.83 -22.82 21.37
N LEU C 608 24.21 -23.33 22.52
CA LEU C 608 24.67 -22.56 23.65
C LEU C 608 26.12 -22.92 23.93
N GLY C 609 26.82 -22.05 24.67
CA GLY C 609 28.16 -22.36 25.09
C GLY C 609 29.16 -21.23 24.90
N PRO C 610 30.43 -21.48 25.24
CA PRO C 610 31.43 -20.41 25.28
C PRO C 610 31.88 -19.95 23.90
N THR C 611 32.90 -19.11 23.90
CA THR C 611 33.46 -18.53 22.69
C THR C 611 34.63 -19.36 22.18
N GLY C 612 34.76 -19.39 20.86
CA GLY C 612 35.87 -20.06 20.21
C GLY C 612 35.79 -21.56 20.17
N VAL C 613 34.59 -22.13 20.16
CA VAL C 613 34.41 -23.56 20.13
C VAL C 613 33.51 -24.01 18.98
N GLY C 614 32.97 -23.07 18.20
CA GLY C 614 32.56 -23.46 16.87
C GLY C 614 31.09 -23.56 16.48
N LYS C 615 30.23 -22.61 16.88
CA LYS C 615 28.82 -22.64 16.52
C LYS C 615 28.61 -22.70 15.01
N THR C 616 29.02 -21.64 14.29
CA THR C 616 28.90 -21.65 12.85
C THR C 616 29.98 -22.54 12.23
N GLU C 617 30.98 -22.94 13.01
CA GLU C 617 31.96 -23.91 12.51
C GLU C 617 31.41 -25.34 12.54
N LEU C 618 30.59 -25.66 13.54
CA LEU C 618 29.95 -26.98 13.52
C LEU C 618 28.69 -26.96 12.67
N CYS C 619 28.19 -25.78 12.31
CA CYS C 619 27.04 -25.73 11.41
C CYS C 619 27.48 -25.69 9.95
N LYS C 620 28.51 -24.92 9.63
CA LYS C 620 29.13 -25.01 8.32
C LYS C 620 29.81 -26.36 8.14
N ALA C 621 30.43 -26.87 9.20
CA ALA C 621 30.98 -28.22 9.16
C ALA C 621 29.87 -29.26 9.14
N LEU C 622 28.70 -28.90 9.67
CA LEU C 622 27.62 -29.86 9.79
C LEU C 622 26.90 -30.01 8.47
N ALA C 623 26.57 -28.89 7.84
CA ALA C 623 26.05 -28.88 6.47
C ALA C 623 27.11 -29.37 5.50
N ASN C 624 28.37 -29.09 5.79
CA ASN C 624 29.48 -29.57 4.98
C ASN C 624 29.59 -31.09 5.05
N PHE C 625 29.21 -31.67 6.20
CA PHE C 625 29.21 -33.13 6.32
C PHE C 625 27.96 -33.72 5.68
N MET C 626 26.80 -33.13 5.93
CA MET C 626 25.55 -33.74 5.52
C MET C 626 25.27 -33.53 4.03
N PHE C 627 25.13 -32.27 3.60
CA PHE C 627 24.54 -32.03 2.28
C PHE C 627 25.47 -31.30 1.31
N ASP C 628 26.75 -31.67 1.24
CA ASP C 628 27.74 -31.31 0.21
C ASP C 628 28.11 -29.83 0.09
N SER C 629 27.52 -28.92 0.87
CA SER C 629 27.78 -27.51 0.62
C SER C 629 27.57 -26.66 1.87
N ASP C 630 28.21 -25.48 1.87
CA ASP C 630 28.01 -24.49 2.92
C ASP C 630 27.09 -23.37 2.48
N GLU C 631 27.13 -22.98 1.21
CA GLU C 631 26.30 -21.90 0.69
C GLU C 631 24.92 -22.37 0.24
N ALA C 632 24.68 -23.67 0.20
CA ALA C 632 23.32 -24.17 0.06
C ALA C 632 22.58 -23.83 1.35
N MET C 633 23.27 -24.00 2.46
CA MET C 633 22.88 -23.43 3.73
C MET C 633 22.98 -21.90 3.68
N VAL C 634 21.94 -21.24 4.15
CA VAL C 634 21.84 -19.79 4.06
C VAL C 634 21.77 -19.20 5.46
N ARG C 635 22.68 -18.27 5.76
CA ARG C 635 22.76 -17.63 7.06
C ARG C 635 21.83 -16.43 7.09
N ILE C 636 20.79 -16.53 7.90
CA ILE C 636 19.75 -15.51 7.99
C ILE C 636 19.59 -15.10 9.44
N ASP C 637 19.97 -13.86 9.74
CA ASP C 637 20.13 -13.39 11.12
C ASP C 637 18.87 -12.64 11.54
N MET C 638 18.63 -12.62 12.86
CA MET C 638 17.43 -12.02 13.42
C MET C 638 17.69 -10.68 14.10
N SER C 639 18.95 -10.32 14.33
CA SER C 639 19.24 -8.99 14.89
C SER C 639 19.07 -7.91 13.83
N GLU C 640 19.12 -8.31 12.56
CA GLU C 640 18.57 -7.47 11.51
C GLU C 640 17.06 -7.41 11.61
N PHE C 641 16.45 -8.51 12.00
CA PHE C 641 15.00 -8.65 11.96
C PHE C 641 14.38 -8.21 13.28
N MET C 642 14.55 -6.92 13.56
CA MET C 642 14.09 -6.35 14.83
C MET C 642 12.65 -5.89 14.77
N GLU C 643 12.01 -6.00 13.61
CA GLU C 643 10.88 -5.15 13.27
C GLU C 643 9.58 -5.96 13.10
N LYS C 644 8.46 -5.25 12.99
CA LYS C 644 7.19 -5.89 12.65
C LYS C 644 7.14 -6.19 11.15
N HIS C 645 8.02 -5.54 10.38
CA HIS C 645 8.14 -5.86 8.96
C HIS C 645 8.89 -7.18 8.76
N SER C 646 9.44 -7.76 9.84
CA SER C 646 10.11 -9.05 9.75
C SER C 646 9.14 -10.17 9.41
N VAL C 647 7.87 -10.02 9.79
CA VAL C 647 6.91 -11.05 9.41
C VAL C 647 6.62 -10.96 7.92
N SER C 648 6.80 -9.77 7.34
CA SER C 648 6.75 -9.61 5.90
C SER C 648 8.08 -9.98 5.26
N ARG C 649 9.13 -10.15 6.07
CA ARG C 649 10.44 -10.51 5.51
C ARG C 649 10.65 -12.03 5.50
N LEU C 650 10.08 -12.76 6.46
CA LEU C 650 10.18 -14.22 6.35
C LEU C 650 8.87 -14.96 6.64
N VAL C 651 7.94 -14.37 7.40
CA VAL C 651 6.66 -15.05 7.56
C VAL C 651 5.85 -15.00 6.26
N GLY C 652 5.75 -13.82 5.66
CA GLY C 652 4.93 -13.61 4.50
C GLY C 652 4.48 -12.17 4.46
N ALA C 653 4.62 -11.55 3.32
CA ALA C 653 4.28 -10.16 3.17
C ALA C 653 2.77 -9.97 3.22
N PRO C 654 2.30 -8.76 3.54
CA PRO C 654 0.94 -8.39 3.18
C PRO C 654 0.70 -8.58 1.70
N PRO C 655 -0.44 -9.15 1.33
CA PRO C 655 -0.57 -9.78 0.01
C PRO C 655 -0.58 -8.77 -1.13
N GLY C 656 -0.35 -9.29 -2.32
CA GLY C 656 -0.21 -8.49 -3.51
C GLY C 656 1.16 -7.86 -3.69
N TYR C 657 2.07 -8.00 -2.71
CA TYR C 657 3.41 -7.45 -2.81
C TYR C 657 4.25 -8.27 -3.78
N VAL C 658 5.37 -7.70 -4.19
CA VAL C 658 6.41 -8.43 -4.92
C VAL C 658 7.19 -9.27 -3.90
N GLY C 659 7.20 -8.82 -2.64
CA GLY C 659 7.72 -9.66 -1.57
C GLY C 659 6.76 -10.78 -1.20
N TYR C 660 5.47 -10.54 -1.38
CA TYR C 660 4.46 -11.59 -1.24
C TYR C 660 4.60 -12.65 -2.32
N GLU C 661 5.11 -12.27 -3.49
CA GLU C 661 5.23 -13.21 -4.59
C GLU C 661 6.59 -13.91 -4.61
N GLU C 662 7.67 -13.21 -4.25
CA GLU C 662 9.00 -13.81 -4.34
C GLU C 662 9.27 -14.78 -3.18
N GLY C 663 9.29 -14.28 -1.95
CA GLY C 663 9.63 -15.08 -0.80
C GLY C 663 11.08 -14.92 -0.38
N GLY C 664 11.36 -15.33 0.85
CA GLY C 664 12.68 -15.18 1.42
C GLY C 664 13.64 -16.26 0.97
N TYR C 665 14.78 -16.31 1.66
CA TYR C 665 15.77 -17.34 1.38
C TYR C 665 15.47 -18.62 2.15
N LEU C 666 14.55 -18.53 3.11
CA LEU C 666 13.99 -19.70 3.77
C LEU C 666 13.29 -20.62 2.77
N THR C 667 12.20 -20.13 2.19
CA THR C 667 11.32 -20.94 1.36
C THR C 667 12.02 -21.35 0.06
N GLU C 668 12.89 -20.49 -0.47
CA GLU C 668 13.61 -20.84 -1.69
C GLU C 668 14.79 -21.75 -1.40
N ALA C 669 15.48 -21.54 -0.27
CA ALA C 669 16.65 -22.36 0.04
C ALA C 669 16.27 -23.80 0.34
N VAL C 670 15.10 -24.01 0.96
CA VAL C 670 14.64 -25.39 1.13
C VAL C 670 13.88 -25.85 -0.10
N ARG C 671 13.34 -24.91 -0.87
CA ARG C 671 12.57 -25.27 -2.05
C ARG C 671 13.44 -25.86 -3.15
N ARG C 672 14.68 -25.37 -3.27
CA ARG C 672 15.60 -25.94 -4.25
C ARG C 672 16.08 -27.31 -3.83
N ARG C 673 16.61 -27.43 -2.62
CA ARG C 673 17.09 -28.68 -2.07
C ARG C 673 16.15 -29.06 -0.95
N PRO C 674 15.21 -30.01 -1.17
CA PRO C 674 14.18 -30.29 -0.17
C PRO C 674 14.70 -30.88 1.12
N TYR C 675 15.95 -31.35 1.16
CA TYR C 675 16.58 -31.77 2.41
C TYR C 675 17.75 -30.79 2.55
N SER C 676 17.59 -29.83 3.44
CA SER C 676 18.56 -28.77 3.53
C SER C 676 18.86 -28.47 4.98
N VAL C 677 19.71 -27.46 5.17
CA VAL C 677 20.16 -27.00 6.47
C VAL C 677 19.66 -25.57 6.64
N ILE C 678 18.68 -25.39 7.51
CA ILE C 678 18.00 -24.12 7.65
C ILE C 678 18.64 -23.38 8.80
N LEU C 679 19.65 -22.57 8.50
CA LEU C 679 20.45 -21.90 9.50
C LEU C 679 19.88 -20.52 9.76
N LEU C 680 19.72 -20.18 11.04
CA LEU C 680 19.18 -18.89 11.45
C LEU C 680 19.97 -18.42 12.68
N ASP C 681 21.08 -17.72 12.45
CA ASP C 681 21.95 -17.30 13.54
C ASP C 681 21.33 -16.15 14.34
N ALA C 682 21.65 -16.15 15.64
CA ALA C 682 21.35 -15.10 16.62
C ALA C 682 19.87 -14.70 16.65
N VAL C 683 19.04 -15.58 17.20
CA VAL C 683 17.58 -15.40 17.20
C VAL C 683 17.06 -14.69 18.45
N GLU C 684 17.95 -14.25 19.35
CA GLU C 684 17.46 -13.71 20.61
C GLU C 684 16.87 -12.31 20.44
N LYS C 685 17.14 -11.65 19.31
CA LYS C 685 16.52 -10.37 19.03
C LYS C 685 15.55 -10.45 17.85
N ALA C 686 14.75 -11.53 17.78
CA ALA C 686 13.85 -11.73 16.67
C ALA C 686 12.46 -11.18 16.97
N HIS C 687 11.50 -11.55 16.13
CA HIS C 687 10.14 -11.07 16.27
C HIS C 687 9.19 -12.19 16.72
N PRO C 688 8.23 -11.89 17.60
CA PRO C 688 7.40 -12.95 18.18
C PRO C 688 6.38 -13.57 17.23
N ASP C 689 6.06 -12.93 16.11
CA ASP C 689 5.14 -13.55 15.18
C ASP C 689 5.89 -14.31 14.08
N VAL C 690 7.19 -14.07 13.97
CA VAL C 690 8.08 -15.01 13.31
C VAL C 690 8.20 -16.28 14.15
N PHE C 691 8.11 -16.14 15.47
CA PHE C 691 8.09 -17.30 16.34
C PHE C 691 6.79 -18.08 16.23
N ASN C 692 5.75 -17.48 15.62
CA ASN C 692 4.53 -18.25 15.38
C ASN C 692 4.68 -19.23 14.23
N ILE C 693 5.35 -18.82 13.15
CA ILE C 693 5.61 -19.80 12.10
C ILE C 693 6.76 -20.71 12.51
N LEU C 694 7.59 -20.28 13.46
CA LEU C 694 8.53 -21.23 14.07
C LEU C 694 7.78 -22.25 14.93
N LEU C 695 6.67 -21.83 15.52
CA LEU C 695 5.80 -22.79 16.20
C LEU C 695 5.12 -23.69 15.19
N GLN C 696 4.86 -23.17 13.98
CA GLN C 696 4.27 -23.97 12.91
C GLN C 696 5.25 -25.03 12.42
N VAL C 697 6.51 -24.65 12.18
CA VAL C 697 7.47 -25.60 11.62
C VAL C 697 7.97 -26.55 12.72
N LEU C 698 7.97 -26.07 13.97
CA LEU C 698 8.40 -26.92 15.08
C LEU C 698 7.28 -27.86 15.50
N ASP C 699 6.03 -27.49 15.22
CA ASP C 699 4.93 -28.41 15.49
C ASP C 699 4.67 -29.33 14.31
N ASP C 700 5.03 -28.89 13.10
CA ASP C 700 4.45 -29.48 11.91
C ASP C 700 5.50 -30.00 10.95
N GLY C 701 6.62 -29.29 10.81
CA GLY C 701 7.39 -29.47 9.60
C GLY C 701 6.68 -28.96 8.38
N ARG C 702 5.81 -27.96 8.53
CA ARG C 702 5.18 -27.28 7.42
C ARG C 702 5.18 -25.79 7.74
N LEU C 703 5.01 -24.98 6.70
CA LEU C 703 4.95 -23.53 6.83
C LEU C 703 3.91 -22.98 5.89
N THR C 704 2.81 -22.49 6.43
CA THR C 704 1.73 -21.91 5.63
C THR C 704 2.22 -20.60 5.04
N ASP C 705 2.65 -20.65 3.78
CA ASP C 705 3.16 -19.47 3.10
C ASP C 705 2.05 -18.72 2.37
N GLY C 706 2.42 -17.79 1.49
CA GLY C 706 1.57 -16.71 1.01
C GLY C 706 0.20 -16.99 0.39
N GLN C 707 0.13 -17.90 -0.59
CA GLN C 707 -1.12 -18.11 -1.32
C GLN C 707 -2.08 -19.01 -0.53
N GLY C 708 -1.55 -19.73 0.44
CA GLY C 708 -2.35 -20.69 1.18
C GLY C 708 -1.80 -22.09 1.15
N ARG C 709 -0.72 -22.34 0.41
CA ARG C 709 -0.08 -23.64 0.43
C ARG C 709 0.76 -23.80 1.69
N THR C 710 1.50 -24.89 1.75
CA THR C 710 2.51 -25.07 2.78
C THR C 710 3.88 -25.18 2.14
N VAL C 711 4.91 -25.11 2.98
CA VAL C 711 6.29 -25.34 2.54
C VAL C 711 6.74 -26.65 3.16
N ASP C 712 7.32 -27.52 2.34
CA ASP C 712 7.67 -28.88 2.74
C ASP C 712 8.91 -28.84 3.62
N PHE C 713 8.70 -28.85 4.93
CA PHE C 713 9.79 -29.01 5.88
C PHE C 713 9.76 -30.35 6.59
N ARG C 714 9.04 -31.34 6.06
CA ARG C 714 8.84 -32.59 6.82
C ARG C 714 10.08 -33.47 6.85
N ASN C 715 11.09 -33.18 6.01
CA ASN C 715 12.32 -33.96 5.99
C ASN C 715 13.56 -33.07 5.91
N THR C 716 13.57 -31.96 6.64
CA THR C 716 14.73 -31.10 6.78
C THR C 716 14.75 -30.50 8.18
N VAL C 717 15.83 -29.80 8.50
CA VAL C 717 16.19 -29.45 9.86
C VAL C 717 16.41 -27.93 9.94
N VAL C 718 15.80 -27.29 10.93
CA VAL C 718 16.00 -25.87 11.18
C VAL C 718 17.01 -25.72 12.32
N ILE C 719 17.99 -24.84 12.13
CA ILE C 719 19.18 -24.76 12.98
C ILE C 719 19.41 -23.30 13.39
N MET C 720 19.73 -23.07 14.67
CA MET C 720 19.84 -21.75 15.28
C MET C 720 20.95 -21.70 16.32
N THR C 721 22.04 -20.98 16.00
CA THR C 721 23.13 -20.76 16.96
C THR C 721 22.80 -19.55 17.82
N SER C 722 22.89 -19.73 19.13
CA SER C 722 22.36 -18.73 20.05
C SER C 722 23.49 -18.09 20.82
N ASN C 723 23.38 -16.76 20.99
CA ASN C 723 24.38 -15.92 21.64
C ASN C 723 23.90 -15.46 23.01
N LEU C 724 23.34 -16.38 23.80
CA LEU C 724 22.82 -16.00 25.12
C LEU C 724 23.57 -16.69 26.24
N GLY C 725 23.63 -18.02 26.23
CA GLY C 725 24.17 -18.74 27.37
C GLY C 725 25.67 -18.94 27.34
N VAL C 726 26.42 -17.90 26.98
CA VAL C 726 27.87 -17.99 26.87
C VAL C 726 28.50 -17.89 28.24
N ARG C 727 28.30 -16.75 28.91
CA ARG C 727 28.98 -16.49 30.19
C ARG C 727 28.34 -17.31 31.32
N GLU C 728 27.08 -17.69 31.15
CA GLU C 728 26.45 -18.64 32.07
C GLU C 728 27.16 -19.99 32.03
N THR C 729 27.45 -20.48 30.82
CA THR C 729 28.25 -21.70 30.66
C THR C 729 29.67 -21.49 31.17
N GLU C 730 30.19 -20.27 31.04
CA GLU C 730 31.48 -19.94 31.63
C GLU C 730 31.42 -19.88 33.16
N ARG C 731 30.21 -19.83 33.73
CA ARG C 731 30.10 -19.82 35.19
C ARG C 731 29.83 -21.22 35.74
N LYS C 732 29.16 -22.09 34.97
CA LYS C 732 28.82 -23.41 35.52
C LYS C 732 30.04 -24.33 35.56
N SER C 733 31.01 -24.09 34.68
CA SER C 733 32.11 -25.04 34.50
C SER C 733 33.44 -24.44 34.96
N ILE C 734 34.06 -25.09 35.95
CA ILE C 734 33.51 -26.24 36.66
C ILE C 734 33.56 -25.87 38.15
N GLY C 735 32.80 -26.58 38.98
CA GLY C 735 32.62 -26.21 40.37
C GLY C 735 31.23 -25.72 40.70
N LEU C 736 30.39 -25.53 39.69
CA LEU C 736 29.01 -25.13 39.87
C LEU C 736 28.12 -26.19 39.22
N ILE C 737 26.93 -26.40 39.78
CA ILE C 737 26.06 -27.52 39.41
C ILE C 737 25.45 -27.23 38.04
N HIS C 738 25.27 -28.28 37.23
CA HIS C 738 24.82 -28.12 35.85
C HIS C 738 23.34 -27.71 35.78
N GLN C 739 22.52 -28.25 36.69
CA GLN C 739 21.10 -27.93 36.68
C GLN C 739 20.83 -26.53 37.23
N ASP C 740 21.82 -25.93 37.91
CA ASP C 740 21.71 -24.53 38.28
C ASP C 740 21.84 -23.64 37.05
N ASN C 741 22.70 -24.02 36.10
CA ASN C 741 22.80 -23.25 34.86
C ASN C 741 21.63 -23.56 33.94
N SER C 742 21.10 -24.79 34.03
CA SER C 742 19.82 -25.08 33.40
C SER C 742 18.72 -24.21 33.99
N THR C 743 18.82 -23.92 35.30
CA THR C 743 17.80 -23.14 35.99
C THR C 743 17.84 -21.67 35.58
N ASP C 744 18.98 -21.00 35.78
CA ASP C 744 18.98 -19.55 35.56
C ASP C 744 19.22 -19.21 34.08
N ALA C 745 19.89 -20.10 33.33
CA ALA C 745 19.91 -19.95 31.88
C ALA C 745 18.52 -20.17 31.31
N MET C 746 17.78 -21.11 31.91
CA MET C 746 16.37 -21.27 31.57
C MET C 746 15.55 -20.05 31.99
N GLU C 747 16.01 -19.33 33.02
CA GLU C 747 15.32 -18.11 33.45
C GLU C 747 15.49 -16.98 32.45
N GLU C 748 16.72 -16.76 31.95
CA GLU C 748 16.90 -15.70 30.96
C GLU C 748 16.28 -16.10 29.63
N ILE C 749 16.24 -17.41 29.33
CA ILE C 749 15.42 -17.91 28.22
C ILE C 749 13.95 -17.55 28.45
N LYS C 750 13.47 -17.64 29.70
CA LYS C 750 12.09 -17.23 29.99
C LYS C 750 11.92 -15.72 29.92
N LYS C 751 13.02 -14.96 29.96
CA LYS C 751 12.91 -13.53 29.64
C LYS C 751 12.88 -13.31 28.14
N ILE C 752 13.48 -14.22 27.36
CA ILE C 752 13.70 -13.90 25.96
C ILE C 752 13.04 -14.90 24.97
N PHE C 753 12.72 -16.12 25.40
CA PHE C 753 12.12 -17.12 24.51
C PHE C 753 10.74 -17.56 25.01
N ARG C 754 10.23 -18.62 24.35
CA ARG C 754 9.11 -19.46 24.75
C ARG C 754 9.59 -20.89 25.02
N PRO C 755 8.95 -21.60 25.97
CA PRO C 755 9.43 -22.95 26.29
C PRO C 755 9.13 -24.01 25.23
N GLU C 756 8.15 -23.79 24.34
CA GLU C 756 7.84 -24.79 23.32
C GLU C 756 8.93 -24.84 22.26
N PHE C 757 9.72 -23.78 22.17
CA PHE C 757 10.92 -23.80 21.33
C PHE C 757 11.94 -24.81 21.86
N ILE C 758 12.29 -24.71 23.15
CA ILE C 758 13.27 -25.61 23.76
C ILE C 758 12.70 -27.03 23.88
N ASN C 759 11.38 -27.14 23.93
CA ASN C 759 10.78 -28.48 23.91
C ASN C 759 10.85 -29.11 22.53
N ARG C 760 10.51 -28.35 21.48
CA ARG C 760 10.47 -28.95 20.15
C ARG C 760 11.86 -29.10 19.53
N ILE C 761 12.89 -28.49 20.12
CA ILE C 761 14.23 -28.88 19.70
C ILE C 761 14.53 -30.24 20.32
N ASP C 762 14.98 -31.17 19.48
CA ASP C 762 15.25 -32.52 19.98
C ASP C 762 16.49 -32.55 20.84
N GLU C 763 17.38 -31.58 20.65
CA GLU C 763 18.58 -31.47 21.47
C GLU C 763 18.74 -30.02 21.91
N VAL C 764 19.10 -29.82 23.18
CA VAL C 764 19.32 -28.50 23.74
C VAL C 764 20.81 -28.42 24.06
N VAL C 765 21.60 -27.88 23.14
CA VAL C 765 23.04 -28.11 23.10
C VAL C 765 23.79 -26.99 23.78
N VAL C 766 24.64 -27.35 24.74
CA VAL C 766 25.51 -26.43 25.47
C VAL C 766 26.95 -26.87 25.27
N PHE C 767 27.81 -25.94 24.84
CA PHE C 767 29.20 -26.23 24.56
C PHE C 767 30.04 -26.15 25.85
N HIS C 768 31.37 -26.22 25.70
CA HIS C 768 32.30 -26.15 26.83
C HIS C 768 33.70 -25.72 26.39
N PRO C 769 34.55 -25.18 27.31
CA PRO C 769 35.92 -24.78 26.91
C PRO C 769 36.88 -25.95 26.68
N LEU C 770 38.15 -25.61 26.45
CA LEU C 770 39.16 -26.60 26.08
C LEU C 770 40.42 -26.38 26.90
N GLY C 771 41.37 -27.31 26.73
CA GLY C 771 42.64 -27.25 27.45
C GLY C 771 43.77 -26.66 26.61
N GLU C 772 44.96 -26.64 27.20
CA GLU C 772 46.11 -26.00 26.56
C GLU C 772 46.70 -26.88 25.47
N GLN C 773 46.61 -28.20 25.60
CA GLN C 773 47.02 -29.08 24.51
C GLN C 773 46.01 -29.03 23.37
N HIS C 774 44.76 -28.68 23.67
CA HIS C 774 43.79 -28.39 22.62
C HIS C 774 44.12 -27.07 21.93
N ILE C 775 44.69 -26.12 22.68
CA ILE C 775 45.16 -24.87 22.07
C ILE C 775 46.32 -25.15 21.13
N ALA C 776 47.20 -26.08 21.52
CA ALA C 776 48.27 -26.52 20.62
C ALA C 776 47.71 -27.27 19.41
N SER C 777 46.59 -28.00 19.61
CA SER C 777 46.03 -28.77 18.51
C SER C 777 45.36 -27.86 17.47
N ILE C 778 44.60 -26.85 17.94
CA ILE C 778 44.02 -25.90 17.01
C ILE C 778 45.08 -24.96 16.47
N ALA C 779 46.22 -24.85 17.15
CA ALA C 779 47.36 -24.15 16.58
C ALA C 779 47.91 -24.91 15.38
N GLN C 780 48.08 -26.23 15.51
CA GLN C 780 48.62 -27.02 14.40
C GLN C 780 47.65 -27.09 13.22
N ILE C 781 46.38 -27.39 13.50
CA ILE C 781 45.42 -27.49 12.41
C ILE C 781 45.00 -26.10 11.93
N GLN C 782 45.37 -25.05 12.67
CA GLN C 782 45.24 -23.70 12.14
C GLN C 782 46.42 -23.34 11.24
N LEU C 783 47.59 -23.95 11.47
CA LEU C 783 48.76 -23.69 10.63
C LEU C 783 48.78 -24.53 9.35
N LYS C 784 47.98 -25.61 9.29
CA LYS C 784 47.99 -26.49 8.11
C LYS C 784 47.62 -25.77 6.82
N ARG C 785 46.66 -24.84 6.89
CA ARG C 785 46.28 -24.05 5.72
C ARG C 785 47.41 -23.11 5.30
N LEU C 786 48.18 -22.62 6.27
CA LEU C 786 49.35 -21.81 5.96
C LEU C 786 50.43 -22.64 5.26
N TYR C 787 50.55 -23.93 5.64
CA TYR C 787 51.48 -24.79 4.91
C TYR C 787 50.99 -25.07 3.49
N LYS C 788 49.67 -25.11 3.28
CA LYS C 788 49.15 -25.26 1.93
C LYS C 788 49.44 -24.03 1.08
N ARG C 789 49.17 -22.83 1.63
CA ARG C 789 49.37 -21.61 0.86
C ARG C 789 50.85 -21.32 0.66
N LEU C 790 51.71 -21.85 1.53
CA LEU C 790 53.15 -21.82 1.26
C LEU C 790 53.55 -22.91 0.28
N GLU C 791 52.73 -23.96 0.12
CA GLU C 791 53.00 -24.94 -0.93
C GLU C 791 52.52 -24.43 -2.28
N GLU C 792 51.68 -23.37 -2.27
CA GLU C 792 51.19 -22.79 -3.52
C GLU C 792 52.33 -22.16 -4.34
N ARG C 793 53.37 -21.66 -3.67
CA ARG C 793 54.45 -21.03 -4.42
C ARG C 793 55.79 -21.73 -4.24
N GLY C 794 55.83 -22.85 -3.50
CA GLY C 794 57.01 -23.68 -3.45
C GLY C 794 57.83 -23.61 -2.17
N TYR C 795 57.22 -23.25 -1.04
CA TYR C 795 57.92 -23.13 0.22
C TYR C 795 57.71 -24.39 1.07
N GLU C 796 58.71 -24.74 1.87
CA GLU C 796 58.60 -25.82 2.85
C GLU C 796 59.29 -25.37 4.15
N ILE C 797 58.49 -24.91 5.11
CA ILE C 797 58.98 -24.12 6.26
C ILE C 797 58.66 -24.89 7.55
N HIS C 798 59.60 -24.86 8.51
CA HIS C 798 59.50 -25.59 9.76
C HIS C 798 59.49 -24.64 10.95
N ILE C 799 58.65 -24.92 11.95
CA ILE C 799 58.46 -24.08 13.13
C ILE C 799 58.64 -24.93 14.39
N SER C 800 59.34 -24.37 15.40
CA SER C 800 59.63 -25.07 16.64
C SER C 800 58.45 -25.04 17.62
N ASP C 801 58.71 -25.50 18.85
CA ASP C 801 57.64 -25.73 19.82
C ASP C 801 57.63 -24.71 20.95
N GLU C 802 58.78 -24.09 21.25
CA GLU C 802 58.87 -23.15 22.37
C GLU C 802 58.07 -21.89 22.08
N ALA C 803 58.14 -21.41 20.83
CA ALA C 803 57.32 -20.28 20.41
C ALA C 803 55.84 -20.63 20.48
N LEU C 804 55.48 -21.89 20.19
CA LEU C 804 54.10 -22.35 20.33
C LEU C 804 53.67 -22.38 21.79
N LYS C 805 54.62 -22.64 22.70
CA LYS C 805 54.31 -22.55 24.13
C LYS C 805 54.06 -21.10 24.51
N LEU C 806 54.78 -20.15 23.91
CA LEU C 806 54.45 -18.74 24.10
C LEU C 806 53.12 -18.38 23.43
N LEU C 807 52.71 -19.14 22.40
CA LEU C 807 51.42 -18.89 21.78
C LEU C 807 50.28 -19.35 22.68
N SER C 808 50.42 -20.52 23.30
CA SER C 808 49.39 -20.98 24.23
C SER C 808 49.39 -20.17 25.52
N GLU C 809 50.55 -19.61 25.88
CA GLU C 809 50.61 -18.77 27.09
C GLU C 809 50.00 -17.40 26.85
N ASN C 810 50.49 -16.68 25.84
CA ASN C 810 50.10 -15.29 25.65
C ASN C 810 48.80 -15.16 24.86
N GLY C 811 48.43 -16.20 24.11
CA GLY C 811 47.22 -16.09 23.29
C GLY C 811 45.95 -16.41 24.06
N TYR C 812 46.10 -17.06 25.22
CA TYR C 812 44.95 -17.52 25.99
C TYR C 812 44.67 -16.59 27.16
N ASP C 813 43.53 -15.88 27.09
CA ASP C 813 43.03 -15.07 28.18
C ASP C 813 41.70 -15.66 28.66
N PRO C 814 41.39 -15.56 29.98
CA PRO C 814 40.31 -16.37 30.53
C PRO C 814 38.90 -15.99 30.10
N VAL C 815 38.66 -14.70 29.88
CA VAL C 815 37.31 -14.20 29.62
C VAL C 815 36.95 -14.35 28.15
N TYR C 816 37.96 -14.57 27.30
CA TYR C 816 37.72 -14.56 25.87
C TYR C 816 37.88 -15.92 25.19
N GLY C 817 38.80 -16.76 25.64
CA GLY C 817 38.99 -18.05 24.97
C GLY C 817 40.16 -18.03 24.01
N ALA C 818 40.22 -19.07 23.16
CA ALA C 818 41.33 -19.20 22.23
C ALA C 818 41.08 -18.52 20.89
N ARG C 819 40.16 -17.57 20.84
CA ARG C 819 39.96 -16.74 19.65
C ARG C 819 41.18 -15.88 19.30
N PRO C 820 41.89 -15.21 20.22
CA PRO C 820 43.09 -14.46 19.78
C PRO C 820 44.35 -15.31 19.64
N LEU C 821 44.23 -16.64 19.52
CA LEU C 821 45.41 -17.48 19.34
C LEU C 821 46.11 -17.20 18.01
N LYS C 822 45.40 -17.40 16.89
CA LYS C 822 46.00 -17.21 15.57
C LYS C 822 46.31 -15.73 15.32
N ARG C 823 45.50 -14.84 15.89
CA ARG C 823 45.77 -13.41 15.77
C ARG C 823 47.01 -13.04 16.58
N ALA C 824 47.29 -13.81 17.65
CA ALA C 824 48.55 -13.66 18.36
C ALA C 824 49.70 -14.31 17.61
N ILE C 825 49.40 -15.32 16.79
CA ILE C 825 50.43 -15.91 15.93
C ILE C 825 50.90 -14.89 14.90
N GLN C 826 49.95 -14.18 14.27
CA GLN C 826 50.36 -13.20 13.27
C GLN C 826 50.94 -11.94 13.94
N GLN C 827 50.35 -11.49 15.05
CA GLN C 827 50.81 -10.23 15.63
C GLN C 827 52.09 -10.42 16.44
N GLN C 828 52.41 -11.66 16.79
CA GLN C 828 53.63 -11.91 17.55
C GLN C 828 54.70 -12.56 16.69
N ILE C 829 54.34 -13.05 15.51
CA ILE C 829 55.26 -13.81 14.67
C ILE C 829 55.38 -13.25 13.27
N GLU C 830 54.24 -13.05 12.59
CA GLU C 830 54.26 -13.06 11.13
C GLU C 830 54.51 -11.69 10.52
N ASN C 831 54.80 -10.67 11.33
CA ASN C 831 54.99 -9.34 10.77
C ASN C 831 56.35 -9.12 10.10
N PRO C 832 57.52 -9.38 10.73
CA PRO C 832 58.77 -9.06 10.03
C PRO C 832 59.12 -10.06 8.93
N LEU C 833 58.47 -11.23 8.92
CA LEU C 833 58.63 -12.18 7.83
C LEU C 833 58.08 -11.62 6.53
N ALA C 834 56.84 -11.14 6.55
CA ALA C 834 56.26 -10.53 5.35
C ALA C 834 56.87 -9.16 5.08
N GLN C 835 57.38 -8.50 6.12
CA GLN C 835 58.16 -7.29 5.92
C GLN C 835 59.45 -7.60 5.15
N GLN C 836 60.01 -8.80 5.35
CA GLN C 836 61.18 -9.20 4.58
C GLN C 836 60.82 -9.79 3.22
N ILE C 837 59.58 -10.26 3.03
CA ILE C 837 59.20 -10.72 1.69
C ILE C 837 58.83 -9.51 0.83
N LEU C 838 58.54 -8.38 1.45
CA LEU C 838 58.40 -7.15 0.66
C LEU C 838 59.70 -6.36 0.62
N SER C 839 60.66 -6.67 1.51
CA SER C 839 61.93 -5.95 1.52
C SER C 839 62.87 -6.42 0.43
N GLY C 840 62.87 -7.71 0.10
CA GLY C 840 63.76 -8.27 -0.89
C GLY C 840 64.83 -9.20 -0.34
N GLU C 841 64.87 -9.39 0.99
CA GLU C 841 65.89 -10.25 1.58
C GLU C 841 65.61 -11.73 1.34
N LEU C 842 64.33 -12.09 1.16
CA LEU C 842 63.91 -13.47 1.05
C LEU C 842 63.58 -13.80 -0.40
N VAL C 843 64.00 -14.97 -0.86
CA VAL C 843 63.86 -15.38 -2.25
C VAL C 843 62.90 -16.57 -2.33
N PRO C 844 61.99 -16.61 -3.31
CA PRO C 844 61.16 -17.80 -3.50
C PRO C 844 61.99 -19.00 -3.95
N GLY C 845 61.46 -20.18 -3.68
CA GLY C 845 62.13 -21.42 -3.99
C GLY C 845 63.18 -21.87 -3.02
N LYS C 846 63.41 -21.12 -1.94
CA LYS C 846 64.41 -21.44 -0.94
C LYS C 846 63.74 -21.86 0.36
N VAL C 847 64.55 -22.36 1.29
CA VAL C 847 64.03 -22.92 2.54
C VAL C 847 64.10 -21.84 3.63
N ILE C 848 63.08 -21.82 4.48
CA ILE C 848 62.98 -20.87 5.59
C ILE C 848 62.69 -21.68 6.85
N ARG C 849 63.38 -21.38 7.95
CA ARG C 849 63.12 -22.02 9.23
C ARG C 849 63.04 -20.97 10.34
N LEU C 850 61.95 -21.03 11.11
CA LEU C 850 61.73 -20.12 12.24
C LEU C 850 62.20 -20.79 13.51
N GLU C 851 63.12 -20.13 14.22
CA GLU C 851 63.68 -20.65 15.47
C GLU C 851 63.58 -19.58 16.55
N VAL C 852 64.24 -19.83 17.68
CA VAL C 852 64.17 -18.96 18.84
C VAL C 852 65.57 -18.44 19.18
N ASN C 853 65.76 -17.13 18.95
CA ASN C 853 66.90 -16.37 19.42
C ASN C 853 66.51 -15.74 20.75
N GLU C 854 67.23 -14.70 21.17
CA GLU C 854 66.76 -13.78 22.21
C GLU C 854 65.36 -13.28 21.92
N ASP C 855 64.59 -12.90 22.94
CA ASP C 855 63.14 -13.11 22.97
C ASP C 855 62.38 -12.25 21.96
N ARG C 856 62.62 -12.50 20.67
CA ARG C 856 61.82 -12.05 19.55
C ARG C 856 61.84 -13.16 18.51
N ILE C 857 60.88 -13.15 17.59
CA ILE C 857 60.84 -14.14 16.52
C ILE C 857 61.52 -13.55 15.29
N VAL C 858 62.52 -14.26 14.78
CA VAL C 858 63.38 -13.77 13.71
C VAL C 858 63.26 -14.74 12.53
N ALA C 859 63.62 -14.26 11.35
CA ALA C 859 63.68 -15.06 10.13
C ALA C 859 65.12 -15.12 9.63
N VAL C 860 65.47 -16.22 8.99
CA VAL C 860 66.84 -16.47 8.56
C VAL C 860 66.80 -17.38 7.33
N GLN C 861 67.88 -17.34 6.54
CA GLN C 861 68.02 -18.18 5.35
C GLN C 861 69.15 -19.16 5.59
N LEU D 165 9.64 -24.59 -42.18
CA LEU D 165 10.67 -24.94 -41.21
C LEU D 165 12.07 -24.80 -41.81
N LYS D 166 12.27 -23.77 -42.65
CA LYS D 166 13.55 -23.61 -43.32
C LYS D 166 14.27 -22.35 -42.89
N LYS D 167 13.57 -21.21 -42.87
CA LYS D 167 14.24 -19.94 -42.59
C LYS D 167 14.03 -19.53 -41.14
N TYR D 168 12.78 -19.54 -40.67
CA TYR D 168 12.44 -19.32 -39.28
C TYR D 168 12.98 -20.42 -38.38
N THR D 169 13.07 -21.62 -38.90
CA THR D 169 13.51 -22.78 -38.15
C THR D 169 14.79 -23.32 -38.79
N ILE D 170 15.85 -23.38 -37.99
CA ILE D 170 17.21 -23.47 -38.48
C ILE D 170 17.83 -24.78 -38.00
N ASP D 171 18.50 -25.49 -38.91
CA ASP D 171 18.97 -26.85 -38.66
C ASP D 171 20.33 -26.81 -37.94
N LEU D 172 20.57 -27.79 -37.07
CA LEU D 172 21.88 -27.94 -36.45
C LEU D 172 22.65 -29.11 -37.05
N THR D 173 22.01 -29.86 -37.95
CA THR D 173 22.68 -30.96 -38.63
C THR D 173 23.77 -30.45 -39.55
N GLU D 174 23.52 -29.31 -40.21
CA GLU D 174 24.54 -28.70 -41.03
C GLU D 174 25.64 -28.07 -40.18
N ARG D 175 25.27 -27.54 -39.01
CA ARG D 175 26.23 -26.82 -38.18
C ARG D 175 27.16 -27.79 -37.46
N ALA D 176 26.63 -28.94 -37.08
CA ALA D 176 27.48 -30.01 -36.57
C ALA D 176 28.15 -30.75 -37.73
N GLU D 177 27.57 -30.65 -38.93
CA GLU D 177 28.09 -31.37 -40.09
C GLU D 177 29.39 -30.76 -40.59
N GLN D 178 29.46 -29.43 -40.65
CA GLN D 178 30.68 -28.79 -41.14
C GLN D 178 31.75 -28.66 -40.07
N GLY D 179 31.47 -29.05 -38.83
CA GLY D 179 32.43 -28.96 -37.75
C GLY D 179 32.40 -27.65 -37.00
N LYS D 180 31.27 -26.94 -37.01
CA LYS D 180 31.24 -25.56 -36.57
C LYS D 180 30.88 -25.43 -35.09
N LEU D 181 30.49 -26.52 -34.44
CA LEU D 181 30.07 -26.47 -33.05
C LEU D 181 31.27 -26.58 -32.12
N ASP D 182 31.13 -25.98 -30.95
CA ASP D 182 32.16 -26.07 -29.92
C ASP D 182 31.84 -27.20 -28.94
N PRO D 183 32.86 -27.94 -28.51
CA PRO D 183 32.63 -29.11 -27.64
C PRO D 183 32.53 -28.80 -26.15
N VAL D 184 32.46 -29.87 -25.34
CA VAL D 184 32.63 -29.83 -23.89
C VAL D 184 33.51 -31.01 -23.48
N ILE D 185 34.34 -30.80 -22.43
CA ILE D 185 35.19 -31.83 -21.85
C ILE D 185 34.91 -31.90 -20.36
N GLY D 186 34.49 -33.08 -19.89
CA GLY D 186 34.13 -33.28 -18.51
C GLY D 186 32.67 -33.09 -18.17
N ARG D 187 31.82 -32.86 -19.18
CA ARG D 187 30.36 -32.81 -19.01
C ARG D 187 29.81 -34.13 -19.54
N ASP D 188 29.51 -35.05 -18.62
CA ASP D 188 28.95 -36.32 -19.05
C ASP D 188 27.62 -36.58 -18.35
N GLU D 189 27.44 -36.01 -17.17
CA GLU D 189 26.31 -36.36 -16.30
C GLU D 189 25.02 -35.73 -16.80
N GLU D 190 25.00 -34.40 -16.98
CA GLU D 190 23.76 -33.76 -17.40
C GLU D 190 23.49 -33.96 -18.88
N ILE D 191 24.49 -34.37 -19.65
CA ILE D 191 24.27 -34.75 -21.04
C ILE D 191 23.64 -36.14 -21.11
N ARG D 192 24.05 -37.04 -20.21
CA ARG D 192 23.37 -38.32 -20.08
C ARG D 192 21.94 -38.12 -19.58
N ARG D 193 21.73 -37.10 -18.73
CA ARG D 193 20.39 -36.69 -18.35
C ARG D 193 19.61 -36.16 -19.56
N THR D 194 20.29 -35.46 -20.47
CA THR D 194 19.63 -34.95 -21.67
C THR D 194 19.15 -36.10 -22.56
N ILE D 195 19.97 -37.15 -22.68
CA ILE D 195 19.55 -38.38 -23.36
C ILE D 195 18.35 -39.00 -22.65
N GLN D 196 18.38 -39.00 -21.30
CA GLN D 196 17.32 -39.64 -20.51
C GLN D 196 15.99 -38.91 -20.68
N VAL D 197 16.02 -37.60 -20.89
CA VAL D 197 14.78 -36.89 -21.18
C VAL D 197 14.38 -37.09 -22.64
N LEU D 198 15.37 -37.24 -23.54
CA LEU D 198 15.07 -37.40 -24.96
C LEU D 198 14.43 -38.75 -25.29
N GLN D 199 14.58 -39.76 -24.42
CA GLN D 199 14.00 -41.06 -24.78
C GLN D 199 12.59 -41.27 -24.22
N ARG D 200 11.79 -40.21 -24.11
CA ARG D 200 10.45 -40.36 -23.55
C ARG D 200 9.41 -40.66 -24.62
N ARG D 201 8.14 -40.74 -24.18
CA ARG D 201 7.02 -40.99 -25.09
C ARG D 201 6.16 -39.73 -25.25
N THR D 202 5.86 -39.05 -24.14
CA THR D 202 5.14 -37.79 -24.00
C THR D 202 5.73 -37.09 -22.78
N LYS D 203 5.20 -35.89 -22.48
CA LYS D 203 5.77 -34.86 -21.61
C LYS D 203 7.29 -34.79 -21.74
N ASN D 204 7.74 -34.69 -23.00
CA ASN D 204 9.12 -34.87 -23.39
C ASN D 204 9.85 -33.56 -23.67
N ASN D 205 9.64 -32.55 -22.83
CA ASN D 205 10.07 -31.19 -23.12
C ASN D 205 10.94 -30.65 -21.98
N PRO D 206 12.27 -30.75 -22.05
CA PRO D 206 13.10 -30.30 -20.92
C PRO D 206 13.34 -28.79 -20.93
N VAL D 207 13.78 -28.29 -19.78
CA VAL D 207 14.22 -26.91 -19.62
C VAL D 207 15.57 -26.93 -18.89
N LEU D 208 16.64 -26.59 -19.60
CA LEU D 208 17.96 -26.48 -18.99
C LEU D 208 18.02 -25.21 -18.17
N ILE D 209 18.25 -25.35 -16.86
CA ILE D 209 18.17 -24.23 -15.93
C ILE D 209 19.55 -23.99 -15.34
N GLY D 210 19.97 -22.73 -15.29
CA GLY D 210 21.21 -22.34 -14.65
C GLY D 210 21.42 -20.85 -14.79
N GLU D 211 22.36 -20.34 -13.99
CA GLU D 211 22.73 -18.93 -14.09
C GLU D 211 23.44 -18.69 -15.41
N PRO D 212 23.07 -17.62 -16.13
CA PRO D 212 23.59 -17.40 -17.49
C PRO D 212 25.10 -17.17 -17.54
N GLY D 213 25.74 -17.90 -18.46
CA GLY D 213 27.19 -17.99 -18.49
C GLY D 213 27.74 -19.25 -17.89
N VAL D 214 27.04 -20.38 -18.01
CA VAL D 214 27.45 -21.60 -17.34
C VAL D 214 27.65 -22.74 -18.35
N GLY D 215 27.03 -22.63 -19.52
CA GLY D 215 27.31 -23.59 -20.57
C GLY D 215 26.22 -24.58 -20.94
N LYS D 216 24.96 -24.15 -20.87
CA LYS D 216 23.86 -25.05 -21.21
C LYS D 216 23.74 -25.23 -22.72
N THR D 217 24.03 -24.18 -23.49
CA THR D 217 24.06 -24.33 -24.93
C THR D 217 25.29 -25.12 -25.39
N ALA D 218 26.35 -25.14 -24.58
CA ALA D 218 27.48 -25.99 -24.92
C ALA D 218 27.20 -27.45 -24.57
N ILE D 219 26.32 -27.68 -23.58
CA ILE D 219 25.71 -28.99 -23.41
C ILE D 219 24.95 -29.37 -24.68
N VAL D 220 24.18 -28.42 -25.23
CA VAL D 220 23.34 -28.69 -26.39
C VAL D 220 24.19 -28.97 -27.63
N GLU D 221 25.21 -28.15 -27.85
CA GLU D 221 26.02 -28.26 -29.06
C GLU D 221 27.02 -29.40 -28.95
N GLY D 222 27.48 -29.69 -27.74
CA GLY D 222 28.22 -30.93 -27.54
C GLY D 222 27.35 -32.15 -27.75
N LEU D 223 26.05 -32.02 -27.44
CA LEU D 223 25.11 -33.11 -27.69
C LEU D 223 24.84 -33.27 -29.18
N ALA D 224 24.88 -32.16 -29.94
CA ALA D 224 24.71 -32.25 -31.38
C ALA D 224 25.99 -32.67 -32.06
N GLN D 225 27.12 -32.49 -31.39
CA GLN D 225 28.35 -33.16 -31.82
C GLN D 225 28.27 -34.65 -31.54
N ARG D 226 27.57 -35.04 -30.46
CA ARG D 226 27.28 -36.45 -30.26
C ARG D 226 26.25 -36.94 -31.28
N ILE D 227 25.46 -36.03 -31.87
CA ILE D 227 24.63 -36.40 -33.01
C ILE D 227 25.50 -36.66 -34.23
N ILE D 228 26.45 -35.75 -34.52
CA ILE D 228 27.15 -35.82 -35.80
C ILE D 228 28.28 -36.84 -35.74
N ASN D 229 28.66 -37.28 -34.54
CA ASN D 229 29.64 -38.36 -34.46
C ASN D 229 29.00 -39.73 -34.70
N GLY D 230 27.68 -39.79 -34.73
CA GLY D 230 26.98 -41.06 -34.73
C GLY D 230 26.76 -41.63 -33.35
N GLU D 231 27.07 -40.87 -32.30
CA GLU D 231 27.00 -41.34 -30.92
C GLU D 231 25.60 -41.31 -30.34
N VAL D 232 24.58 -41.08 -31.16
CA VAL D 232 23.19 -41.16 -30.73
C VAL D 232 22.68 -42.59 -30.91
N PRO D 233 21.67 -43.02 -30.14
CA PRO D 233 21.07 -44.33 -30.37
C PRO D 233 20.33 -44.45 -31.70
N GLU D 234 19.85 -45.66 -31.98
CA GLU D 234 19.30 -45.96 -33.29
C GLU D 234 17.91 -45.36 -33.43
N GLY D 235 17.20 -45.22 -32.32
CA GLY D 235 16.01 -44.39 -32.33
C GLY D 235 16.35 -42.93 -32.49
N LEU D 236 17.34 -42.45 -31.72
CA LEU D 236 17.74 -41.06 -31.75
C LEU D 236 18.51 -40.67 -32.99
N LYS D 237 19.11 -41.61 -33.72
CA LYS D 237 19.66 -41.23 -35.00
C LYS D 237 18.51 -41.10 -36.01
N GLY D 238 18.68 -40.17 -36.94
CA GLY D 238 17.57 -39.76 -37.79
C GLY D 238 16.58 -38.82 -37.15
N ARG D 239 16.79 -38.43 -35.89
CA ARG D 239 15.95 -37.43 -35.25
C ARG D 239 16.68 -36.08 -35.32
N ARG D 240 16.31 -35.28 -36.32
CA ARG D 240 17.07 -34.09 -36.69
C ARG D 240 16.60 -32.89 -35.87
N VAL D 241 17.53 -32.06 -35.44
CA VAL D 241 17.26 -30.94 -34.54
C VAL D 241 17.17 -29.66 -35.38
N LEU D 242 16.02 -29.00 -35.32
CA LEU D 242 15.74 -27.78 -36.09
C LEU D 242 15.29 -26.69 -35.13
N ALA D 243 15.94 -25.53 -35.17
CA ALA D 243 15.75 -24.50 -34.16
C ALA D 243 14.89 -23.35 -34.66
N LEU D 244 13.66 -23.26 -34.15
CA LEU D 244 12.73 -22.22 -34.57
C LEU D 244 13.04 -20.89 -33.91
N ASP D 245 13.15 -19.84 -34.73
CA ASP D 245 13.48 -18.49 -34.29
C ASP D 245 12.20 -17.67 -34.23
N MET D 246 11.80 -17.28 -33.01
CA MET D 246 10.61 -16.44 -32.84
C MET D 246 10.85 -15.03 -33.36
N GLY D 247 12.09 -14.54 -33.27
CA GLY D 247 12.40 -13.22 -33.78
C GLY D 247 12.32 -13.15 -35.30
N ALA D 248 12.55 -14.29 -35.96
CA ALA D 248 12.25 -14.38 -37.38
C ALA D 248 10.74 -14.47 -37.61
N LEU D 249 9.99 -15.00 -36.63
CA LEU D 249 8.55 -15.20 -36.82
C LEU D 249 7.79 -13.89 -36.78
N VAL D 250 7.96 -13.10 -35.71
CA VAL D 250 7.13 -11.89 -35.57
C VAL D 250 7.65 -10.76 -36.46
N ALA D 251 8.79 -10.97 -37.12
CA ALA D 251 9.12 -10.16 -38.28
C ALA D 251 8.09 -10.37 -39.37
N GLY D 252 7.30 -9.33 -39.63
CA GLY D 252 6.27 -9.38 -40.65
C GLY D 252 4.96 -9.99 -40.21
N ALA D 253 4.80 -10.32 -38.92
CA ALA D 253 3.54 -10.84 -38.40
C ALA D 253 2.53 -9.70 -38.40
N LYS D 254 1.64 -9.70 -39.39
CA LYS D 254 0.80 -8.54 -39.62
C LYS D 254 -0.37 -8.49 -38.62
N TYR D 255 -1.24 -9.49 -38.65
CA TYR D 255 -2.43 -9.47 -37.82
C TYR D 255 -2.70 -10.84 -37.23
N ARG D 256 -3.83 -10.93 -36.52
CA ARG D 256 -4.35 -12.23 -36.12
C ARG D 256 -4.77 -13.01 -37.35
N GLY D 257 -4.09 -14.13 -37.60
CA GLY D 257 -4.40 -15.00 -38.70
C GLY D 257 -3.22 -15.51 -39.49
N GLU D 258 -2.22 -14.67 -39.77
CA GLU D 258 -1.02 -15.16 -40.46
C GLU D 258 -0.18 -16.05 -39.55
N PHE D 259 -0.09 -15.66 -38.27
CA PHE D 259 0.68 -16.41 -37.29
C PHE D 259 0.05 -17.77 -37.03
N GLU D 260 -1.28 -17.80 -36.91
CA GLU D 260 -2.00 -19.07 -36.81
C GLU D 260 -1.88 -19.88 -38.10
N GLU D 261 -1.77 -19.19 -39.24
CA GLU D 261 -1.65 -19.87 -40.54
C GLU D 261 -0.35 -20.63 -40.66
N ARG D 262 0.78 -19.96 -40.46
CA ARG D 262 2.05 -20.62 -40.71
C ARG D 262 2.48 -21.43 -39.49
N LEU D 263 1.93 -21.09 -38.32
CA LEU D 263 2.11 -21.95 -37.15
C LEU D 263 1.34 -23.27 -37.31
N LYS D 264 0.13 -23.23 -37.88
CA LYS D 264 -0.51 -24.50 -38.20
C LYS D 264 0.10 -25.10 -39.47
N GLY D 265 0.90 -24.32 -40.20
CA GLY D 265 1.78 -24.91 -41.18
C GLY D 265 2.83 -25.80 -40.54
N VAL D 266 3.45 -25.31 -39.45
CA VAL D 266 4.38 -26.12 -38.67
C VAL D 266 3.66 -27.32 -38.06
N LEU D 267 2.42 -27.10 -37.62
CA LEU D 267 1.66 -28.16 -36.96
C LEU D 267 1.26 -29.26 -37.94
N ASN D 268 0.87 -28.89 -39.16
CA ASN D 268 0.41 -29.89 -40.12
C ASN D 268 1.56 -30.55 -40.89
N ASP D 269 2.69 -29.85 -41.13
CA ASP D 269 3.77 -30.60 -41.78
C ASP D 269 4.51 -31.47 -40.76
N LEU D 270 4.46 -31.10 -39.47
CA LEU D 270 4.84 -32.06 -38.43
C LEU D 270 3.79 -33.16 -38.28
N ALA D 271 2.55 -32.91 -38.71
CA ALA D 271 1.54 -33.96 -38.63
C ALA D 271 1.69 -34.97 -39.76
N LYS D 272 2.12 -34.53 -40.94
CA LYS D 272 2.21 -35.45 -42.08
C LYS D 272 3.62 -35.98 -42.27
N GLN D 273 4.61 -35.38 -41.60
CA GLN D 273 5.99 -35.83 -41.76
C GLN D 273 6.24 -37.16 -41.04
N GLU D 274 5.36 -37.50 -40.09
CA GLU D 274 5.36 -38.74 -39.30
C GLU D 274 6.64 -38.88 -38.50
N GLY D 275 7.01 -37.84 -37.76
CA GLY D 275 8.09 -37.94 -36.78
C GLY D 275 9.50 -37.93 -37.33
N ASN D 276 9.93 -36.83 -37.94
CA ASN D 276 11.31 -36.68 -38.39
C ASN D 276 12.00 -35.44 -37.79
N VAL D 277 11.24 -34.42 -37.41
CA VAL D 277 11.79 -33.12 -37.03
C VAL D 277 11.47 -32.85 -35.56
N ILE D 278 12.49 -32.54 -34.77
CA ILE D 278 12.34 -32.11 -33.38
C ILE D 278 12.40 -30.60 -33.34
N LEU D 279 11.32 -29.98 -32.87
CA LEU D 279 11.20 -28.52 -32.83
C LEU D 279 12.01 -27.99 -31.64
N PHE D 280 12.55 -26.79 -31.79
CA PHE D 280 13.29 -26.13 -30.74
C PHE D 280 12.83 -24.68 -30.63
N ILE D 281 11.94 -24.41 -29.69
CA ILE D 281 11.49 -23.05 -29.41
C ILE D 281 12.27 -22.57 -28.19
N ASP D 282 13.15 -21.61 -28.40
CA ASP D 282 13.85 -20.97 -27.30
C ASP D 282 13.03 -19.75 -26.88
N ALA D 283 13.16 -19.37 -25.60
CA ALA D 283 12.46 -18.26 -24.96
C ALA D 283 10.95 -18.44 -25.09
N LEU D 284 10.39 -19.44 -24.39
CA LEU D 284 8.99 -19.83 -24.61
C LEU D 284 8.02 -18.79 -24.05
N HIS D 285 8.50 -17.81 -23.27
CA HIS D 285 7.65 -16.70 -22.88
C HIS D 285 7.27 -15.84 -24.08
N THR D 286 8.09 -15.88 -25.13
CA THR D 286 7.76 -15.22 -26.39
C THR D 286 6.60 -15.94 -27.08
N MET D 287 6.44 -17.23 -26.81
CA MET D 287 5.23 -17.91 -27.26
C MET D 287 4.05 -17.51 -26.40
N ALA D 299 0.90 -16.60 -27.81
CA ALA D 299 0.54 -17.87 -28.47
C ALA D 299 0.18 -18.93 -27.44
N GLY D 300 0.13 -20.19 -27.87
CA GLY D 300 -0.01 -21.29 -26.93
C GLY D 300 -1.28 -22.12 -27.07
N ASN D 301 -2.42 -21.47 -27.30
CA ASN D 301 -3.71 -22.17 -27.25
C ASN D 301 -3.95 -23.03 -28.48
N MET D 302 -3.12 -22.88 -29.52
CA MET D 302 -3.14 -23.86 -30.60
C MET D 302 -1.93 -24.78 -30.54
N LEU D 303 -0.99 -24.49 -29.64
CA LEU D 303 -0.03 -25.50 -29.22
C LEU D 303 -0.59 -26.37 -28.11
N LYS D 304 -1.63 -25.91 -27.42
CA LYS D 304 -2.29 -26.75 -26.42
C LYS D 304 -3.00 -27.98 -26.98
N PRO D 305 -3.55 -28.01 -28.21
CA PRO D 305 -3.82 -29.32 -28.81
C PRO D 305 -2.56 -30.07 -29.20
N ALA D 306 -1.49 -29.38 -29.58
CA ALA D 306 -0.24 -30.06 -29.87
C ALA D 306 0.39 -30.62 -28.60
N LEU D 307 0.47 -29.81 -27.55
CA LEU D 307 1.03 -30.27 -26.28
C LEU D 307 0.11 -31.27 -25.60
N ALA D 308 -1.21 -31.11 -25.79
CA ALA D 308 -2.17 -32.04 -25.21
C ALA D 308 -2.11 -33.39 -25.89
N ARG D 309 -1.98 -33.41 -27.23
CA ARG D 309 -1.74 -34.67 -27.93
C ARG D 309 -0.35 -35.21 -27.63
N GLY D 310 0.62 -34.32 -27.38
CA GLY D 310 1.99 -34.72 -27.13
C GLY D 310 2.73 -35.25 -28.33
N GLU D 311 2.22 -35.03 -29.55
CA GLU D 311 2.86 -35.54 -30.75
C GLU D 311 4.11 -34.76 -31.14
N LEU D 312 4.30 -33.55 -30.60
CA LEU D 312 5.45 -32.71 -30.93
C LEU D 312 6.53 -32.91 -29.90
N HIS D 313 7.71 -32.36 -30.18
CA HIS D 313 8.82 -32.33 -29.25
C HIS D 313 9.45 -30.96 -29.29
N CYS D 314 9.47 -30.26 -28.16
CA CYS D 314 10.09 -28.95 -28.07
C CYS D 314 11.04 -28.94 -26.89
N VAL D 315 12.12 -28.16 -27.00
CA VAL D 315 13.20 -28.12 -26.03
C VAL D 315 13.44 -26.66 -25.63
N GLY D 316 13.54 -26.40 -24.33
CA GLY D 316 13.79 -25.06 -23.82
C GLY D 316 15.02 -24.97 -22.93
N ALA D 317 15.46 -23.72 -22.71
CA ALA D 317 16.50 -23.39 -21.75
C ALA D 317 16.36 -21.91 -21.42
N THR D 318 16.12 -21.59 -20.15
CA THR D 318 15.77 -20.23 -19.77
C THR D 318 16.32 -19.92 -18.38
N THR D 319 15.95 -18.75 -17.87
CA THR D 319 16.38 -18.24 -16.57
C THR D 319 15.34 -18.66 -15.51
N LEU D 320 15.67 -18.41 -14.24
CA LEU D 320 14.88 -18.96 -13.13
C LEU D 320 13.63 -18.14 -12.86
N ASP D 321 13.77 -16.80 -12.81
CA ASP D 321 12.65 -15.93 -12.49
C ASP D 321 11.62 -15.93 -13.61
N GLU D 322 12.07 -16.15 -14.85
CA GLU D 322 11.17 -16.32 -15.98
C GLU D 322 10.30 -17.56 -15.81
N TYR D 323 10.91 -18.66 -15.33
CA TYR D 323 10.17 -19.87 -15.00
C TYR D 323 9.16 -19.62 -13.89
N ARG D 324 9.60 -18.94 -12.82
CA ARG D 324 8.76 -18.68 -11.65
C ARG D 324 7.55 -17.82 -12.00
N GLN D 325 7.74 -16.78 -12.82
CA GLN D 325 6.60 -15.95 -13.20
C GLN D 325 5.84 -16.56 -14.36
N TYR D 326 6.41 -17.56 -15.02
CA TYR D 326 5.85 -18.05 -16.27
C TYR D 326 4.86 -19.18 -16.06
N ILE D 327 5.26 -20.24 -15.36
CA ILE D 327 4.43 -21.44 -15.42
C ILE D 327 3.29 -21.39 -14.41
N GLU D 328 3.29 -20.38 -13.53
CA GLU D 328 2.35 -20.36 -12.40
C GLU D 328 0.92 -20.04 -12.82
N LYS D 329 0.74 -19.06 -13.70
CA LYS D 329 -0.61 -18.64 -14.07
C LYS D 329 -1.23 -19.51 -15.15
N ASP D 330 -0.43 -19.99 -16.10
CA ASP D 330 -0.94 -20.89 -17.13
C ASP D 330 -0.86 -22.31 -16.58
N ALA D 331 -2.02 -22.94 -16.38
CA ALA D 331 -2.08 -24.18 -15.62
C ALA D 331 -1.58 -25.37 -16.43
N ALA D 332 -1.57 -25.27 -17.75
CA ALA D 332 -1.09 -26.38 -18.57
C ALA D 332 0.43 -26.45 -18.57
N LEU D 333 1.08 -25.30 -18.40
CA LEU D 333 2.53 -25.25 -18.58
C LEU D 333 3.27 -25.82 -17.37
N GLU D 334 2.59 -25.94 -16.22
CA GLU D 334 3.21 -26.61 -15.08
C GLU D 334 3.19 -28.12 -15.26
N ARG D 335 2.26 -28.63 -16.09
CA ARG D 335 2.14 -30.07 -16.26
C ARG D 335 2.60 -30.50 -17.65
N ARG D 336 3.12 -29.57 -18.44
CA ARG D 336 3.80 -29.96 -19.68
C ARG D 336 5.32 -29.95 -19.53
N PHE D 337 5.84 -29.25 -18.53
CA PHE D 337 7.28 -28.98 -18.44
C PHE D 337 7.84 -29.34 -17.08
N GLN D 338 9.18 -29.51 -17.04
CA GLN D 338 9.88 -30.07 -15.87
C GLN D 338 11.28 -29.43 -15.81
N LYS D 339 11.94 -29.53 -14.66
CA LYS D 339 13.16 -28.77 -14.38
C LYS D 339 14.42 -29.61 -14.52
N VAL D 340 15.57 -28.95 -14.68
CA VAL D 340 16.88 -29.58 -14.79
C VAL D 340 17.89 -28.80 -13.96
N PHE D 341 18.59 -29.47 -13.05
CA PHE D 341 19.69 -28.87 -12.30
C PHE D 341 21.00 -29.00 -13.06
N VAL D 342 21.31 -28.00 -13.89
CA VAL D 342 22.64 -27.84 -14.47
C VAL D 342 23.42 -26.88 -13.59
N ALA D 343 24.48 -27.39 -12.96
CA ALA D 343 25.24 -26.63 -11.98
C ALA D 343 26.45 -25.97 -12.64
N GLU D 344 27.15 -25.17 -11.86
CA GLU D 344 28.36 -24.40 -12.13
C GLU D 344 29.58 -25.16 -11.59
N PRO D 345 30.43 -25.68 -12.48
CA PRO D 345 31.42 -26.67 -12.08
C PRO D 345 32.61 -26.10 -11.33
N SER D 346 33.56 -27.00 -11.03
CA SER D 346 34.68 -26.74 -10.13
C SER D 346 35.94 -26.37 -10.91
N VAL D 347 37.03 -26.15 -10.15
CA VAL D 347 38.27 -25.62 -10.71
C VAL D 347 39.02 -26.71 -11.48
N GLU D 348 38.93 -27.95 -11.02
CA GLU D 348 39.55 -29.07 -11.74
C GLU D 348 38.88 -29.28 -13.09
N ASP D 349 37.55 -29.30 -13.10
CA ASP D 349 36.81 -29.40 -14.36
C ASP D 349 37.00 -28.15 -15.20
N THR D 350 37.24 -26.99 -14.54
CA THR D 350 37.60 -25.78 -15.28
C THR D 350 38.91 -25.96 -16.02
N ILE D 351 39.92 -26.54 -15.36
CA ILE D 351 41.23 -26.73 -15.97
C ILE D 351 41.16 -27.77 -17.09
N ALA D 352 40.32 -28.80 -16.92
CA ALA D 352 40.13 -29.77 -17.99
C ALA D 352 39.37 -29.17 -19.16
N ILE D 353 38.44 -28.26 -18.87
CA ILE D 353 37.78 -27.51 -19.94
C ILE D 353 38.79 -26.63 -20.68
N LEU D 354 39.72 -26.01 -19.94
CA LEU D 354 40.73 -25.18 -20.58
C LEU D 354 41.72 -26.04 -21.37
N ARG D 355 41.86 -27.32 -20.99
CA ARG D 355 42.45 -28.29 -21.89
C ARG D 355 41.57 -28.55 -23.10
N GLY D 356 40.26 -28.26 -22.99
CA GLY D 356 39.44 -28.20 -24.17
C GLY D 356 39.73 -27.00 -25.06
N LEU D 357 39.42 -25.78 -24.58
CA LEU D 357 39.41 -24.59 -25.44
C LEU D 357 40.78 -23.97 -25.65
N LYS D 358 41.85 -24.58 -25.15
CA LYS D 358 43.20 -24.09 -25.44
C LYS D 358 43.53 -24.19 -26.93
N GLU D 359 42.83 -25.08 -27.66
CA GLU D 359 42.93 -25.14 -29.11
C GLU D 359 42.48 -23.84 -29.77
N ARG D 360 41.20 -23.50 -29.62
CA ARG D 360 40.66 -22.30 -30.27
C ARG D 360 41.29 -21.04 -29.74
N TYR D 361 41.66 -21.04 -28.45
CA TYR D 361 42.15 -19.81 -27.85
C TYR D 361 43.64 -19.59 -28.15
N GLU D 362 44.46 -20.64 -28.04
CA GLU D 362 45.87 -20.51 -28.44
C GLU D 362 46.02 -20.29 -29.93
N LEU D 363 45.14 -20.89 -30.74
CA LEU D 363 45.27 -20.80 -32.18
C LEU D 363 44.80 -19.44 -32.71
N HIS D 364 43.58 -19.01 -32.34
CA HIS D 364 43.11 -17.73 -32.88
C HIS D 364 43.76 -16.56 -32.15
N HIS D 365 44.05 -16.71 -30.86
CA HIS D 365 44.60 -15.61 -30.10
C HIS D 365 46.07 -15.33 -30.37
N HIS D 366 46.73 -16.17 -31.18
CA HIS D 366 48.16 -16.13 -31.46
C HIS D 366 49.01 -16.26 -30.20
N VAL D 367 48.59 -17.11 -29.24
CA VAL D 367 49.27 -17.21 -27.96
C VAL D 367 49.69 -18.64 -27.65
N GLN D 368 50.54 -18.81 -26.63
CA GLN D 368 50.88 -20.11 -26.07
C GLN D 368 50.73 -20.04 -24.56
N ILE D 369 50.28 -21.14 -23.97
CA ILE D 369 49.85 -21.16 -22.57
C ILE D 369 50.56 -22.31 -21.86
N THR D 370 51.20 -22.01 -20.74
CA THR D 370 51.77 -23.02 -19.86
C THR D 370 50.81 -23.34 -18.73
N ASP D 371 51.15 -24.38 -17.95
CA ASP D 371 50.28 -24.84 -16.86
C ASP D 371 49.99 -23.81 -15.75
N PRO D 372 50.94 -22.97 -15.27
CA PRO D 372 50.54 -21.97 -14.27
C PRO D 372 49.58 -20.90 -14.78
N ALA D 373 49.49 -20.69 -16.09
CA ALA D 373 48.48 -19.75 -16.60
C ALA D 373 47.08 -20.34 -16.45
N ILE D 374 46.95 -21.66 -16.58
CA ILE D 374 45.64 -22.30 -16.45
C ILE D 374 45.23 -22.37 -14.99
N VAL D 375 46.14 -22.83 -14.13
CA VAL D 375 45.80 -22.97 -12.71
C VAL D 375 45.65 -21.60 -12.05
N ALA D 376 46.54 -20.66 -12.40
CA ALA D 376 46.49 -19.34 -11.78
C ALA D 376 45.36 -18.50 -12.34
N ALA D 377 45.05 -18.67 -13.64
CA ALA D 377 43.91 -17.94 -14.20
C ALA D 377 42.60 -18.47 -13.66
N ALA D 378 42.51 -19.80 -13.48
CA ALA D 378 41.33 -20.40 -12.85
C ALA D 378 41.20 -19.97 -11.40
N THR D 379 42.34 -19.77 -10.73
CA THR D 379 42.33 -19.29 -9.35
C THR D 379 41.87 -17.84 -9.26
N LEU D 380 42.39 -16.98 -10.16
CA LEU D 380 42.00 -15.58 -10.19
C LEU D 380 40.53 -15.39 -10.53
N SER D 381 40.02 -16.18 -11.48
CA SER D 381 38.62 -16.03 -11.85
C SER D 381 37.70 -16.66 -10.82
N HIS D 382 38.19 -17.66 -10.08
CA HIS D 382 37.36 -18.25 -9.03
C HIS D 382 37.24 -17.31 -7.84
N ARG D 383 38.35 -16.76 -7.36
CA ARG D 383 38.28 -15.94 -6.16
C ARG D 383 37.84 -14.52 -6.47
N TYR D 384 38.35 -13.94 -7.56
CA TYR D 384 38.33 -12.49 -7.68
C TYR D 384 37.10 -11.95 -8.42
N ILE D 385 36.49 -12.74 -9.30
CA ILE D 385 35.24 -12.34 -9.95
C ILE D 385 34.16 -13.21 -9.31
N ALA D 386 33.45 -12.64 -8.34
CA ALA D 386 32.59 -13.48 -7.49
C ALA D 386 31.14 -13.48 -7.96
N ASP D 387 30.68 -12.38 -8.54
CA ASP D 387 29.27 -12.29 -8.93
C ASP D 387 28.98 -13.09 -10.19
N ARG D 388 29.91 -13.06 -11.14
CA ARG D 388 29.69 -13.62 -12.46
C ARG D 388 29.85 -15.13 -12.41
N GLN D 389 29.63 -15.81 -13.54
CA GLN D 389 29.57 -17.26 -13.57
C GLN D 389 30.85 -17.87 -14.13
N LEU D 390 31.32 -18.90 -13.43
CA LEU D 390 32.31 -19.85 -13.91
C LEU D 390 31.71 -20.66 -15.06
N PRO D 391 32.53 -21.11 -16.01
CA PRO D 391 33.94 -20.77 -16.24
C PRO D 391 34.04 -19.68 -17.27
N ASP D 392 32.91 -19.00 -17.51
CA ASP D 392 32.82 -18.09 -18.63
C ASP D 392 33.56 -16.78 -18.32
N LYS D 393 33.82 -16.53 -17.03
CA LYS D 393 34.62 -15.38 -16.63
C LYS D 393 36.11 -15.73 -16.58
N ALA D 394 36.43 -17.01 -16.41
CA ALA D 394 37.79 -17.46 -16.72
C ALA D 394 38.04 -17.34 -18.21
N ILE D 395 37.02 -17.66 -19.01
CA ILE D 395 37.05 -17.44 -20.45
C ILE D 395 37.12 -15.95 -20.76
N ASP D 396 36.56 -15.10 -19.88
CA ASP D 396 36.75 -13.66 -20.02
C ASP D 396 38.20 -13.26 -19.75
N LEU D 397 38.81 -13.88 -18.74
CA LEU D 397 40.20 -13.53 -18.41
C LEU D 397 41.15 -13.96 -19.51
N ILE D 398 41.01 -15.19 -20.00
CA ILE D 398 41.85 -15.68 -21.11
C ILE D 398 41.47 -14.96 -22.41
N ASP D 399 40.24 -14.42 -22.46
CA ASP D 399 39.73 -13.79 -23.67
C ASP D 399 40.37 -12.44 -23.89
N GLU D 400 40.15 -11.50 -22.96
CA GLU D 400 40.79 -10.21 -23.11
C GLU D 400 42.29 -10.29 -22.82
N ALA D 401 42.71 -11.31 -22.08
CA ALA D 401 44.12 -11.54 -21.84
C ALA D 401 44.86 -11.89 -23.11
N ALA D 402 44.48 -13.01 -23.74
CA ALA D 402 45.21 -13.50 -24.89
C ALA D 402 44.94 -12.65 -26.13
N SER D 403 43.75 -12.05 -26.19
CA SER D 403 43.50 -11.01 -27.19
C SER D 403 44.39 -9.80 -26.94
N SER D 404 44.61 -9.46 -25.66
CA SER D 404 45.43 -8.30 -25.34
C SER D 404 46.90 -8.58 -25.57
N ILE D 405 47.34 -9.84 -25.47
CA ILE D 405 48.70 -10.20 -25.83
C ILE D 405 48.86 -10.24 -27.34
N ARG D 406 47.80 -10.61 -28.06
CA ARG D 406 47.80 -10.42 -29.52
C ARG D 406 47.93 -8.94 -29.87
N MET D 407 47.35 -8.06 -29.05
CA MET D 407 47.58 -6.63 -29.20
C MET D 407 49.01 -6.24 -28.84
N GLN D 408 49.55 -6.80 -27.76
CA GLN D 408 50.87 -6.38 -27.28
C GLN D 408 51.98 -6.85 -28.21
N ILE D 409 51.72 -7.86 -29.02
CA ILE D 409 52.70 -8.29 -30.02
C ILE D 409 52.42 -7.61 -31.36
N ASP D 410 51.13 -7.49 -31.72
CA ASP D 410 50.77 -6.82 -32.97
C ASP D 410 51.06 -5.32 -32.91
N SER D 411 50.76 -4.68 -31.78
CA SER D 411 50.94 -3.23 -31.67
C SER D 411 52.20 -2.89 -30.88
N LYS D 412 52.32 -1.62 -30.51
CA LYS D 412 53.47 -1.07 -29.82
C LYS D 412 53.47 -1.56 -28.37
N PRO D 413 54.65 -1.91 -27.84
CA PRO D 413 54.71 -2.64 -26.55
C PRO D 413 54.18 -1.85 -25.36
N GLU D 414 54.06 -2.58 -24.23
CA GLU D 414 53.41 -2.04 -23.04
C GLU D 414 54.19 -0.87 -22.45
N GLU D 415 55.48 -1.05 -22.20
CA GLU D 415 56.25 0.07 -21.67
C GLU D 415 56.44 1.15 -22.74
N LEU D 416 56.37 0.77 -24.01
CA LEU D 416 56.51 1.71 -25.11
C LEU D 416 55.31 2.64 -25.23
N ASP D 417 54.10 2.13 -24.94
CA ASP D 417 52.94 3.00 -25.06
C ASP D 417 52.49 3.56 -23.71
N ARG D 418 52.97 2.96 -22.60
CA ARG D 418 53.02 3.73 -21.36
C ARG D 418 53.83 5.00 -21.56
N LEU D 419 55.03 4.87 -22.14
CA LEU D 419 55.87 6.05 -22.38
C LEU D 419 55.28 6.98 -23.43
N ASP D 420 54.84 6.43 -24.58
CA ASP D 420 54.25 7.24 -25.64
C ASP D 420 52.97 7.93 -25.18
N ARG D 421 52.30 7.34 -24.21
CA ARG D 421 51.05 7.96 -23.80
C ARG D 421 51.27 8.88 -22.61
N ARG D 422 52.39 8.73 -21.92
CA ARG D 422 52.85 9.78 -21.01
C ARG D 422 53.31 11.01 -21.78
N ILE D 423 54.05 10.81 -22.89
CA ILE D 423 54.47 11.96 -23.66
C ILE D 423 53.29 12.55 -24.45
N ILE D 424 52.23 11.75 -24.66
CA ILE D 424 51.04 12.36 -25.28
C ILE D 424 50.23 13.11 -24.22
N GLN D 425 50.31 12.67 -22.95
CA GLN D 425 49.76 13.47 -21.85
C GLN D 425 50.46 14.80 -21.72
N LEU D 426 51.80 14.79 -21.78
CA LEU D 426 52.54 16.04 -21.57
C LEU D 426 52.50 16.94 -22.81
N LYS D 427 52.59 16.34 -24.01
CA LYS D 427 52.59 17.14 -25.24
C LYS D 427 51.23 17.78 -25.53
N LEU D 428 50.14 17.00 -25.50
CA LEU D 428 48.84 17.64 -25.71
C LEU D 428 48.45 18.50 -24.53
N GLU D 429 49.02 18.20 -23.35
CA GLU D 429 48.97 19.14 -22.24
C GLU D 429 49.63 20.47 -22.59
N GLN D 430 50.67 20.46 -23.42
CA GLN D 430 51.27 21.72 -23.83
C GLN D 430 50.44 22.41 -24.92
N GLN D 431 49.80 21.61 -25.79
CA GLN D 431 48.84 22.16 -26.77
C GLN D 431 47.70 22.91 -26.07
N ALA D 432 47.30 22.44 -24.89
CA ALA D 432 46.60 23.34 -23.99
C ALA D 432 47.49 24.51 -23.56
N LEU D 433 48.68 24.20 -23.04
CA LEU D 433 49.43 25.13 -22.20
C LEU D 433 50.17 26.22 -22.97
N MET D 434 49.84 26.47 -24.23
CA MET D 434 50.53 27.55 -24.94
C MET D 434 50.01 28.92 -24.55
N LYS D 435 48.73 29.21 -24.82
CA LYS D 435 48.21 30.56 -24.67
C LYS D 435 47.87 30.83 -23.20
N GLU D 436 48.54 31.82 -22.63
CA GLU D 436 48.49 32.15 -21.20
C GLU D 436 47.94 33.56 -20.96
N SER D 437 47.92 33.99 -19.69
CA SER D 437 47.44 35.33 -19.37
C SER D 437 48.53 36.39 -19.31
N ASP D 438 49.48 36.23 -18.38
CA ASP D 438 50.63 37.13 -18.21
C ASP D 438 51.84 36.21 -18.08
N GLU D 439 53.01 36.71 -18.49
CA GLU D 439 54.16 35.84 -18.70
C GLU D 439 54.83 35.49 -17.37
N ALA D 440 54.97 36.50 -16.49
CA ALA D 440 55.80 36.40 -15.29
C ALA D 440 55.16 35.52 -14.22
N SER D 441 53.91 35.10 -14.41
CA SER D 441 53.30 34.16 -13.48
C SER D 441 53.21 32.75 -14.07
N LYS D 442 52.64 32.61 -15.28
CA LYS D 442 52.34 31.26 -15.75
C LYS D 442 53.33 30.74 -16.78
N LYS D 443 54.53 31.30 -16.86
CA LYS D 443 55.51 30.43 -17.50
C LYS D 443 56.38 29.70 -16.49
N ARG D 444 55.83 29.31 -15.33
CA ARG D 444 56.55 28.58 -14.29
C ARG D 444 57.00 27.20 -14.74
N LEU D 445 56.42 26.66 -15.80
CA LEU D 445 56.35 25.23 -16.06
C LEU D 445 57.67 24.58 -16.52
N ASP D 446 58.79 25.21 -16.14
CA ASP D 446 60.14 24.64 -16.16
C ASP D 446 60.19 23.17 -15.72
N MET D 447 59.55 22.86 -14.59
CA MET D 447 59.63 21.52 -14.02
C MET D 447 58.92 20.49 -14.90
N LEU D 448 57.82 20.88 -15.54
CA LEU D 448 57.17 19.98 -16.49
C LEU D 448 58.00 19.83 -17.77
N ASN D 449 58.85 20.81 -18.06
CA ASN D 449 59.73 20.71 -19.23
C ASN D 449 60.87 19.73 -18.99
N GLU D 450 61.49 19.77 -17.81
CA GLU D 450 62.55 18.82 -17.54
C GLU D 450 62.00 17.41 -17.32
N GLU D 451 60.77 17.32 -16.76
CA GLU D 451 60.07 16.03 -16.77
C GLU D 451 59.78 15.56 -18.20
N LEU D 452 59.50 16.49 -19.13
CA LEU D 452 59.34 16.12 -20.53
C LEU D 452 60.66 15.66 -21.14
N SER D 453 61.79 16.14 -20.60
CA SER D 453 63.08 15.63 -21.04
C SER D 453 63.28 14.19 -20.58
N ASP D 454 62.83 13.87 -19.35
CA ASP D 454 62.80 12.46 -18.92
C ASP D 454 61.86 11.64 -19.81
N LYS D 455 60.77 12.26 -20.27
CA LYS D 455 59.82 11.58 -21.16
C LYS D 455 60.44 11.24 -22.51
N GLU D 456 61.07 12.23 -23.18
CA GLU D 456 61.65 12.00 -24.50
C GLU D 456 62.86 11.07 -24.42
N ARG D 457 63.64 11.18 -23.35
CA ARG D 457 64.83 10.34 -23.25
C ARG D 457 64.48 8.89 -22.92
N GLN D 458 63.55 8.68 -21.97
CA GLN D 458 63.18 7.31 -21.64
C GLN D 458 62.39 6.65 -22.78
N TYR D 459 61.54 7.43 -23.46
CA TYR D 459 60.80 6.93 -24.60
C TYR D 459 61.73 6.63 -25.78
N SER D 460 62.82 7.39 -25.91
CA SER D 460 63.81 7.08 -26.93
C SER D 460 64.62 5.84 -26.54
N GLU D 461 64.86 5.65 -25.24
CA GLU D 461 65.62 4.49 -24.78
C GLU D 461 64.85 3.20 -25.01
N LEU D 462 63.60 3.12 -24.54
CA LEU D 462 62.85 1.91 -24.78
C LEU D 462 62.33 1.86 -26.22
N GLU D 463 62.37 2.98 -26.93
CA GLU D 463 62.17 2.96 -28.37
C GLU D 463 63.32 2.22 -29.06
N GLU D 464 64.54 2.41 -28.58
CA GLU D 464 65.68 1.74 -29.20
C GLU D 464 65.77 0.27 -28.77
N GLU D 465 65.57 0.00 -27.48
CA GLU D 465 65.67 -1.36 -26.97
C GLU D 465 64.47 -2.20 -27.41
N MET D 528 64.46 -10.13 -26.56
CA MET D 528 63.09 -9.68 -26.49
C MET D 528 62.80 -9.23 -25.06
N ARG D 529 63.67 -8.36 -24.54
CA ARG D 529 63.60 -7.97 -23.14
C ARG D 529 62.43 -7.04 -22.88
N LEU D 530 62.04 -6.25 -23.90
CA LEU D 530 60.88 -5.37 -23.71
C LEU D 530 59.58 -6.05 -24.13
N LEU D 531 59.52 -6.60 -25.33
CA LEU D 531 58.38 -7.42 -25.71
C LEU D 531 58.46 -8.74 -24.96
N ARG D 532 57.88 -8.75 -23.75
CA ARG D 532 57.79 -9.94 -22.91
C ARG D 532 56.59 -10.73 -23.44
N ASN D 533 56.76 -11.35 -24.60
CA ASN D 533 55.64 -11.89 -25.33
C ASN D 533 55.22 -13.23 -24.77
N LYS D 534 56.05 -13.82 -23.91
CA LYS D 534 55.73 -15.08 -23.27
C LYS D 534 54.55 -14.92 -22.33
N VAL D 535 53.52 -15.71 -22.56
CA VAL D 535 52.32 -15.65 -21.73
C VAL D 535 52.56 -16.51 -20.50
N THR D 536 52.32 -15.92 -19.34
CA THR D 536 52.66 -16.52 -18.06
C THR D 536 51.78 -15.91 -16.97
N ASP D 537 52.16 -16.07 -15.70
CA ASP D 537 51.35 -15.57 -14.58
C ASP D 537 51.26 -14.05 -14.59
N ALA D 538 52.33 -13.37 -15.04
CA ALA D 538 52.35 -11.91 -14.98
C ALA D 538 51.43 -11.30 -16.03
N GLU D 539 51.13 -12.04 -17.10
CA GLU D 539 50.21 -11.52 -18.12
C GLU D 539 48.78 -11.51 -17.59
N ILE D 540 48.33 -12.63 -17.01
CA ILE D 540 47.00 -12.71 -16.42
C ILE D 540 46.89 -11.79 -15.21
N ALA D 541 48.01 -11.61 -14.50
CA ALA D 541 48.04 -10.68 -13.36
C ALA D 541 47.91 -9.24 -13.82
N GLU D 542 48.49 -8.89 -14.99
CA GLU D 542 48.26 -7.55 -15.53
C GLU D 542 46.84 -7.38 -16.04
N VAL D 543 46.21 -8.46 -16.52
CA VAL D 543 44.87 -8.34 -17.08
C VAL D 543 43.84 -8.16 -15.98
N LEU D 544 43.86 -9.02 -14.96
CA LEU D 544 42.92 -8.85 -13.85
C LEU D 544 43.29 -7.63 -13.00
N ALA D 545 44.59 -7.35 -12.88
CA ALA D 545 45.03 -6.20 -12.08
C ALA D 545 44.67 -4.88 -12.77
N ARG D 546 44.58 -4.88 -14.10
CA ARG D 546 44.09 -3.69 -14.80
C ARG D 546 42.58 -3.80 -15.04
N TRP D 547 41.96 -4.91 -14.63
CA TRP D 547 40.51 -4.95 -14.52
C TRP D 547 40.04 -4.30 -13.22
N THR D 548 40.76 -4.49 -12.11
CA THR D 548 40.28 -4.00 -10.83
C THR D 548 40.40 -2.48 -10.69
N GLY D 549 41.61 -1.94 -10.79
CA GLY D 549 41.81 -0.52 -10.60
C GLY D 549 42.86 -0.20 -9.57
N ILE D 550 43.75 -1.15 -9.30
CA ILE D 550 44.87 -0.98 -8.40
C ILE D 550 46.12 -1.48 -9.13
N PRO D 551 47.16 -0.66 -9.29
CA PRO D 551 48.38 -1.13 -9.96
C PRO D 551 49.16 -2.13 -9.11
N VAL D 552 49.48 -3.27 -9.71
CA VAL D 552 50.11 -4.38 -8.98
C VAL D 552 51.54 -4.64 -9.48
N SER D 553 51.70 -5.08 -10.73
CA SER D 553 53.05 -5.32 -11.25
C SER D 553 53.71 -4.00 -11.62
N ARG D 554 52.90 -2.96 -11.74
CA ARG D 554 53.34 -1.60 -12.02
C ARG D 554 54.24 -1.06 -10.90
N MET D 555 54.05 -1.53 -9.67
CA MET D 555 54.20 -0.65 -8.52
C MET D 555 55.65 -0.40 -8.13
N MET D 556 56.56 -1.38 -8.35
CA MET D 556 57.70 -1.55 -7.45
C MET D 556 58.71 -0.41 -7.55
N GLU D 557 58.79 0.19 -8.74
CA GLU D 557 59.89 1.08 -9.14
C GLU D 557 60.00 2.28 -8.22
N SER D 558 58.89 2.96 -7.96
CA SER D 558 58.86 3.98 -6.93
C SER D 558 57.88 3.64 -5.82
N GLU D 559 57.37 2.41 -5.83
CA GLU D 559 56.71 1.91 -4.63
C GLU D 559 57.72 1.74 -3.52
N ARG D 560 58.96 1.40 -3.86
CA ARG D 560 60.03 1.52 -2.86
C ARG D 560 60.22 2.96 -2.41
N GLU D 561 59.94 3.93 -3.29
CA GLU D 561 60.14 5.33 -2.94
C GLU D 561 59.04 5.85 -2.01
N LYS D 562 57.80 5.39 -2.21
CA LYS D 562 56.74 5.86 -1.31
C LYS D 562 56.65 5.01 -0.05
N LEU D 563 57.08 3.75 -0.12
CA LEU D 563 57.14 2.91 1.09
C LEU D 563 58.28 3.34 2.01
N LEU D 564 59.40 3.79 1.43
CA LEU D 564 60.49 4.28 2.26
C LEU D 564 60.28 5.73 2.68
N ARG D 565 59.16 6.33 2.27
CA ARG D 565 58.77 7.65 2.75
C ARG D 565 57.39 7.65 3.40
N MET D 566 56.88 6.47 3.76
CA MET D 566 55.48 6.37 4.22
C MET D 566 55.26 7.11 5.53
N GLU D 567 56.10 6.86 6.52
CA GLU D 567 55.99 7.60 7.78
C GLU D 567 56.45 9.04 7.60
N GLN D 568 57.29 9.29 6.59
CA GLN D 568 57.58 10.67 6.20
C GLN D 568 56.33 11.32 5.62
N GLU D 569 55.57 10.60 4.79
CA GLU D 569 54.34 11.18 4.25
C GLU D 569 53.29 11.35 5.34
N LEU D 570 53.34 10.50 6.37
CA LEU D 570 52.46 10.69 7.51
C LEU D 570 52.89 11.88 8.34
N HIS D 571 54.19 12.05 8.58
CA HIS D 571 54.66 13.19 9.35
C HIS D 571 54.63 14.49 8.55
N HIS D 572 54.34 14.43 7.25
CA HIS D 572 54.12 15.64 6.47
C HIS D 572 52.84 16.35 6.88
N ARG D 573 51.72 15.62 6.91
CA ARG D 573 50.47 16.24 7.28
C ARG D 573 50.20 16.13 8.77
N VAL D 574 50.58 15.02 9.37
CA VAL D 574 50.14 14.68 10.72
C VAL D 574 51.31 14.85 11.67
N ILE D 575 51.01 15.21 12.91
CA ILE D 575 52.01 15.46 13.94
C ILE D 575 51.99 14.33 14.96
N GLY D 576 53.17 13.99 15.48
CA GLY D 576 53.31 13.16 16.67
C GLY D 576 52.79 11.74 16.54
N GLN D 577 52.61 11.12 17.72
CA GLN D 577 52.01 9.81 17.92
C GLN D 577 52.69 8.70 17.11
N ASN D 578 53.96 8.40 17.44
CA ASN D 578 54.68 7.33 16.77
C ASN D 578 54.09 5.96 17.07
N GLU D 579 53.34 5.82 18.16
CA GLU D 579 52.56 4.60 18.36
C GLU D 579 51.43 4.50 17.33
N ALA D 580 50.85 5.65 16.96
CA ALA D 580 49.79 5.66 15.96
C ALA D 580 50.36 5.65 14.54
N VAL D 581 51.47 6.34 14.30
CA VAL D 581 52.07 6.36 12.98
C VAL D 581 52.69 5.01 12.66
N ASP D 582 53.40 4.41 13.63
CA ASP D 582 53.94 3.07 13.45
C ASP D 582 52.84 2.02 13.47
N ALA D 583 51.78 2.26 14.24
CA ALA D 583 50.69 1.29 14.30
C ALA D 583 49.90 1.23 13.00
N VAL D 584 49.45 2.39 12.51
CA VAL D 584 48.66 2.44 11.27
C VAL D 584 49.56 2.17 10.07
N SER D 585 50.81 2.62 10.13
CA SER D 585 51.74 2.39 9.02
C SER D 585 52.14 0.92 8.91
N ASN D 586 52.37 0.25 10.05
CA ASN D 586 52.57 -1.19 10.03
C ASN D 586 51.30 -1.93 9.65
N ALA D 587 50.13 -1.34 9.92
CA ALA D 587 48.88 -1.92 9.44
C ALA D 587 48.76 -1.82 7.92
N ILE D 588 49.34 -0.77 7.33
CA ILE D 588 49.37 -0.66 5.87
C ILE D 588 50.35 -1.66 5.29
N ARG D 589 51.51 -1.85 5.94
CA ARG D 589 52.46 -2.83 5.44
C ARG D 589 51.93 -4.26 5.61
N ARG D 590 51.11 -4.51 6.63
CA ARG D 590 50.40 -5.79 6.71
C ARG D 590 49.30 -5.88 5.66
N SER D 591 48.73 -4.73 5.28
CA SER D 591 47.63 -4.74 4.32
C SER D 591 48.12 -5.09 2.92
N ARG D 592 49.16 -4.39 2.44
CA ARG D 592 49.73 -4.72 1.14
C ARG D 592 50.63 -5.95 1.24
N ALA D 593 50.97 -6.38 2.45
CA ALA D 593 51.81 -7.57 2.61
C ALA D 593 51.00 -8.85 2.35
N GLY D 594 49.85 -9.00 3.00
CA GLY D 594 49.00 -10.15 2.79
C GLY D 594 48.93 -11.18 3.90
N LEU D 595 48.85 -10.74 5.16
CA LEU D 595 48.84 -11.72 6.26
C LEU D 595 47.43 -12.22 6.56
N ALA D 596 46.41 -11.49 6.12
CA ALA D 596 45.06 -11.55 6.67
C ALA D 596 44.33 -12.86 6.34
N ASP D 597 43.40 -13.21 7.22
CA ASP D 597 42.41 -14.27 7.09
C ASP D 597 41.28 -13.79 6.20
N PRO D 598 40.96 -14.52 5.11
CA PRO D 598 39.92 -14.05 4.17
C PRO D 598 38.50 -13.96 4.73
N ASN D 599 38.18 -14.58 5.87
CA ASN D 599 36.90 -14.28 6.51
C ASN D 599 37.07 -13.22 7.58
N ARG D 600 37.72 -12.11 7.25
CA ARG D 600 37.94 -11.00 8.18
C ARG D 600 37.96 -9.70 7.42
N PRO D 601 37.72 -8.58 8.11
CA PRO D 601 38.17 -7.28 7.58
C PRO D 601 39.68 -7.18 7.65
N ILE D 602 40.23 -6.29 6.84
CA ILE D 602 41.68 -6.12 6.81
C ILE D 602 42.16 -5.36 8.05
N GLY D 603 41.52 -4.24 8.37
CA GLY D 603 41.93 -3.45 9.51
C GLY D 603 40.79 -2.95 10.38
N SER D 604 40.95 -3.07 11.70
CA SER D 604 39.94 -2.61 12.64
C SER D 604 40.64 -2.28 13.96
N PHE D 605 40.40 -1.08 14.49
CA PHE D 605 41.09 -0.60 15.68
C PHE D 605 40.13 0.15 16.59
N LEU D 606 40.51 0.24 17.86
CA LEU D 606 39.76 0.98 18.87
C LEU D 606 40.70 1.99 19.53
N PHE D 607 40.43 3.27 19.35
CA PHE D 607 41.30 4.33 19.84
C PHE D 607 40.67 5.01 21.06
N LEU D 608 41.42 5.10 22.15
CA LEU D 608 40.96 5.73 23.37
C LEU D 608 41.96 6.78 23.84
N GLY D 609 41.49 7.68 24.70
CA GLY D 609 42.33 8.71 25.26
C GLY D 609 41.78 10.11 25.12
N PRO D 610 42.60 11.10 25.47
CA PRO D 610 42.17 12.50 25.38
C PRO D 610 42.15 12.99 23.94
N THR D 611 41.47 14.11 23.72
CA THR D 611 41.22 14.59 22.36
C THR D 611 42.05 15.84 22.10
N GLY D 612 42.56 15.93 20.86
CA GLY D 612 43.59 16.88 20.54
C GLY D 612 44.81 16.27 19.88
N VAL D 613 44.68 15.09 19.28
CA VAL D 613 45.83 14.33 18.78
C VAL D 613 45.88 14.34 17.25
N GLY D 614 44.74 14.55 16.59
CA GLY D 614 44.73 14.60 15.13
C GLY D 614 44.27 13.34 14.43
N LYS D 615 43.13 12.77 14.86
CA LYS D 615 42.69 11.48 14.35
C LYS D 615 42.26 11.55 12.88
N THR D 616 41.28 12.41 12.56
CA THR D 616 40.77 12.41 11.19
C THR D 616 41.64 13.25 10.26
N GLU D 617 42.59 14.02 10.81
CA GLU D 617 43.67 14.55 9.99
C GLU D 617 44.58 13.43 9.51
N LEU D 618 44.85 12.46 10.40
CA LEU D 618 45.59 11.27 10.01
C LEU D 618 44.77 10.42 9.04
N CYS D 619 43.44 10.46 9.16
CA CYS D 619 42.61 9.76 8.18
C CYS D 619 42.60 10.51 6.85
N LYS D 620 42.81 11.82 6.86
CA LYS D 620 42.99 12.57 5.63
C LYS D 620 44.33 12.26 4.98
N ALA D 621 45.35 12.00 5.79
CA ALA D 621 46.61 11.49 5.23
C ALA D 621 46.44 10.08 4.69
N LEU D 622 45.60 9.27 5.34
CA LEU D 622 45.31 7.92 4.85
C LEU D 622 44.52 7.98 3.55
N ALA D 623 43.73 9.04 3.36
CA ALA D 623 43.12 9.28 2.06
C ALA D 623 44.10 9.94 1.11
N ASN D 624 45.27 10.36 1.62
CA ASN D 624 46.23 11.05 0.77
C ASN D 624 47.31 10.11 0.23
N PHE D 625 47.50 8.94 0.85
CA PHE D 625 48.70 8.15 0.55
C PHE D 625 48.51 7.24 -0.67
N MET D 626 47.58 6.30 -0.60
CA MET D 626 47.61 5.19 -1.56
C MET D 626 46.61 5.35 -2.71
N PHE D 627 45.42 5.88 -2.43
CA PHE D 627 44.46 6.11 -3.50
C PHE D 627 44.24 7.61 -3.61
N ASP D 628 45.15 8.34 -2.96
CA ASP D 628 45.71 9.59 -3.47
C ASP D 628 44.77 10.78 -3.39
N SER D 629 43.63 10.69 -2.69
CA SER D 629 42.68 11.79 -2.76
C SER D 629 41.76 11.92 -1.55
N ASP D 630 41.61 13.14 -1.02
CA ASP D 630 40.64 13.43 0.03
C ASP D 630 39.22 13.58 -0.49
N GLU D 631 39.05 13.67 -1.82
CA GLU D 631 37.76 13.52 -2.47
C GLU D 631 37.10 12.19 -2.10
N ALA D 632 37.92 11.15 -1.96
CA ALA D 632 37.49 9.83 -1.50
C ALA D 632 37.37 9.75 0.02
N MET D 633 37.58 10.84 0.75
CA MET D 633 37.24 10.83 2.16
C MET D 633 35.85 11.39 2.34
N VAL D 634 34.92 10.49 2.64
CA VAL D 634 33.69 10.83 3.33
C VAL D 634 33.91 10.42 4.77
N ARG D 635 33.33 11.16 5.69
CA ARG D 635 33.46 10.86 7.11
C ARG D 635 32.07 10.64 7.71
N ILE D 636 31.86 9.42 8.20
CA ILE D 636 30.55 8.87 8.52
C ILE D 636 30.39 8.87 10.03
N ASP D 637 29.16 9.05 10.52
CA ASP D 637 28.88 9.19 11.94
C ASP D 637 27.83 8.15 12.37
N MET D 638 27.94 7.67 13.61
CA MET D 638 26.95 6.74 14.14
C MET D 638 25.93 7.44 15.02
N SER D 639 25.98 8.77 15.08
CA SER D 639 25.16 9.49 16.04
C SER D 639 23.71 9.63 15.58
N GLU D 640 23.48 10.15 14.36
CA GLU D 640 22.14 10.45 13.86
C GLU D 640 21.29 9.19 13.66
N PHE D 641 21.93 8.02 13.63
CA PHE D 641 21.32 6.77 13.26
C PHE D 641 20.91 5.98 14.50
N MET D 642 20.07 6.56 15.37
CA MET D 642 19.76 5.89 16.62
C MET D 642 18.34 5.32 16.67
N GLU D 643 17.62 5.32 15.56
CA GLU D 643 16.19 5.15 15.66
C GLU D 643 15.70 3.79 15.19
N LYS D 644 14.37 3.64 15.25
CA LYS D 644 13.69 2.38 14.96
C LYS D 644 13.86 1.94 13.51
N HIS D 645 14.24 2.87 12.64
CA HIS D 645 14.33 2.61 11.22
C HIS D 645 15.75 2.91 10.72
N SER D 646 16.66 3.16 11.65
CA SER D 646 18.04 3.49 11.30
C SER D 646 18.85 2.25 11.01
N VAL D 647 18.42 1.10 11.56
CA VAL D 647 18.83 -0.20 11.03
C VAL D 647 18.51 -0.28 9.56
N SER D 648 17.36 0.27 9.15
CA SER D 648 17.04 0.40 7.74
C SER D 648 17.63 1.66 7.13
N ARG D 649 18.42 2.42 7.91
CA ARG D 649 19.30 3.37 7.25
C ARG D 649 20.60 2.70 6.80
N LEU D 650 21.19 1.80 7.61
CA LEU D 650 22.42 1.17 7.12
C LEU D 650 22.12 -0.01 6.19
N VAL D 651 20.94 -0.62 6.28
CA VAL D 651 20.70 -1.73 5.36
C VAL D 651 19.75 -1.33 4.23
N GLY D 652 19.18 -0.13 4.27
CA GLY D 652 18.14 0.16 3.31
C GLY D 652 16.77 -0.16 3.90
N ALA D 653 15.76 0.57 3.44
CA ALA D 653 14.43 0.51 4.02
C ALA D 653 13.78 -0.87 3.76
N PRO D 654 12.71 -1.20 4.49
CA PRO D 654 11.86 -2.32 4.09
C PRO D 654 11.22 -2.08 2.72
N PRO D 655 10.79 -3.14 2.02
CA PRO D 655 10.13 -2.95 0.73
C PRO D 655 8.79 -2.26 0.85
N GLY D 656 8.43 -1.51 -0.18
CA GLY D 656 7.29 -0.64 -0.14
C GLY D 656 7.55 0.70 0.51
N TYR D 657 8.81 1.17 0.51
CA TYR D 657 9.21 2.40 1.16
C TYR D 657 10.08 3.25 0.23
N VAL D 658 10.03 4.56 0.46
CA VAL D 658 11.10 5.44 0.02
C VAL D 658 12.37 5.03 0.76
N GLY D 659 13.52 5.14 0.11
CA GLY D 659 14.73 4.62 0.70
C GLY D 659 14.90 3.12 0.64
N TYR D 660 13.92 2.40 0.11
CA TYR D 660 14.14 1.03 -0.32
C TYR D 660 14.68 1.01 -1.74
N GLU D 661 14.12 1.88 -2.60
CA GLU D 661 14.70 2.06 -3.92
C GLU D 661 15.89 3.01 -3.87
N GLU D 662 15.94 3.88 -2.85
CA GLU D 662 17.13 4.69 -2.64
C GLU D 662 18.17 3.94 -1.81
N GLY D 663 17.75 2.86 -1.13
CA GLY D 663 18.69 1.98 -0.47
C GLY D 663 19.21 2.56 0.85
N GLY D 664 20.35 2.03 1.27
CA GLY D 664 20.98 2.48 2.50
C GLY D 664 22.35 3.08 2.29
N TYR D 665 22.94 3.66 3.33
CA TYR D 665 24.26 4.26 3.17
C TYR D 665 25.36 3.22 3.14
N LEU D 666 25.23 2.18 3.97
CA LEU D 666 26.30 1.18 4.08
C LEU D 666 26.30 0.25 2.88
N THR D 667 25.12 -0.19 2.46
CA THR D 667 25.01 -1.17 1.38
C THR D 667 25.40 -0.56 0.04
N GLU D 668 24.91 0.66 -0.24
CA GLU D 668 25.31 1.34 -1.47
C GLU D 668 26.77 1.77 -1.42
N ALA D 669 27.21 2.25 -0.25
CA ALA D 669 28.56 2.82 -0.12
C ALA D 669 29.64 1.75 -0.27
N VAL D 670 29.46 0.59 0.36
CA VAL D 670 30.41 -0.49 0.15
C VAL D 670 30.17 -1.14 -1.23
N ARG D 671 28.92 -1.13 -1.72
CA ARG D 671 28.60 -1.86 -2.94
C ARG D 671 29.18 -1.17 -4.18
N ARG D 672 29.44 0.15 -4.10
CA ARG D 672 30.07 0.83 -5.23
C ARG D 672 31.52 0.37 -5.43
N ARG D 673 32.39 0.62 -4.47
CA ARG D 673 33.77 0.14 -4.50
C ARG D 673 34.07 -0.57 -3.18
N PRO D 674 34.19 -1.90 -3.19
CA PRO D 674 34.44 -2.63 -1.92
C PRO D 674 35.85 -2.44 -1.38
N TYR D 675 36.78 -1.95 -2.20
CA TYR D 675 38.17 -1.80 -1.80
C TYR D 675 38.45 -0.31 -1.61
N SER D 676 38.17 0.20 -0.41
CA SER D 676 38.28 1.63 -0.13
C SER D 676 38.58 1.83 1.35
N VAL D 677 38.44 3.07 1.81
CA VAL D 677 38.72 3.49 3.18
C VAL D 677 37.46 4.14 3.72
N ILE D 678 36.98 3.69 4.88
CA ILE D 678 35.73 4.15 5.46
C ILE D 678 36.03 4.76 6.83
N LEU D 679 35.53 5.97 7.07
CA LEU D 679 35.77 6.71 8.30
C LEU D 679 34.49 6.83 9.12
N LEU D 680 34.33 5.95 10.11
CA LEU D 680 33.22 6.01 11.06
C LEU D 680 33.60 6.88 12.26
N ASP D 681 32.58 7.33 12.98
CA ASP D 681 32.75 8.05 14.23
C ASP D 681 31.74 7.58 15.27
N ALA D 682 32.20 7.49 16.52
CA ALA D 682 31.45 7.21 17.76
C ALA D 682 30.44 6.06 17.64
N VAL D 683 30.95 4.83 17.48
CA VAL D 683 30.08 3.68 17.24
C VAL D 683 29.24 3.35 18.47
N GLU D 684 29.59 3.88 19.65
CA GLU D 684 28.79 3.68 20.85
C GLU D 684 27.40 4.28 20.68
N LYS D 685 27.31 5.33 19.87
CA LYS D 685 26.02 5.92 19.51
C LYS D 685 25.16 4.94 18.74
N ALA D 686 25.77 4.01 18.01
CA ALA D 686 25.00 3.01 17.29
C ALA D 686 24.49 1.92 18.23
N HIS D 687 23.49 1.18 17.76
CA HIS D 687 22.76 0.19 18.54
C HIS D 687 23.52 -1.13 18.59
N PRO D 688 23.09 -2.08 19.44
CA PRO D 688 23.49 -3.49 19.24
C PRO D 688 22.92 -4.18 17.99
N ASP D 689 22.28 -3.46 17.07
CA ASP D 689 21.96 -4.02 15.77
C ASP D 689 23.01 -3.66 14.73
N VAL D 690 23.65 -2.50 14.90
CA VAL D 690 24.83 -2.14 14.12
C VAL D 690 26.04 -2.90 14.66
N PHE D 691 25.95 -3.36 15.90
CA PHE D 691 27.05 -4.15 16.47
C PHE D 691 26.95 -5.60 15.99
N ASN D 692 25.79 -6.00 15.47
CA ASN D 692 25.61 -7.37 15.00
C ASN D 692 25.70 -7.45 13.49
N ILE D 693 25.25 -6.39 12.80
CA ILE D 693 25.68 -6.16 11.42
C ILE D 693 27.19 -5.97 11.38
N LEU D 694 27.73 -5.30 12.39
CA LEU D 694 29.18 -5.18 12.56
C LEU D 694 29.79 -6.52 12.90
N LEU D 695 29.03 -7.37 13.62
CA LEU D 695 29.48 -8.74 13.83
C LEU D 695 29.50 -9.52 12.51
N GLN D 696 28.59 -9.21 11.60
CA GLN D 696 28.63 -9.83 10.28
C GLN D 696 29.76 -9.28 9.43
N VAL D 697 30.20 -8.05 9.71
CA VAL D 697 31.47 -7.57 9.16
C VAL D 697 32.61 -8.41 9.72
N LEU D 698 32.53 -8.78 10.99
CA LEU D 698 33.59 -9.58 11.61
C LEU D 698 33.42 -11.07 11.31
N ASP D 699 32.28 -11.65 11.66
CA ASP D 699 32.09 -13.09 11.63
C ASP D 699 31.35 -13.53 10.37
N ASP D 700 32.00 -14.46 9.65
CA ASP D 700 31.52 -15.28 8.55
C ASP D 700 31.34 -14.50 7.25
N GLY D 701 31.37 -13.18 7.34
CA GLY D 701 31.50 -12.29 6.19
C GLY D 701 30.30 -12.23 5.27
N ARG D 702 29.11 -11.94 5.80
CA ARG D 702 27.91 -11.81 4.98
C ARG D 702 26.82 -11.01 5.71
N LEU D 703 26.39 -9.94 5.04
CA LEU D 703 25.33 -9.06 5.51
C LEU D 703 24.11 -9.20 4.62
N THR D 704 22.95 -9.41 5.24
CA THR D 704 21.69 -9.39 4.52
C THR D 704 20.93 -8.11 4.87
N ASP D 705 20.48 -7.41 3.84
CA ASP D 705 19.89 -6.09 4.00
C ASP D 705 18.38 -6.21 4.27
N GLY D 706 17.66 -5.10 4.07
CA GLY D 706 16.21 -5.09 4.07
C GLY D 706 15.62 -6.12 3.12
N GLN D 707 16.22 -6.21 1.93
CA GLN D 707 15.92 -7.30 1.02
C GLN D 707 16.38 -8.65 1.54
N GLY D 708 17.69 -8.82 1.72
CA GLY D 708 18.23 -10.05 2.27
C GLY D 708 19.37 -10.67 1.49
N ARG D 709 19.84 -10.04 0.41
CA ARG D 709 20.95 -10.60 -0.34
C ARG D 709 22.25 -10.33 0.39
N THR D 710 23.28 -11.11 0.06
CA THR D 710 24.57 -11.05 0.75
C THR D 710 25.36 -9.81 0.32
N VAL D 711 26.22 -9.35 1.23
CA VAL D 711 27.07 -8.18 1.04
C VAL D 711 28.52 -8.57 1.30
N ASP D 712 29.39 -8.29 0.33
CA ASP D 712 30.81 -8.63 0.40
C ASP D 712 31.50 -7.68 1.36
N PHE D 713 31.96 -8.22 2.49
CA PHE D 713 32.71 -7.49 3.50
C PHE D 713 34.09 -8.08 3.79
N ARG D 714 34.54 -9.05 2.98
CA ARG D 714 35.65 -9.90 3.41
C ARG D 714 37.03 -9.36 3.02
N ASN D 715 37.10 -8.20 2.36
CA ASN D 715 38.37 -7.51 2.17
C ASN D 715 38.21 -6.00 2.33
N THR D 716 37.51 -5.57 3.38
CA THR D 716 37.15 -4.18 3.56
C THR D 716 37.86 -3.63 4.79
N VAL D 717 38.39 -2.40 4.66
CA VAL D 717 39.10 -1.71 5.73
C VAL D 717 38.13 -0.71 6.36
N VAL D 718 38.00 -0.75 7.68
CA VAL D 718 37.12 0.16 8.42
C VAL D 718 37.96 0.94 9.43
N ILE D 719 37.53 2.17 9.73
CA ILE D 719 38.15 3.01 10.75
C ILE D 719 37.02 3.58 11.62
N MET D 720 37.09 3.33 12.92
CA MET D 720 36.06 3.75 13.87
C MET D 720 36.73 4.50 15.02
N THR D 721 36.38 5.78 15.19
CA THR D 721 36.86 6.60 16.31
C THR D 721 35.89 6.49 17.47
N SER D 722 36.20 7.14 18.59
CA SER D 722 35.40 6.91 19.78
C SER D 722 35.33 8.14 20.69
N ASN D 723 34.27 8.17 21.49
CA ASN D 723 34.12 9.12 22.58
C ASN D 723 34.22 8.48 23.95
N LEU D 724 34.44 7.17 24.03
CA LEU D 724 34.72 6.53 25.32
C LEU D 724 36.03 7.02 25.90
N GLY D 725 36.98 7.37 25.04
CA GLY D 725 38.25 7.88 25.52
C GLY D 725 38.12 9.26 26.14
N VAL D 726 37.38 10.15 25.47
CA VAL D 726 37.31 11.53 25.93
C VAL D 726 36.41 11.64 27.16
N ARG D 727 35.45 10.72 27.28
CA ARG D 727 34.40 10.93 28.29
C ARG D 727 34.73 10.22 29.59
N GLU D 728 35.88 9.54 29.66
CA GLU D 728 36.42 9.12 30.96
C GLU D 728 37.94 9.17 31.06
N THR D 729 38.62 9.88 30.15
CA THR D 729 40.10 9.90 30.20
C THR D 729 40.62 11.27 30.59
N GLU D 730 39.99 12.35 30.10
CA GLU D 730 40.53 13.69 30.30
C GLU D 730 40.43 14.15 31.75
N ARG D 731 39.43 13.67 32.48
CA ARG D 731 39.39 13.98 33.91
C ARG D 731 40.22 12.98 34.72
N LYS D 732 40.22 11.72 34.31
CA LYS D 732 41.00 10.68 34.98
C LYS D 732 42.41 10.55 34.41
N SER D 733 42.92 11.60 33.76
CA SER D 733 44.31 11.59 33.32
C SER D 733 45.27 11.79 34.49
N ILE D 734 44.76 12.28 35.61
CA ILE D 734 45.58 12.59 36.78
C ILE D 734 45.35 11.46 37.79
N GLY D 735 46.29 10.52 37.84
CA GLY D 735 46.32 9.49 38.85
C GLY D 735 46.05 8.08 38.34
N LEU D 736 45.14 7.93 37.38
CA LEU D 736 44.69 6.61 36.95
C LEU D 736 45.73 5.97 36.04
N ILE D 737 45.71 4.64 35.96
CA ILE D 737 46.64 3.89 35.12
C ILE D 737 45.90 3.29 33.93
N HIS D 738 46.67 2.65 33.02
CA HIS D 738 46.12 2.21 31.74
C HIS D 738 45.21 1.00 31.86
N GLN D 739 45.55 0.08 32.77
CA GLN D 739 44.76 -1.14 32.93
C GLN D 739 43.36 -0.82 33.45
N ASP D 740 43.27 0.13 34.39
CA ASP D 740 41.97 0.51 34.92
C ASP D 740 41.18 1.33 33.89
N ASN D 741 41.89 2.03 33.00
CA ASN D 741 41.24 2.67 31.85
C ASN D 741 40.63 1.61 30.93
N SER D 742 41.36 0.51 30.72
CA SER D 742 40.87 -0.57 29.90
C SER D 742 39.65 -1.24 30.53
N THR D 743 39.67 -1.41 31.86
CA THR D 743 38.55 -2.07 32.53
C THR D 743 37.30 -1.18 32.56
N ASP D 744 37.46 0.13 32.85
CA ASP D 744 36.25 0.95 32.93
C ASP D 744 35.81 1.43 31.56
N ALA D 745 36.57 1.09 30.51
CA ALA D 745 35.97 1.04 29.18
C ALA D 745 35.18 -0.26 28.97
N MET D 746 35.76 -1.39 29.41
CA MET D 746 35.17 -2.70 29.12
C MET D 746 33.94 -3.01 29.98
N GLU D 747 33.61 -2.14 30.95
CA GLU D 747 32.37 -2.34 31.70
C GLU D 747 31.14 -1.93 30.90
N GLU D 748 31.09 -0.67 30.46
CA GLU D 748 29.93 -0.22 29.69
C GLU D 748 29.98 -0.79 28.28
N ILE D 749 31.19 -1.14 27.80
CA ILE D 749 31.27 -2.01 26.62
C ILE D 749 30.65 -3.36 26.92
N LYS D 750 30.90 -3.91 28.12
CA LYS D 750 30.43 -5.26 28.46
C LYS D 750 28.91 -5.30 28.61
N LYS D 751 28.28 -4.18 28.99
CA LYS D 751 26.83 -4.15 29.16
C LYS D 751 26.12 -4.25 27.81
N ILE D 752 26.77 -3.80 26.73
CA ILE D 752 26.02 -3.60 25.51
C ILE D 752 26.70 -4.23 24.28
N PHE D 753 27.93 -4.75 24.42
CA PHE D 753 28.57 -5.54 23.38
C PHE D 753 28.63 -7.00 23.78
N ARG D 754 29.19 -7.82 22.89
CA ARG D 754 29.56 -9.21 23.16
C ARG D 754 31.06 -9.39 23.02
N PRO D 755 31.65 -10.43 23.63
CA PRO D 755 33.11 -10.59 23.53
C PRO D 755 33.64 -10.96 22.16
N GLU D 756 32.79 -11.29 21.18
CA GLU D 756 33.31 -11.48 19.82
C GLU D 756 33.72 -10.15 19.20
N PHE D 757 33.14 -9.05 19.68
CA PHE D 757 33.48 -7.72 19.20
C PHE D 757 34.92 -7.35 19.54
N ILE D 758 35.38 -7.73 20.73
CA ILE D 758 36.77 -7.45 21.08
C ILE D 758 37.66 -8.61 20.66
N ASN D 759 37.06 -9.81 20.51
CA ASN D 759 37.80 -10.95 19.99
C ASN D 759 38.07 -10.83 18.50
N ARG D 760 37.40 -9.91 17.81
CA ARG D 760 37.72 -9.74 16.40
C ARG D 760 38.33 -8.38 16.11
N ILE D 761 38.71 -7.60 17.13
CA ILE D 761 39.60 -6.46 16.92
C ILE D 761 41.01 -6.85 17.36
N ASP D 762 42.00 -6.17 16.81
CA ASP D 762 43.38 -6.53 17.07
C ASP D 762 43.88 -5.97 18.40
N GLU D 763 43.93 -4.65 18.55
CA GLU D 763 44.48 -4.03 19.75
C GLU D 763 43.65 -2.80 20.11
N VAL D 764 43.85 -2.32 21.34
CA VAL D 764 43.24 -1.10 21.83
C VAL D 764 44.39 -0.15 22.20
N VAL D 765 44.62 0.85 21.35
CA VAL D 765 45.74 1.77 21.51
C VAL D 765 45.26 3.00 22.26
N VAL D 766 46.02 3.39 23.29
CA VAL D 766 45.70 4.55 24.12
C VAL D 766 46.60 5.70 23.67
N PHE D 767 46.12 6.93 23.89
CA PHE D 767 46.86 8.12 23.51
C PHE D 767 47.30 8.91 24.74
N HIS D 768 48.47 9.51 24.63
CA HIS D 768 49.14 10.24 25.71
C HIS D 768 49.19 11.71 25.35
N PRO D 769 49.40 12.62 26.34
CA PRO D 769 49.56 14.04 26.00
C PRO D 769 50.83 14.37 25.23
N LEU D 770 50.95 15.62 24.79
CA LEU D 770 51.92 16.03 23.79
C LEU D 770 53.09 16.78 24.42
N GLY D 771 54.20 16.84 23.68
CA GLY D 771 55.36 17.60 24.09
C GLY D 771 55.48 18.93 23.34
N GLU D 772 56.55 19.68 23.65
CA GLU D 772 56.67 21.03 23.14
C GLU D 772 57.06 21.07 21.66
N GLN D 773 57.93 20.16 21.23
CA GLN D 773 58.36 20.14 19.83
C GLN D 773 57.22 19.69 18.91
N HIS D 774 56.28 18.91 19.45
CA HIS D 774 55.08 18.58 18.70
C HIS D 774 54.19 19.81 18.53
N ILE D 775 54.16 20.68 19.55
CA ILE D 775 53.42 21.94 19.47
C ILE D 775 54.06 22.88 18.47
N ALA D 776 55.39 22.91 18.41
CA ALA D 776 56.08 23.75 17.43
C ALA D 776 55.86 23.24 16.01
N SER D 777 55.82 21.91 15.85
CA SER D 777 55.51 21.32 14.55
C SER D 777 54.09 21.66 14.11
N ILE D 778 53.13 21.61 15.07
CA ILE D 778 51.78 22.12 14.83
C ILE D 778 51.81 23.57 14.39
N ALA D 779 52.68 24.38 15.03
CA ALA D 779 52.69 25.83 14.77
C ALA D 779 53.16 26.14 13.35
N GLN D 780 54.28 25.57 12.91
CA GLN D 780 54.73 25.91 11.56
C GLN D 780 53.92 25.20 10.49
N ILE D 781 53.28 24.06 10.84
CA ILE D 781 52.33 23.45 9.89
C ILE D 781 51.11 24.35 9.69
N GLN D 782 50.60 24.97 10.76
CA GLN D 782 49.53 25.95 10.60
C GLN D 782 50.02 27.18 9.86
N LEU D 783 51.31 27.50 9.97
CA LEU D 783 51.88 28.57 9.18
C LEU D 783 51.94 28.24 7.70
N LYS D 784 52.03 26.95 7.34
CA LYS D 784 52.27 26.56 5.95
C LYS D 784 51.12 26.96 5.03
N ARG D 785 49.90 27.03 5.54
CA ARG D 785 48.78 27.47 4.70
C ARG D 785 48.85 28.98 4.45
N LEU D 786 49.33 29.73 5.45
CA LEU D 786 49.67 31.13 5.23
C LEU D 786 50.75 31.25 4.16
N TYR D 787 51.76 30.37 4.19
CA TYR D 787 52.79 30.37 3.15
C TYR D 787 52.22 30.02 1.79
N LYS D 788 51.19 29.18 1.74
CA LYS D 788 50.51 28.89 0.48
C LYS D 788 49.81 30.13 -0.04
N ARG D 789 49.20 30.92 0.86
CA ARG D 789 48.62 32.19 0.46
C ARG D 789 49.69 33.15 -0.04
N LEU D 790 50.86 33.11 0.60
CA LEU D 790 51.98 33.96 0.23
C LEU D 790 52.45 33.67 -1.18
N GLU D 791 52.80 32.41 -1.44
CA GLU D 791 53.37 32.04 -2.73
C GLU D 791 52.32 32.09 -3.83
N GLU D 792 51.06 31.83 -3.49
CA GLU D 792 50.01 31.89 -4.52
C GLU D 792 49.67 33.34 -4.84
N ARG D 793 49.92 34.25 -3.91
CA ARG D 793 49.98 35.64 -4.33
C ARG D 793 51.36 36.00 -4.84
N GLY D 794 52.39 35.31 -4.38
CA GLY D 794 53.74 35.53 -4.85
C GLY D 794 54.72 36.01 -3.79
N TYR D 795 54.41 35.86 -2.50
CA TYR D 795 55.27 36.40 -1.45
C TYR D 795 56.28 35.36 -0.97
N GLU D 796 56.96 35.70 0.14
CA GLU D 796 58.08 34.93 0.68
C GLU D 796 58.27 35.32 2.15
N ILE D 797 58.44 34.32 3.02
CA ILE D 797 58.80 34.54 4.42
C ILE D 797 59.81 33.48 4.85
N HIS D 798 60.97 33.94 5.34
CA HIS D 798 61.83 33.14 6.20
C HIS D 798 61.58 33.59 7.63
N ILE D 799 61.51 32.64 8.56
CA ILE D 799 60.95 32.93 9.89
C ILE D 799 62.03 32.88 10.97
N SER D 800 61.92 33.82 11.90
CA SER D 800 62.70 33.83 13.13
C SER D 800 62.07 32.91 14.18
N ASP D 801 62.52 33.06 15.44
CA ASP D 801 62.23 32.05 16.45
C ASP D 801 61.40 32.58 17.63
N GLU D 802 61.50 33.88 17.95
CA GLU D 802 60.99 34.37 19.22
C GLU D 802 59.45 34.44 19.25
N ALA D 803 58.84 34.90 18.16
CA ALA D 803 57.38 34.92 18.09
C ALA D 803 56.82 33.51 17.98
N LEU D 804 57.60 32.59 17.40
CA LEU D 804 57.23 31.17 17.41
C LEU D 804 57.28 30.62 18.82
N LYS D 805 58.19 31.13 19.65
CA LYS D 805 58.21 30.75 21.06
C LYS D 805 57.01 31.34 21.81
N LEU D 806 56.64 32.59 21.51
CA LEU D 806 55.53 33.23 22.22
C LEU D 806 54.19 32.61 21.87
N LEU D 807 53.94 32.34 20.58
CA LEU D 807 52.72 31.62 20.23
C LEU D 807 52.80 30.15 20.65
N SER D 808 54.01 29.60 20.73
CA SER D 808 54.17 28.22 21.19
C SER D 808 53.85 28.10 22.68
N GLU D 809 54.04 29.18 23.45
CA GLU D 809 53.65 29.15 24.85
C GLU D 809 52.29 29.79 25.09
N ASN D 810 51.66 30.33 24.04
CA ASN D 810 50.27 30.74 24.14
C ASN D 810 49.31 29.55 23.99
N GLY D 811 49.83 28.37 23.69
CA GLY D 811 48.97 27.25 23.33
C GLY D 811 48.53 26.36 24.48
N TYR D 812 49.44 26.05 25.41
CA TYR D 812 49.27 24.88 26.29
C TYR D 812 48.22 25.10 27.36
N ASP D 813 47.45 24.04 27.62
CA ASP D 813 46.44 23.93 28.65
C ASP D 813 46.33 22.41 28.69
N PRO D 814 46.54 21.77 29.88
CA PRO D 814 46.82 20.31 29.93
C PRO D 814 45.79 19.37 29.30
N VAL D 815 44.51 19.64 29.49
CA VAL D 815 43.46 18.86 28.84
C VAL D 815 43.40 19.26 27.37
N TYR D 816 43.45 20.57 27.12
CA TYR D 816 43.24 21.14 25.79
C TYR D 816 44.42 20.95 24.85
N GLY D 817 45.64 21.21 25.31
CA GLY D 817 46.80 20.99 24.47
C GLY D 817 47.02 22.15 23.52
N ALA D 818 47.68 21.86 22.39
CA ALA D 818 47.94 22.87 21.37
C ALA D 818 46.78 23.07 20.42
N ARG D 819 45.62 22.51 20.74
CA ARG D 819 44.41 22.71 19.94
C ARG D 819 43.91 24.15 19.78
N PRO D 820 43.87 25.04 20.81
CA PRO D 820 43.37 26.39 20.54
C PRO D 820 44.31 27.27 19.73
N LEU D 821 45.52 26.79 19.38
CA LEU D 821 46.55 27.64 18.78
C LEU D 821 46.16 28.08 17.36
N LYS D 822 45.23 27.35 16.74
CA LYS D 822 44.56 27.83 15.53
C LYS D 822 43.94 29.20 15.74
N ARG D 823 43.21 29.36 16.84
CA ARG D 823 42.52 30.63 17.06
C ARG D 823 43.32 31.56 17.96
N ALA D 824 44.41 31.06 18.55
CA ALA D 824 45.42 31.97 19.09
C ALA D 824 46.15 32.67 17.97
N ILE D 825 46.41 31.98 16.85
CA ILE D 825 46.96 32.67 15.70
C ILE D 825 45.93 33.60 15.07
N GLN D 826 44.82 33.05 14.56
CA GLN D 826 43.92 33.86 13.74
C GLN D 826 43.21 34.92 14.59
N GLN D 827 42.79 34.53 15.80
CA GLN D 827 42.21 35.48 16.73
C GLN D 827 43.25 36.44 17.29
N GLN D 828 44.37 35.92 17.81
CA GLN D 828 45.22 36.76 18.64
C GLN D 828 46.06 37.73 17.82
N ILE D 829 46.47 37.36 16.62
CA ILE D 829 47.25 38.29 15.81
C ILE D 829 46.52 38.70 14.53
N GLU D 830 45.60 37.87 14.01
CA GLU D 830 45.19 38.14 12.64
C GLU D 830 44.02 39.09 12.56
N ASN D 831 43.47 39.52 13.70
CA ASN D 831 42.41 40.53 13.65
C ASN D 831 42.97 41.93 13.39
N PRO D 832 43.97 42.45 14.13
CA PRO D 832 44.53 43.75 13.72
C PRO D 832 45.37 43.65 12.46
N LEU D 833 45.86 42.45 12.13
CA LEU D 833 46.53 42.24 10.85
C LEU D 833 45.55 42.38 9.70
N ALA D 834 44.33 41.86 9.85
CA ALA D 834 43.31 42.05 8.83
C ALA D 834 42.86 43.51 8.77
N GLN D 835 42.81 44.19 9.93
CA GLN D 835 42.47 45.61 9.94
C GLN D 835 43.53 46.45 9.21
N GLN D 836 44.81 46.08 9.36
CA GLN D 836 45.86 46.86 8.74
C GLN D 836 46.06 46.49 7.27
N ILE D 837 45.73 45.26 6.88
CA ILE D 837 45.79 44.89 5.47
C ILE D 837 44.66 45.55 4.70
N LEU D 838 43.42 45.41 5.19
CA LEU D 838 42.29 45.96 4.45
C LEU D 838 42.11 47.46 4.72
N SER D 839 42.89 48.01 5.66
CA SER D 839 42.80 49.44 5.93
C SER D 839 43.45 50.27 4.83
N GLY D 840 44.37 49.69 4.07
CA GLY D 840 45.10 50.42 3.05
C GLY D 840 46.50 50.84 3.45
N GLU D 841 46.89 50.61 4.71
CA GLU D 841 48.26 50.90 5.13
C GLU D 841 49.27 49.97 4.46
N LEU D 842 48.88 48.74 4.16
CA LEU D 842 49.78 47.71 3.67
C LEU D 842 49.54 47.49 2.18
N VAL D 843 50.40 48.06 1.35
CA VAL D 843 50.31 47.85 -0.10
C VAL D 843 50.83 46.46 -0.44
N PRO D 844 50.08 45.64 -1.17
CA PRO D 844 50.52 44.26 -1.42
C PRO D 844 51.62 44.14 -2.47
N GLY D 845 52.33 43.01 -2.47
CA GLY D 845 53.29 42.72 -3.51
C GLY D 845 54.73 42.52 -3.08
N LYS D 846 55.03 42.57 -1.78
CA LYS D 846 56.42 42.53 -1.35
C LYS D 846 56.68 41.42 -0.34
N VAL D 847 57.96 41.14 -0.11
CA VAL D 847 58.39 40.06 0.77
C VAL D 847 58.18 40.52 2.21
N ILE D 848 57.50 39.69 3.00
CA ILE D 848 57.09 40.04 4.36
C ILE D 848 58.18 39.59 5.32
N ARG D 849 58.65 40.51 6.17
CA ARG D 849 59.54 40.18 7.28
C ARG D 849 58.80 40.48 8.58
N LEU D 850 58.75 39.51 9.48
CA LEU D 850 58.05 39.66 10.75
C LEU D 850 58.88 40.57 11.65
N GLU D 851 58.61 41.87 11.59
CA GLU D 851 59.34 42.88 12.34
C GLU D 851 58.92 42.88 13.80
N VAL D 852 59.56 43.74 14.58
CA VAL D 852 59.23 43.91 15.98
C VAL D 852 58.94 45.37 16.27
N ASN D 853 57.66 45.70 16.29
CA ASN D 853 57.13 46.69 17.20
C ASN D 853 56.90 46.05 18.58
N GLU D 854 56.17 46.75 19.44
CA GLU D 854 56.18 46.57 20.89
C GLU D 854 55.52 45.24 21.29
N ASP D 855 55.48 44.97 22.61
CA ASP D 855 55.37 43.67 23.27
C ASP D 855 54.17 42.80 22.86
N ARG D 856 53.25 43.27 22.02
CA ARG D 856 52.30 42.37 21.37
C ARG D 856 52.57 42.32 19.87
N ILE D 857 52.57 41.10 19.32
CA ILE D 857 53.12 40.77 18.01
C ILE D 857 52.40 41.52 16.89
N VAL D 858 53.17 42.31 16.12
CA VAL D 858 52.65 43.16 15.06
C VAL D 858 53.49 42.96 13.79
N ALA D 859 52.80 42.64 12.69
CA ALA D 859 53.41 42.50 11.38
C ALA D 859 53.35 43.83 10.64
N VAL D 860 54.49 44.22 10.04
CA VAL D 860 54.67 45.56 9.48
C VAL D 860 55.16 45.42 8.04
N GLN D 861 54.48 46.12 7.11
CA GLN D 861 54.98 46.32 5.76
C GLN D 861 55.38 47.77 5.58
N LEU E 165 3.95 21.21 -33.86
CA LEU E 165 3.82 22.59 -33.42
C LEU E 165 2.75 23.33 -34.21
N LYS E 166 2.18 22.65 -35.21
CA LYS E 166 1.06 23.21 -35.98
C LYS E 166 -0.20 23.26 -35.13
N LYS E 167 -0.32 22.39 -34.12
CA LYS E 167 -1.55 22.29 -33.34
C LYS E 167 -1.35 22.81 -31.92
N TYR E 168 -0.12 23.19 -31.58
CA TYR E 168 0.25 23.44 -30.20
C TYR E 168 0.41 24.91 -29.86
N THR E 169 0.98 25.67 -30.78
CA THR E 169 1.54 26.97 -30.49
C THR E 169 0.52 28.05 -30.79
N ILE E 170 -0.02 28.65 -29.74
CA ILE E 170 -0.69 29.93 -29.86
C ILE E 170 0.36 31.00 -29.66
N ASP E 171 0.81 31.56 -30.79
CA ASP E 171 2.01 32.40 -30.88
C ASP E 171 1.78 33.70 -30.12
N LEU E 172 2.74 34.06 -29.28
CA LEU E 172 2.61 35.25 -28.46
C LEU E 172 3.20 36.46 -29.17
N THR E 173 3.86 36.26 -30.32
CA THR E 173 4.56 37.37 -30.95
C THR E 173 3.63 38.25 -31.76
N GLU E 174 2.76 37.65 -32.58
CA GLU E 174 1.82 38.47 -33.34
C GLU E 174 0.76 39.06 -32.42
N ARG E 175 0.46 38.37 -31.31
CA ARG E 175 -0.36 38.98 -30.26
C ARG E 175 0.35 40.17 -29.64
N ALA E 176 1.66 40.05 -29.40
CA ALA E 176 2.40 41.15 -28.77
C ALA E 176 2.56 42.31 -29.73
N GLU E 177 2.66 42.01 -31.02
CA GLU E 177 2.58 43.03 -32.05
C GLU E 177 1.21 43.71 -32.00
N GLN E 178 0.16 42.92 -31.80
CA GLN E 178 -1.16 43.50 -31.58
C GLN E 178 -1.33 44.00 -30.15
N GLY E 179 -0.41 43.66 -29.25
CA GLY E 179 -0.37 44.23 -27.92
C GLY E 179 -1.40 43.71 -26.94
N LYS E 180 -1.85 42.46 -27.08
CA LYS E 180 -2.90 41.96 -26.21
C LYS E 180 -2.40 41.55 -24.82
N LEU E 181 -1.10 41.60 -24.58
CA LEU E 181 -0.55 41.10 -23.32
C LEU E 181 -0.54 42.19 -22.25
N ASP E 182 -0.29 41.73 -20.90
CA ASP E 182 -0.24 42.49 -19.67
C ASP E 182 1.12 43.16 -19.48
N PRO E 183 1.14 44.44 -19.11
CA PRO E 183 2.42 45.16 -18.97
C PRO E 183 3.16 44.78 -17.69
N VAL E 184 4.32 45.41 -17.50
CA VAL E 184 5.12 45.26 -16.30
C VAL E 184 5.55 46.65 -15.81
N ILE E 185 5.89 46.73 -14.53
CA ILE E 185 6.27 47.99 -13.89
C ILE E 185 7.63 47.75 -13.26
N GLY E 186 8.60 48.56 -13.63
CA GLY E 186 9.95 48.28 -13.22
C GLY E 186 10.47 47.07 -13.96
N ARG E 187 11.01 46.14 -13.17
CA ARG E 187 11.43 44.81 -13.60
C ARG E 187 12.49 44.89 -14.69
N ASP E 188 13.70 45.35 -14.34
CA ASP E 188 14.78 45.45 -15.33
C ASP E 188 16.03 44.68 -14.89
N GLU E 189 16.35 44.70 -13.59
CA GLU E 189 17.58 44.08 -13.08
C GLU E 189 17.49 42.55 -13.13
N GLU E 190 16.39 42.00 -12.64
CA GLU E 190 16.26 40.55 -12.62
C GLU E 190 15.66 40.02 -13.92
N ILE E 191 15.19 40.92 -14.81
CA ILE E 191 14.91 40.45 -16.16
C ILE E 191 16.17 40.54 -17.00
N ARG E 192 17.15 41.31 -16.56
CA ARG E 192 18.49 41.16 -17.10
C ARG E 192 19.11 39.88 -16.59
N ARG E 193 18.69 39.43 -15.41
CA ARG E 193 18.94 38.06 -15.01
C ARG E 193 18.20 37.06 -15.92
N THR E 194 17.00 37.41 -16.40
CA THR E 194 16.32 36.46 -17.29
C THR E 194 16.97 36.38 -18.67
N ILE E 195 17.32 37.52 -19.28
CA ILE E 195 17.98 37.50 -20.58
C ILE E 195 19.39 36.92 -20.44
N GLN E 196 20.04 37.27 -19.32
CA GLN E 196 21.41 36.82 -19.09
C GLN E 196 21.46 35.32 -18.79
N VAL E 197 20.31 34.74 -18.40
CA VAL E 197 20.21 33.27 -18.27
C VAL E 197 19.58 32.67 -19.55
N LEU E 198 18.98 33.51 -20.41
CA LEU E 198 18.56 33.05 -21.74
C LEU E 198 19.75 32.67 -22.61
N GLN E 199 20.68 33.60 -22.81
CA GLN E 199 21.58 33.43 -23.95
C GLN E 199 22.74 32.48 -23.66
N ARG E 200 22.44 31.22 -23.27
CA ARG E 200 23.48 30.19 -23.19
C ARG E 200 23.24 29.11 -24.24
N ARG E 201 24.06 28.04 -24.20
CA ARG E 201 24.02 26.99 -25.23
C ARG E 201 23.49 25.65 -24.69
N THR E 202 23.90 25.27 -23.48
CA THR E 202 23.41 24.12 -22.74
C THR E 202 23.64 24.36 -21.25
N LYS E 203 22.55 24.24 -20.48
CA LYS E 203 22.02 25.07 -19.38
C LYS E 203 21.18 26.20 -19.95
N ASN E 204 20.98 26.21 -21.27
CA ASN E 204 20.55 27.35 -22.07
C ASN E 204 19.21 28.00 -21.75
N ASN E 205 18.44 27.46 -20.83
CA ASN E 205 17.05 27.89 -20.74
C ASN E 205 16.75 28.41 -19.34
N PRO E 206 16.17 29.60 -19.21
CA PRO E 206 15.90 30.15 -17.88
C PRO E 206 14.78 29.43 -17.15
N VAL E 207 14.79 29.60 -15.83
CA VAL E 207 13.71 29.17 -14.96
C VAL E 207 13.37 30.32 -14.03
N LEU E 208 12.11 30.75 -14.05
CA LEU E 208 11.60 31.73 -13.09
C LEU E 208 11.04 30.99 -11.88
N ILE E 209 11.45 31.42 -10.69
CA ILE E 209 11.18 30.71 -9.44
C ILE E 209 10.16 31.53 -8.65
N GLY E 210 9.13 30.86 -8.15
CA GLY E 210 8.15 31.54 -7.30
C GLY E 210 6.78 30.92 -7.40
N GLU E 211 5.98 31.23 -6.40
CA GLU E 211 4.65 30.66 -6.22
C GLU E 211 3.67 31.27 -7.22
N PRO E 212 2.44 30.73 -7.34
CA PRO E 212 1.50 31.31 -8.31
C PRO E 212 0.88 32.67 -7.96
N GLY E 213 1.44 33.45 -7.02
CA GLY E 213 0.91 34.79 -6.81
C GLY E 213 1.93 35.89 -7.06
N VAL E 214 2.92 35.63 -7.92
CA VAL E 214 3.99 36.62 -8.09
C VAL E 214 3.98 37.22 -9.50
N GLY E 215 3.66 36.42 -10.52
CA GLY E 215 3.67 36.94 -11.89
C GLY E 215 4.92 36.72 -12.72
N LYS E 216 5.29 35.45 -12.98
CA LYS E 216 6.48 35.16 -13.77
C LYS E 216 6.16 35.06 -15.27
N THR E 217 4.91 34.73 -15.61
CA THR E 217 4.52 34.74 -17.00
C THR E 217 4.51 36.17 -17.56
N ALA E 218 4.33 37.17 -16.68
CA ALA E 218 4.54 38.56 -17.07
C ALA E 218 6.01 38.86 -17.30
N ILE E 219 6.91 38.02 -16.77
CA ILE E 219 8.33 38.26 -16.96
C ILE E 219 8.82 37.62 -18.26
N VAL E 220 8.25 36.48 -18.65
CA VAL E 220 8.60 35.94 -19.98
C VAL E 220 7.88 36.71 -21.09
N GLU E 221 6.70 37.27 -20.80
CA GLU E 221 6.01 38.02 -21.86
C GLU E 221 6.50 39.46 -21.91
N GLY E 222 6.98 40.01 -20.78
CA GLY E 222 7.69 41.28 -20.83
C GLY E 222 9.07 41.12 -21.43
N LEU E 223 9.64 39.92 -21.27
CA LEU E 223 10.78 39.52 -22.08
C LEU E 223 10.43 39.55 -23.57
N ALA E 224 9.25 39.04 -23.94
CA ALA E 224 8.82 39.10 -25.33
C ALA E 224 8.59 40.54 -25.78
N GLN E 225 8.19 41.43 -24.86
CA GLN E 225 7.98 42.82 -25.24
C GLN E 225 9.28 43.61 -25.32
N ARG E 226 10.33 43.18 -24.59
CA ARG E 226 11.64 43.80 -24.82
C ARG E 226 12.24 43.30 -26.13
N ILE E 227 12.07 42.01 -26.43
CA ILE E 227 12.58 41.45 -27.67
C ILE E 227 11.88 42.06 -28.88
N ILE E 228 10.56 42.25 -28.79
CA ILE E 228 9.78 42.68 -29.95
C ILE E 228 9.68 44.20 -30.03
N ASN E 229 9.49 44.87 -28.88
CA ASN E 229 9.23 46.32 -28.91
C ASN E 229 10.48 47.13 -29.22
N GLY E 230 11.61 46.89 -28.55
CA GLY E 230 12.87 47.42 -29.05
C GLY E 230 13.76 48.21 -28.10
N GLU E 231 13.63 48.06 -26.79
CA GLU E 231 14.70 48.56 -25.93
C GLU E 231 15.87 47.58 -25.85
N VAL E 232 15.73 46.40 -26.45
CA VAL E 232 16.76 45.37 -26.41
C VAL E 232 17.90 45.81 -27.34
N PRO E 233 19.14 45.47 -27.05
CA PRO E 233 20.20 45.62 -28.05
C PRO E 233 20.15 44.52 -29.11
N GLU E 234 21.17 44.52 -29.96
CA GLU E 234 21.36 43.55 -31.04
C GLU E 234 21.44 42.12 -30.50
N GLY E 235 20.71 41.23 -31.15
CA GLY E 235 20.70 39.82 -30.77
C GLY E 235 19.32 39.27 -30.51
N LEU E 236 18.52 40.00 -29.74
CA LEU E 236 17.11 39.67 -29.58
C LEU E 236 16.20 40.62 -30.35
N LYS E 237 16.53 40.91 -31.61
CA LYS E 237 15.65 41.74 -32.43
C LYS E 237 14.53 40.91 -33.07
N GLY E 238 14.90 39.79 -33.70
CA GLY E 238 13.95 39.09 -34.55
C GLY E 238 13.39 37.80 -33.96
N ARG E 239 13.93 37.36 -32.81
CA ARG E 239 13.55 36.12 -32.15
C ARG E 239 12.06 36.04 -31.80
N ARG E 240 11.40 34.93 -32.17
CA ARG E 240 9.97 34.78 -31.95
C ARG E 240 9.68 33.47 -31.21
N VAL E 241 8.69 33.52 -30.33
CA VAL E 241 8.51 32.55 -29.25
C VAL E 241 7.29 31.67 -29.55
N LEU E 242 7.46 30.35 -29.46
CA LEU E 242 6.40 29.37 -29.68
C LEU E 242 6.10 28.61 -28.39
N ALA E 243 5.05 27.77 -28.41
CA ALA E 243 4.58 27.11 -27.20
C ALA E 243 3.97 25.74 -27.49
N LEU E 244 4.78 24.69 -27.37
CA LEU E 244 4.28 23.33 -27.27
C LEU E 244 3.48 23.14 -25.99
N ASP E 245 2.23 22.69 -26.13
CA ASP E 245 1.37 22.51 -24.97
C ASP E 245 0.93 21.05 -24.86
N MET E 246 0.60 20.62 -23.64
CA MET E 246 0.25 19.22 -23.40
C MET E 246 -1.14 18.87 -23.89
N GLY E 247 -1.96 19.89 -24.20
CA GLY E 247 -3.35 19.64 -24.51
C GLY E 247 -3.55 18.88 -25.80
N ALA E 248 -2.90 19.31 -26.88
CA ALA E 248 -3.00 18.57 -28.12
C ALA E 248 -2.07 17.36 -28.12
N LEU E 249 -1.13 17.32 -27.17
CA LEU E 249 -0.36 16.09 -26.96
C LEU E 249 -1.25 14.96 -26.47
N VAL E 250 -2.09 15.23 -25.49
CA VAL E 250 -2.89 14.16 -24.90
C VAL E 250 -4.28 14.10 -25.56
N ALA E 251 -4.54 14.98 -26.54
CA ALA E 251 -5.84 15.07 -27.20
C ALA E 251 -6.25 13.79 -27.89
N GLY E 252 -5.58 13.43 -28.99
CA GLY E 252 -5.72 12.06 -29.43
C GLY E 252 -4.41 11.32 -29.36
N ALA E 253 -4.25 10.56 -28.28
CA ALA E 253 -3.26 9.50 -28.19
C ALA E 253 -3.99 8.17 -28.28
N LYS E 254 -4.56 7.93 -29.46
CA LYS E 254 -5.42 6.77 -29.66
C LYS E 254 -4.56 5.53 -29.82
N TYR E 255 -3.62 5.55 -30.76
CA TYR E 255 -2.71 4.44 -31.01
C TYR E 255 -1.32 4.77 -30.49
N ARG E 256 -0.46 3.75 -30.47
CA ARG E 256 0.95 3.91 -30.12
C ARG E 256 1.68 4.51 -31.32
N GLY E 257 1.87 5.83 -31.32
CA GLY E 257 2.49 6.51 -32.44
C GLY E 257 1.88 7.84 -32.83
N GLU E 258 0.60 8.09 -32.53
CA GLU E 258 -0.03 9.37 -32.83
C GLU E 258 0.63 10.50 -32.07
N PHE E 259 0.65 10.39 -30.74
CA PHE E 259 1.44 11.27 -29.88
C PHE E 259 2.92 11.28 -30.27
N GLU E 260 3.41 10.15 -30.81
CA GLU E 260 4.81 10.07 -31.21
C GLU E 260 5.06 10.74 -32.55
N GLU E 261 4.19 10.53 -33.55
CA GLU E 261 4.32 11.24 -34.81
C GLU E 261 4.13 12.74 -34.62
N ARG E 262 3.27 13.12 -33.69
CA ARG E 262 3.04 14.53 -33.44
C ARG E 262 4.19 15.18 -32.68
N LEU E 263 4.81 14.47 -31.72
CA LEU E 263 5.93 15.05 -31.00
C LEU E 263 7.19 15.10 -31.86
N LYS E 264 7.39 14.10 -32.72
CA LYS E 264 8.50 14.19 -33.67
C LYS E 264 8.23 15.26 -34.72
N GLY E 265 6.95 15.53 -34.98
CA GLY E 265 6.60 16.70 -35.77
C GLY E 265 6.94 18.01 -35.07
N VAL E 266 6.78 18.05 -33.74
CA VAL E 266 7.24 19.20 -32.96
C VAL E 266 8.74 19.39 -33.12
N LEU E 267 9.51 18.32 -32.95
CA LEU E 267 10.95 18.46 -32.96
C LEU E 267 11.47 18.79 -34.36
N ASN E 268 10.82 18.26 -35.39
CA ASN E 268 11.23 18.60 -36.75
C ASN E 268 10.76 19.98 -37.17
N ASP E 269 9.67 20.48 -36.58
CA ASP E 269 9.30 21.87 -36.85
C ASP E 269 10.17 22.84 -36.06
N LEU E 270 10.70 22.39 -34.92
CA LEU E 270 11.80 23.10 -34.28
C LEU E 270 13.03 23.11 -35.17
N ALA E 271 13.22 22.04 -35.94
CA ALA E 271 14.34 21.98 -36.86
C ALA E 271 14.07 22.77 -38.14
N LYS E 272 12.80 23.07 -38.44
CA LYS E 272 12.51 23.80 -39.67
C LYS E 272 12.72 25.30 -39.51
N GLN E 273 12.36 25.86 -38.35
CA GLN E 273 12.69 27.26 -38.13
C GLN E 273 14.13 27.40 -37.65
N GLU E 274 14.80 26.27 -37.35
CA GLU E 274 16.25 26.15 -37.17
C GLU E 274 16.75 26.93 -35.97
N GLY E 275 16.06 26.84 -34.84
CA GLY E 275 16.49 27.56 -33.67
C GLY E 275 16.09 29.02 -33.66
N ASN E 276 15.30 29.44 -34.65
CA ASN E 276 14.65 30.75 -34.57
C ASN E 276 13.28 30.62 -33.95
N VAL E 277 12.96 29.43 -33.45
CA VAL E 277 11.82 29.21 -32.58
C VAL E 277 12.28 29.20 -31.13
N ILE E 278 11.73 30.13 -30.33
CA ILE E 278 11.88 30.06 -28.87
C ILE E 278 10.68 29.28 -28.33
N LEU E 279 10.94 28.36 -27.41
CA LEU E 279 9.86 27.54 -26.88
C LEU E 279 9.72 27.77 -25.38
N PHE E 280 8.89 28.75 -25.01
CA PHE E 280 8.54 28.95 -23.61
C PHE E 280 7.66 27.79 -23.18
N ILE E 281 8.29 26.77 -22.62
CA ILE E 281 7.60 25.69 -21.95
C ILE E 281 7.35 26.13 -20.52
N ASP E 282 6.12 26.52 -20.22
CA ASP E 282 5.70 26.56 -18.84
C ASP E 282 5.36 25.13 -18.43
N ALA E 283 5.47 24.84 -17.12
CA ALA E 283 5.40 23.47 -16.58
C ALA E 283 6.47 22.59 -17.23
N LEU E 284 7.71 22.90 -16.87
CA LEU E 284 8.88 22.43 -17.60
C LEU E 284 9.08 20.92 -17.53
N HIS E 285 8.60 20.30 -16.45
CA HIS E 285 8.76 18.86 -16.30
C HIS E 285 7.81 18.08 -17.21
N THR E 286 6.84 18.75 -17.82
CA THR E 286 5.84 18.06 -18.63
C THR E 286 6.43 17.59 -19.96
N MET E 287 7.45 18.31 -20.46
CA MET E 287 8.07 17.90 -21.71
C MET E 287 9.25 16.97 -21.45
N ALA E 299 8.43 12.43 -22.05
CA ALA E 299 9.46 12.41 -23.07
C ALA E 299 10.73 13.09 -22.54
N GLY E 300 11.72 13.32 -23.40
CA GLY E 300 12.89 14.03 -22.93
C GLY E 300 14.24 13.57 -23.45
N ASN E 301 14.39 12.26 -23.72
CA ASN E 301 15.68 11.77 -24.23
C ASN E 301 15.90 12.18 -25.67
N MET E 302 14.87 12.67 -26.35
CA MET E 302 15.06 13.26 -27.66
C MET E 302 15.30 14.76 -27.52
N LEU E 303 15.04 15.30 -26.32
CA LEU E 303 15.20 16.72 -26.07
C LEU E 303 16.62 17.02 -25.57
N LYS E 304 17.15 16.13 -24.74
CA LYS E 304 18.50 16.23 -24.19
C LYS E 304 19.62 16.42 -25.21
N PRO E 305 19.76 15.62 -26.29
CA PRO E 305 20.96 15.76 -27.12
C PRO E 305 20.92 17.00 -27.99
N ALA E 306 19.74 17.39 -28.44
CA ALA E 306 19.61 18.60 -29.22
C ALA E 306 19.81 19.83 -28.34
N LEU E 307 19.37 19.77 -27.08
CA LEU E 307 19.74 20.83 -26.15
C LEU E 307 21.23 20.82 -25.85
N ALA E 308 21.88 19.66 -25.97
CA ALA E 308 23.30 19.55 -25.64
C ALA E 308 24.19 20.09 -26.75
N ARG E 309 23.90 19.73 -28.00
CA ARG E 309 24.74 20.16 -29.12
C ARG E 309 24.62 21.65 -29.37
N GLY E 310 23.50 22.24 -28.95
CA GLY E 310 23.08 23.55 -29.42
C GLY E 310 21.96 23.49 -30.41
N GLU E 311 21.50 22.28 -30.75
CA GLU E 311 20.43 22.11 -31.72
C GLU E 311 19.06 22.43 -31.12
N LEU E 312 18.98 22.61 -29.80
CA LEU E 312 17.72 23.00 -29.15
C LEU E 312 18.00 24.00 -28.04
N HIS E 313 17.01 24.87 -27.81
CA HIS E 313 17.11 26.04 -26.94
C HIS E 313 15.71 26.53 -26.59
N CYS E 314 15.30 26.37 -25.32
CA CYS E 314 13.92 26.65 -24.93
C CYS E 314 13.88 27.62 -23.75
N VAL E 315 12.70 27.69 -23.10
CA VAL E 315 12.48 28.53 -21.90
C VAL E 315 11.59 27.74 -20.93
N GLY E 316 12.02 27.69 -19.67
CA GLY E 316 11.31 26.94 -18.64
C GLY E 316 10.65 27.77 -17.56
N ALA E 317 9.67 27.18 -16.86
CA ALA E 317 8.98 27.88 -15.77
C ALA E 317 8.37 26.85 -14.82
N THR E 318 8.63 27.02 -13.52
CA THR E 318 8.10 26.13 -12.47
C THR E 318 8.13 26.86 -11.13
N THR E 319 7.22 26.47 -10.23
CA THR E 319 6.96 27.08 -8.93
C THR E 319 8.17 26.92 -8.02
N LEU E 320 8.27 27.76 -6.97
CA LEU E 320 9.37 27.70 -6.00
C LEU E 320 9.55 26.32 -5.41
N ASP E 321 8.52 25.79 -4.76
CA ASP E 321 8.58 24.44 -4.24
C ASP E 321 8.70 23.42 -5.38
N GLU E 322 8.15 23.75 -6.55
CA GLU E 322 8.18 22.81 -7.65
C GLU E 322 9.43 22.97 -8.50
N TYR E 323 10.19 24.05 -8.31
CA TYR E 323 11.57 24.07 -8.79
C TYR E 323 12.48 23.39 -7.79
N ARG E 324 12.04 23.28 -6.53
CA ARG E 324 12.70 22.31 -5.67
C ARG E 324 12.28 20.89 -6.05
N GLN E 325 11.17 20.75 -6.79
CA GLN E 325 10.70 19.42 -7.17
C GLN E 325 11.13 19.02 -8.58
N TYR E 326 11.69 19.97 -9.36
CA TYR E 326 11.86 19.71 -10.79
C TYR E 326 12.88 18.60 -11.07
N ILE E 327 14.19 18.88 -10.93
CA ILE E 327 15.32 18.12 -10.35
C ILE E 327 16.56 18.99 -10.58
N GLU E 328 17.48 19.05 -9.60
CA GLU E 328 18.74 19.75 -9.87
C GLU E 328 19.96 18.82 -9.86
N LYS E 329 19.85 17.62 -9.30
CA LYS E 329 21.02 16.76 -9.18
C LYS E 329 21.20 15.82 -10.37
N ASP E 330 20.22 15.78 -11.28
CA ASP E 330 20.51 15.19 -12.60
C ASP E 330 21.46 16.16 -13.29
N ALA E 331 22.73 15.78 -13.36
CA ALA E 331 23.75 16.69 -13.88
C ALA E 331 23.58 16.90 -15.38
N ALA E 332 22.93 15.95 -16.07
CA ALA E 332 22.46 16.19 -17.43
C ALA E 332 21.43 17.30 -17.46
N LEU E 333 20.34 17.16 -16.69
CA LEU E 333 19.33 18.21 -16.68
C LEU E 333 19.82 19.45 -15.91
N GLU E 334 20.96 19.33 -15.22
CA GLU E 334 21.73 20.52 -14.88
C GLU E 334 22.44 21.08 -16.11
N ARG E 335 22.72 20.23 -17.11
CA ARG E 335 23.27 20.74 -18.37
C ARG E 335 22.17 20.98 -19.39
N ARG E 336 20.92 21.11 -18.96
CA ARG E 336 19.87 21.53 -19.91
C ARG E 336 19.22 22.87 -19.52
N PHE E 337 19.26 23.27 -18.25
CA PHE E 337 18.52 24.44 -17.78
C PHE E 337 19.30 25.28 -16.78
N GLN E 338 18.74 26.45 -16.44
CA GLN E 338 19.31 27.37 -15.46
C GLN E 338 18.19 28.28 -14.95
N LYS E 339 18.40 28.99 -13.84
CA LYS E 339 17.30 29.66 -13.16
C LYS E 339 17.48 31.18 -13.07
N VAL E 340 16.46 31.85 -12.51
CA VAL E 340 16.43 33.29 -12.27
C VAL E 340 15.97 33.52 -10.84
N PHE E 341 16.66 34.39 -10.09
CA PHE E 341 16.36 34.59 -8.67
C PHE E 341 15.42 35.77 -8.44
N VAL E 342 14.39 35.52 -7.61
CA VAL E 342 13.38 36.48 -7.18
C VAL E 342 13.06 36.19 -5.70
N ALA E 343 12.99 37.24 -4.88
CA ALA E 343 12.75 37.14 -3.44
C ALA E 343 11.39 37.72 -3.04
N GLU E 344 11.17 37.78 -1.70
CA GLU E 344 9.98 38.29 -1.01
C GLU E 344 9.69 39.73 -1.43
N PRO E 345 8.42 40.05 -1.77
CA PRO E 345 8.11 41.38 -2.30
C PRO E 345 8.09 42.51 -1.28
N SER E 346 8.20 43.75 -1.76
CA SER E 346 8.39 44.94 -0.93
C SER E 346 7.18 45.88 -1.01
N VAL E 347 7.35 47.08 -0.42
CA VAL E 347 6.28 48.09 -0.41
C VAL E 347 6.23 48.82 -1.74
N GLU E 348 7.37 49.36 -2.18
CA GLU E 348 7.41 50.32 -3.28
C GLU E 348 6.97 49.69 -4.60
N ASP E 349 7.22 48.39 -4.77
CA ASP E 349 6.77 47.70 -5.97
C ASP E 349 5.35 47.19 -5.84
N THR E 350 4.84 47.04 -4.61
CA THR E 350 3.42 46.75 -4.45
C THR E 350 2.59 47.98 -4.80
N ILE E 351 3.01 49.14 -4.27
CA ILE E 351 2.48 50.43 -4.70
C ILE E 351 2.60 50.58 -6.21
N ALA E 352 3.77 50.24 -6.75
CA ALA E 352 4.06 50.48 -8.17
C ALA E 352 3.24 49.59 -9.09
N ILE E 353 2.99 48.34 -8.71
CA ILE E 353 2.28 47.44 -9.60
C ILE E 353 0.78 47.61 -9.45
N LEU E 354 0.31 47.95 -8.25
CA LEU E 354 -1.09 48.34 -8.13
C LEU E 354 -1.37 49.63 -8.87
N ARG E 355 -0.37 50.51 -8.97
CA ARG E 355 -0.49 51.70 -9.80
C ARG E 355 -0.45 51.36 -11.29
N GLY E 356 0.42 50.44 -11.70
CA GLY E 356 0.51 50.11 -13.11
C GLY E 356 -0.63 49.24 -13.57
N LEU E 357 -1.42 48.75 -12.63
CA LEU E 357 -2.67 48.11 -12.97
C LEU E 357 -3.86 48.99 -12.63
N LYS E 358 -3.61 50.16 -12.02
CA LYS E 358 -4.68 51.12 -11.79
C LYS E 358 -5.17 51.72 -13.10
N GLU E 359 -4.32 51.71 -14.13
CA GLU E 359 -4.75 52.13 -15.47
C GLU E 359 -5.78 51.15 -16.04
N ARG E 360 -5.42 49.86 -16.08
CA ARG E 360 -6.32 48.85 -16.63
C ARG E 360 -7.55 48.64 -15.76
N TYR E 361 -7.43 48.88 -14.45
CA TYR E 361 -8.54 48.57 -13.56
C TYR E 361 -9.47 49.76 -13.37
N GLU E 362 -8.94 50.99 -13.41
CA GLU E 362 -9.83 52.14 -13.49
C GLU E 362 -10.53 52.22 -14.85
N LEU E 363 -9.87 51.75 -15.92
CA LEU E 363 -10.59 51.61 -17.18
C LEU E 363 -11.62 50.48 -17.13
N HIS E 364 -11.28 49.37 -16.49
CA HIS E 364 -12.18 48.20 -16.51
C HIS E 364 -13.35 48.43 -15.55
N HIS E 365 -13.17 49.31 -14.55
CA HIS E 365 -14.20 49.48 -13.52
C HIS E 365 -14.92 50.82 -13.64
N HIS E 366 -14.50 51.69 -14.57
CA HIS E 366 -15.05 53.03 -14.83
C HIS E 366 -14.97 53.98 -13.63
N VAL E 367 -14.04 53.73 -12.69
CA VAL E 367 -13.99 54.46 -11.42
C VAL E 367 -12.58 55.02 -11.24
N GLN E 368 -12.34 55.62 -10.07
CA GLN E 368 -11.04 56.20 -9.74
C GLN E 368 -10.57 55.73 -8.36
N ILE E 369 -9.23 55.58 -8.24
CA ILE E 369 -8.55 55.13 -7.03
C ILE E 369 -7.41 56.11 -6.71
N THR E 370 -7.28 56.46 -5.42
CA THR E 370 -6.27 57.42 -4.94
C THR E 370 -5.32 56.81 -3.91
N ASP E 371 -4.58 57.69 -3.24
CA ASP E 371 -3.29 57.32 -2.63
C ASP E 371 -3.34 56.65 -1.25
N PRO E 372 -4.01 57.20 -0.19
CA PRO E 372 -3.81 56.60 1.15
C PRO E 372 -4.40 55.21 1.29
N ALA E 373 -5.37 54.89 0.43
CA ALA E 373 -5.88 53.53 0.29
C ALA E 373 -4.81 52.57 -0.19
N ILE E 374 -3.97 53.00 -1.15
CA ILE E 374 -2.97 52.10 -1.71
C ILE E 374 -1.84 51.88 -0.71
N VAL E 375 -1.46 52.93 0.03
CA VAL E 375 -0.37 52.71 0.99
C VAL E 375 -0.86 51.92 2.22
N ALA E 376 -2.09 52.20 2.67
CA ALA E 376 -2.63 51.46 3.81
C ALA E 376 -2.97 50.03 3.41
N ALA E 377 -3.30 49.82 2.13
CA ALA E 377 -3.55 48.47 1.64
C ALA E 377 -2.25 47.76 1.27
N ALA E 378 -1.14 48.50 1.22
CA ALA E 378 0.16 47.85 1.13
C ALA E 378 0.57 47.30 2.48
N THR E 379 0.46 48.13 3.53
CA THR E 379 0.71 47.67 4.89
C THR E 379 -0.24 46.55 5.29
N LEU E 380 -1.53 46.68 4.93
CA LEU E 380 -2.48 45.61 5.17
C LEU E 380 -2.28 44.46 4.19
N SER E 381 -1.61 44.73 3.06
CA SER E 381 -1.41 43.68 2.07
C SER E 381 -0.40 42.66 2.55
N HIS E 382 0.74 43.10 3.08
CA HIS E 382 1.63 42.10 3.67
C HIS E 382 1.19 41.77 5.10
N ARG E 383 0.33 42.60 5.69
CA ARG E 383 -0.04 42.44 7.08
C ARG E 383 -1.07 41.32 7.26
N TYR E 384 -2.28 41.45 6.68
CA TYR E 384 -3.36 40.53 7.06
C TYR E 384 -3.89 39.67 5.93
N ILE E 385 -4.43 40.28 4.88
CA ILE E 385 -5.22 39.52 3.91
C ILE E 385 -4.29 39.02 2.81
N ALA E 386 -4.00 37.72 2.84
CA ALA E 386 -2.99 37.14 1.99
C ALA E 386 -3.47 35.88 1.28
N ASP E 387 -4.62 35.90 0.61
CA ASP E 387 -5.15 34.72 -0.06
C ASP E 387 -4.31 34.35 -1.29
N ARG E 388 -3.50 35.28 -1.78
CA ARG E 388 -2.41 34.98 -2.70
C ARG E 388 -1.09 35.54 -2.19
N GLN E 389 -0.11 35.56 -3.09
CA GLN E 389 1.12 36.30 -2.86
C GLN E 389 0.99 37.71 -3.41
N LEU E 390 1.92 38.54 -3.04
CA LEU E 390 2.09 39.88 -3.55
C LEU E 390 2.64 39.82 -4.97
N PRO E 391 2.17 40.69 -5.88
CA PRO E 391 1.13 41.69 -5.65
C PRO E 391 -0.26 41.14 -5.91
N ASP E 392 -0.33 39.84 -6.23
CA ASP E 392 -1.52 39.26 -6.87
C ASP E 392 -2.73 39.32 -5.94
N LYS E 393 -2.48 39.29 -4.63
CA LYS E 393 -3.55 39.42 -3.63
C LYS E 393 -4.27 40.76 -3.75
N ALA E 394 -3.53 41.87 -3.89
CA ALA E 394 -4.13 43.19 -3.88
C ALA E 394 -4.55 43.58 -5.29
N ILE E 395 -3.96 42.93 -6.29
CA ILE E 395 -4.45 43.05 -7.66
C ILE E 395 -5.86 42.49 -7.75
N ASP E 396 -6.05 41.24 -7.35
CA ASP E 396 -7.34 40.61 -7.50
C ASP E 396 -8.33 41.16 -6.51
N LEU E 397 -7.86 41.64 -5.36
CA LEU E 397 -8.77 42.22 -4.39
C LEU E 397 -9.10 43.67 -4.75
N ILE E 398 -8.26 44.34 -5.53
CA ILE E 398 -8.69 45.61 -6.11
C ILE E 398 -9.72 45.37 -7.19
N ASP E 399 -9.57 44.28 -7.93
CA ASP E 399 -10.58 43.86 -8.89
C ASP E 399 -11.91 43.58 -8.20
N GLU E 400 -11.87 42.85 -7.10
CA GLU E 400 -13.06 42.52 -6.35
C GLU E 400 -13.68 43.74 -5.68
N ALA E 401 -12.83 44.63 -5.16
CA ALA E 401 -13.31 45.80 -4.43
C ALA E 401 -14.01 46.76 -5.38
N ALA E 402 -13.32 47.17 -6.45
CA ALA E 402 -13.90 48.10 -7.42
C ALA E 402 -15.01 47.44 -8.21
N SER E 403 -15.00 46.10 -8.28
CA SER E 403 -16.17 45.36 -8.74
C SER E 403 -17.37 45.63 -7.85
N SER E 404 -17.17 45.56 -6.53
CA SER E 404 -18.26 45.81 -5.60
C SER E 404 -18.69 47.28 -5.62
N ILE E 405 -17.79 48.16 -6.08
CA ILE E 405 -18.17 49.56 -6.18
C ILE E 405 -18.97 49.81 -7.44
N ARG E 406 -18.67 49.08 -8.51
CA ARG E 406 -19.56 49.03 -9.67
C ARG E 406 -20.93 48.48 -9.28
N MET E 407 -20.94 47.54 -8.33
CA MET E 407 -22.22 47.10 -7.76
C MET E 407 -22.81 48.20 -6.89
N GLN E 408 -22.01 49.17 -6.46
CA GLN E 408 -22.58 50.38 -5.86
C GLN E 408 -22.85 51.44 -6.92
N ILE E 409 -22.72 51.08 -8.21
CA ILE E 409 -23.06 52.03 -9.27
C ILE E 409 -24.38 51.65 -9.94
N ASP E 410 -24.48 50.43 -10.48
CA ASP E 410 -25.33 50.19 -11.66
C ASP E 410 -26.83 50.22 -11.36
N SER E 411 -27.28 49.50 -10.34
CA SER E 411 -28.72 49.20 -10.24
C SER E 411 -29.46 50.14 -9.28
N LYS E 412 -30.72 49.80 -9.06
CA LYS E 412 -31.57 50.44 -8.06
C LYS E 412 -31.51 49.63 -6.76
N PRO E 413 -31.35 50.27 -5.58
CA PRO E 413 -31.20 49.59 -4.29
C PRO E 413 -32.35 48.67 -3.88
N MET E 528 -25.10 62.07 -7.84
CA MET E 528 -25.11 60.85 -7.03
C MET E 528 -24.16 60.95 -5.84
N ARG E 529 -24.30 62.03 -5.06
CA ARG E 529 -23.53 62.17 -3.83
C ARG E 529 -24.00 61.16 -2.77
N LEU E 530 -25.22 60.65 -2.92
CA LEU E 530 -25.71 59.62 -2.00
C LEU E 530 -25.28 58.23 -2.47
N LEU E 531 -25.64 57.86 -3.68
CA LEU E 531 -25.23 56.59 -4.27
C LEU E 531 -23.86 56.76 -4.88
N ARG E 532 -22.84 56.47 -4.09
CA ARG E 532 -21.45 56.67 -4.48
C ARG E 532 -21.07 55.84 -5.69
N ASN E 533 -20.21 56.41 -6.53
CA ASN E 533 -19.87 55.72 -7.77
C ASN E 533 -18.40 55.33 -7.80
N LYS E 534 -17.49 56.27 -7.54
CA LYS E 534 -16.12 55.88 -7.22
C LYS E 534 -15.82 56.24 -5.77
N VAL E 535 -14.91 55.48 -5.16
CA VAL E 535 -14.70 55.54 -3.71
C VAL E 535 -13.22 55.69 -3.39
N THR E 536 -12.96 56.12 -2.17
CA THR E 536 -11.71 55.94 -1.47
C THR E 536 -11.87 54.66 -0.64
N ASP E 537 -10.98 54.45 0.34
CA ASP E 537 -11.06 53.26 1.19
C ASP E 537 -12.17 53.35 2.24
N ALA E 538 -13.02 54.36 2.18
CA ALA E 538 -14.08 54.50 3.18
C ALA E 538 -15.19 53.47 2.98
N GLU E 539 -15.80 53.44 1.81
CA GLU E 539 -16.84 52.45 1.54
C GLU E 539 -16.24 51.06 1.41
N ILE E 540 -14.98 50.99 1.00
CA ILE E 540 -14.21 49.76 1.06
C ILE E 540 -14.13 49.26 2.49
N ALA E 541 -13.96 50.19 3.44
CA ALA E 541 -13.87 49.81 4.84
C ALA E 541 -15.23 49.46 5.41
N GLU E 542 -16.29 50.13 4.93
CA GLU E 542 -17.63 49.83 5.41
C GLU E 542 -18.09 48.46 4.95
N VAL E 543 -18.03 48.19 3.65
CA VAL E 543 -18.64 46.97 3.13
C VAL E 543 -17.66 45.79 3.21
N LEU E 544 -16.35 46.08 3.16
CA LEU E 544 -15.36 45.07 3.54
C LEU E 544 -15.49 44.73 5.02
N ALA E 545 -15.87 45.71 5.85
CA ALA E 545 -16.21 45.40 7.23
C ALA E 545 -17.54 44.65 7.32
N ARG E 546 -18.38 44.74 6.29
CA ARG E 546 -19.69 44.11 6.33
C ARG E 546 -19.61 42.63 5.97
N TRP E 547 -18.91 42.28 4.90
CA TRP E 547 -18.79 40.86 4.53
C TRP E 547 -17.57 40.21 5.19
N THR E 548 -16.60 41.02 5.62
CA THR E 548 -15.54 40.48 6.49
C THR E 548 -16.06 40.22 7.89
N GLY E 549 -16.91 41.11 8.39
CA GLY E 549 -17.52 40.94 9.69
C GLY E 549 -16.79 41.58 10.84
N ILE E 550 -15.47 41.72 10.75
CA ILE E 550 -14.69 42.51 11.68
C ILE E 550 -14.77 43.96 11.22
N PRO E 551 -15.05 44.91 12.11
CA PRO E 551 -15.20 46.31 11.70
C PRO E 551 -13.89 46.93 11.23
N VAL E 552 -13.99 48.23 10.92
CA VAL E 552 -12.87 48.98 10.37
C VAL E 552 -11.67 49.04 11.34
N SER E 553 -11.84 49.44 12.63
CA SER E 553 -12.99 49.95 13.40
C SER E 553 -12.83 51.44 13.66
N ARG E 554 -12.18 52.14 12.74
CA ARG E 554 -11.87 53.55 12.96
C ARG E 554 -12.97 54.46 12.44
N MET E 555 -13.46 54.22 11.22
CA MET E 555 -14.34 55.20 10.59
C MET E 555 -15.79 55.03 11.03
N MET E 556 -16.21 53.81 11.33
CA MET E 556 -17.61 53.61 11.73
C MET E 556 -17.80 53.97 13.20
N GLU E 557 -16.70 54.00 13.96
CA GLU E 557 -16.62 54.56 15.31
C GLU E 557 -17.51 53.82 16.32
N SER E 558 -17.40 52.49 16.33
CA SER E 558 -18.05 51.71 17.38
C SER E 558 -17.17 51.62 18.62
N GLU E 559 -15.93 52.10 18.52
CA GLU E 559 -14.95 51.83 19.56
C GLU E 559 -15.17 52.73 20.78
N ARG E 560 -15.66 53.97 20.58
CA ARG E 560 -15.91 54.84 21.72
C ARG E 560 -17.18 54.44 22.45
N GLU E 561 -18.15 53.88 21.72
CA GLU E 561 -19.31 53.25 22.35
C GLU E 561 -18.88 52.00 23.11
N LYS E 562 -17.85 51.31 22.60
CA LYS E 562 -17.31 50.16 23.29
C LYS E 562 -16.59 50.56 24.59
N LEU E 563 -15.71 51.55 24.51
CA LEU E 563 -14.81 51.84 25.63
C LEU E 563 -15.50 52.67 26.70
N LEU E 564 -16.32 53.66 26.30
CA LEU E 564 -16.97 54.50 27.29
C LEU E 564 -18.07 53.76 28.03
N ARG E 565 -18.61 52.70 27.42
CA ARG E 565 -19.56 51.80 28.08
C ARG E 565 -19.00 50.41 28.31
N MET E 566 -17.67 50.27 28.44
CA MET E 566 -17.09 48.99 28.83
C MET E 566 -17.35 48.69 30.29
N GLU E 567 -17.41 49.74 31.12
CA GLU E 567 -17.56 49.57 32.56
C GLU E 567 -18.97 49.09 32.92
N GLN E 568 -19.98 49.61 32.24
CA GLN E 568 -21.34 49.16 32.50
C GLN E 568 -21.54 47.72 32.04
N GLU E 569 -20.98 47.36 30.88
CA GLU E 569 -21.16 46.01 30.36
C GLU E 569 -20.38 44.99 31.17
N LEU E 570 -19.24 45.39 31.75
CA LEU E 570 -18.55 44.50 32.67
C LEU E 570 -19.30 44.39 34.00
N HIS E 571 -19.82 45.50 34.52
CA HIS E 571 -20.61 45.47 35.76
C HIS E 571 -22.03 44.94 35.55
N HIS E 572 -22.40 44.56 34.33
CA HIS E 572 -23.63 43.81 34.12
C HIS E 572 -23.53 42.41 34.71
N ARG E 573 -22.44 41.71 34.41
CA ARG E 573 -22.25 40.35 34.88
C ARG E 573 -21.20 40.24 35.99
N VAL E 574 -20.09 40.96 35.87
CA VAL E 574 -19.01 40.91 36.85
C VAL E 574 -19.03 42.20 37.65
N ILE E 575 -19.65 42.17 38.81
CA ILE E 575 -19.72 43.34 39.67
C ILE E 575 -18.50 43.36 40.56
N GLY E 576 -18.17 44.53 41.08
CA GLY E 576 -16.98 44.67 41.88
C GLY E 576 -15.72 44.54 41.03
N GLN E 577 -14.61 44.32 41.74
CA GLN E 577 -13.27 44.11 41.18
C GLN E 577 -12.85 45.27 40.27
N ASN E 578 -12.86 46.48 40.85
CA ASN E 578 -12.62 47.68 40.05
C ASN E 578 -11.17 47.79 39.62
N GLU E 579 -10.26 47.14 40.35
CA GLU E 579 -8.86 47.10 39.94
C GLU E 579 -8.67 46.18 38.74
N ALA E 580 -9.40 45.06 38.71
CA ALA E 580 -9.37 44.17 37.55
C ALA E 580 -10.09 44.77 36.36
N VAL E 581 -11.17 45.52 36.60
CA VAL E 581 -11.90 46.17 35.52
C VAL E 581 -11.07 47.31 34.91
N ASP E 582 -10.42 48.10 35.76
CA ASP E 582 -9.58 49.19 35.25
C ASP E 582 -8.32 48.66 34.58
N ALA E 583 -7.69 47.64 35.17
CA ALA E 583 -6.43 47.12 34.65
C ALA E 583 -6.64 46.34 33.36
N VAL E 584 -7.63 45.44 33.33
CA VAL E 584 -7.89 44.66 32.14
C VAL E 584 -8.55 45.53 31.06
N SER E 585 -9.37 46.50 31.47
CA SER E 585 -9.98 47.43 30.53
C SER E 585 -8.94 48.30 29.84
N ASN E 586 -8.04 48.91 30.62
CA ASN E 586 -6.98 49.72 30.02
C ASN E 586 -5.97 48.85 29.26
N ALA E 587 -5.86 47.58 29.63
CA ALA E 587 -5.02 46.65 28.86
C ALA E 587 -5.64 46.33 27.51
N ILE E 588 -6.97 46.27 27.44
CA ILE E 588 -7.65 46.12 26.16
C ILE E 588 -7.48 47.37 25.31
N ARG E 589 -7.60 48.54 25.95
CA ARG E 589 -7.39 49.83 25.28
C ARG E 589 -5.97 49.95 24.74
N ARG E 590 -4.99 49.40 25.46
CA ARG E 590 -3.64 49.33 24.90
C ARG E 590 -3.55 48.25 23.83
N SER E 591 -4.38 47.21 23.92
CA SER E 591 -4.02 45.94 23.30
C SER E 591 -4.56 45.82 21.88
N ARG E 592 -5.87 46.05 21.69
CA ARG E 592 -6.46 45.74 20.38
C ARG E 592 -6.07 46.75 19.29
N ALA E 593 -5.39 47.84 19.65
CA ALA E 593 -4.79 48.72 18.66
C ALA E 593 -3.27 48.55 18.69
N GLY E 594 -2.57 49.40 17.94
CA GLY E 594 -1.12 49.29 17.82
C GLY E 594 -0.32 50.21 18.72
N LEU E 595 -0.70 50.33 20.00
CA LEU E 595 -0.04 51.29 20.90
C LEU E 595 1.38 50.86 21.25
N ALA E 596 1.57 49.58 21.57
CA ALA E 596 2.86 49.07 22.02
C ALA E 596 3.80 48.88 20.84
N ASP E 597 4.86 48.12 21.08
CA ASP E 597 5.61 47.53 20.00
C ASP E 597 4.65 46.71 19.15
N PRO E 598 4.43 47.07 17.88
CA PRO E 598 3.28 46.50 17.15
C PRO E 598 3.46 45.05 16.76
N ASN E 599 4.63 44.47 17.01
CA ASN E 599 4.97 43.11 16.62
C ASN E 599 4.73 42.14 17.77
N ARG E 600 3.91 42.56 18.72
CA ARG E 600 3.63 41.80 19.93
C ARG E 600 2.27 41.16 19.77
N PRO E 601 2.00 40.07 20.49
CA PRO E 601 0.62 39.61 20.63
C PRO E 601 -0.21 40.63 21.39
N ILE E 602 -1.51 40.57 21.14
CA ILE E 602 -2.41 41.50 21.80
C ILE E 602 -2.61 41.14 23.27
N GLY E 603 -2.77 39.86 23.57
CA GLY E 603 -3.11 39.47 24.92
C GLY E 603 -1.98 38.76 25.63
N SER E 604 -1.80 39.12 26.91
CA SER E 604 -0.81 38.52 27.80
C SER E 604 -1.19 38.88 29.22
N PHE E 605 -1.57 37.89 30.03
CA PHE E 605 -2.10 38.14 31.37
C PHE E 605 -1.70 37.04 32.32
N LEU E 606 -1.99 37.26 33.61
CA LEU E 606 -1.85 36.26 34.67
C LEU E 606 -2.83 36.62 35.78
N PHE E 607 -3.97 35.93 35.80
CA PHE E 607 -5.02 36.19 36.78
C PHE E 607 -4.83 35.32 38.01
N LEU E 608 -4.95 35.93 39.19
CA LEU E 608 -4.90 35.23 40.46
C LEU E 608 -6.06 35.67 41.33
N GLY E 609 -6.71 34.71 42.00
CA GLY E 609 -7.84 34.99 42.85
C GLY E 609 -8.46 33.74 43.43
N PRO E 610 -9.52 33.89 44.21
CA PRO E 610 -10.24 32.74 44.75
C PRO E 610 -11.21 32.16 43.73
N THR E 611 -11.93 31.13 44.13
CA THR E 611 -12.90 30.46 43.28
C THR E 611 -14.31 30.93 43.60
N GLY E 612 -15.19 30.79 42.60
CA GLY E 612 -16.59 31.19 42.75
C GLY E 612 -16.84 32.68 42.69
N VAL E 613 -15.81 33.49 42.49
CA VAL E 613 -16.00 34.94 42.53
C VAL E 613 -16.06 35.53 41.13
N GLY E 614 -15.79 34.73 40.10
CA GLY E 614 -15.88 35.26 38.76
C GLY E 614 -14.69 35.10 37.84
N LYS E 615 -13.85 34.07 38.06
CA LYS E 615 -12.80 33.74 37.11
C LYS E 615 -13.38 33.34 35.75
N THR E 616 -14.18 32.26 35.73
CA THR E 616 -14.77 31.80 34.49
C THR E 616 -15.87 32.76 34.02
N GLU E 617 -16.43 33.54 34.94
CA GLU E 617 -17.40 34.55 34.55
C GLU E 617 -16.72 35.71 33.80
N LEU E 618 -15.46 36.00 34.13
CA LEU E 618 -14.74 37.05 33.41
C LEU E 618 -14.14 36.52 32.12
N CYS E 619 -13.76 35.23 32.10
CA CYS E 619 -13.32 34.63 30.85
C CYS E 619 -14.46 34.56 29.83
N LYS E 620 -15.62 34.04 30.27
CA LYS E 620 -16.78 33.91 29.39
C LYS E 620 -17.37 35.27 29.03
N ALA E 621 -17.61 36.12 30.03
CA ALA E 621 -18.26 37.40 29.78
C ALA E 621 -17.34 38.36 29.05
N LEU E 622 -16.05 38.33 29.38
CA LEU E 622 -15.09 39.18 28.67
C LEU E 622 -14.86 38.66 27.25
N ALA E 623 -15.02 37.35 27.04
CA ALA E 623 -15.00 36.81 25.69
C ALA E 623 -16.25 37.23 24.90
N ASN E 624 -17.41 37.28 25.57
CA ASN E 624 -18.62 37.78 24.93
C ASN E 624 -18.53 39.27 24.63
N PHE E 625 -17.68 39.99 25.37
CA PHE E 625 -17.56 41.41 25.10
C PHE E 625 -16.55 41.68 23.98
N MET E 626 -15.42 40.97 23.99
CA MET E 626 -14.42 41.21 22.96
C MET E 626 -14.73 40.44 21.67
N PHE E 627 -14.68 39.11 21.73
CA PHE E 627 -14.91 38.33 20.52
C PHE E 627 -16.30 37.71 20.46
N ASP E 628 -17.26 38.27 21.20
CA ASP E 628 -18.70 38.10 21.00
C ASP E 628 -19.23 36.68 21.16
N SER E 629 -18.47 35.78 21.79
CA SER E 629 -18.95 34.41 21.92
C SER E 629 -18.27 33.75 23.11
N ASP E 630 -18.83 32.61 23.52
CA ASP E 630 -18.17 31.70 24.45
C ASP E 630 -17.55 30.52 23.74
N GLU E 631 -17.92 30.27 22.49
CA GLU E 631 -17.24 29.27 21.68
C GLU E 631 -15.85 29.76 21.30
N ALA E 632 -15.67 31.07 21.21
CA ALA E 632 -14.36 31.65 20.97
C ALA E 632 -13.55 31.72 22.26
N MET E 633 -13.17 30.56 22.79
CA MET E 633 -12.30 30.47 23.95
C MET E 633 -11.61 29.11 23.93
N VAL E 634 -10.34 29.10 23.53
CA VAL E 634 -9.61 27.88 23.24
C VAL E 634 -8.91 27.42 24.51
N ARG E 635 -9.38 26.31 25.07
CA ARG E 635 -9.04 25.85 26.40
C ARG E 635 -7.86 24.88 26.31
N ILE E 636 -6.95 24.98 27.28
CA ILE E 636 -5.76 24.14 27.35
C ILE E 636 -5.67 23.53 28.74
N ASP E 637 -5.64 22.19 28.79
CA ASP E 637 -5.61 21.45 30.06
C ASP E 637 -4.18 21.02 30.34
N MET E 638 -3.65 21.47 31.48
CA MET E 638 -2.24 21.24 31.81
C MET E 638 -2.04 20.05 32.74
N SER E 639 -3.12 19.44 33.24
CA SER E 639 -2.97 18.44 34.29
C SER E 639 -2.44 17.11 33.76
N GLU E 640 -2.57 16.86 32.46
CA GLU E 640 -2.09 15.60 31.90
C GLU E 640 -0.63 15.68 31.44
N PHE E 641 0.06 16.75 31.79
CA PHE E 641 1.43 16.99 31.30
C PHE E 641 2.43 16.72 32.41
N MET E 642 2.90 15.48 32.47
CA MET E 642 3.73 15.09 33.61
C MET E 642 5.12 14.60 33.20
N GLU E 643 5.21 13.64 32.29
CA GLU E 643 6.46 12.91 32.09
C GLU E 643 7.24 13.51 30.92
N LYS E 644 8.28 12.79 30.51
CA LYS E 644 9.12 13.22 29.40
C LYS E 644 8.35 13.22 28.08
N HIS E 645 7.23 12.50 28.02
CA HIS E 645 6.41 12.46 26.83
C HIS E 645 5.42 13.60 26.76
N SER E 646 5.42 14.49 27.76
CA SER E 646 4.44 15.56 27.81
C SER E 646 4.81 16.68 26.84
N VAL E 647 6.10 16.87 26.59
CA VAL E 647 6.52 17.80 25.54
C VAL E 647 6.07 17.28 24.18
N SER E 648 6.15 15.96 23.98
CA SER E 648 5.64 15.35 22.75
C SER E 648 4.12 15.40 22.69
N ARG E 649 3.47 15.52 23.86
CA ARG E 649 2.03 15.76 23.87
C ARG E 649 1.71 17.15 23.33
N LEU E 650 2.31 18.20 23.91
CA LEU E 650 1.70 19.51 23.63
C LEU E 650 2.40 20.28 22.52
N VAL E 651 3.58 19.86 22.05
CA VAL E 651 4.14 20.57 20.89
C VAL E 651 3.58 20.00 19.58
N GLY E 652 2.59 19.12 19.67
CA GLY E 652 2.19 18.28 18.58
C GLY E 652 3.08 17.05 18.52
N ALA E 653 2.72 16.12 17.66
CA ALA E 653 3.62 15.00 17.52
C ALA E 653 4.82 15.44 16.69
N PRO E 654 5.96 14.77 16.84
CA PRO E 654 7.04 14.90 15.87
C PRO E 654 6.58 14.49 14.48
N PRO E 655 7.19 15.05 13.43
CA PRO E 655 6.60 14.98 12.09
C PRO E 655 6.50 13.56 11.52
N GLY E 656 5.26 13.12 11.35
CA GLY E 656 4.90 11.83 10.77
C GLY E 656 4.10 10.89 11.65
N TYR E 657 4.01 11.16 12.97
CA TYR E 657 3.48 10.20 13.93
C TYR E 657 1.97 10.16 13.89
N VAL E 658 1.40 9.31 14.75
CA VAL E 658 0.03 9.51 15.16
C VAL E 658 -0.06 10.70 16.11
N GLY E 659 -1.12 11.49 15.94
CA GLY E 659 -1.14 12.81 16.52
C GLY E 659 -0.39 13.85 15.70
N TYR E 660 0.36 13.42 14.69
CA TYR E 660 0.79 14.35 13.65
C TYR E 660 -0.11 14.18 12.43
N GLU E 661 -0.63 12.96 12.23
CA GLU E 661 -1.76 12.76 11.34
C GLU E 661 -2.98 13.54 11.82
N GLU E 662 -3.14 13.62 13.15
CA GLU E 662 -4.21 14.42 13.73
C GLU E 662 -3.79 15.89 13.82
N GLY E 663 -2.68 16.16 14.49
CA GLY E 663 -2.21 17.52 14.73
C GLY E 663 -2.14 17.84 16.21
N GLY E 664 -1.92 19.13 16.49
CA GLY E 664 -1.83 19.59 17.85
C GLY E 664 -3.18 19.76 18.52
N TYR E 665 -3.18 20.56 19.61
CA TYR E 665 -4.42 20.77 20.37
C TYR E 665 -4.76 22.26 20.41
N LEU E 666 -3.81 23.09 20.84
CA LEU E 666 -4.01 24.54 20.80
C LEU E 666 -4.06 25.05 19.37
N THR E 667 -3.05 24.71 18.56
CA THR E 667 -2.89 25.38 17.28
C THR E 667 -3.83 24.81 16.23
N GLU E 668 -4.42 23.64 16.50
CA GLU E 668 -5.50 23.15 15.66
C GLU E 668 -6.80 23.88 15.96
N ALA E 669 -7.09 24.06 17.26
CA ALA E 669 -8.32 24.70 17.67
C ALA E 669 -8.31 26.19 17.33
N VAL E 670 -7.13 26.82 17.35
CA VAL E 670 -7.03 28.17 16.82
C VAL E 670 -6.75 28.13 15.32
N ARG E 671 -6.50 26.94 14.77
CA ARG E 671 -6.16 26.86 13.35
C ARG E 671 -7.42 26.94 12.48
N ARG E 672 -8.52 26.28 12.90
CA ARG E 672 -9.68 26.26 12.01
C ARG E 672 -10.51 27.54 12.14
N ARG E 673 -10.11 28.46 13.02
CA ARG E 673 -10.84 29.71 13.25
C ARG E 673 -9.91 30.91 13.23
N PRO E 674 -10.24 31.99 12.48
CA PRO E 674 -9.36 33.17 12.45
C PRO E 674 -9.22 33.92 13.78
N TYR E 675 -10.33 34.29 14.40
CA TYR E 675 -10.27 35.05 15.64
C TYR E 675 -10.85 34.28 16.81
N SER E 676 -10.02 34.06 17.83
CA SER E 676 -10.43 33.33 19.02
C SER E 676 -9.69 33.84 20.25
N VAL E 677 -10.09 33.35 21.43
CA VAL E 677 -9.41 33.60 22.69
C VAL E 677 -8.76 32.28 23.12
N ILE E 678 -7.57 32.34 23.71
CA ILE E 678 -6.89 31.15 24.20
C ILE E 678 -6.96 31.14 25.72
N LEU E 679 -7.45 30.02 26.28
CA LEU E 679 -7.67 29.88 27.71
C LEU E 679 -6.69 28.86 28.27
N LEU E 680 -6.15 29.13 29.46
CA LEU E 680 -5.26 28.21 30.16
C LEU E 680 -5.61 28.19 31.65
N ASP E 681 -5.56 27.01 32.25
CA ASP E 681 -5.68 26.87 33.70
C ASP E 681 -4.52 26.03 34.25
N ALA E 682 -4.05 26.45 35.45
CA ALA E 682 -2.92 25.87 36.22
C ALA E 682 -1.71 25.52 35.34
N VAL E 683 -1.14 26.58 34.73
CA VAL E 683 -0.05 26.44 33.77
C VAL E 683 1.26 26.01 34.42
N GLU E 684 1.41 26.18 35.74
CA GLU E 684 2.73 26.01 36.36
C GLU E 684 3.08 24.54 36.59
N LYS E 685 2.18 23.62 36.25
CA LYS E 685 2.51 22.20 36.33
C LYS E 685 3.40 21.73 35.18
N ALA E 686 3.56 22.54 34.13
CA ALA E 686 4.16 22.07 32.89
C ALA E 686 5.68 22.12 32.95
N HIS E 687 6.31 21.87 31.76
CA HIS E 687 7.67 21.68 31.27
C HIS E 687 8.25 23.03 30.86
N PRO E 688 9.56 23.25 31.04
CA PRO E 688 10.13 24.57 30.66
C PRO E 688 10.17 24.86 29.16
N ASP E 689 9.98 23.84 28.32
CA ASP E 689 9.89 24.03 26.88
C ASP E 689 8.69 24.87 26.52
N VAL E 690 7.59 24.69 27.27
CA VAL E 690 6.35 25.44 27.07
C VAL E 690 6.58 26.91 27.39
N PHE E 691 7.47 27.20 28.34
CA PHE E 691 7.72 28.57 28.74
C PHE E 691 8.70 29.25 27.79
N ASN E 692 9.62 28.47 27.20
CA ASN E 692 10.45 29.02 26.14
C ASN E 692 9.69 29.14 24.82
N ILE E 693 8.74 28.25 24.56
CA ILE E 693 7.81 28.44 23.45
C ILE E 693 6.91 29.65 23.71
N LEU E 694 6.61 29.91 24.99
CA LEU E 694 5.90 31.13 25.36
C LEU E 694 6.78 32.35 25.16
N LEU E 695 8.09 32.18 25.31
CA LEU E 695 9.03 33.22 24.89
C LEU E 695 9.10 33.32 23.37
N GLN E 696 8.67 32.27 22.66
CA GLN E 696 8.51 32.43 21.22
C GLN E 696 7.16 33.04 20.89
N VAL E 697 6.24 33.02 21.86
CA VAL E 697 4.92 33.60 21.65
C VAL E 697 4.93 35.07 21.98
N LEU E 698 5.29 35.42 23.21
CA LEU E 698 5.15 36.79 23.68
C LEU E 698 6.22 37.69 23.09
N ASP E 699 7.46 37.23 23.08
CA ASP E 699 8.48 37.94 22.33
C ASP E 699 8.29 37.64 20.84
N ASP E 700 8.29 38.73 20.06
CA ASP E 700 8.32 38.77 18.59
C ASP E 700 7.02 38.31 17.91
N GLY E 701 6.04 37.80 18.67
CA GLY E 701 4.65 37.75 18.23
C GLY E 701 4.27 36.73 17.18
N ARG E 702 4.75 35.49 17.30
CA ARG E 702 4.33 34.38 16.45
C ARG E 702 4.36 33.08 17.24
N LEU E 703 4.38 31.98 16.49
CA LEU E 703 4.44 30.63 17.05
C LEU E 703 4.98 29.74 15.96
N THR E 704 5.51 28.58 16.35
CA THR E 704 5.83 27.53 15.39
C THR E 704 5.35 26.19 15.94
N ASP E 705 4.64 25.44 15.11
CA ASP E 705 4.19 24.11 15.47
C ASP E 705 5.01 23.05 14.73
N GLY E 706 4.60 21.79 14.83
CA GLY E 706 5.32 20.71 14.17
C GLY E 706 5.08 20.64 12.67
N GLN E 707 4.16 21.45 12.15
CA GLN E 707 3.84 21.45 10.72
C GLN E 707 4.96 22.02 9.87
N GLY E 708 5.34 23.28 10.09
CA GLY E 708 6.43 23.90 9.34
C GLY E 708 6.12 25.24 8.70
N ARG E 709 5.06 25.92 9.11
CA ARG E 709 4.73 27.24 8.61
C ARG E 709 4.58 28.22 9.77
N THR E 710 4.81 29.50 9.49
CA THR E 710 5.00 30.53 10.51
C THR E 710 3.69 30.90 11.18
N VAL E 711 3.38 30.21 12.29
CA VAL E 711 2.13 30.38 13.00
C VAL E 711 2.11 31.76 13.65
N ASP E 712 1.26 32.64 13.13
CA ASP E 712 1.27 34.07 13.42
C ASP E 712 0.48 34.35 14.69
N PHE E 713 1.13 34.99 15.67
CA PHE E 713 0.49 35.44 16.91
C PHE E 713 0.51 36.95 17.09
N ARG E 714 0.11 37.73 16.08
CA ARG E 714 0.15 39.17 16.26
C ARG E 714 -1.08 39.72 16.97
N ASN E 715 -2.29 39.34 16.56
CA ASN E 715 -3.51 39.89 17.19
C ASN E 715 -4.39 38.83 17.84
N THR E 716 -4.18 38.54 19.13
CA THR E 716 -5.05 37.61 19.87
C THR E 716 -4.96 37.92 21.36
N VAL E 717 -6.11 37.98 22.02
CA VAL E 717 -6.20 38.13 23.47
C VAL E 717 -6.07 36.75 24.11
N VAL E 718 -5.18 36.63 25.09
CA VAL E 718 -4.97 35.38 25.82
C VAL E 718 -5.31 35.62 27.29
N ILE E 719 -6.20 34.77 27.83
CA ILE E 719 -6.67 34.88 29.21
C ILE E 719 -6.32 33.58 29.93
N MET E 720 -5.66 33.68 31.08
CA MET E 720 -5.19 32.52 31.83
C MET E 720 -5.68 32.55 33.26
N THR E 721 -5.78 31.37 33.88
CA THR E 721 -6.07 31.23 35.31
C THR E 721 -5.06 30.29 35.95
N SER E 722 -5.05 30.25 37.28
CA SER E 722 -4.10 29.41 38.02
C SER E 722 -4.78 28.80 39.23
N ASN E 723 -4.17 27.75 39.77
CA ASN E 723 -4.69 27.03 40.93
C ASN E 723 -3.71 26.95 42.09
N LEU E 724 -2.57 27.65 42.03
CA LEU E 724 -1.59 27.58 43.11
C LEU E 724 -2.00 28.43 44.31
N GLY E 725 -2.15 29.74 44.10
CA GLY E 725 -2.47 30.66 45.17
C GLY E 725 -3.93 30.89 45.45
N VAL E 726 -4.81 29.93 45.10
CA VAL E 726 -6.25 30.12 45.32
C VAL E 726 -6.60 29.94 46.79
N ARG E 727 -5.92 28.99 47.46
CA ARG E 727 -6.26 28.66 48.85
C ARG E 727 -5.89 29.79 49.80
N GLU E 728 -4.79 30.49 49.51
CA GLU E 728 -4.31 31.54 50.40
C GLU E 728 -5.19 32.78 50.32
N THR E 729 -5.94 32.94 49.23
CA THR E 729 -6.78 34.14 49.10
C THR E 729 -8.26 33.81 49.33
N GLU E 730 -8.64 32.54 49.18
CA GLU E 730 -9.99 32.17 49.58
C GLU E 730 -10.05 31.92 51.08
N ARG E 731 -8.89 31.67 51.70
CA ARG E 731 -8.80 31.70 53.16
C ARG E 731 -8.85 33.13 53.68
N LYS E 732 -8.48 34.09 52.82
CA LYS E 732 -8.35 35.50 53.20
C LYS E 732 -9.75 36.10 53.36
N SER E 733 -10.30 35.94 54.57
CA SER E 733 -11.53 36.59 54.96
C SER E 733 -11.43 37.02 56.42
N ILE E 734 -10.24 36.86 57.00
CA ILE E 734 -10.05 37.14 58.43
C ILE E 734 -9.24 38.42 58.62
N GLY E 735 -8.36 38.75 57.66
CA GLY E 735 -7.50 39.90 57.84
C GLY E 735 -6.04 39.69 57.44
N LEU E 736 -5.77 38.62 56.69
CA LEU E 736 -4.43 38.37 56.19
C LEU E 736 -3.99 39.47 55.23
N ILE E 737 -2.74 39.92 55.39
CA ILE E 737 -2.20 40.99 54.56
C ILE E 737 -1.96 40.45 53.17
N HIS E 738 -1.94 41.36 52.18
CA HIS E 738 -1.74 40.95 50.80
C HIS E 738 -0.26 40.67 50.51
N GLN E 739 0.61 41.05 51.43
CA GLN E 739 2.05 40.91 51.20
C GLN E 739 2.50 39.47 51.36
N ASP E 740 1.78 38.68 52.18
CA ASP E 740 2.13 37.28 52.36
C ASP E 740 1.85 36.46 51.10
N ASN E 741 0.65 36.63 50.53
CA ASN E 741 0.35 35.94 49.28
C ASN E 741 1.10 36.58 48.11
N SER E 742 1.48 37.86 48.28
CA SER E 742 2.27 38.52 47.24
C SER E 742 3.68 37.95 47.19
N THR E 743 4.27 37.66 48.34
CA THR E 743 5.63 37.11 48.33
C THR E 743 5.61 35.60 48.12
N ASP E 744 4.48 34.95 48.38
CA ASP E 744 4.31 33.57 47.92
C ASP E 744 4.22 33.52 46.41
N ALA E 745 3.50 34.47 45.79
CA ALA E 745 3.44 34.53 44.34
C ALA E 745 4.77 34.97 43.73
N MET E 746 5.54 35.79 44.46
CA MET E 746 6.86 36.17 43.97
C MET E 746 7.85 35.01 44.10
N GLU E 747 7.68 34.17 45.12
CA GLU E 747 8.53 32.97 45.22
C GLU E 747 8.18 31.97 44.14
N GLU E 748 6.88 31.82 43.83
CA GLU E 748 6.47 30.95 42.74
C GLU E 748 6.90 31.50 41.38
N ILE E 749 6.98 32.84 41.24
CA ILE E 749 7.34 33.40 39.94
C ILE E 749 8.86 33.47 39.81
N LYS E 750 9.59 33.37 40.93
CA LYS E 750 11.02 33.12 40.84
C LYS E 750 11.28 31.65 40.53
N LYS E 751 10.38 30.76 40.96
CA LYS E 751 10.57 29.34 40.69
C LYS E 751 10.26 28.99 39.24
N ILE E 752 9.02 29.22 38.81
CA ILE E 752 8.60 28.71 37.49
C ILE E 752 9.11 29.61 36.37
N PHE E 753 8.83 30.90 36.45
CA PHE E 753 9.10 31.81 35.34
C PHE E 753 10.46 32.46 35.47
N ARG E 754 11.02 32.85 34.33
CA ARG E 754 12.19 33.69 34.18
C ARG E 754 11.80 35.16 34.24
N PRO E 755 12.74 36.09 34.47
CA PRO E 755 12.35 37.51 34.55
C PRO E 755 11.87 38.14 33.24
N GLU E 756 12.01 37.45 32.10
CA GLU E 756 11.40 37.96 30.87
C GLU E 756 9.88 37.92 30.96
N PHE E 757 9.33 36.84 31.51
CA PHE E 757 7.89 36.78 31.76
C PHE E 757 7.47 37.78 32.82
N ILE E 758 8.33 38.00 33.82
CA ILE E 758 7.96 38.87 34.93
C ILE E 758 7.95 40.33 34.48
N ASN E 759 8.84 40.67 33.54
CA ASN E 759 8.91 42.06 33.09
C ASN E 759 7.93 42.35 31.95
N ARG E 760 7.67 41.36 31.08
CA ARG E 760 6.89 41.64 29.88
C ARG E 760 5.37 41.51 30.09
N ILE E 761 4.92 41.13 31.28
CA ILE E 761 3.48 41.05 31.52
C ILE E 761 2.92 42.42 31.84
N ASP E 762 1.61 42.56 31.66
CA ASP E 762 0.93 43.82 31.97
C ASP E 762 0.88 44.08 33.47
N GLU E 763 0.18 43.20 34.21
CA GLU E 763 -0.07 43.36 35.64
C GLU E 763 -0.64 42.08 36.23
N VAL E 764 -0.23 41.73 37.45
CA VAL E 764 -0.83 40.63 38.19
C VAL E 764 -1.83 41.23 39.18
N VAL E 765 -3.12 41.05 38.90
CA VAL E 765 -4.20 41.64 39.67
C VAL E 765 -4.64 40.65 40.75
N VAL E 766 -4.68 41.12 41.99
CA VAL E 766 -5.20 40.33 43.10
C VAL E 766 -6.68 40.66 43.23
N PHE E 767 -7.47 39.71 43.71
CA PHE E 767 -8.91 39.88 43.83
C PHE E 767 -9.29 40.07 45.29
N HIS E 768 -10.41 40.72 45.52
CA HIS E 768 -11.00 40.86 46.84
C HIS E 768 -12.26 40.00 46.96
N PRO E 769 -12.56 39.49 48.15
CA PRO E 769 -13.74 38.61 48.31
C PRO E 769 -15.05 39.38 48.17
N LEU E 770 -16.14 38.60 48.12
CA LEU E 770 -17.46 39.13 47.80
C LEU E 770 -18.16 39.61 49.07
N GLY E 771 -18.63 40.86 49.04
CA GLY E 771 -19.36 41.40 50.16
C GLY E 771 -20.83 41.02 50.13
N GLU E 772 -21.55 41.42 51.19
CA GLU E 772 -22.95 41.04 51.31
C GLU E 772 -23.82 41.78 50.30
N GLN E 773 -23.45 43.03 49.99
CA GLN E 773 -24.09 43.74 48.87
C GLN E 773 -23.71 43.10 47.53
N HIS E 774 -22.49 42.57 47.45
CA HIS E 774 -22.08 41.89 46.22
C HIS E 774 -22.83 40.58 46.04
N ILE E 775 -23.16 39.90 47.13
CA ILE E 775 -23.99 38.71 47.03
C ILE E 775 -25.45 39.10 46.79
N ALA E 776 -25.83 40.33 47.18
CA ALA E 776 -27.17 40.82 46.86
C ALA E 776 -27.33 41.07 45.36
N SER E 777 -26.39 41.80 44.74
CA SER E 777 -26.52 42.08 43.32
C SER E 777 -26.19 40.86 42.45
N ILE E 778 -25.28 40.01 42.93
CA ILE E 778 -25.04 38.71 42.28
C ILE E 778 -26.28 37.83 42.38
N ALA E 779 -27.04 37.97 43.47
CA ALA E 779 -28.32 37.27 43.57
C ALA E 779 -29.35 37.82 42.60
N GLN E 780 -29.33 39.14 42.36
CA GLN E 780 -30.26 39.73 41.40
C GLN E 780 -29.97 39.30 39.96
N ILE E 781 -28.72 39.47 39.52
CA ILE E 781 -28.35 39.12 38.15
C ILE E 781 -28.34 37.60 37.98
N GLN E 782 -28.08 36.87 39.07
CA GLN E 782 -28.17 35.41 39.03
C GLN E 782 -29.61 34.96 38.87
N LEU E 783 -30.55 35.65 39.53
CA LEU E 783 -31.96 35.31 39.34
C LEU E 783 -32.51 35.85 38.03
N LYS E 784 -31.76 36.74 37.33
CA LYS E 784 -32.27 37.33 36.10
C LYS E 784 -32.42 36.29 34.99
N ARG E 785 -31.53 35.30 34.96
CA ARG E 785 -31.68 34.21 34.00
C ARG E 785 -32.89 33.33 34.34
N LEU E 786 -33.23 33.25 35.63
CA LEU E 786 -34.47 32.58 36.01
C LEU E 786 -35.69 33.42 35.62
N TYR E 787 -35.53 34.75 35.62
CA TYR E 787 -36.59 35.61 35.10
C TYR E 787 -36.73 35.46 33.59
N LYS E 788 -35.64 35.10 32.90
CA LYS E 788 -35.72 34.92 31.46
C LYS E 788 -36.33 33.56 31.11
N ARG E 789 -35.97 32.52 31.86
CA ARG E 789 -36.54 31.20 31.63
C ARG E 789 -38.01 31.14 32.03
N LEU E 790 -38.41 31.90 33.05
CA LEU E 790 -39.84 32.00 33.33
C LEU E 790 -40.47 33.18 32.60
N GLU E 791 -39.67 33.93 31.82
CA GLU E 791 -40.24 35.02 31.03
C GLU E 791 -40.63 34.54 29.64
N GLU E 792 -39.89 33.55 29.11
CA GLU E 792 -40.30 32.97 27.83
C GLU E 792 -41.54 32.09 27.99
N ARG E 793 -41.84 31.65 29.21
CA ARG E 793 -43.05 30.86 29.44
C ARG E 793 -44.26 31.73 29.80
N GLY E 794 -44.05 32.87 30.45
CA GLY E 794 -45.14 33.76 30.80
C GLY E 794 -45.36 34.01 32.28
N TYR E 795 -44.32 34.01 33.09
CA TYR E 795 -44.43 34.23 34.53
C TYR E 795 -43.51 35.37 34.95
N GLU E 796 -43.70 35.86 36.18
CA GLU E 796 -42.82 36.86 36.78
C GLU E 796 -42.79 36.64 38.29
N ILE E 797 -41.63 36.90 38.89
CA ILE E 797 -41.32 36.49 40.26
C ILE E 797 -41.00 37.73 41.09
N HIS E 798 -41.56 37.80 42.29
CA HIS E 798 -41.16 38.82 43.27
C HIS E 798 -40.51 38.13 44.46
N ILE E 799 -39.59 38.85 45.11
CA ILE E 799 -38.89 38.36 46.29
C ILE E 799 -38.90 39.46 47.35
N SER E 800 -38.86 39.05 48.60
CA SER E 800 -38.79 39.98 49.71
C SER E 800 -37.38 40.03 50.29
N ASP E 801 -37.25 40.72 51.41
CA ASP E 801 -35.95 40.85 52.08
C ASP E 801 -35.50 39.55 52.72
N GLU E 802 -36.46 38.76 53.21
CA GLU E 802 -36.11 37.50 53.88
C GLU E 802 -35.67 36.44 52.87
N ALA E 803 -36.08 36.60 51.61
CA ALA E 803 -35.52 35.78 50.55
C ALA E 803 -34.03 36.07 50.34
N LEU E 804 -33.65 37.34 50.45
CA LEU E 804 -32.24 37.70 50.45
C LEU E 804 -31.55 37.20 51.72
N LYS E 805 -32.30 37.07 52.82
CA LYS E 805 -31.71 36.59 54.06
C LYS E 805 -31.37 35.10 53.99
N LEU E 806 -32.32 34.27 53.55
CA LEU E 806 -32.06 32.83 53.50
C LEU E 806 -31.20 32.45 52.30
N LEU E 807 -31.46 33.06 51.14
CA LEU E 807 -30.66 32.73 49.96
C LEU E 807 -29.25 33.29 50.08
N SER E 808 -29.10 34.51 50.61
CA SER E 808 -27.77 35.06 50.81
C SER E 808 -27.06 34.40 51.99
N GLU E 809 -27.83 33.84 52.93
CA GLU E 809 -27.20 33.16 54.06
C GLU E 809 -26.67 31.79 53.66
N ASN E 810 -27.54 30.93 53.12
CA ASN E 810 -27.11 29.57 52.80
C ASN E 810 -26.53 29.47 51.40
N GLY E 811 -26.46 30.58 50.67
CA GLY E 811 -25.97 30.55 49.31
C GLY E 811 -24.48 30.80 49.17
N TYR E 812 -23.95 31.74 49.94
CA TYR E 812 -22.56 32.17 49.82
C TYR E 812 -21.79 31.88 51.09
N ASP E 813 -20.55 31.44 50.92
CA ASP E 813 -19.57 31.25 51.99
C ASP E 813 -18.28 31.93 51.56
N PRO E 814 -17.49 32.47 52.51
CA PRO E 814 -16.33 33.29 52.12
C PRO E 814 -15.22 32.53 51.43
N VAL E 815 -15.15 31.22 51.60
CA VAL E 815 -14.08 30.42 51.04
C VAL E 815 -14.44 29.95 49.63
N TYR E 816 -15.51 29.17 49.51
CA TYR E 816 -15.83 28.48 48.26
C TYR E 816 -16.37 29.40 47.17
N GLY E 817 -16.93 30.56 47.51
CA GLY E 817 -17.42 31.45 46.47
C GLY E 817 -18.94 31.40 46.34
N ALA E 818 -19.43 31.92 45.22
CA ALA E 818 -20.88 32.10 45.06
C ALA E 818 -21.50 30.97 44.26
N ARG E 819 -20.80 29.86 44.11
CA ARG E 819 -21.29 28.72 43.32
C ARG E 819 -22.44 27.92 43.93
N PRO E 820 -22.56 27.71 45.26
CA PRO E 820 -23.80 27.10 45.77
C PRO E 820 -24.95 28.09 45.95
N LEU E 821 -24.86 29.31 45.41
CA LEU E 821 -25.98 30.25 45.50
C LEU E 821 -27.10 29.86 44.54
N LYS E 822 -26.76 29.57 43.28
CA LYS E 822 -27.75 29.07 42.35
C LYS E 822 -28.15 27.63 42.69
N ARG E 823 -27.29 26.92 43.44
CA ARG E 823 -27.74 25.69 44.05
C ARG E 823 -28.80 25.93 45.11
N ALA E 824 -28.67 27.02 45.88
CA ALA E 824 -29.71 27.36 46.85
C ALA E 824 -30.98 27.79 46.13
N ILE E 825 -30.84 28.42 44.97
CA ILE E 825 -31.99 28.78 44.14
C ILE E 825 -32.65 27.53 43.57
N GLN E 826 -31.86 26.54 43.14
CA GLN E 826 -32.47 25.36 42.53
C GLN E 826 -33.12 24.48 43.59
N GLN E 827 -32.46 24.30 44.74
CA GLN E 827 -32.97 23.34 45.72
C GLN E 827 -34.05 23.95 46.60
N GLN E 828 -33.91 25.23 46.96
CA GLN E 828 -34.94 25.87 47.78
C GLN E 828 -36.06 26.42 46.91
N ILE E 829 -35.78 26.70 45.63
CA ILE E 829 -36.73 27.44 44.81
C ILE E 829 -37.32 26.58 43.69
N GLU E 830 -36.45 25.92 42.91
CA GLU E 830 -36.86 25.52 41.56
C GLU E 830 -37.64 24.21 41.53
N ASN E 831 -37.08 23.14 42.13
CA ASN E 831 -37.75 21.84 41.98
C ASN E 831 -39.13 21.68 42.63
N PRO E 832 -39.53 22.44 43.67
CA PRO E 832 -40.98 22.53 43.91
C PRO E 832 -41.73 23.22 42.79
N LEU E 833 -41.20 24.34 42.27
CA LEU E 833 -41.86 25.01 41.15
C LEU E 833 -41.72 24.19 39.87
N ALA E 834 -40.67 23.37 39.77
CA ALA E 834 -40.53 22.49 38.61
C ALA E 834 -41.53 21.35 38.65
N GLN E 835 -41.79 20.78 39.83
CA GLN E 835 -42.81 19.75 39.93
C GLN E 835 -44.21 20.35 39.80
N GLN E 836 -44.34 21.65 40.10
CA GLN E 836 -45.60 22.35 39.85
C GLN E 836 -45.84 22.54 38.35
N ILE E 837 -44.81 23.01 37.63
CA ILE E 837 -44.95 23.27 36.20
C ILE E 837 -45.12 21.98 35.42
N LEU E 838 -44.33 20.96 35.75
CA LEU E 838 -44.44 19.68 35.05
C LEU E 838 -45.67 18.90 35.51
N SER E 839 -46.19 19.21 36.70
CA SER E 839 -47.35 18.49 37.21
C SER E 839 -48.64 18.86 36.48
N GLY E 840 -48.73 20.07 35.94
CA GLY E 840 -49.94 20.51 35.27
C GLY E 840 -50.93 21.23 36.15
N GLU E 841 -50.63 21.42 37.44
CA GLU E 841 -51.56 22.12 38.33
C GLU E 841 -51.59 23.61 38.03
N LEU E 842 -50.46 24.18 37.63
CA LEU E 842 -50.35 25.61 37.41
C LEU E 842 -50.66 25.96 35.96
N VAL E 843 -51.44 27.03 35.77
CA VAL E 843 -51.92 27.46 34.46
C VAL E 843 -51.03 28.59 33.97
N PRO E 844 -50.60 28.58 32.71
CA PRO E 844 -49.82 29.70 32.18
C PRO E 844 -50.62 31.00 32.13
N GLY E 845 -49.91 32.10 32.33
CA GLY E 845 -50.51 33.42 32.38
C GLY E 845 -50.79 33.96 33.77
N LYS E 846 -49.97 33.62 34.76
CA LYS E 846 -50.17 34.07 36.13
C LYS E 846 -48.88 34.63 36.70
N VAL E 847 -48.99 35.33 37.82
CA VAL E 847 -47.82 35.85 38.52
C VAL E 847 -47.48 34.93 39.69
N ILE E 848 -46.29 34.36 39.65
CA ILE E 848 -45.80 33.48 40.71
C ILE E 848 -44.92 34.30 41.64
N ARG E 849 -45.45 34.67 42.81
CA ARG E 849 -44.67 35.35 43.82
C ARG E 849 -44.25 34.32 44.87
N LEU E 850 -42.97 34.35 45.23
CA LEU E 850 -42.39 33.36 46.14
C LEU E 850 -42.87 33.67 47.56
N GLU E 851 -43.79 32.85 48.06
CA GLU E 851 -44.25 32.91 49.44
C GLU E 851 -43.30 32.13 50.32
N VAL E 852 -43.60 32.12 51.62
CA VAL E 852 -42.81 31.40 52.61
C VAL E 852 -43.75 30.47 53.38
N ASN E 853 -43.27 29.26 53.65
CA ASN E 853 -43.94 28.31 54.53
C ASN E 853 -43.54 28.58 55.98
N GLU E 854 -43.76 27.59 56.85
CA GLU E 854 -43.37 27.68 58.26
C GLU E 854 -41.89 28.05 58.42
N ASP E 855 -41.02 27.36 57.67
CA ASP E 855 -39.61 27.73 57.63
C ASP E 855 -38.97 27.66 56.25
N ARG E 856 -39.71 27.28 55.20
CA ARG E 856 -39.13 27.12 53.87
C ARG E 856 -39.86 27.98 52.85
N ILE E 857 -39.26 28.11 51.66
CA ILE E 857 -39.76 29.03 50.65
C ILE E 857 -40.53 28.25 49.58
N VAL E 858 -41.75 28.69 49.28
CA VAL E 858 -42.62 28.01 48.35
C VAL E 858 -42.94 28.95 47.19
N ALA E 859 -43.34 28.38 46.06
CA ALA E 859 -43.80 29.11 44.90
C ALA E 859 -45.27 28.80 44.64
N VAL E 860 -46.11 29.85 44.66
CA VAL E 860 -47.53 29.73 44.38
C VAL E 860 -47.94 30.79 43.39
N GLN E 861 -49.11 30.60 42.77
CA GLN E 861 -49.70 31.57 41.86
C GLN E 861 -50.70 32.42 42.61
N LEU F 7 -7.89 19.16 -47.68
CA LEU F 7 -7.43 20.50 -48.13
C LEU F 7 -8.59 21.50 -48.15
N ASP F 8 -8.23 22.78 -48.06
CA ASP F 8 -9.18 23.88 -48.06
C ASP F 8 -9.80 24.05 -49.44
N ARG F 9 -9.37 23.23 -50.38
CA ARG F 9 -9.88 23.31 -51.75
C ARG F 9 -11.29 22.74 -51.85
N LEU F 10 -11.62 21.84 -50.93
CA LEU F 10 -12.93 21.17 -50.93
C LEU F 10 -14.01 21.98 -50.23
N THR F 11 -15.26 21.76 -50.64
CA THR F 11 -16.36 22.45 -49.99
C THR F 11 -16.46 21.82 -48.59
N ASN F 12 -17.14 22.49 -47.67
CA ASN F 12 -17.32 21.96 -46.33
C ASN F 12 -18.01 20.60 -46.36
N LYS F 13 -19.05 20.48 -47.18
CA LYS F 13 -19.77 19.22 -47.29
C LYS F 13 -18.83 18.10 -47.72
N PHE F 14 -17.96 18.39 -48.69
CA PHE F 14 -17.03 17.39 -49.20
C PHE F 14 -16.04 16.99 -48.10
N GLN F 15 -15.55 17.98 -47.35
CA GLN F 15 -14.63 17.71 -46.27
C GLN F 15 -15.33 16.86 -45.21
N LEU F 16 -16.59 17.18 -44.93
CA LEU F 16 -17.34 16.42 -43.93
C LEU F 16 -17.47 14.95 -44.33
N ALA F 17 -17.71 14.69 -45.61
CA ALA F 17 -17.82 13.31 -46.10
C ALA F 17 -16.45 12.61 -46.01
N LEU F 18 -15.38 13.35 -46.24
CA LEU F 18 -14.05 12.78 -46.18
C LEU F 18 -13.72 12.38 -44.73
N ALA F 19 -14.17 13.19 -43.78
CA ALA F 19 -13.96 12.89 -42.37
C ALA F 19 -14.77 11.63 -42.06
N ASP F 20 -15.97 11.55 -42.63
CA ASP F 20 -16.81 10.39 -42.39
C ASP F 20 -16.16 9.15 -43.05
N ALA F 21 -15.58 9.34 -44.23
CA ALA F 21 -14.92 8.24 -44.94
C ALA F 21 -13.82 7.65 -44.05
N GLN F 22 -13.10 8.52 -43.36
CA GLN F 22 -12.03 8.06 -42.48
C GLN F 22 -12.61 7.20 -41.34
N SER F 23 -13.76 7.62 -40.80
CA SER F 23 -14.41 6.90 -39.73
C SER F 23 -14.90 5.54 -40.22
N LEU F 24 -15.34 5.48 -41.47
CA LEU F 24 -15.81 4.22 -42.03
C LEU F 24 -14.64 3.26 -42.16
N ALA F 25 -13.51 3.79 -42.62
CA ALA F 25 -12.31 2.99 -42.80
C ALA F 25 -11.85 2.47 -41.45
N LEU F 26 -11.82 3.36 -40.46
CA LEU F 26 -11.41 2.97 -39.12
C LEU F 26 -12.36 1.92 -38.56
N GLY F 27 -13.65 2.16 -38.71
CA GLY F 27 -14.66 1.22 -38.22
C GLY F 27 -14.62 -0.15 -38.85
N HIS F 28 -14.04 -0.24 -40.04
CA HIS F 28 -13.91 -1.50 -40.76
C HIS F 28 -12.52 -2.09 -40.59
N ASP F 29 -11.67 -1.39 -39.84
CA ASP F 29 -10.29 -1.82 -39.63
C ASP F 29 -9.55 -1.93 -40.96
N ASN F 30 -9.82 -0.98 -41.85
CA ASN F 30 -9.16 -0.95 -43.15
C ASN F 30 -7.88 -0.12 -43.04
N GLN F 31 -6.88 -0.48 -43.83
CA GLN F 31 -5.60 0.21 -43.79
C GLN F 31 -5.61 1.61 -44.41
N PHE F 32 -6.40 1.80 -45.47
CA PHE F 32 -6.48 3.09 -46.14
C PHE F 32 -7.91 3.55 -46.36
N ILE F 33 -8.04 4.82 -46.69
CA ILE F 33 -9.31 5.41 -47.02
C ILE F 33 -9.30 5.32 -48.54
N GLU F 34 -10.18 4.49 -49.08
CA GLU F 34 -10.28 4.29 -50.53
C GLU F 34 -11.42 5.10 -51.11
N PRO F 35 -11.43 5.30 -52.44
CA PRO F 35 -12.54 6.08 -53.00
C PRO F 35 -13.87 5.46 -52.60
N LEU F 36 -13.89 4.15 -52.38
CA LEU F 36 -15.12 3.47 -51.97
C LEU F 36 -15.64 4.05 -50.65
N HIS F 37 -14.76 4.28 -49.69
CA HIS F 37 -15.19 4.85 -48.41
C HIS F 37 -15.81 6.23 -48.62
N LEU F 38 -15.20 7.02 -49.50
CA LEU F 38 -15.72 8.37 -49.73
C LEU F 38 -17.06 8.34 -50.46
N MET F 39 -17.23 7.44 -51.43
CA MET F 39 -18.51 7.34 -52.13
C MET F 39 -19.60 6.92 -51.14
N SER F 40 -19.27 6.00 -50.25
CA SER F 40 -20.25 5.54 -49.27
C SER F 40 -20.68 6.71 -48.41
N ALA F 41 -19.71 7.49 -47.94
CA ALA F 41 -20.01 8.63 -47.07
C ALA F 41 -20.83 9.69 -47.79
N LEU F 42 -20.54 9.92 -49.06
CA LEU F 42 -21.26 10.92 -49.85
C LEU F 42 -22.71 10.46 -50.11
N LEU F 43 -22.89 9.18 -50.39
CA LEU F 43 -24.23 8.66 -50.64
C LEU F 43 -25.03 8.62 -49.35
N ASN F 44 -24.31 8.62 -48.22
CA ASN F 44 -24.93 8.56 -46.90
C ASN F 44 -25.11 9.94 -46.24
N GLN F 45 -24.69 10.99 -46.93
CA GLN F 45 -24.80 12.34 -46.38
C GLN F 45 -26.15 12.99 -46.63
N GLU F 46 -26.83 13.34 -45.55
CA GLU F 46 -28.14 13.98 -45.64
C GLU F 46 -27.89 15.39 -46.16
N GLY F 47 -28.65 15.79 -47.17
CA GLY F 47 -28.47 17.12 -47.74
C GLY F 47 -27.43 17.10 -48.83
N GLY F 48 -26.77 15.96 -48.99
CA GLY F 48 -25.73 15.83 -50.02
C GLY F 48 -26.31 15.82 -51.42
N SER F 49 -25.49 16.20 -52.39
CA SER F 49 -25.93 16.26 -53.79
C SER F 49 -25.65 15.00 -54.60
N VAL F 50 -24.84 14.09 -54.07
CA VAL F 50 -24.50 12.89 -54.81
C VAL F 50 -25.66 11.92 -55.10
N SER F 51 -26.46 11.58 -54.09
CA SER F 51 -27.58 10.69 -54.34
C SER F 51 -28.55 11.27 -55.37
N PRO F 52 -28.99 12.53 -55.17
CA PRO F 52 -29.91 13.15 -56.12
C PRO F 52 -29.31 13.27 -57.52
N LEU F 53 -28.01 13.57 -57.60
CA LEU F 53 -27.35 13.67 -58.89
C LEU F 53 -27.52 12.35 -59.63
N LEU F 54 -27.19 11.26 -58.94
CA LEU F 54 -27.31 9.92 -59.48
C LEU F 54 -28.76 9.60 -59.85
N THR F 55 -29.69 9.94 -58.96
CA THR F 55 -31.09 9.66 -59.23
C THR F 55 -31.56 10.41 -60.48
N SER F 56 -31.11 11.65 -60.64
CA SER F 56 -31.50 12.45 -61.80
C SER F 56 -31.02 11.81 -63.11
N ALA F 57 -30.00 10.96 -63.03
CA ALA F 57 -29.48 10.30 -64.22
C ALA F 57 -30.08 8.90 -64.39
N GLY F 58 -31.03 8.56 -63.53
CA GLY F 58 -31.67 7.26 -63.62
C GLY F 58 -30.97 6.14 -62.88
N ILE F 59 -29.98 6.48 -62.07
CA ILE F 59 -29.22 5.48 -61.33
C ILE F 59 -29.85 5.25 -59.95
N ASN F 60 -30.07 3.99 -59.60
CA ASN F 60 -30.69 3.66 -58.31
C ASN F 60 -29.64 3.86 -57.21
N ALA F 61 -29.76 4.99 -56.52
CA ALA F 61 -28.84 5.34 -55.45
C ALA F 61 -28.82 4.34 -54.29
N GLY F 62 -29.98 3.81 -53.96
CA GLY F 62 -30.08 2.86 -52.86
C GLY F 62 -29.33 1.56 -53.15
N GLN F 63 -29.50 1.07 -54.38
CA GLN F 63 -28.81 -0.16 -54.78
C GLN F 63 -27.32 0.11 -54.87
N LEU F 64 -26.97 1.34 -55.22
CA LEU F 64 -25.57 1.71 -55.33
C LEU F 64 -24.97 1.67 -53.91
N ARG F 65 -25.68 2.26 -52.94
CA ARG F 65 -25.22 2.27 -51.55
C ARG F 65 -24.94 0.85 -51.08
N THR F 66 -25.85 -0.05 -51.37
CA THR F 66 -25.71 -1.45 -50.98
C THR F 66 -24.46 -2.08 -51.62
N ASP F 67 -24.29 -1.88 -52.91
CA ASP F 67 -23.14 -2.43 -53.63
C ASP F 67 -21.82 -1.83 -53.16
N ILE F 68 -21.83 -0.57 -52.75
CA ILE F 68 -20.61 0.08 -52.27
C ILE F 68 -20.27 -0.48 -50.89
N ASN F 69 -21.27 -0.66 -50.05
CA ASN F 69 -21.03 -1.21 -48.72
C ASN F 69 -20.53 -2.65 -48.83
N GLN F 70 -21.03 -3.39 -49.83
CA GLN F 70 -20.59 -4.75 -50.04
C GLN F 70 -19.13 -4.74 -50.47
N ALA F 71 -18.76 -3.81 -51.35
CA ALA F 71 -17.39 -3.70 -51.80
C ALA F 71 -16.49 -3.32 -50.62
N LEU F 72 -16.99 -2.45 -49.73
CA LEU F 72 -16.22 -2.04 -48.56
C LEU F 72 -15.96 -3.24 -47.64
N ASN F 73 -16.98 -4.08 -47.51
CA ASN F 73 -16.88 -5.26 -46.65
C ASN F 73 -15.84 -6.26 -47.16
N ARG F 74 -15.47 -6.13 -48.45
CA ARG F 74 -14.48 -7.04 -49.02
C ARG F 74 -13.04 -6.58 -48.82
N LEU F 75 -12.86 -5.31 -48.54
CA LEU F 75 -11.52 -4.76 -48.34
C LEU F 75 -10.82 -5.47 -47.20
N PRO F 76 -9.49 -5.63 -47.31
CA PRO F 76 -8.69 -6.30 -46.27
C PRO F 76 -8.78 -5.58 -44.93
N GLN F 77 -8.80 -6.35 -43.86
CA GLN F 77 -8.85 -5.78 -42.51
C GLN F 77 -7.53 -6.00 -41.79
N VAL F 78 -7.12 -4.99 -41.03
CA VAL F 78 -5.87 -5.04 -40.28
C VAL F 78 -6.16 -4.89 -38.78
N GLN F 86 -5.40 8.65 -43.78
CA GLN F 86 -4.70 7.47 -44.24
C GLN F 86 -5.16 7.20 -45.67
N PRO F 87 -5.23 8.26 -46.49
CA PRO F 87 -5.68 8.17 -47.89
C PRO F 87 -4.80 7.27 -48.74
N SER F 88 -5.46 6.42 -49.54
CA SER F 88 -4.74 5.54 -50.45
C SER F 88 -4.33 6.41 -51.63
N GLN F 89 -3.40 5.95 -52.45
CA GLN F 89 -2.99 6.72 -53.60
C GLN F 89 -4.17 6.81 -54.57
N ASP F 90 -5.00 5.77 -54.62
CA ASP F 90 -6.19 5.77 -55.49
C ASP F 90 -7.04 6.99 -55.19
N LEU F 91 -7.25 7.24 -53.90
CA LEU F 91 -8.05 8.37 -53.47
C LEU F 91 -7.36 9.69 -53.79
N VAL F 92 -6.05 9.77 -53.57
CA VAL F 92 -5.34 11.00 -53.88
C VAL F 92 -5.53 11.28 -55.36
N ARG F 93 -5.35 10.24 -56.17
CA ARG F 93 -5.49 10.36 -57.63
C ARG F 93 -6.87 10.85 -58.04
N VAL F 94 -7.91 10.24 -57.47
CA VAL F 94 -9.27 10.65 -57.80
C VAL F 94 -9.52 12.10 -57.39
N LEU F 95 -9.05 12.47 -56.20
CA LEU F 95 -9.23 13.85 -55.73
C LEU F 95 -8.47 14.83 -56.63
N ASN F 96 -7.33 14.41 -57.15
CA ASN F 96 -6.58 15.29 -58.04
C ASN F 96 -7.42 15.59 -59.28
N LEU F 97 -8.16 14.58 -59.75
CA LEU F 97 -9.00 14.76 -60.93
C LEU F 97 -10.15 15.70 -60.58
N CYS F 98 -10.69 15.55 -59.38
CA CYS F 98 -11.78 16.44 -58.95
C CYS F 98 -11.27 17.88 -59.06
N ASP F 99 -10.05 18.10 -58.59
CA ASP F 99 -9.42 19.42 -58.63
C ASP F 99 -9.37 19.95 -60.07
N LYS F 100 -8.90 19.12 -61.00
CA LYS F 100 -8.81 19.54 -62.40
C LYS F 100 -10.19 19.78 -63.03
N LEU F 101 -11.18 18.98 -62.66
CA LEU F 101 -12.53 19.15 -63.18
C LEU F 101 -13.14 20.44 -62.66
N ALA F 102 -12.77 20.79 -61.43
CA ALA F 102 -13.25 22.02 -60.81
C ALA F 102 -12.63 23.20 -61.55
N GLN F 103 -11.35 23.09 -61.86
CA GLN F 103 -10.63 24.14 -62.57
C GLN F 103 -11.25 24.38 -63.95
N LYS F 104 -11.44 23.30 -64.70
CA LYS F 104 -12.04 23.43 -66.03
C LYS F 104 -13.38 24.17 -65.94
N ARG F 105 -14.19 23.80 -64.96
CA ARG F 105 -15.50 24.42 -64.80
C ARG F 105 -15.44 25.83 -64.21
N GLY F 106 -14.31 26.20 -63.64
CA GLY F 106 -14.20 27.52 -63.05
C GLY F 106 -14.88 27.58 -61.69
N ASP F 107 -14.89 26.46 -60.98
CA ASP F 107 -15.52 26.38 -59.66
C ASP F 107 -14.56 26.92 -58.61
N ASN F 108 -15.08 27.76 -57.72
CA ASN F 108 -14.25 28.34 -56.67
C ASN F 108 -13.67 27.21 -55.82
N PHE F 109 -14.53 26.30 -55.36
CA PHE F 109 -14.11 25.17 -54.55
C PHE F 109 -14.52 23.84 -55.20
N ILE F 110 -13.89 22.75 -54.75
CA ILE F 110 -14.17 21.41 -55.27
C ILE F 110 -15.39 20.81 -54.56
N SER F 111 -16.47 20.61 -55.31
CA SER F 111 -17.70 20.07 -54.74
C SER F 111 -17.84 18.55 -54.84
N SER F 112 -18.78 18.00 -54.06
CA SER F 112 -19.02 16.57 -54.00
C SER F 112 -19.44 15.93 -55.32
N GLU F 113 -20.27 16.63 -56.07
CA GLU F 113 -20.74 16.10 -57.35
C GLU F 113 -19.60 15.70 -58.29
N LEU F 114 -18.53 16.48 -58.29
CA LEU F 114 -17.40 16.18 -59.17
C LEU F 114 -16.75 14.83 -58.88
N PHE F 115 -16.83 14.37 -57.63
CA PHE F 115 -16.21 13.10 -57.26
C PHE F 115 -16.84 11.96 -58.06
N VAL F 116 -18.12 12.08 -58.36
CA VAL F 116 -18.80 11.03 -59.11
C VAL F 116 -18.20 10.92 -60.50
N LEU F 117 -17.97 12.06 -61.14
CA LEU F 117 -17.39 12.06 -62.47
C LEU F 117 -15.94 11.61 -62.44
N ALA F 118 -15.19 12.09 -61.46
CA ALA F 118 -13.78 11.73 -61.35
C ALA F 118 -13.63 10.24 -61.07
N ALA F 119 -14.46 9.72 -60.16
CA ALA F 119 -14.40 8.31 -59.82
C ALA F 119 -14.63 7.45 -61.06
N LEU F 120 -15.65 7.79 -61.82
CA LEU F 120 -16.00 7.06 -63.04
C LEU F 120 -14.82 6.96 -64.02
N GLU F 121 -13.97 7.97 -64.03
CA GLU F 121 -12.83 8.00 -64.95
C GLU F 121 -11.50 7.57 -64.35
N SER F 122 -11.54 6.98 -63.16
CA SER F 122 -10.31 6.56 -62.50
C SER F 122 -10.15 5.06 -62.32
N ARG F 123 -10.99 4.28 -63.00
CA ARG F 123 -10.94 2.82 -62.92
C ARG F 123 -11.05 2.29 -61.50
N GLY F 124 -10.81 0.99 -61.34
CA GLY F 124 -10.88 0.38 -60.02
C GLY F 124 -12.28 -0.09 -59.68
N THR F 125 -12.43 -0.69 -58.50
CA THR F 125 -13.71 -1.21 -58.05
C THR F 125 -14.82 -0.19 -58.09
N LEU F 126 -14.51 1.05 -57.67
CA LEU F 126 -15.53 2.07 -57.65
C LEU F 126 -16.06 2.41 -59.04
N ALA F 127 -15.17 2.57 -60.02
CA ALA F 127 -15.60 2.87 -61.36
C ALA F 127 -16.41 1.69 -61.94
N ASP F 128 -16.00 0.47 -61.60
CA ASP F 128 -16.71 -0.71 -62.10
C ASP F 128 -18.15 -0.72 -61.60
N ILE F 129 -18.33 -0.42 -60.31
CA ILE F 129 -19.64 -0.39 -59.69
C ILE F 129 -20.48 0.71 -60.32
N LEU F 130 -19.89 1.89 -60.45
CA LEU F 130 -20.60 3.02 -61.03
C LEU F 130 -21.04 2.69 -62.46
N LYS F 131 -20.13 2.11 -63.22
CA LYS F 131 -20.46 1.76 -64.59
C LYS F 131 -21.57 0.71 -64.66
N ALA F 132 -21.49 -0.32 -63.82
CA ALA F 132 -22.51 -1.37 -63.83
C ALA F 132 -23.84 -0.82 -63.36
N ALA F 133 -23.79 0.29 -62.62
CA ALA F 133 -25.01 0.90 -62.09
C ALA F 133 -25.72 1.76 -63.14
N GLY F 134 -25.03 2.05 -64.24
CA GLY F 134 -25.64 2.85 -65.28
C GLY F 134 -24.99 4.21 -65.46
N ALA F 135 -23.93 4.47 -64.69
CA ALA F 135 -23.23 5.75 -64.79
C ALA F 135 -22.30 5.80 -66.00
N THR F 136 -22.34 6.92 -66.70
CA THR F 136 -21.49 7.13 -67.87
C THR F 136 -20.97 8.56 -67.82
N THR F 137 -19.86 8.80 -68.50
CA THR F 137 -19.26 10.13 -68.57
C THR F 137 -20.33 11.14 -68.96
N ALA F 138 -21.14 10.76 -69.95
CA ALA F 138 -22.19 11.62 -70.47
C ALA F 138 -23.35 11.90 -69.51
N ASN F 139 -24.01 10.87 -68.97
CA ASN F 139 -25.13 11.17 -68.10
C ASN F 139 -24.73 11.83 -66.77
N ILE F 140 -23.51 11.61 -66.32
CA ILE F 140 -23.08 12.25 -65.08
C ILE F 140 -22.70 13.70 -65.36
N THR F 141 -21.95 13.93 -66.45
CA THR F 141 -21.56 15.29 -66.80
C THR F 141 -22.83 16.13 -67.01
N GLN F 142 -23.84 15.52 -67.64
CA GLN F 142 -25.10 16.22 -67.91
C GLN F 142 -25.92 16.46 -66.64
N ALA F 143 -25.88 15.50 -65.73
CA ALA F 143 -26.62 15.63 -64.47
C ALA F 143 -26.04 16.78 -63.67
N ILE F 144 -24.72 16.92 -63.71
CA ILE F 144 -24.02 17.98 -62.99
C ILE F 144 -24.39 19.33 -63.58
N GLU F 145 -24.40 19.42 -64.91
CA GLU F 145 -24.73 20.67 -65.57
C GLU F 145 -26.19 21.04 -65.44
N GLN F 146 -27.02 20.07 -65.05
CA GLN F 146 -28.45 20.32 -64.88
C GLN F 146 -28.77 20.75 -63.45
N LEU F 165 -27.83 22.78 -33.37
CA LEU F 165 -28.88 23.77 -33.45
C LEU F 165 -29.87 23.69 -32.30
N LYS F 166 -31.11 24.04 -32.64
CA LYS F 166 -32.22 23.97 -31.71
C LYS F 166 -32.62 22.51 -31.42
N LYS F 167 -32.24 21.59 -32.31
CA LYS F 167 -32.48 20.18 -32.04
C LYS F 167 -31.43 19.62 -31.08
N TYR F 168 -30.34 20.36 -30.87
CA TYR F 168 -29.24 19.88 -30.03
C TYR F 168 -29.52 20.13 -28.55
N THR F 169 -30.02 21.31 -28.22
CA THR F 169 -30.37 21.64 -26.86
C THR F 169 -31.50 22.66 -26.81
N ILE F 170 -32.56 22.30 -26.09
CA ILE F 170 -33.52 23.28 -25.61
C ILE F 170 -32.78 24.11 -24.56
N ASP F 171 -32.48 25.33 -24.92
CA ASP F 171 -31.74 26.18 -24.01
C ASP F 171 -32.71 26.80 -23.03
N LEU F 172 -32.15 27.29 -21.92
CA LEU F 172 -32.96 27.79 -20.81
C LEU F 172 -33.74 29.04 -21.17
N THR F 173 -33.34 29.74 -22.24
CA THR F 173 -34.22 30.76 -22.81
C THR F 173 -35.44 30.13 -23.46
N GLU F 174 -35.23 29.19 -24.38
CA GLU F 174 -36.35 28.57 -25.05
C GLU F 174 -37.09 27.63 -24.10
N ARG F 175 -36.36 27.02 -23.15
CA ARG F 175 -37.01 26.30 -22.05
C ARG F 175 -37.80 27.25 -21.17
N ALA F 176 -37.40 28.52 -21.10
CA ALA F 176 -38.17 29.50 -20.33
C ALA F 176 -39.38 29.99 -21.13
N GLU F 177 -39.42 29.71 -22.43
CA GLU F 177 -40.63 30.01 -23.19
C GLU F 177 -41.61 28.84 -23.25
N GLN F 178 -41.12 27.58 -23.29
CA GLN F 178 -42.00 26.39 -23.29
C GLN F 178 -42.92 26.29 -22.08
N GLY F 179 -42.55 26.91 -20.96
CA GLY F 179 -43.40 26.90 -19.78
C GLY F 179 -43.39 25.60 -19.02
N LYS F 180 -42.28 24.86 -19.06
CA LYS F 180 -42.28 23.53 -18.46
C LYS F 180 -41.93 23.58 -16.98
N LEU F 181 -41.11 24.55 -16.56
CA LEU F 181 -40.63 24.60 -15.18
C LEU F 181 -41.46 25.55 -14.32
N ASP F 182 -41.36 25.40 -13.01
CA ASP F 182 -42.03 26.25 -12.06
C ASP F 182 -41.04 27.27 -11.46
N PRO F 183 -41.54 28.41 -10.97
CA PRO F 183 -40.66 29.32 -10.24
C PRO F 183 -40.17 28.73 -8.92
N VAL F 184 -39.01 29.21 -8.48
CA VAL F 184 -38.29 28.65 -7.34
C VAL F 184 -38.23 29.69 -6.23
N ILE F 185 -38.49 29.25 -4.99
CA ILE F 185 -38.45 30.12 -3.82
C ILE F 185 -37.55 29.50 -2.77
N GLY F 186 -37.29 30.28 -1.71
CA GLY F 186 -36.46 29.83 -0.62
C GLY F 186 -34.98 29.82 -0.96
N ARG F 187 -34.18 29.65 0.09
CA ARG F 187 -32.71 29.79 0.07
C ARG F 187 -32.32 31.09 -0.61
N ASP F 188 -32.93 32.19 -0.18
CA ASP F 188 -32.75 33.45 -0.89
C ASP F 188 -31.36 34.01 -0.62
N GLU F 189 -30.81 33.68 0.56
CA GLU F 189 -29.44 34.02 0.92
C GLU F 189 -28.44 33.35 -0.02
N GLU F 190 -28.76 32.12 -0.47
CA GLU F 190 -27.91 31.41 -1.42
C GLU F 190 -27.77 32.19 -2.73
N ILE F 191 -28.88 32.69 -3.27
CA ILE F 191 -28.85 33.35 -4.58
C ILE F 191 -28.19 34.73 -4.47
N ARG F 192 -28.36 35.42 -3.33
CA ARG F 192 -27.64 36.67 -3.11
C ARG F 192 -26.13 36.46 -3.01
N ARG F 193 -25.71 35.35 -2.38
CA ARG F 193 -24.29 35.00 -2.34
C ARG F 193 -23.77 34.67 -3.74
N THR F 194 -24.64 34.08 -4.58
CA THR F 194 -24.24 33.85 -5.96
C THR F 194 -24.09 35.15 -6.73
N ILE F 195 -24.82 36.20 -6.34
CA ILE F 195 -24.53 37.52 -6.93
C ILE F 195 -23.20 38.06 -6.42
N GLN F 196 -22.88 37.76 -5.16
CA GLN F 196 -21.57 38.13 -4.60
C GLN F 196 -20.42 37.35 -5.26
N VAL F 197 -20.74 36.31 -6.02
CA VAL F 197 -19.71 35.65 -6.83
C VAL F 197 -19.96 35.93 -8.32
N LEU F 198 -21.11 36.54 -8.66
CA LEU F 198 -21.27 37.09 -10.01
C LEU F 198 -20.42 38.32 -10.19
N GLN F 199 -20.03 38.96 -9.09
CA GLN F 199 -19.16 40.13 -9.19
C GLN F 199 -17.69 39.77 -9.41
N ARG F 200 -17.34 38.48 -9.53
CA ARG F 200 -15.93 38.13 -9.77
C ARG F 200 -15.51 38.52 -11.18
N ARG F 201 -14.28 39.02 -11.32
CA ARG F 201 -13.63 39.11 -12.64
C ARG F 201 -12.38 38.23 -12.67
N THR F 202 -11.61 38.20 -11.59
CA THR F 202 -10.58 37.21 -11.37
C THR F 202 -11.13 36.12 -10.45
N LYS F 203 -10.57 34.91 -10.58
CA LYS F 203 -11.01 33.70 -9.85
C LYS F 203 -12.49 33.43 -10.08
N ASN F 204 -12.83 33.06 -11.32
CA ASN F 204 -14.15 33.34 -11.85
C ASN F 204 -15.21 32.34 -11.36
N ASN F 205 -15.14 31.08 -11.84
CA ASN F 205 -16.31 30.21 -11.90
C ASN F 205 -16.63 29.59 -10.55
N PRO F 206 -17.74 29.95 -9.90
CA PRO F 206 -18.15 29.24 -8.69
C PRO F 206 -18.63 27.84 -9.01
N VAL F 207 -18.54 26.97 -8.02
CA VAL F 207 -18.94 25.58 -8.18
C VAL F 207 -20.06 25.31 -7.19
N LEU F 208 -21.16 24.72 -7.67
CA LEU F 208 -22.25 24.30 -6.81
C LEU F 208 -21.81 23.06 -6.03
N ILE F 209 -21.33 23.27 -4.82
CA ILE F 209 -20.64 22.23 -4.05
C ILE F 209 -21.61 21.67 -3.01
N GLY F 210 -22.30 20.61 -3.39
CA GLY F 210 -23.24 19.96 -2.48
C GLY F 210 -23.68 18.64 -3.03
N GLU F 211 -24.68 18.06 -2.37
CA GLU F 211 -25.23 16.77 -2.76
C GLU F 211 -26.49 16.97 -3.60
N PRO F 212 -26.80 16.04 -4.51
CA PRO F 212 -27.94 16.21 -5.41
C PRO F 212 -29.29 16.08 -4.71
N GLY F 213 -30.35 16.39 -5.47
CA GLY F 213 -31.73 16.32 -5.00
C GLY F 213 -32.25 17.61 -4.40
N VAL F 214 -31.36 18.42 -3.82
CA VAL F 214 -31.70 19.69 -3.19
C VAL F 214 -32.11 20.70 -4.25
N GLY F 215 -31.44 20.67 -5.40
CA GLY F 215 -31.63 21.70 -6.41
C GLY F 215 -30.55 22.75 -6.52
N LYS F 216 -29.28 22.35 -6.63
CA LYS F 216 -28.24 23.26 -7.10
C LYS F 216 -28.51 23.67 -8.54
N THR F 217 -29.05 22.74 -9.33
CA THR F 217 -29.51 23.04 -10.67
C THR F 217 -30.68 24.02 -10.65
N ALA F 218 -31.48 23.99 -9.58
CA ALA F 218 -32.51 24.99 -9.42
C ALA F 218 -31.91 26.35 -9.09
N ILE F 219 -30.72 26.37 -8.46
CA ILE F 219 -30.00 27.63 -8.31
C ILE F 219 -29.55 28.12 -9.66
N VAL F 220 -29.18 27.18 -10.54
CA VAL F 220 -28.83 27.52 -11.92
C VAL F 220 -30.05 28.07 -12.66
N GLU F 221 -31.24 27.51 -12.41
CA GLU F 221 -32.42 27.91 -13.16
C GLU F 221 -32.99 29.23 -12.65
N GLY F 222 -33.01 29.42 -11.34
CA GLY F 222 -33.42 30.71 -10.80
C GLY F 222 -32.41 31.80 -11.13
N LEU F 223 -31.14 31.41 -11.27
CA LEU F 223 -30.14 32.34 -11.79
C LEU F 223 -30.40 32.65 -13.26
N ALA F 224 -30.93 31.67 -14.00
CA ALA F 224 -31.27 31.91 -15.40
C ALA F 224 -32.44 32.87 -15.51
N GLN F 225 -33.44 32.72 -14.64
CA GLN F 225 -34.54 33.70 -14.56
C GLN F 225 -34.02 35.06 -14.14
N ARG F 226 -33.05 35.08 -13.25
CA ARG F 226 -32.40 36.31 -12.81
C ARG F 226 -31.68 37.02 -13.95
N ILE F 227 -31.07 36.26 -14.87
CA ILE F 227 -30.37 36.90 -15.99
C ILE F 227 -31.35 37.37 -17.06
N ILE F 228 -32.31 36.51 -17.45
CA ILE F 228 -33.16 36.85 -18.59
C ILE F 228 -34.16 37.94 -18.21
N ASN F 229 -34.53 38.02 -16.94
CA ASN F 229 -35.42 39.09 -16.52
C ASN F 229 -34.68 40.41 -16.42
N GLY F 230 -33.52 40.42 -15.78
CA GLY F 230 -32.84 41.65 -15.45
C GLY F 230 -32.76 41.93 -13.98
N GLU F 231 -32.88 40.90 -13.13
CA GLU F 231 -32.63 41.06 -11.71
C GLU F 231 -31.17 41.39 -11.46
N VAL F 232 -30.28 40.78 -12.25
CA VAL F 232 -28.92 41.26 -12.45
C VAL F 232 -28.92 42.20 -13.66
N PRO F 233 -28.28 43.37 -13.56
CA PRO F 233 -28.32 44.33 -14.65
C PRO F 233 -27.31 44.01 -15.74
N GLU F 234 -27.11 45.00 -16.61
CA GLU F 234 -26.00 45.02 -17.56
C GLU F 234 -24.68 44.71 -16.87
N GLY F 235 -24.13 43.56 -17.22
CA GLY F 235 -22.98 43.01 -16.53
C GLY F 235 -23.16 41.53 -16.24
N LEU F 236 -24.37 41.14 -15.85
CA LEU F 236 -24.69 39.72 -15.80
C LEU F 236 -25.98 39.42 -16.55
N LYS F 237 -26.72 40.46 -16.95
CA LYS F 237 -27.71 40.29 -18.00
C LYS F 237 -27.03 40.45 -19.36
N GLY F 238 -26.67 39.30 -19.94
CA GLY F 238 -25.80 39.28 -21.10
C GLY F 238 -24.66 38.29 -21.02
N ARG F 239 -24.68 37.37 -20.08
CA ARG F 239 -23.73 36.26 -20.02
C ARG F 239 -24.51 34.98 -19.75
N ARG F 240 -24.97 34.34 -20.82
CA ARG F 240 -26.14 33.45 -20.81
C ARG F 240 -25.80 32.03 -20.38
N VAL F 241 -26.60 31.51 -19.45
CA VAL F 241 -26.53 30.13 -18.98
C VAL F 241 -27.36 29.26 -19.93
N LEU F 242 -26.86 28.09 -20.29
CA LEU F 242 -27.53 27.19 -21.23
C LEU F 242 -27.74 25.83 -20.56
N ALA F 243 -28.52 24.96 -21.22
CA ALA F 243 -28.82 23.64 -20.67
C ALA F 243 -28.38 22.54 -21.62
N LEU F 244 -27.61 21.58 -21.11
CA LEU F 244 -27.25 20.38 -21.86
C LEU F 244 -27.33 19.13 -20.98
N ASP F 245 -27.94 18.08 -21.53
CA ASP F 245 -27.95 16.77 -20.91
C ASP F 245 -26.67 16.03 -21.31
N MET F 246 -26.11 15.24 -20.41
CA MET F 246 -25.05 14.35 -20.84
C MET F 246 -25.63 13.17 -21.59
N GLY F 247 -25.36 13.13 -22.88
CA GLY F 247 -26.07 12.27 -23.81
C GLY F 247 -26.61 13.14 -24.91
N ALA F 248 -27.10 14.32 -24.54
CA ALA F 248 -27.06 15.42 -25.48
C ALA F 248 -25.66 16.02 -25.53
N LEU F 249 -24.86 15.75 -24.50
CA LEU F 249 -23.44 16.09 -24.54
C LEU F 249 -22.63 15.04 -25.29
N VAL F 250 -23.09 13.79 -25.28
CA VAL F 250 -22.23 12.69 -25.75
C VAL F 250 -22.18 12.67 -27.27
N ALA F 251 -23.31 12.92 -27.94
CA ALA F 251 -23.42 13.02 -29.40
C ALA F 251 -22.95 11.77 -30.14
N GLY F 252 -23.75 10.71 -30.05
CA GLY F 252 -23.39 9.37 -30.55
C GLY F 252 -22.85 9.29 -31.96
N ALA F 253 -21.59 8.86 -32.04
CA ALA F 253 -20.78 8.82 -33.25
C ALA F 253 -19.98 7.53 -33.25
N LYS F 254 -18.91 7.50 -34.03
CA LYS F 254 -18.09 6.29 -34.10
C LYS F 254 -17.22 6.09 -32.85
N TYR F 255 -16.23 6.95 -32.61
CA TYR F 255 -15.22 6.62 -31.60
C TYR F 255 -14.59 7.88 -31.03
N ARG F 256 -13.82 7.68 -29.95
CA ARG F 256 -12.84 8.64 -29.44
C ARG F 256 -11.97 9.16 -30.56
N GLY F 257 -12.20 10.42 -30.93
CA GLY F 257 -11.64 10.96 -32.13
C GLY F 257 -12.72 11.51 -33.03
N GLU F 258 -13.92 10.94 -32.93
CA GLU F 258 -15.10 11.64 -33.40
C GLU F 258 -15.64 12.51 -32.28
N PHE F 259 -15.90 11.87 -31.13
CA PHE F 259 -16.22 12.53 -29.87
C PHE F 259 -15.22 13.65 -29.53
N GLU F 260 -13.93 13.37 -29.68
CA GLU F 260 -12.90 14.32 -29.27
C GLU F 260 -12.77 15.48 -30.26
N GLU F 261 -12.94 15.19 -31.56
CA GLU F 261 -12.95 16.26 -32.55
C GLU F 261 -14.17 17.14 -32.38
N ARG F 262 -15.26 16.57 -31.86
CA ARG F 262 -16.39 17.39 -31.45
C ARG F 262 -16.04 18.25 -30.24
N LEU F 263 -15.18 17.75 -29.35
CA LEU F 263 -14.75 18.54 -28.19
C LEU F 263 -13.90 19.75 -28.58
N LYS F 264 -12.87 19.55 -29.41
CA LYS F 264 -12.10 20.71 -29.90
C LYS F 264 -12.96 21.62 -30.78
N GLY F 265 -13.95 21.03 -31.46
CA GLY F 265 -14.87 21.82 -32.26
C GLY F 265 -15.72 22.77 -31.44
N VAL F 266 -16.29 22.29 -30.33
CA VAL F 266 -17.11 23.17 -29.50
C VAL F 266 -16.23 24.13 -28.69
N LEU F 267 -14.96 23.75 -28.49
CA LEU F 267 -13.97 24.72 -28.03
C LEU F 267 -13.84 25.88 -29.00
N ASN F 268 -13.80 25.60 -30.30
CA ASN F 268 -13.79 26.68 -31.28
C ASN F 268 -15.15 27.37 -31.42
N ASP F 269 -16.25 26.72 -31.01
CA ASP F 269 -17.58 27.29 -31.19
C ASP F 269 -17.90 28.32 -30.11
N LEU F 270 -17.86 27.91 -28.84
CA LEU F 270 -18.06 28.91 -27.79
C LEU F 270 -16.75 29.61 -27.45
N ALA F 271 -15.68 29.31 -28.20
CA ALA F 271 -14.59 30.27 -28.35
C ALA F 271 -14.94 31.34 -29.39
N LYS F 272 -15.79 30.98 -30.37
CA LYS F 272 -16.21 31.98 -31.35
C LYS F 272 -17.29 32.89 -30.78
N GLN F 273 -18.10 32.43 -29.83
CA GLN F 273 -19.16 33.29 -29.33
C GLN F 273 -18.70 34.24 -28.22
N GLU F 274 -17.41 34.22 -27.85
CA GLU F 274 -16.70 35.22 -27.05
C GLU F 274 -17.16 35.38 -25.59
N GLY F 275 -18.21 34.69 -25.16
CA GLY F 275 -18.44 34.41 -23.74
C GLY F 275 -18.49 35.45 -22.59
N ASN F 276 -19.51 36.29 -22.33
CA ASN F 276 -20.83 36.56 -22.97
C ASN F 276 -21.83 35.37 -22.91
N VAL F 277 -21.41 34.21 -22.42
CA VAL F 277 -22.20 32.99 -22.33
C VAL F 277 -21.67 32.21 -21.12
N ILE F 278 -22.54 31.88 -20.19
CA ILE F 278 -22.15 30.93 -19.15
C ILE F 278 -22.43 29.52 -19.66
N LEU F 279 -21.37 28.80 -20.01
CA LEU F 279 -21.51 27.43 -20.45
C LEU F 279 -21.54 26.57 -19.19
N PHE F 280 -22.72 26.46 -18.61
CA PHE F 280 -22.91 25.59 -17.47
C PHE F 280 -22.79 24.14 -17.92
N ILE F 281 -22.13 23.33 -17.12
CA ILE F 281 -21.90 21.92 -17.44
C ILE F 281 -22.58 21.08 -16.37
N ASP F 282 -23.50 20.20 -16.80
CA ASP F 282 -24.06 19.21 -15.89
C ASP F 282 -23.28 17.91 -15.96
N ALA F 283 -23.10 17.28 -14.79
CA ALA F 283 -22.41 15.99 -14.64
C ALA F 283 -20.99 16.03 -15.17
N LEU F 284 -20.17 16.87 -14.50
CA LEU F 284 -18.81 17.14 -14.95
C LEU F 284 -17.87 15.99 -14.62
N HIS F 285 -18.35 15.02 -13.85
CA HIS F 285 -17.51 13.91 -13.40
C HIS F 285 -17.19 12.90 -14.50
N THR F 286 -18.06 12.73 -15.50
CA THR F 286 -17.76 11.80 -16.59
C THR F 286 -16.97 12.48 -17.71
N MET F 287 -17.30 13.73 -18.01
CA MET F 287 -16.73 14.37 -19.19
C MET F 287 -15.29 14.81 -18.97
N ALA F 299 -8.67 13.65 -20.33
CA ALA F 299 -8.42 14.93 -20.98
C ALA F 299 -8.51 16.01 -19.89
N GLY F 300 -8.72 17.26 -20.31
CA GLY F 300 -8.79 18.39 -19.39
C GLY F 300 -7.53 19.22 -19.51
N ASN F 301 -6.54 18.62 -20.17
CA ASN F 301 -5.29 19.28 -20.50
C ASN F 301 -5.46 20.17 -21.72
N MET F 302 -6.54 19.93 -22.50
CA MET F 302 -6.82 20.68 -23.73
C MET F 302 -7.33 22.09 -23.43
N LEU F 303 -7.60 22.39 -22.15
CA LEU F 303 -8.37 23.58 -21.80
C LEU F 303 -7.49 24.68 -21.21
N LYS F 304 -6.18 24.44 -21.10
CA LYS F 304 -5.30 25.33 -20.35
C LYS F 304 -4.89 26.59 -21.12
N PRO F 305 -4.52 26.55 -22.42
CA PRO F 305 -4.39 27.84 -23.14
C PRO F 305 -5.75 28.45 -23.42
N ALA F 306 -6.81 27.65 -23.35
CA ALA F 306 -8.14 28.13 -23.70
C ALA F 306 -8.80 28.82 -22.52
N LEU F 307 -8.64 28.29 -21.31
CA LEU F 307 -9.04 29.02 -20.11
C LEU F 307 -7.96 30.00 -19.68
N ALA F 308 -6.79 29.93 -20.31
CA ALA F 308 -5.74 30.88 -19.98
C ALA F 308 -5.87 32.18 -20.77
N ARG F 309 -6.06 32.08 -22.09
CA ARG F 309 -6.07 33.27 -22.96
C ARG F 309 -7.27 34.17 -22.71
N GLY F 310 -8.44 33.58 -22.59
CA GLY F 310 -9.69 34.30 -22.76
C GLY F 310 -10.52 33.81 -23.93
N GLU F 311 -10.34 32.55 -24.34
CA GLU F 311 -11.13 31.97 -25.41
C GLU F 311 -12.23 31.08 -24.83
N LEU F 312 -11.90 30.30 -23.81
CA LEU F 312 -12.86 29.42 -23.12
C LEU F 312 -13.10 29.92 -21.70
N HIS F 313 -14.33 29.71 -21.22
CA HIS F 313 -14.73 30.09 -19.87
C HIS F 313 -15.90 29.18 -19.48
N CYS F 314 -15.60 28.09 -18.77
CA CYS F 314 -16.56 27.01 -18.59
C CYS F 314 -16.92 26.85 -17.13
N VAL F 315 -18.13 26.35 -16.89
CA VAL F 315 -18.79 26.38 -15.57
C VAL F 315 -19.31 24.98 -15.26
N GLY F 316 -18.88 24.42 -14.13
CA GLY F 316 -19.35 23.13 -13.67
C GLY F 316 -20.03 23.23 -12.30
N ALA F 317 -20.49 22.08 -11.81
CA ALA F 317 -21.25 22.00 -10.55
C ALA F 317 -21.09 20.61 -9.92
N THR F 318 -20.21 20.49 -8.93
CA THR F 318 -19.98 19.22 -8.24
C THR F 318 -19.40 19.46 -6.84
N THR F 319 -19.15 18.37 -6.12
CA THR F 319 -18.75 18.43 -4.71
C THR F 319 -17.32 18.96 -4.54
N LEU F 320 -16.87 18.97 -3.27
CA LEU F 320 -15.62 19.62 -2.92
C LEU F 320 -14.42 18.78 -3.33
N ASP F 321 -14.45 17.49 -2.98
CA ASP F 321 -13.40 16.58 -3.41
C ASP F 321 -13.39 16.41 -4.93
N GLU F 322 -14.56 16.56 -5.56
CA GLU F 322 -14.60 16.50 -7.02
C GLU F 322 -14.23 17.84 -7.64
N TYR F 323 -14.19 18.92 -6.84
CA TYR F 323 -13.52 20.13 -7.31
C TYR F 323 -12.00 19.99 -7.19
N ARG F 324 -11.54 19.36 -6.10
CA ARG F 324 -10.12 19.02 -5.98
C ARG F 324 -9.68 18.04 -7.06
N GLN F 325 -10.62 17.24 -7.58
CA GLN F 325 -10.30 16.36 -8.70
C GLN F 325 -10.58 17.02 -10.04
N TYR F 326 -11.34 18.12 -10.06
CA TYR F 326 -11.33 18.95 -11.26
C TYR F 326 -9.95 19.56 -11.42
N ILE F 327 -9.58 20.49 -10.52
CA ILE F 327 -8.22 20.77 -10.08
C ILE F 327 -8.30 21.71 -8.87
N GLU F 328 -7.25 21.69 -8.04
CA GLU F 328 -6.99 22.77 -7.09
C GLU F 328 -5.57 23.31 -7.22
N LYS F 329 -4.65 22.49 -7.76
CA LYS F 329 -3.23 22.83 -7.73
C LYS F 329 -2.74 23.52 -9.02
N ASP F 330 -3.41 23.28 -10.13
CA ASP F 330 -3.13 24.04 -11.36
C ASP F 330 -3.74 25.42 -11.26
N ALA F 331 -2.89 26.45 -11.41
CA ALA F 331 -3.28 27.79 -11.02
C ALA F 331 -4.03 28.53 -12.13
N ALA F 332 -3.94 28.02 -13.36
CA ALA F 332 -4.66 28.63 -14.47
C ALA F 332 -6.16 28.42 -14.34
N LEU F 333 -6.56 27.34 -13.68
CA LEU F 333 -7.98 27.13 -13.47
C LEU F 333 -8.47 27.83 -12.21
N GLU F 334 -7.61 27.99 -11.20
CA GLU F 334 -8.03 28.77 -10.03
C GLU F 334 -8.06 30.26 -10.36
N ARG F 335 -7.41 30.66 -11.47
CA ARG F 335 -7.67 31.96 -12.04
C ARG F 335 -9.07 32.01 -12.66
N ARG F 336 -9.61 30.84 -12.98
CA ARG F 336 -10.86 30.80 -13.72
C ARG F 336 -11.98 30.15 -12.92
N PHE F 337 -11.65 29.44 -11.85
CA PHE F 337 -12.66 28.74 -11.05
C PHE F 337 -12.65 29.21 -9.60
N GLN F 338 -13.74 28.92 -8.89
CA GLN F 338 -14.06 29.52 -7.61
C GLN F 338 -14.87 28.52 -6.79
N LYS F 339 -14.69 28.53 -5.47
CA LYS F 339 -15.47 27.66 -4.62
C LYS F 339 -16.64 28.41 -3.99
N VAL F 340 -17.79 27.73 -3.93
CA VAL F 340 -18.97 28.19 -3.18
C VAL F 340 -19.58 26.98 -2.48
N PHE F 341 -19.73 27.04 -1.15
CA PHE F 341 -20.20 25.90 -0.36
C PHE F 341 -21.74 25.88 -0.32
N VAL F 342 -22.32 24.88 -0.97
CA VAL F 342 -23.76 24.66 -0.89
C VAL F 342 -24.04 23.64 0.22
N ALA F 343 -24.70 24.08 1.28
CA ALA F 343 -24.83 23.21 2.43
C ALA F 343 -26.20 22.54 2.47
N GLU F 344 -26.44 21.76 3.50
CA GLU F 344 -27.76 21.29 3.82
C GLU F 344 -28.65 22.47 4.13
N PRO F 345 -29.86 22.51 3.54
CA PRO F 345 -30.69 23.72 3.64
C PRO F 345 -31.21 23.95 5.06
N SER F 346 -31.61 25.19 5.28
CA SER F 346 -32.33 25.54 6.49
C SER F 346 -33.71 24.89 6.49
N VAL F 347 -34.28 24.76 7.68
CA VAL F 347 -35.58 24.07 7.83
C VAL F 347 -36.70 24.95 7.27
N GLU F 348 -36.56 26.27 7.43
CA GLU F 348 -37.56 27.24 7.00
C GLU F 348 -37.76 27.22 5.49
N ASP F 349 -36.66 27.15 4.74
CA ASP F 349 -36.73 27.14 3.29
C ASP F 349 -37.27 25.81 2.75
N THR F 350 -37.02 24.71 3.48
CA THR F 350 -37.56 23.41 3.06
C THR F 350 -39.05 23.32 3.32
N ILE F 351 -39.52 23.91 4.42
CA ILE F 351 -40.96 24.05 4.64
C ILE F 351 -41.57 24.94 3.55
N ALA F 352 -40.83 25.96 3.10
CA ALA F 352 -41.27 26.74 1.94
C ALA F 352 -41.25 25.92 0.65
N ILE F 353 -40.42 24.87 0.59
CA ILE F 353 -40.40 24.02 -0.60
C ILE F 353 -41.61 23.10 -0.66
N LEU F 354 -41.92 22.40 0.43
CA LEU F 354 -43.09 21.52 0.43
C LEU F 354 -44.39 22.31 0.34
N ARG F 355 -44.45 23.46 1.02
CA ARG F 355 -45.61 24.35 0.87
C ARG F 355 -45.64 24.99 -0.52
N GLY F 356 -44.49 25.03 -1.20
CA GLY F 356 -44.49 25.53 -2.57
C GLY F 356 -45.03 24.52 -3.57
N LEU F 357 -44.35 23.37 -3.69
CA LEU F 357 -44.75 22.39 -4.69
C LEU F 357 -45.83 21.43 -4.22
N LYS F 358 -46.52 21.72 -3.10
CA LYS F 358 -47.71 20.94 -2.79
C LYS F 358 -48.87 21.23 -3.75
N GLU F 359 -48.76 22.27 -4.60
CA GLU F 359 -49.64 22.38 -5.75
C GLU F 359 -49.43 21.22 -6.72
N ARG F 360 -48.17 20.92 -7.03
CA ARG F 360 -47.90 19.80 -7.93
C ARG F 360 -48.19 18.47 -7.25
N TYR F 361 -47.90 18.39 -5.95
CA TYR F 361 -48.10 17.14 -5.21
C TYR F 361 -49.59 16.85 -5.05
N GLU F 362 -50.35 17.80 -4.51
CA GLU F 362 -51.77 17.58 -4.24
C GLU F 362 -52.59 17.66 -5.52
N LEU F 363 -52.20 18.53 -6.46
CA LEU F 363 -53.01 18.70 -7.67
C LEU F 363 -52.68 17.67 -8.74
N HIS F 364 -51.51 17.01 -8.67
CA HIS F 364 -51.30 15.89 -9.57
C HIS F 364 -51.71 14.59 -8.91
N HIS F 365 -51.80 14.58 -7.58
CA HIS F 365 -52.27 13.37 -6.92
C HIS F 365 -53.73 13.42 -6.48
N HIS F 366 -54.41 14.56 -6.65
CA HIS F 366 -55.85 14.76 -6.39
C HIS F 366 -56.21 14.49 -4.92
N VAL F 367 -55.29 14.78 -4.00
CA VAL F 367 -55.47 14.51 -2.57
C VAL F 367 -55.41 15.80 -1.78
N GLN F 368 -55.61 15.71 -0.47
CA GLN F 368 -55.47 16.85 0.43
C GLN F 368 -54.43 16.50 1.48
N ILE F 369 -53.20 16.92 1.25
CA ILE F 369 -52.11 16.70 2.20
C ILE F 369 -52.21 17.76 3.28
N THR F 370 -52.40 17.34 4.52
CA THR F 370 -52.68 18.27 5.60
C THR F 370 -51.36 18.95 6.03
N ASP F 371 -51.49 20.08 6.75
CA ASP F 371 -50.31 20.77 7.25
C ASP F 371 -49.47 19.96 8.24
N PRO F 372 -50.02 19.20 9.21
CA PRO F 372 -49.14 18.30 9.98
C PRO F 372 -48.51 17.18 9.17
N ALA F 373 -49.08 16.83 8.02
CA ALA F 373 -48.48 15.82 7.16
C ALA F 373 -47.17 16.32 6.56
N ILE F 374 -47.12 17.59 6.16
CA ILE F 374 -45.89 18.10 5.55
C ILE F 374 -44.88 18.55 6.60
N VAL F 375 -45.33 19.20 7.68
CA VAL F 375 -44.35 19.67 8.67
C VAL F 375 -43.83 18.48 9.50
N ALA F 376 -44.70 17.51 9.77
CA ALA F 376 -44.26 16.33 10.51
C ALA F 376 -43.52 15.36 9.60
N ALA F 377 -43.86 15.37 8.30
CA ALA F 377 -43.10 14.58 7.34
C ALA F 377 -41.67 15.12 7.22
N ALA F 378 -41.52 16.44 7.27
CA ALA F 378 -40.19 17.04 7.18
C ALA F 378 -39.37 16.79 8.45
N THR F 379 -39.95 17.06 9.61
CA THR F 379 -39.21 16.94 10.87
C THR F 379 -38.90 15.47 11.19
N LEU F 380 -39.93 14.61 11.12
CA LEU F 380 -39.73 13.19 11.40
C LEU F 380 -38.90 12.52 10.31
N SER F 381 -38.98 13.02 9.07
CA SER F 381 -38.17 12.42 8.01
C SER F 381 -36.69 12.77 8.17
N HIS F 382 -36.38 14.00 8.59
CA HIS F 382 -34.97 14.35 8.77
C HIS F 382 -34.38 13.68 10.01
N ARG F 383 -35.16 13.60 11.09
CA ARG F 383 -34.64 12.95 12.29
C ARG F 383 -34.55 11.44 12.11
N TYR F 384 -35.42 10.87 11.27
CA TYR F 384 -35.45 9.42 11.13
C TYR F 384 -34.60 8.94 9.95
N ILE F 385 -34.76 9.54 8.77
CA ILE F 385 -33.84 9.23 7.68
C ILE F 385 -32.59 10.04 7.98
N ALA F 386 -31.65 9.44 8.72
CA ALA F 386 -30.39 10.11 9.01
C ALA F 386 -29.42 9.96 7.85
N ASP F 387 -29.71 9.02 6.95
CA ASP F 387 -28.90 8.77 5.77
C ASP F 387 -29.00 9.95 4.79
N ARG F 388 -30.20 10.24 4.33
CA ARG F 388 -30.39 11.33 3.39
C ARG F 388 -30.45 12.67 4.11
N GLN F 389 -30.49 13.77 3.35
CA GLN F 389 -30.73 15.09 3.88
C GLN F 389 -31.91 15.72 3.13
N LEU F 390 -32.42 16.81 3.69
CA LEU F 390 -33.58 17.57 3.21
C LEU F 390 -33.36 18.10 1.79
N PRO F 391 -34.42 18.40 1.01
CA PRO F 391 -35.87 18.34 1.24
C PRO F 391 -36.54 17.07 0.70
N ASP F 392 -35.79 16.24 0.00
CA ASP F 392 -36.38 15.38 -1.03
C ASP F 392 -37.03 14.14 -0.41
N LYS F 393 -36.64 13.78 0.82
CA LYS F 393 -37.19 12.61 1.50
C LYS F 393 -38.67 12.79 1.82
N ALA F 394 -39.05 14.00 2.22
CA ALA F 394 -40.46 14.31 2.41
C ALA F 394 -41.19 14.40 1.08
N ILE F 395 -40.46 14.71 0.01
CA ILE F 395 -41.07 14.86 -1.30
C ILE F 395 -41.49 13.51 -1.86
N ASP F 396 -40.68 12.46 -1.66
CA ASP F 396 -41.20 11.16 -2.09
C ASP F 396 -41.93 10.42 -0.96
N LEU F 397 -41.96 10.98 0.25
CA LEU F 397 -43.02 10.61 1.18
C LEU F 397 -44.39 11.04 0.67
N ILE F 398 -44.56 12.33 0.39
CA ILE F 398 -45.84 12.87 -0.10
C ILE F 398 -46.15 12.32 -1.48
N ASP F 399 -45.11 12.08 -2.28
CA ASP F 399 -45.33 11.65 -3.66
C ASP F 399 -45.59 10.15 -3.72
N GLU F 400 -44.92 9.38 -2.87
CA GLU F 400 -45.18 7.95 -2.87
C GLU F 400 -46.50 7.62 -2.20
N ALA F 401 -46.73 8.23 -1.03
CA ALA F 401 -47.99 8.06 -0.33
C ALA F 401 -49.16 8.55 -1.16
N ALA F 402 -49.07 9.77 -1.69
CA ALA F 402 -50.15 10.33 -2.48
C ALA F 402 -50.23 9.67 -3.87
N SER F 403 -49.18 8.96 -4.28
CA SER F 403 -49.32 8.01 -5.37
C SER F 403 -50.23 6.87 -4.98
N SER F 404 -50.05 6.34 -3.77
CA SER F 404 -50.91 5.25 -3.32
C SER F 404 -52.31 5.74 -2.97
N ILE F 405 -52.50 7.05 -2.81
CA ILE F 405 -53.85 7.56 -2.62
C ILE F 405 -54.44 7.97 -3.98
N ARG F 406 -53.60 8.13 -5.00
CA ARG F 406 -54.13 8.03 -6.36
C ARG F 406 -54.63 6.64 -6.63
N MET F 407 -53.98 5.64 -6.03
CA MET F 407 -54.45 4.27 -6.14
C MET F 407 -55.74 4.06 -5.36
N GLN F 408 -55.84 4.66 -4.15
CA GLN F 408 -57.04 4.47 -3.33
C GLN F 408 -58.23 5.23 -3.90
N ILE F 409 -57.99 6.43 -4.45
CA ILE F 409 -59.01 7.17 -5.18
C ILE F 409 -59.37 6.46 -6.49
N ASP F 410 -58.37 5.83 -7.12
CA ASP F 410 -58.54 5.31 -8.47
C ASP F 410 -59.16 3.91 -8.47
N SER F 411 -59.33 3.31 -7.29
CA SER F 411 -59.83 1.93 -7.21
C SER F 411 -61.15 1.84 -6.46
N LYS F 412 -61.57 0.58 -6.20
CA LYS F 412 -62.86 0.19 -5.62
C LYS F 412 -62.68 -0.36 -4.21
N PRO F 413 -63.60 -0.05 -3.29
CA PRO F 413 -63.45 -0.45 -1.88
C PRO F 413 -63.59 -1.96 -1.62
N GLU F 414 -63.58 -2.30 -0.33
CA GLU F 414 -63.36 -3.67 0.10
C GLU F 414 -64.64 -4.50 0.09
N GLU F 415 -65.76 -3.92 0.53
CA GLU F 415 -66.99 -4.70 0.70
C GLU F 415 -67.61 -5.07 -0.65
N LEU F 416 -67.43 -4.22 -1.66
CA LEU F 416 -67.85 -4.58 -3.01
C LEU F 416 -66.94 -5.66 -3.60
N ASP F 417 -65.70 -5.73 -3.12
CA ASP F 417 -64.83 -6.83 -3.53
C ASP F 417 -65.26 -8.15 -2.88
N ARG F 418 -65.62 -8.11 -1.59
CA ARG F 418 -66.07 -9.30 -0.90
C ARG F 418 -67.40 -9.81 -1.47
N LEU F 419 -68.38 -8.91 -1.60
CA LEU F 419 -69.68 -9.28 -2.17
C LEU F 419 -69.54 -9.66 -3.63
N ASP F 420 -68.63 -9.01 -4.36
CA ASP F 420 -68.44 -9.33 -5.77
C ASP F 420 -67.84 -10.72 -5.93
N ARG F 421 -66.89 -11.09 -5.06
CA ARG F 421 -66.31 -12.43 -5.15
C ARG F 421 -67.30 -13.51 -4.74
N ARG F 422 -68.15 -13.24 -3.73
CA ARG F 422 -69.11 -14.26 -3.34
C ARG F 422 -70.23 -14.41 -4.36
N ILE F 423 -70.60 -13.32 -5.05
CA ILE F 423 -71.63 -13.40 -6.08
C ILE F 423 -71.10 -14.09 -7.33
N ILE F 424 -69.86 -13.77 -7.73
CA ILE F 424 -69.23 -14.45 -8.86
C ILE F 424 -69.04 -15.93 -8.56
N GLN F 425 -68.73 -16.26 -7.30
CA GLN F 425 -68.57 -17.66 -6.92
C GLN F 425 -69.91 -18.40 -6.95
N LEU F 426 -70.99 -17.74 -6.53
CA LEU F 426 -72.28 -18.41 -6.52
C LEU F 426 -72.87 -18.53 -7.92
N LYS F 427 -72.54 -17.60 -8.82
CA LYS F 427 -73.06 -17.72 -10.18
C LYS F 427 -72.20 -18.66 -11.03
N LEU F 428 -70.92 -18.79 -10.69
CA LEU F 428 -70.12 -19.87 -11.29
C LEU F 428 -70.53 -21.22 -10.73
N GLU F 429 -71.09 -21.23 -9.50
CA GLU F 429 -71.77 -22.44 -9.04
C GLU F 429 -73.08 -22.65 -9.77
N GLN F 430 -73.73 -21.55 -10.19
CA GLN F 430 -75.00 -21.65 -10.90
C GLN F 430 -74.81 -22.24 -12.30
N GLN F 431 -73.72 -21.85 -12.99
CA GLN F 431 -73.38 -22.45 -14.28
C GLN F 431 -73.14 -23.94 -14.16
N ALA F 432 -72.58 -24.37 -13.02
CA ALA F 432 -72.38 -25.80 -12.80
C ALA F 432 -73.68 -26.50 -12.41
N LEU F 433 -74.62 -25.77 -11.81
CA LEU F 433 -75.83 -26.41 -11.29
C LEU F 433 -77.01 -26.32 -12.25
N MET F 434 -76.89 -25.61 -13.38
CA MET F 434 -77.94 -25.66 -14.38
C MET F 434 -77.95 -27.00 -15.11
N LYS F 435 -76.78 -27.44 -15.58
CA LYS F 435 -76.66 -28.77 -16.17
C LYS F 435 -76.64 -29.82 -15.08
N GLU F 436 -77.81 -30.20 -14.58
CA GLU F 436 -77.93 -31.06 -13.40
C GLU F 436 -78.08 -32.51 -13.84
N SER F 437 -77.65 -33.44 -12.99
CA SER F 437 -77.71 -34.86 -13.31
C SER F 437 -79.07 -35.44 -12.95
N ASP F 438 -79.46 -35.29 -11.68
CA ASP F 438 -80.73 -35.81 -11.17
C ASP F 438 -81.57 -34.61 -10.73
N GLU F 439 -82.67 -34.37 -11.45
CA GLU F 439 -83.46 -33.17 -11.23
C GLU F 439 -84.31 -33.29 -9.97
N ALA F 440 -84.54 -34.51 -9.49
CA ALA F 440 -85.46 -34.69 -8.35
C ALA F 440 -84.73 -34.56 -7.02
N SER F 441 -83.54 -35.16 -6.92
CA SER F 441 -82.84 -35.16 -5.64
C SER F 441 -82.10 -33.84 -5.39
N LYS F 442 -81.94 -33.03 -6.44
CA LYS F 442 -81.21 -31.77 -6.35
C LYS F 442 -82.14 -30.55 -6.26
N LYS F 443 -83.27 -30.65 -5.56
CA LYS F 443 -84.21 -29.54 -5.48
C LYS F 443 -83.73 -28.45 -4.53
N ARG F 444 -82.68 -28.74 -3.74
CA ARG F 444 -82.24 -27.97 -2.58
C ARG F 444 -81.80 -26.54 -2.89
N LEU F 445 -81.43 -26.24 -4.15
CA LEU F 445 -80.83 -24.94 -4.45
C LEU F 445 -81.83 -23.79 -4.56
N ASP F 446 -83.09 -23.98 -4.13
CA ASP F 446 -84.09 -22.92 -4.21
C ASP F 446 -83.76 -21.77 -3.26
N MET F 447 -83.27 -22.09 -2.06
CA MET F 447 -82.80 -21.06 -1.14
C MET F 447 -81.58 -20.33 -1.68
N LEU F 448 -80.75 -21.05 -2.45
CA LEU F 448 -79.61 -20.41 -3.11
C LEU F 448 -80.09 -19.50 -4.24
N ASN F 449 -81.23 -19.82 -4.84
CA ASN F 449 -81.78 -18.97 -5.89
C ASN F 449 -82.40 -17.70 -5.30
N GLU F 450 -83.14 -17.83 -4.19
CA GLU F 450 -83.76 -16.67 -3.57
C GLU F 450 -82.71 -15.75 -2.92
N GLU F 451 -81.78 -16.33 -2.16
CA GLU F 451 -80.69 -15.54 -1.59
C GLU F 451 -79.76 -15.01 -2.68
N LEU F 452 -79.67 -15.74 -3.80
CA LEU F 452 -78.90 -15.26 -4.95
C LEU F 452 -79.55 -14.02 -5.56
N SER F 453 -80.88 -14.02 -5.65
CA SER F 453 -81.59 -12.83 -6.13
C SER F 453 -81.47 -11.67 -5.15
N ASP F 454 -81.40 -11.97 -3.85
CA ASP F 454 -81.16 -10.93 -2.85
C ASP F 454 -79.77 -10.33 -3.00
N LYS F 455 -78.77 -11.18 -3.29
CA LYS F 455 -77.42 -10.68 -3.54
C LYS F 455 -77.34 -9.90 -4.85
N GLU F 456 -78.20 -10.23 -5.82
CA GLU F 456 -78.23 -9.43 -7.04
C GLU F 456 -78.86 -8.07 -6.81
N ARG F 457 -79.87 -8.01 -5.92
CA ARG F 457 -80.46 -6.72 -5.57
C ARG F 457 -79.49 -5.84 -4.80
N GLN F 458 -78.80 -6.41 -3.81
CA GLN F 458 -77.79 -5.67 -3.06
C GLN F 458 -76.61 -5.27 -3.94
N TYR F 459 -76.27 -6.13 -4.91
CA TYR F 459 -75.23 -5.79 -5.89
C TYR F 459 -75.65 -4.63 -6.76
N SER F 460 -76.93 -4.57 -7.13
CA SER F 460 -77.45 -3.43 -7.91
C SER F 460 -77.38 -2.14 -7.11
N GLU F 461 -77.70 -2.22 -5.81
CA GLU F 461 -77.65 -1.03 -4.96
C GLU F 461 -76.22 -0.53 -4.76
N LEU F 462 -75.29 -1.46 -4.44
CA LEU F 462 -73.91 -1.08 -4.18
C LEU F 462 -73.21 -0.59 -5.44
N GLU F 463 -73.50 -1.20 -6.59
CA GLU F 463 -72.89 -0.73 -7.84
C GLU F 463 -73.51 0.59 -8.28
N GLU F 464 -74.78 0.83 -7.95
CA GLU F 464 -75.38 2.14 -8.22
C GLU F 464 -74.71 3.23 -7.39
N GLU F 465 -74.40 2.92 -6.13
CA GLU F 465 -73.59 3.81 -5.30
C GLU F 465 -72.20 4.00 -5.90
N TRP F 466 -71.66 2.96 -6.53
CA TRP F 466 -70.33 3.03 -7.14
C TRP F 466 -70.32 3.98 -8.33
N LYS F 467 -71.37 3.93 -9.17
CA LYS F 467 -71.48 4.87 -10.29
C LYS F 467 -71.68 6.31 -9.80
N ALA F 468 -72.44 6.49 -8.71
CA ALA F 468 -72.64 7.84 -8.17
C ALA F 468 -71.33 8.44 -7.65
N GLU F 469 -70.57 7.66 -6.89
CA GLU F 469 -69.31 8.15 -6.34
C GLU F 469 -68.27 8.36 -7.43
N LYS F 470 -68.32 7.55 -8.50
CA LYS F 470 -67.46 7.81 -9.66
C LYS F 470 -67.85 9.09 -10.38
N ALA F 471 -69.14 9.45 -10.35
CA ALA F 471 -69.56 10.71 -10.97
C ALA F 471 -69.04 11.92 -10.19
N SER F 472 -69.19 11.90 -8.86
CA SER F 472 -68.72 13.02 -8.05
C SER F 472 -67.19 13.14 -8.07
N LEU F 473 -66.50 11.99 -7.96
CA LEU F 473 -65.04 12.00 -7.99
C LEU F 473 -64.49 12.37 -9.36
N SER F 474 -65.22 12.01 -10.42
CA SER F 474 -64.83 12.42 -11.77
C SER F 474 -64.99 13.92 -11.94
N GLY F 475 -66.04 14.51 -11.34
CA GLY F 475 -66.18 15.96 -11.34
C GLY F 475 -65.04 16.65 -10.61
N THR F 476 -64.60 16.06 -9.48
CA THR F 476 -63.43 16.60 -8.76
C THR F 476 -62.16 16.52 -9.60
N GLN F 477 -62.00 15.44 -10.37
CA GLN F 477 -60.87 15.32 -11.30
C GLN F 477 -60.92 16.39 -12.38
N THR F 478 -62.10 16.67 -12.91
CA THR F 478 -62.22 17.69 -13.97
C THR F 478 -61.89 19.08 -13.45
N ILE F 479 -62.36 19.43 -12.25
CA ILE F 479 -62.08 20.78 -11.74
C ILE F 479 -60.63 20.93 -11.30
N LYS F 480 -60.00 19.83 -10.86
CA LYS F 480 -58.58 19.91 -10.52
C LYS F 480 -57.70 20.03 -11.76
N ALA F 481 -58.03 19.28 -12.82
CA ALA F 481 -57.26 19.36 -14.06
C ALA F 481 -57.42 20.72 -14.72
N GLU F 482 -58.64 21.28 -14.68
CA GLU F 482 -58.86 22.65 -15.13
C GLU F 482 -58.10 23.65 -14.27
N LEU F 483 -57.89 23.34 -12.99
CA LEU F 483 -57.15 24.25 -12.12
C LEU F 483 -55.67 24.28 -12.48
N GLU F 484 -55.04 23.11 -12.66
CA GLU F 484 -53.61 23.09 -12.97
C GLU F 484 -53.31 23.57 -14.39
N GLN F 485 -54.18 23.21 -15.35
CA GLN F 485 -54.04 23.77 -16.71
C GLN F 485 -54.25 25.28 -16.71
N ALA F 486 -55.17 25.77 -15.86
CA ALA F 486 -55.44 27.20 -15.84
C ALA F 486 -54.37 27.96 -15.08
N LYS F 487 -53.54 27.26 -14.29
CA LYS F 487 -52.49 27.98 -13.58
C LYS F 487 -51.12 27.82 -14.21
N ILE F 488 -50.92 26.75 -14.99
CA ILE F 488 -49.86 26.81 -16.00
C ILE F 488 -50.19 27.91 -17.00
N ALA F 489 -51.47 28.02 -17.35
CA ALA F 489 -51.93 29.10 -18.22
C ALA F 489 -51.88 30.45 -17.51
N ILE F 490 -51.89 30.45 -16.17
CA ILE F 490 -51.76 31.73 -15.48
C ILE F 490 -50.28 32.08 -15.32
N GLU F 491 -49.40 31.06 -15.39
CA GLU F 491 -47.98 31.34 -15.40
C GLU F 491 -47.52 31.77 -16.79
N GLN F 492 -48.28 31.41 -17.82
CA GLN F 492 -48.05 32.01 -19.13
C GLN F 492 -48.76 33.36 -19.21
N ALA F 493 -49.81 33.55 -18.42
CA ALA F 493 -50.45 34.85 -18.33
C ALA F 493 -49.58 35.83 -17.55
N ARG F 494 -48.68 35.30 -16.71
CA ARG F 494 -47.61 36.13 -16.16
C ARG F 494 -46.63 36.54 -17.25
N ARG F 495 -46.47 35.71 -18.27
CA ARG F 495 -45.49 36.01 -19.33
C ARG F 495 -46.04 37.03 -20.31
N VAL F 496 -47.31 36.92 -20.68
CA VAL F 496 -47.83 37.86 -21.69
C VAL F 496 -48.50 39.07 -21.04
N GLY F 497 -49.42 38.86 -20.10
CA GLY F 497 -50.05 39.97 -19.41
C GLY F 497 -51.05 40.80 -20.19
N ASP F 498 -52.23 40.28 -20.47
CA ASP F 498 -53.31 41.03 -21.10
C ASP F 498 -54.25 41.50 -20.00
N LEU F 499 -54.78 42.73 -20.14
CA LEU F 499 -55.52 43.36 -19.05
C LEU F 499 -56.90 42.72 -18.84
N ALA F 500 -57.72 42.71 -19.90
CA ALA F 500 -59.12 42.33 -19.74
C ALA F 500 -59.28 40.84 -19.50
N ARG F 501 -58.37 40.03 -20.04
CA ARG F 501 -58.48 38.58 -19.85
C ARG F 501 -58.05 38.17 -18.44
N MET F 502 -57.01 38.82 -17.89
CA MET F 502 -56.65 38.57 -16.51
C MET F 502 -57.71 39.09 -15.54
N SER F 503 -58.36 40.20 -15.90
CA SER F 503 -59.44 40.71 -15.06
C SER F 503 -60.66 39.80 -15.08
N GLU F 504 -60.99 39.24 -16.24
CA GLU F 504 -62.16 38.36 -16.32
C GLU F 504 -61.84 36.96 -15.80
N LEU F 505 -60.55 36.63 -15.68
CA LEU F 505 -60.19 35.37 -15.03
C LEU F 505 -60.23 35.50 -13.51
N GLN F 506 -59.41 36.40 -12.94
CA GLN F 506 -59.31 36.47 -11.49
C GLN F 506 -60.56 37.09 -10.88
N TYR F 507 -61.28 37.90 -11.65
CA TYR F 507 -62.62 38.29 -11.24
C TYR F 507 -63.66 37.41 -11.92
N GLY F 508 -63.20 36.40 -12.65
CA GLY F 508 -64.06 35.53 -13.44
C GLY F 508 -64.13 34.10 -12.95
N LYS F 509 -63.35 33.23 -13.60
CA LYS F 509 -63.59 31.79 -13.52
C LYS F 509 -63.09 31.19 -12.21
N ILE F 510 -62.05 31.79 -11.63
CA ILE F 510 -61.36 31.25 -10.45
C ILE F 510 -62.21 31.16 -9.18
N PRO F 511 -62.93 32.21 -8.71
CA PRO F 511 -63.69 32.03 -7.46
C PRO F 511 -64.91 31.12 -7.61
N GLU F 512 -65.40 30.91 -8.84
CA GLU F 512 -66.46 29.94 -9.05
C GLU F 512 -65.96 28.53 -8.80
N LEU F 513 -64.79 28.20 -9.35
CA LEU F 513 -64.19 26.90 -9.10
C LEU F 513 -63.69 26.77 -7.67
N GLU F 514 -63.42 27.89 -7.00
CA GLU F 514 -63.09 27.82 -5.58
C GLU F 514 -64.33 27.49 -4.74
N LYS F 515 -65.47 28.13 -5.03
CA LYS F 515 -66.65 27.90 -4.19
C LYS F 515 -67.29 26.55 -4.49
N GLN F 516 -67.26 26.09 -5.75
CA GLN F 516 -67.75 24.74 -6.01
C GLN F 516 -66.69 23.70 -5.67
N LEU F 517 -65.43 24.13 -5.56
CA LEU F 517 -64.38 23.24 -5.04
C LEU F 517 -64.60 22.93 -3.58
N GLU F 518 -64.68 23.97 -2.73
CA GLU F 518 -64.86 23.75 -1.30
C GLU F 518 -66.25 23.23 -0.99
N ALA F 519 -67.24 23.62 -1.80
CA ALA F 519 -68.57 23.02 -1.68
C ALA F 519 -68.54 21.55 -2.07
N ALA F 520 -67.66 21.18 -3.00
CA ALA F 520 -67.51 19.78 -3.36
C ALA F 520 -66.79 19.00 -2.27
N THR F 521 -65.86 19.65 -1.54
CA THR F 521 -65.16 18.94 -0.48
C THR F 521 -66.04 18.75 0.75
N GLN F 522 -66.87 19.76 1.08
CA GLN F 522 -67.80 19.56 2.19
C GLN F 522 -68.96 18.66 1.76
N LEU F 523 -69.25 18.61 0.45
CA LEU F 523 -70.21 17.64 -0.06
C LEU F 523 -69.64 16.22 0.03
N GLU F 524 -68.32 16.09 -0.13
CA GLU F 524 -67.65 14.84 0.19
C GLU F 524 -67.67 14.56 1.68
N GLY F 525 -67.73 15.62 2.49
CA GLY F 525 -67.95 15.43 3.92
C GLY F 525 -69.38 15.08 4.25
N LYS F 526 -70.29 15.24 3.28
CA LYS F 526 -71.70 14.91 3.52
C LYS F 526 -72.04 13.50 3.04
N THR F 527 -71.81 13.21 1.76
CA THR F 527 -72.39 12.00 1.20
C THR F 527 -71.35 10.96 0.78
N MET F 528 -70.08 11.33 0.65
CA MET F 528 -69.04 10.39 0.25
C MET F 528 -68.66 9.56 1.47
N ARG F 529 -69.46 8.55 1.75
CA ARG F 529 -69.26 7.67 2.88
C ARG F 529 -68.06 6.74 2.64
N LEU F 530 -67.96 6.20 1.43
CA LEU F 530 -66.99 5.15 1.17
C LEU F 530 -65.60 5.72 0.90
N LEU F 531 -65.51 6.69 -0.01
CA LEU F 531 -64.23 7.26 -0.41
C LEU F 531 -64.03 8.64 0.20
N ARG F 532 -62.83 8.85 0.76
CA ARG F 532 -62.41 10.16 1.26
C ARG F 532 -61.11 10.53 0.58
N ASN F 533 -61.14 11.59 -0.22
CA ASN F 533 -59.94 12.00 -0.94
C ASN F 533 -58.93 12.71 -0.03
N LYS F 534 -59.41 13.33 1.05
CA LYS F 534 -58.53 14.04 1.97
C LYS F 534 -57.83 13.03 2.87
N VAL F 535 -56.58 13.33 3.21
CA VAL F 535 -55.82 12.50 4.12
C VAL F 535 -55.30 13.39 5.25
N THR F 536 -54.72 12.75 6.26
CA THR F 536 -54.17 13.44 7.41
C THR F 536 -52.70 13.08 7.54
N ASP F 537 -52.11 13.47 8.66
CA ASP F 537 -50.70 13.19 8.92
C ASP F 537 -50.47 11.72 9.28
N ALA F 538 -51.54 11.00 9.63
CA ALA F 538 -51.39 9.62 10.09
C ALA F 538 -51.00 8.68 8.96
N GLU F 539 -51.49 8.95 7.74
CA GLU F 539 -51.11 8.14 6.58
C GLU F 539 -49.65 8.33 6.24
N ILE F 540 -49.17 9.57 6.25
CA ILE F 540 -47.77 9.88 5.97
C ILE F 540 -46.88 9.30 7.05
N ALA F 541 -47.36 9.31 8.30
CA ALA F 541 -46.65 8.70 9.41
C ALA F 541 -46.53 7.19 9.24
N GLU F 542 -47.58 6.55 8.70
CA GLU F 542 -47.48 5.12 8.40
C GLU F 542 -46.50 4.87 7.26
N VAL F 543 -46.42 5.78 6.29
CA VAL F 543 -45.52 5.55 5.15
C VAL F 543 -44.05 5.69 5.56
N LEU F 544 -43.73 6.72 6.34
CA LEU F 544 -42.36 6.84 6.85
C LEU F 544 -42.04 5.74 7.86
N ALA F 545 -43.06 5.27 8.59
CA ALA F 545 -42.93 4.10 9.45
C ALA F 545 -42.64 2.84 8.63
N ARG F 546 -43.05 2.82 7.37
CA ARG F 546 -42.68 1.71 6.49
C ARG F 546 -41.29 1.90 5.89
N TRP F 547 -40.82 3.15 5.77
CA TRP F 547 -39.46 3.36 5.29
C TRP F 547 -38.42 2.94 6.31
N THR F 548 -38.46 3.55 7.51
CA THR F 548 -37.37 3.33 8.46
C THR F 548 -37.44 1.94 9.08
N GLY F 549 -38.65 1.48 9.41
CA GLY F 549 -38.86 0.20 10.05
C GLY F 549 -39.38 0.29 11.46
N ILE F 550 -39.59 1.49 11.99
CA ILE F 550 -40.14 1.63 13.34
C ILE F 550 -41.67 1.65 13.25
N PRO F 551 -42.42 1.25 14.29
CA PRO F 551 -43.87 1.11 14.13
C PRO F 551 -44.61 2.44 14.10
N VAL F 552 -45.95 2.33 14.02
CA VAL F 552 -46.84 3.48 13.91
C VAL F 552 -47.25 4.03 15.28
N SER F 553 -47.54 3.14 16.25
CA SER F 553 -48.03 3.58 17.55
C SER F 553 -46.93 4.28 18.34
N ARG F 554 -45.68 3.85 18.19
CA ARG F 554 -44.56 4.46 18.92
C ARG F 554 -44.29 5.88 18.45
N MET F 555 -44.65 6.20 17.21
CA MET F 555 -44.44 7.53 16.66
C MET F 555 -45.40 8.52 17.31
N MET F 556 -46.55 8.03 17.78
CA MET F 556 -47.50 8.88 18.48
C MET F 556 -48.07 8.21 19.74
N GLU F 557 -47.21 7.67 20.60
CA GLU F 557 -47.62 7.31 21.95
C GLU F 557 -47.91 8.54 22.78
N SER F 558 -48.69 8.40 23.85
CA SER F 558 -48.83 9.48 24.81
C SER F 558 -47.55 9.56 25.63
N GLU F 559 -46.66 10.51 25.30
CA GLU F 559 -45.33 10.54 25.88
C GLU F 559 -45.37 11.03 27.33
N ARG F 560 -46.34 11.89 27.64
CA ARG F 560 -46.52 12.34 29.02
C ARG F 560 -47.01 11.19 29.89
N GLU F 561 -47.76 10.25 29.31
CA GLU F 561 -48.29 9.13 30.09
C GLU F 561 -47.17 8.15 30.47
N LYS F 562 -46.25 7.89 29.55
CA LYS F 562 -45.13 6.99 29.88
C LYS F 562 -44.06 7.72 30.68
N LEU F 563 -43.98 9.06 30.54
CA LEU F 563 -43.16 9.85 31.45
C LEU F 563 -43.74 9.87 32.86
N LEU F 564 -45.05 9.62 32.98
CA LEU F 564 -45.63 9.45 34.31
C LEU F 564 -45.46 8.02 34.83
N ARG F 565 -45.57 7.01 33.97
CA ARG F 565 -45.36 5.64 34.43
C ARG F 565 -43.96 5.13 34.13
N MET F 566 -42.98 6.04 34.13
CA MET F 566 -41.56 5.65 34.06
C MET F 566 -41.17 4.80 35.26
N GLU F 567 -41.72 5.13 36.43
CA GLU F 567 -41.48 4.33 37.63
C GLU F 567 -42.10 2.95 37.51
N GLN F 568 -43.30 2.85 36.91
CA GLN F 568 -43.94 1.55 36.76
C GLN F 568 -43.23 0.69 35.73
N GLU F 569 -42.77 1.32 34.65
CA GLU F 569 -42.00 0.60 33.63
C GLU F 569 -40.61 0.21 34.16
N LEU F 570 -40.11 0.90 35.19
CA LEU F 570 -38.91 0.40 35.86
C LEU F 570 -39.26 -0.67 36.90
N HIS F 571 -40.48 -0.67 37.43
CA HIS F 571 -40.90 -1.74 38.33
C HIS F 571 -41.29 -3.01 37.59
N HIS F 572 -41.44 -2.96 36.26
CA HIS F 572 -41.73 -4.18 35.50
C HIS F 572 -40.56 -5.16 35.52
N ARG F 573 -39.32 -4.65 35.45
CA ARG F 573 -38.19 -5.56 35.39
C ARG F 573 -37.22 -5.40 36.56
N VAL F 574 -36.97 -4.18 37.02
CA VAL F 574 -36.17 -3.97 38.23
C VAL F 574 -37.08 -4.13 39.43
N ILE F 575 -36.71 -5.03 40.34
CA ILE F 575 -37.56 -5.45 41.44
C ILE F 575 -37.31 -4.52 42.62
N GLY F 576 -38.39 -4.14 43.32
CA GLY F 576 -38.31 -3.28 44.47
C GLY F 576 -37.83 -1.90 44.10
N GLN F 577 -36.98 -1.35 44.98
CA GLN F 577 -36.21 -0.12 44.74
C GLN F 577 -37.12 1.08 44.54
N ASN F 578 -37.96 1.37 45.54
CA ASN F 578 -38.96 2.42 45.41
C ASN F 578 -38.33 3.80 45.35
N GLU F 579 -37.52 4.15 46.35
CA GLU F 579 -36.82 5.44 46.37
C GLU F 579 -35.85 5.55 45.20
N ALA F 580 -35.33 4.41 44.73
CA ALA F 580 -34.41 4.41 43.60
C ALA F 580 -35.10 4.80 42.30
N VAL F 581 -36.15 4.09 41.89
CA VAL F 581 -36.76 4.39 40.60
C VAL F 581 -37.62 5.65 40.70
N ASP F 582 -38.04 6.01 41.92
CA ASP F 582 -38.72 7.28 42.12
C ASP F 582 -37.76 8.45 41.95
N ALA F 583 -36.59 8.38 42.60
CA ALA F 583 -35.65 9.49 42.52
C ALA F 583 -34.97 9.55 41.15
N VAL F 584 -34.62 8.39 40.60
CA VAL F 584 -34.03 8.34 39.26
C VAL F 584 -35.03 8.82 38.22
N SER F 585 -36.26 8.29 38.27
CA SER F 585 -37.24 8.59 37.22
C SER F 585 -37.75 10.03 37.33
N ASN F 586 -37.98 10.50 38.56
CA ASN F 586 -38.39 11.89 38.75
C ASN F 586 -37.23 12.84 38.41
N ALA F 587 -36.00 12.38 38.62
CA ALA F 587 -34.85 13.18 38.19
C ALA F 587 -34.72 13.18 36.67
N ILE F 588 -35.23 12.13 36.03
CA ILE F 588 -35.36 12.16 34.57
C ILE F 588 -36.48 13.13 34.19
N ARG F 589 -37.47 13.31 35.06
CA ARG F 589 -38.52 14.29 34.77
C ARG F 589 -37.98 15.72 34.84
N ARG F 590 -37.33 16.10 35.94
CA ARG F 590 -36.85 17.48 36.01
C ARG F 590 -35.52 17.67 35.28
N SER F 591 -34.89 16.60 34.80
CA SER F 591 -33.68 16.77 34.01
C SER F 591 -34.03 16.84 32.52
N ARG F 592 -34.98 16.01 32.06
CA ARG F 592 -35.48 16.12 30.70
C ARG F 592 -36.45 17.29 30.56
N ALA F 593 -36.79 17.94 31.68
CA ALA F 593 -37.66 19.10 31.64
C ALA F 593 -37.06 20.29 30.89
N GLY F 594 -35.74 20.35 30.80
CA GLY F 594 -35.06 21.51 30.27
C GLY F 594 -34.83 22.61 31.28
N LEU F 595 -35.47 22.51 32.46
CA LEU F 595 -35.17 23.41 33.56
C LEU F 595 -33.81 23.09 34.18
N ALA F 596 -33.35 21.86 34.03
CA ALA F 596 -31.99 21.50 34.39
C ALA F 596 -31.01 22.11 33.40
N ASP F 597 -29.78 22.24 33.84
CA ASP F 597 -28.74 22.88 33.05
C ASP F 597 -28.31 21.93 31.92
N PRO F 598 -28.30 22.39 30.67
CA PRO F 598 -27.66 21.59 29.60
C PRO F 598 -26.15 21.62 29.67
N ASN F 599 -25.55 22.46 30.53
CA ASN F 599 -24.16 22.34 30.93
C ASN F 599 -23.98 21.32 32.05
N ARG F 600 -25.04 20.58 32.35
CA ARG F 600 -25.02 19.47 33.28
C ARG F 600 -25.62 18.27 32.57
N PRO F 601 -25.19 17.06 32.90
CA PRO F 601 -25.70 15.88 32.20
C PRO F 601 -27.11 15.52 32.65
N ILE F 602 -27.59 14.39 32.11
CA ILE F 602 -28.95 13.92 32.36
C ILE F 602 -29.05 13.39 33.80
N GLY F 603 -28.11 12.55 34.21
CA GLY F 603 -28.13 11.99 35.55
C GLY F 603 -26.92 12.42 36.35
N SER F 604 -27.17 12.83 37.59
CA SER F 604 -26.12 13.27 38.50
C SER F 604 -26.45 12.81 39.92
N PHE F 605 -25.75 11.78 40.38
CA PHE F 605 -26.05 11.17 41.68
C PHE F 605 -24.75 10.65 42.30
N LEU F 606 -24.93 9.77 43.28
CA LEU F 606 -23.86 8.94 43.84
C LEU F 606 -24.50 7.66 44.34
N PHE F 607 -24.32 6.55 43.62
CA PHE F 607 -25.01 5.31 43.93
C PHE F 607 -24.12 4.43 44.81
N LEU F 608 -24.42 4.43 46.10
CA LEU F 608 -23.73 3.64 47.09
C LEU F 608 -24.35 2.25 47.17
N GLY F 609 -23.53 1.28 47.54
CA GLY F 609 -24.04 -0.03 47.83
C GLY F 609 -23.60 -1.12 46.87
N PRO F 610 -24.47 -2.11 46.67
CA PRO F 610 -24.03 -3.41 46.18
C PRO F 610 -23.80 -3.48 44.68
N THR F 611 -23.64 -4.71 44.19
CA THR F 611 -23.72 -5.02 42.77
C THR F 611 -24.69 -6.19 42.58
N GLY F 612 -25.45 -6.13 41.49
CA GLY F 612 -26.37 -7.20 41.18
C GLY F 612 -27.71 -7.13 41.90
N VAL F 613 -27.90 -6.16 42.81
CA VAL F 613 -29.21 -5.96 43.41
C VAL F 613 -30.12 -5.12 42.53
N GLY F 614 -29.67 -4.73 41.34
CA GLY F 614 -30.52 -4.04 40.41
C GLY F 614 -29.85 -2.89 39.69
N LYS F 615 -28.59 -2.59 40.03
CA LYS F 615 -27.87 -1.50 39.39
C LYS F 615 -27.66 -1.78 37.90
N THR F 616 -27.10 -2.94 37.56
CA THR F 616 -26.98 -3.35 36.16
C THR F 616 -28.36 -3.55 35.54
N GLU F 617 -29.33 -3.95 36.37
CA GLU F 617 -30.70 -4.09 35.90
C GLU F 617 -31.33 -2.73 35.61
N LEU F 618 -30.93 -1.71 36.37
CA LEU F 618 -31.47 -0.37 36.11
C LEU F 618 -30.72 0.29 34.96
N CYS F 619 -29.49 -0.16 34.71
CA CYS F 619 -28.73 0.39 33.58
C CYS F 619 -29.22 -0.22 32.27
N LYS F 620 -29.49 -1.52 32.26
CA LYS F 620 -30.11 -2.15 31.10
C LYS F 620 -31.55 -1.69 30.95
N ALA F 621 -32.26 -1.57 32.07
CA ALA F 621 -33.65 -1.14 32.06
C ALA F 621 -33.80 0.28 31.56
N LEU F 622 -32.89 1.16 31.97
CA LEU F 622 -33.06 2.58 31.70
C LEU F 622 -32.38 2.96 30.38
N ALA F 623 -31.26 2.31 30.07
CA ALA F 623 -30.63 2.50 28.76
C ALA F 623 -31.51 1.93 27.66
N ASN F 624 -32.07 0.75 27.90
CA ASN F 624 -33.02 0.18 26.95
C ASN F 624 -34.32 0.96 26.95
N PHE F 625 -34.63 1.62 28.07
CA PHE F 625 -35.86 2.37 28.17
C PHE F 625 -35.79 3.65 27.33
N MET F 626 -34.83 4.52 27.64
CA MET F 626 -34.76 5.80 26.92
C MET F 626 -34.07 5.63 25.58
N PHE F 627 -32.89 5.02 25.57
CA PHE F 627 -32.08 5.03 24.36
C PHE F 627 -32.29 3.80 23.49
N ASP F 628 -33.37 3.04 23.75
CA ASP F 628 -33.83 1.90 22.96
C ASP F 628 -32.77 0.81 22.83
N SER F 629 -31.91 0.63 23.83
CA SER F 629 -30.75 -0.22 23.64
C SER F 629 -30.22 -0.70 24.98
N ASP F 630 -30.17 -2.02 25.15
CA ASP F 630 -29.35 -2.60 26.22
C ASP F 630 -27.86 -2.40 25.95
N GLU F 631 -27.47 -2.25 24.69
CA GLU F 631 -26.09 -1.89 24.36
C GLU F 631 -25.75 -0.45 24.72
N ALA F 632 -26.75 0.37 25.08
CA ALA F 632 -26.49 1.71 25.54
C ALA F 632 -26.00 1.75 26.98
N MET F 633 -25.95 0.61 27.68
CA MET F 633 -25.27 0.51 28.96
C MET F 633 -23.76 0.52 28.77
N VAL F 634 -23.11 1.50 29.39
CA VAL F 634 -21.66 1.70 29.26
C VAL F 634 -21.03 1.52 30.64
N ARG F 635 -20.56 0.30 30.91
CA ARG F 635 -20.02 -0.05 32.23
C ARG F 635 -18.53 0.24 32.30
N ILE F 636 -18.13 0.97 33.35
CA ILE F 636 -16.73 1.31 33.59
C ILE F 636 -16.41 1.06 35.05
N ASP F 637 -15.41 0.21 35.29
CA ASP F 637 -14.89 -0.02 36.63
C ASP F 637 -13.75 0.95 36.88
N MET F 638 -13.94 1.86 37.82
CA MET F 638 -12.89 2.80 38.19
C MET F 638 -11.91 2.22 39.20
N SER F 639 -12.11 0.97 39.63
CA SER F 639 -11.18 0.33 40.54
C SER F 639 -9.88 -0.08 39.87
N GLU F 640 -9.90 -0.26 38.55
CA GLU F 640 -8.75 -0.78 37.83
C GLU F 640 -7.68 0.27 37.56
N PHE F 641 -7.96 1.53 37.86
CA PHE F 641 -7.17 2.65 37.34
C PHE F 641 -6.50 3.39 38.51
N MET F 642 -5.26 2.99 38.80
CA MET F 642 -4.61 3.40 40.04
C MET F 642 -3.32 4.19 39.83
N GLU F 643 -2.43 3.73 38.95
CA GLU F 643 -1.07 4.26 38.92
C GLU F 643 -1.00 5.63 38.24
N LYS F 644 0.23 6.10 38.06
CA LYS F 644 0.43 7.39 37.39
C LYS F 644 0.17 7.26 35.90
N HIS F 645 0.41 6.07 35.35
CA HIS F 645 0.14 5.83 33.93
C HIS F 645 -1.33 5.57 33.65
N SER F 646 -2.15 5.46 34.71
CA SER F 646 -3.57 5.16 34.54
C SER F 646 -4.29 6.25 33.77
N VAL F 647 -3.88 7.51 33.95
CA VAL F 647 -4.47 8.61 33.18
C VAL F 647 -4.06 8.51 31.71
N SER F 648 -2.90 7.90 31.44
CA SER F 648 -2.49 7.62 30.08
C SER F 648 -3.11 6.32 29.57
N ARG F 649 -3.85 5.61 30.44
CA ARG F 649 -4.50 4.37 30.01
C ARG F 649 -5.99 4.56 29.75
N LEU F 650 -6.69 5.31 30.60
CA LEU F 650 -8.12 5.54 30.30
C LEU F 650 -8.37 6.97 29.82
N VAL F 651 -7.56 7.94 30.26
CA VAL F 651 -7.80 9.30 29.82
C VAL F 651 -7.32 9.46 28.38
N GLY F 652 -6.26 8.77 28.02
CA GLY F 652 -5.71 8.87 26.69
C GLY F 652 -4.23 9.15 26.79
N ALA F 653 -3.46 8.36 26.07
CA ALA F 653 -2.03 8.33 26.21
C ALA F 653 -1.39 9.60 25.65
N PRO F 654 -0.10 9.83 25.92
CA PRO F 654 0.68 10.70 25.06
C PRO F 654 0.72 10.15 23.65
N PRO F 655 0.92 11.00 22.65
CA PRO F 655 1.38 10.47 21.37
C PRO F 655 2.78 9.91 21.57
N GLY F 656 2.83 8.59 21.72
CA GLY F 656 3.95 7.92 22.35
C GLY F 656 3.61 6.85 23.37
N TYR F 657 2.40 6.29 23.32
CA TYR F 657 2.06 5.04 24.00
C TYR F 657 0.95 4.38 23.19
N VAL F 658 0.76 3.06 23.42
CA VAL F 658 -0.13 2.23 22.60
C VAL F 658 -1.57 2.72 22.64
N GLY F 659 -1.99 3.33 23.76
CA GLY F 659 -3.37 3.75 23.89
C GLY F 659 -3.63 5.21 23.51
N TYR F 660 -2.91 5.72 22.50
CA TYR F 660 -3.15 7.09 22.06
C TYR F 660 -4.26 7.18 21.02
N GLU F 661 -4.07 6.55 19.85
CA GLU F 661 -5.16 6.47 18.88
C GLU F 661 -6.12 5.35 19.23
N GLU F 662 -5.60 4.33 19.92
CA GLU F 662 -6.46 3.40 20.66
C GLU F 662 -7.31 4.16 21.66
N GLY F 663 -6.75 5.19 22.29
CA GLY F 663 -7.53 6.15 23.04
C GLY F 663 -8.02 5.63 24.38
N GLY F 664 -9.26 5.98 24.66
CA GLY F 664 -9.92 5.55 25.87
C GLY F 664 -11.14 4.70 25.58
N TYR F 665 -11.86 4.35 26.63
CA TYR F 665 -13.05 3.51 26.48
C TYR F 665 -14.32 4.35 26.56
N LEU F 666 -14.29 5.42 27.37
CA LEU F 666 -15.49 6.22 27.60
C LEU F 666 -15.74 7.20 26.47
N THR F 667 -14.71 7.98 26.10
CA THR F 667 -14.88 9.01 25.08
C THR F 667 -15.09 8.36 23.71
N GLU F 668 -14.48 7.19 23.50
CA GLU F 668 -14.74 6.42 22.29
C GLU F 668 -16.11 5.75 22.36
N ALA F 669 -16.50 5.30 23.56
CA ALA F 669 -17.75 4.55 23.71
C ALA F 669 -18.96 5.44 23.53
N VAL F 670 -18.85 6.71 23.91
CA VAL F 670 -19.97 7.62 23.70
C VAL F 670 -19.69 8.48 22.47
N ARG F 671 -18.47 8.42 21.95
CA ARG F 671 -18.18 8.90 20.61
C ARG F 671 -18.97 8.13 19.56
N ARG F 672 -18.81 6.81 19.54
CA ARG F 672 -19.50 5.98 18.56
C ARG F 672 -21.00 5.97 18.81
N ARG F 673 -21.40 5.79 20.06
CA ARG F 673 -22.82 5.74 20.43
C ARG F 673 -23.10 6.81 21.47
N PRO F 674 -23.45 8.04 21.06
CA PRO F 674 -23.86 9.07 22.04
C PRO F 674 -25.15 8.72 22.76
N TYR F 675 -26.01 7.94 22.11
CA TYR F 675 -27.24 7.44 22.73
C TYR F 675 -26.82 6.33 23.69
N SER F 676 -26.52 6.69 24.94
CA SER F 676 -25.90 5.74 25.86
C SER F 676 -26.23 6.11 27.30
N VAL F 677 -26.02 5.14 28.18
CA VAL F 677 -26.01 5.37 29.63
C VAL F 677 -24.66 4.94 30.17
N ILE F 678 -23.92 5.89 30.72
CA ILE F 678 -22.57 5.67 31.22
C ILE F 678 -22.67 5.19 32.66
N LEU F 679 -22.12 4.01 32.93
CA LEU F 679 -22.08 3.44 34.27
C LEU F 679 -20.64 3.49 34.77
N LEU F 680 -20.44 4.07 35.94
CA LEU F 680 -19.15 4.04 36.62
C LEU F 680 -19.27 3.09 37.80
N ASP F 681 -18.37 2.11 37.87
CA ASP F 681 -18.36 1.17 38.98
C ASP F 681 -17.22 1.49 39.93
N ALA F 682 -17.60 1.76 41.20
CA ALA F 682 -16.70 2.10 42.31
C ALA F 682 -15.84 3.30 41.95
N VAL F 683 -16.49 4.46 41.81
CA VAL F 683 -15.87 5.67 41.28
C VAL F 683 -14.74 6.22 42.14
N GLU F 684 -14.78 5.99 43.45
CA GLU F 684 -13.91 6.72 44.38
C GLU F 684 -12.47 6.21 44.32
N LYS F 685 -12.22 5.14 43.58
CA LYS F 685 -10.86 4.60 43.52
C LYS F 685 -10.02 5.20 42.39
N ALA F 686 -10.59 6.07 41.56
CA ALA F 686 -9.87 6.58 40.41
C ALA F 686 -8.83 7.62 40.84
N HIS F 687 -7.98 8.01 39.90
CA HIS F 687 -6.93 8.98 40.14
C HIS F 687 -7.55 10.35 40.42
N PRO F 688 -6.88 11.21 41.20
CA PRO F 688 -7.43 12.56 41.43
C PRO F 688 -7.50 13.42 40.18
N ASP F 689 -6.68 13.15 39.16
CA ASP F 689 -6.82 13.86 37.90
C ASP F 689 -8.03 13.37 37.11
N VAL F 690 -8.37 12.09 37.24
CA VAL F 690 -9.65 11.59 36.73
C VAL F 690 -10.79 12.17 37.56
N PHE F 691 -10.53 12.45 38.84
CA PHE F 691 -11.52 13.15 39.65
C PHE F 691 -11.66 14.60 39.21
N ASN F 692 -10.63 15.16 38.57
CA ASN F 692 -10.76 16.50 38.03
C ASN F 692 -11.60 16.51 36.77
N ILE F 693 -11.43 15.52 35.89
CA ILE F 693 -12.19 15.53 34.64
C ILE F 693 -13.62 15.06 34.89
N LEU F 694 -13.83 14.24 35.92
CA LEU F 694 -15.20 13.91 36.31
C LEU F 694 -15.82 15.07 37.10
N LEU F 695 -14.98 15.87 37.76
CA LEU F 695 -15.44 17.14 38.30
C LEU F 695 -15.79 18.11 37.18
N GLN F 696 -15.20 17.92 36.00
CA GLN F 696 -15.53 18.76 34.86
C GLN F 696 -16.73 18.24 34.10
N VAL F 697 -17.08 16.95 34.26
CA VAL F 697 -18.33 16.49 33.66
C VAL F 697 -19.50 16.69 34.62
N LEU F 698 -19.21 16.98 35.90
CA LEU F 698 -20.28 17.41 36.79
C LEU F 698 -20.38 18.93 36.88
N ASP F 699 -19.30 19.64 36.53
CA ASP F 699 -19.33 21.10 36.53
C ASP F 699 -19.59 21.68 35.14
N ASP F 700 -18.72 21.37 34.18
CA ASP F 700 -18.74 22.08 32.90
C ASP F 700 -19.72 21.47 31.89
N GLY F 701 -19.72 20.15 31.73
CA GLY F 701 -20.68 19.51 30.86
C GLY F 701 -20.13 18.70 29.70
N ARG F 702 -18.81 18.65 29.53
CA ARG F 702 -18.19 17.81 28.50
C ARG F 702 -16.91 17.19 29.05
N LEU F 703 -16.45 16.13 28.39
CA LEU F 703 -15.26 15.42 28.85
C LEU F 703 -14.15 15.62 27.83
N THR F 704 -12.92 15.72 28.33
CA THR F 704 -11.72 15.86 27.50
C THR F 704 -10.86 14.61 27.67
N ASP F 705 -10.49 13.99 26.55
CA ASP F 705 -9.67 12.79 26.59
C ASP F 705 -8.25 13.10 26.14
N GLY F 706 -7.43 12.05 25.99
CA GLY F 706 -6.10 12.23 25.45
C GLY F 706 -6.04 12.20 23.95
N GLN F 707 -7.17 11.93 23.29
CA GLN F 707 -7.23 12.07 21.84
C GLN F 707 -7.39 13.54 21.42
N GLY F 708 -8.22 14.32 22.13
CA GLY F 708 -8.32 15.74 21.88
C GLY F 708 -9.65 16.22 21.32
N ARG F 709 -10.76 15.59 21.69
CA ARG F 709 -12.05 15.88 21.05
C ARG F 709 -13.18 16.01 22.08
N THR F 710 -14.27 16.63 21.64
CA THR F 710 -15.45 16.82 22.48
C THR F 710 -16.57 15.88 22.07
N VAL F 711 -16.95 14.97 22.97
CA VAL F 711 -18.11 14.11 22.81
C VAL F 711 -19.24 14.70 23.64
N ASP F 712 -20.35 15.04 22.97
CA ASP F 712 -21.47 15.73 23.59
C ASP F 712 -22.16 14.80 24.59
N PHE F 713 -21.94 15.04 25.88
CA PHE F 713 -22.60 14.25 26.92
C PHE F 713 -23.94 14.83 27.35
N ARG F 714 -24.54 15.74 26.57
CA ARG F 714 -25.90 16.17 26.85
C ARG F 714 -26.90 15.07 26.54
N ASN F 715 -26.56 14.19 25.60
CA ASN F 715 -27.46 13.14 25.14
C ASN F 715 -27.12 11.78 25.72
N THR F 716 -26.41 11.74 26.85
CA THR F 716 -26.11 10.47 27.51
C THR F 716 -26.32 10.64 29.00
N VAL F 717 -26.35 9.51 29.70
CA VAL F 717 -26.61 9.47 31.14
C VAL F 717 -25.39 8.91 31.84
N VAL F 718 -24.66 9.76 32.55
CA VAL F 718 -23.51 9.33 33.33
C VAL F 718 -24.02 8.94 34.72
N ILE F 719 -23.69 7.73 35.15
CA ILE F 719 -24.11 7.17 36.42
C ILE F 719 -22.89 6.66 37.15
N MET F 720 -22.68 7.17 38.37
CA MET F 720 -21.52 6.84 39.17
C MET F 720 -21.94 5.97 40.34
N THR F 721 -21.79 4.66 40.20
CA THR F 721 -21.99 3.75 41.31
C THR F 721 -20.70 3.63 42.08
N SER F 722 -20.82 3.65 43.40
CA SER F 722 -19.66 3.64 44.26
C SER F 722 -19.86 2.56 45.31
N ASN F 723 -18.74 2.10 45.86
CA ASN F 723 -18.75 0.94 46.74
C ASN F 723 -18.06 1.17 48.07
N LEU F 724 -18.17 2.36 48.65
CA LEU F 724 -17.64 2.66 49.98
C LEU F 724 -18.40 1.93 51.07
N GLY F 725 -19.72 1.81 50.90
CA GLY F 725 -20.59 1.33 51.95
C GLY F 725 -21.43 0.12 51.58
N VAL F 726 -20.83 -0.85 50.89
CA VAL F 726 -21.51 -2.05 50.40
C VAL F 726 -22.14 -2.85 51.53
N ARG F 727 -21.33 -3.30 52.49
CA ARG F 727 -21.87 -4.07 53.61
C ARG F 727 -22.63 -3.17 54.58
N GLU F 728 -22.32 -1.86 54.55
CA GLU F 728 -23.14 -0.87 55.25
C GLU F 728 -24.52 -0.76 54.59
N THR F 729 -24.59 -1.08 53.29
CA THR F 729 -25.87 -1.10 52.60
C THR F 729 -26.59 -2.44 52.82
N GLU F 730 -25.84 -3.53 52.86
CA GLU F 730 -26.42 -4.84 53.08
C GLU F 730 -26.89 -4.99 54.53
N ARG F 731 -26.39 -4.13 55.41
CA ARG F 731 -26.89 -4.11 56.78
C ARG F 731 -27.79 -2.90 57.03
N LYS F 732 -27.83 -1.94 56.09
CA LYS F 732 -28.57 -0.71 56.36
C LYS F 732 -30.06 -0.89 56.18
N SER F 733 -30.47 -1.98 55.53
CA SER F 733 -31.87 -2.27 55.27
C SER F 733 -32.26 -3.53 56.04
N ILE F 734 -32.92 -3.36 57.19
CA ILE F 734 -33.30 -2.06 57.73
C ILE F 734 -32.43 -1.78 58.96
N GLY F 735 -32.25 -0.50 59.29
CA GLY F 735 -31.55 -0.15 60.52
C GLY F 735 -30.58 1.02 60.42
N LEU F 736 -29.90 1.17 59.29
CA LEU F 736 -28.96 2.27 59.14
C LEU F 736 -29.44 3.22 58.03
N ILE F 737 -29.09 4.49 58.17
CA ILE F 737 -29.75 5.58 57.45
C ILE F 737 -28.97 5.89 56.19
N HIS F 738 -29.67 6.40 55.16
CA HIS F 738 -29.00 6.97 53.97
C HIS F 738 -28.13 8.15 54.34
N GLN F 739 -28.47 8.85 55.43
CA GLN F 739 -27.69 10.01 55.87
C GLN F 739 -26.32 9.58 56.37
N ASP F 740 -26.20 8.36 56.90
CA ASP F 740 -24.91 7.90 57.42
C ASP F 740 -24.02 7.34 56.32
N ASN F 741 -24.61 6.69 55.32
CA ASN F 741 -23.83 6.26 54.17
C ASN F 741 -23.42 7.46 53.33
N SER F 742 -24.27 8.49 53.30
CA SER F 742 -23.87 9.77 52.71
C SER F 742 -22.94 10.53 53.64
N THR F 743 -22.86 10.13 54.91
CA THR F 743 -21.95 10.80 55.84
C THR F 743 -20.53 10.30 55.70
N ASP F 744 -20.32 8.98 55.72
CA ASP F 744 -18.96 8.49 55.54
C ASP F 744 -18.54 8.55 54.08
N ALA F 745 -19.50 8.38 53.17
CA ALA F 745 -19.22 8.67 51.76
C ALA F 745 -18.90 10.15 51.55
N MET F 746 -19.59 11.03 52.28
CA MET F 746 -19.31 12.45 52.17
C MET F 746 -18.02 12.81 52.91
N GLU F 747 -17.55 11.93 53.80
CA GLU F 747 -16.26 12.14 54.44
C GLU F 747 -15.13 11.77 53.49
N GLU F 748 -15.29 10.66 52.76
CA GLU F 748 -14.34 10.30 51.71
C GLU F 748 -14.30 11.35 50.61
N ILE F 749 -15.47 11.94 50.31
CA ILE F 749 -15.51 12.98 49.28
C ILE F 749 -15.10 14.33 49.86
N LYS F 750 -15.12 14.46 51.19
CA LYS F 750 -14.39 15.55 51.81
C LYS F 750 -12.89 15.32 51.76
N LYS F 751 -12.47 14.07 51.56
CA LYS F 751 -11.04 13.77 51.62
C LYS F 751 -10.40 13.81 50.22
N ILE F 752 -11.13 13.47 49.17
CA ILE F 752 -10.50 13.32 47.86
C ILE F 752 -11.16 14.25 46.83
N PHE F 753 -12.22 14.95 47.25
CA PHE F 753 -12.88 15.97 46.43
C PHE F 753 -13.09 17.25 47.23
N ARG F 754 -13.90 18.14 46.68
CA ARG F 754 -14.53 19.22 47.41
C ARG F 754 -15.92 18.74 47.83
N PRO F 755 -16.61 19.47 48.72
CA PRO F 755 -18.03 19.14 48.97
C PRO F 755 -18.95 19.44 47.80
N GLU F 756 -18.48 20.10 46.75
CA GLU F 756 -19.34 20.38 45.61
C GLU F 756 -19.62 19.15 44.76
N PHE F 757 -18.88 18.05 44.96
CA PHE F 757 -19.14 16.82 44.22
C PHE F 757 -20.48 16.19 44.62
N ILE F 758 -20.86 16.34 45.89
CA ILE F 758 -22.16 15.86 46.35
C ILE F 758 -23.14 17.02 46.48
N ASN F 759 -22.63 18.26 46.52
CA ASN F 759 -23.51 19.42 46.44
C ASN F 759 -24.19 19.53 45.08
N ARG F 760 -23.48 19.22 44.00
CA ARG F 760 -24.08 19.42 42.68
C ARG F 760 -25.10 18.35 42.29
N ILE F 761 -24.97 17.12 42.82
CA ILE F 761 -25.74 16.00 42.27
C ILE F 761 -27.20 16.12 42.66
N ASP F 762 -28.05 15.37 41.95
CA ASP F 762 -29.49 15.45 42.18
C ASP F 762 -29.87 14.77 43.49
N GLU F 763 -29.64 13.46 43.58
CA GLU F 763 -30.09 12.68 44.72
C GLU F 763 -28.96 11.77 45.20
N VAL F 764 -28.99 11.47 46.50
CA VAL F 764 -28.09 10.48 47.08
C VAL F 764 -28.87 9.18 47.21
N VAL F 765 -28.76 8.33 46.19
CA VAL F 765 -29.56 7.12 46.11
C VAL F 765 -28.70 5.92 46.48
N VAL F 766 -29.17 5.14 47.47
CA VAL F 766 -28.52 3.91 47.89
C VAL F 766 -29.56 2.80 47.74
N PHE F 767 -29.16 1.68 47.13
CA PHE F 767 -30.08 0.58 46.92
C PHE F 767 -30.33 -0.20 48.21
N HIS F 768 -31.11 -1.28 48.11
CA HIS F 768 -31.38 -2.13 49.25
C HIS F 768 -31.35 -3.60 48.85
N PRO F 769 -31.10 -4.51 49.80
CA PRO F 769 -31.23 -5.95 49.52
C PRO F 769 -32.70 -6.38 49.42
N LEU F 770 -32.86 -7.71 49.29
CA LEU F 770 -34.13 -8.29 48.90
C LEU F 770 -34.76 -9.09 50.04
N GLY F 771 -36.10 -9.21 50.00
CA GLY F 771 -36.83 -9.99 50.99
C GLY F 771 -37.32 -11.31 50.43
N GLU F 772 -38.16 -11.98 51.22
CA GLU F 772 -38.58 -13.35 50.89
C GLU F 772 -39.51 -13.37 49.67
N GLN F 773 -40.37 -12.36 49.54
CA GLN F 773 -41.20 -12.24 48.34
C GLN F 773 -40.37 -11.74 47.17
N HIS F 774 -39.24 -11.09 47.46
CA HIS F 774 -38.34 -10.64 46.41
C HIS F 774 -37.42 -11.77 45.95
N ILE F 775 -36.99 -12.61 46.89
CA ILE F 775 -36.18 -13.78 46.54
C ILE F 775 -37.03 -14.80 45.78
N ALA F 776 -38.23 -15.09 46.28
CA ALA F 776 -39.13 -15.98 45.56
C ALA F 776 -39.61 -15.33 44.27
N SER F 777 -39.67 -14.00 44.26
CA SER F 777 -40.10 -13.28 43.07
C SER F 777 -39.05 -13.36 41.96
N ILE F 778 -37.76 -13.17 42.29
CA ILE F 778 -36.72 -13.31 41.27
C ILE F 778 -36.51 -14.76 40.91
N ALA F 779 -36.88 -15.68 41.82
CA ALA F 779 -36.91 -17.10 41.48
C ALA F 779 -37.95 -17.37 40.41
N GLN F 780 -39.13 -16.75 40.51
CA GLN F 780 -40.19 -17.05 39.56
C GLN F 780 -40.01 -16.31 38.23
N ILE F 781 -39.54 -15.05 38.29
CA ILE F 781 -39.34 -14.32 37.04
C ILE F 781 -38.03 -14.74 36.39
N GLN F 782 -37.15 -15.40 37.15
CA GLN F 782 -36.05 -16.09 36.50
C GLN F 782 -36.48 -17.47 36.00
N LEU F 783 -37.54 -18.03 36.59
CA LEU F 783 -38.16 -19.23 36.03
C LEU F 783 -38.98 -18.94 34.78
N LYS F 784 -39.31 -17.66 34.50
CA LYS F 784 -40.19 -17.36 33.37
C LYS F 784 -39.53 -17.70 32.03
N ARG F 785 -38.22 -17.50 31.91
CA ARG F 785 -37.52 -17.91 30.71
C ARG F 785 -37.41 -19.43 30.64
N LEU F 786 -37.41 -20.09 31.81
CA LEU F 786 -37.44 -21.55 31.82
C LEU F 786 -38.80 -22.09 31.40
N TYR F 787 -39.88 -21.37 31.73
CA TYR F 787 -41.20 -21.78 31.25
C TYR F 787 -41.41 -21.39 29.79
N LYS F 788 -40.58 -20.48 29.28
CA LYS F 788 -40.66 -20.15 27.85
C LYS F 788 -39.89 -21.16 27.02
N ARG F 789 -38.65 -21.46 27.42
CA ARG F 789 -37.84 -22.45 26.73
C ARG F 789 -38.40 -23.85 26.89
N LEU F 790 -39.09 -24.11 28.01
CA LEU F 790 -39.78 -25.38 28.14
C LEU F 790 -41.24 -25.27 27.72
N GLU F 791 -41.70 -24.05 27.41
CA GLU F 791 -42.99 -23.90 26.74
C GLU F 791 -42.85 -24.17 25.25
N GLU F 792 -41.63 -24.07 24.73
CA GLU F 792 -41.35 -24.48 23.37
C GLU F 792 -41.51 -26.00 23.21
N ARG F 793 -40.99 -26.77 24.17
CA ARG F 793 -41.02 -28.23 24.03
C ARG F 793 -42.29 -28.84 24.63
N GLY F 794 -43.01 -28.12 25.46
CA GLY F 794 -44.26 -28.58 26.00
C GLY F 794 -44.24 -29.11 27.42
N TYR F 795 -43.57 -28.42 28.34
CA TYR F 795 -43.52 -28.83 29.74
C TYR F 795 -43.93 -27.67 30.64
N GLU F 796 -44.33 -28.01 31.87
CA GLU F 796 -44.59 -27.03 32.93
C GLU F 796 -44.01 -27.55 34.23
N ILE F 797 -43.60 -26.63 35.11
CA ILE F 797 -42.89 -26.97 36.33
C ILE F 797 -43.61 -26.36 37.53
N HIS F 798 -43.93 -27.22 38.50
CA HIS F 798 -44.43 -26.77 39.78
C HIS F 798 -43.41 -27.10 40.87
N ILE F 799 -42.75 -26.07 41.38
CA ILE F 799 -41.68 -26.23 42.37
C ILE F 799 -42.27 -26.17 43.77
N SER F 800 -41.93 -27.19 44.58
CA SER F 800 -42.32 -27.28 45.98
C SER F 800 -41.51 -26.31 46.83
N ASP F 801 -41.77 -26.36 48.14
CA ASP F 801 -41.13 -25.43 49.07
C ASP F 801 -39.71 -25.87 49.43
N GLU F 802 -39.33 -27.09 49.05
CA GLU F 802 -38.02 -27.61 49.42
C GLU F 802 -36.96 -27.17 48.43
N ALA F 803 -37.22 -27.33 47.13
CA ALA F 803 -36.31 -26.81 46.10
C ALA F 803 -36.19 -25.29 46.19
N LEU F 804 -37.32 -24.61 46.45
CA LEU F 804 -37.28 -23.16 46.64
C LEU F 804 -36.67 -22.80 47.99
N LYS F 805 -36.67 -23.73 48.95
CA LYS F 805 -35.97 -23.50 50.20
C LYS F 805 -34.46 -23.58 49.99
N LEU F 806 -34.01 -24.50 49.13
CA LEU F 806 -32.60 -24.54 48.74
C LEU F 806 -32.23 -23.33 47.88
N LEU F 807 -33.18 -22.80 47.13
CA LEU F 807 -32.97 -21.52 46.45
C LEU F 807 -32.89 -20.37 47.45
N SER F 808 -33.57 -20.50 48.58
CA SER F 808 -33.50 -19.48 49.61
C SER F 808 -32.16 -19.51 50.34
N GLU F 809 -31.65 -20.71 50.64
CA GLU F 809 -30.37 -20.80 51.31
C GLU F 809 -29.21 -20.51 50.35
N ASN F 810 -29.04 -21.36 49.33
CA ASN F 810 -27.86 -21.26 48.48
C ASN F 810 -28.14 -20.43 47.24
N GLY F 811 -29.41 -20.12 46.98
CA GLY F 811 -29.75 -19.33 45.81
C GLY F 811 -29.40 -17.87 45.93
N TYR F 812 -29.64 -17.28 47.11
CA TYR F 812 -29.41 -15.86 47.33
C TYR F 812 -28.34 -15.68 48.40
N ASP F 813 -27.49 -14.66 48.21
CA ASP F 813 -26.57 -14.19 49.22
C ASP F 813 -26.66 -12.67 49.30
N PRO F 814 -26.44 -12.09 50.49
CA PRO F 814 -26.52 -10.62 50.59
C PRO F 814 -25.35 -9.93 49.94
N VAL F 815 -24.18 -10.60 49.92
CA VAL F 815 -22.94 -9.92 49.52
C VAL F 815 -22.89 -9.73 48.00
N TYR F 816 -23.52 -10.64 47.24
CA TYR F 816 -23.49 -10.55 45.79
C TYR F 816 -24.87 -10.35 45.18
N GLY F 817 -25.93 -10.53 45.97
CA GLY F 817 -27.27 -10.35 45.42
C GLY F 817 -27.69 -11.54 44.57
N ALA F 818 -28.16 -11.24 43.36
CA ALA F 818 -28.59 -12.29 42.44
C ALA F 818 -27.50 -12.71 41.47
N ARG F 819 -26.24 -12.44 41.78
CA ARG F 819 -25.17 -12.83 40.86
C ARG F 819 -24.89 -14.33 40.84
N PRO F 820 -24.83 -15.08 41.97
CA PRO F 820 -24.80 -16.54 41.83
C PRO F 820 -26.17 -17.18 41.78
N LEU F 821 -27.23 -16.40 41.57
CA LEU F 821 -28.58 -16.93 41.55
C LEU F 821 -28.81 -17.87 40.37
N LYS F 822 -28.45 -17.42 39.16
CA LYS F 822 -28.69 -18.22 37.96
C LYS F 822 -27.83 -19.48 37.96
N ARG F 823 -26.63 -19.40 38.51
CA ARG F 823 -25.76 -20.58 38.53
C ARG F 823 -26.18 -21.56 39.62
N ALA F 824 -26.77 -21.05 40.72
CA ALA F 824 -27.38 -21.95 41.69
C ALA F 824 -28.63 -22.59 41.12
N ILE F 825 -29.37 -21.86 40.29
CA ILE F 825 -30.52 -22.40 39.57
C ILE F 825 -30.09 -23.48 38.59
N GLN F 826 -28.94 -23.31 37.94
CA GLN F 826 -28.53 -24.30 36.95
C GLN F 826 -27.98 -25.55 37.63
N GLN F 827 -27.16 -25.38 38.69
CA GLN F 827 -26.47 -26.52 39.26
C GLN F 827 -27.31 -27.22 40.30
N GLN F 828 -28.36 -26.55 40.79
CA GLN F 828 -29.21 -27.16 41.79
C GLN F 828 -30.58 -27.50 41.22
N ILE F 829 -31.09 -26.66 40.32
CA ILE F 829 -32.37 -26.93 39.68
C ILE F 829 -32.19 -27.79 38.43
N GLU F 830 -31.29 -27.37 37.52
CA GLU F 830 -31.47 -27.75 36.12
C GLU F 830 -31.02 -29.17 35.83
N ASN F 831 -29.92 -29.62 36.45
CA ASN F 831 -29.22 -30.83 36.04
C ASN F 831 -30.03 -32.14 36.04
N PRO F 832 -30.87 -32.48 37.04
CA PRO F 832 -31.66 -33.71 36.89
C PRO F 832 -32.75 -33.64 35.85
N LEU F 833 -33.17 -32.42 35.45
CA LEU F 833 -34.24 -32.30 34.46
C LEU F 833 -33.81 -32.78 33.09
N ALA F 834 -32.78 -32.16 32.52
CA ALA F 834 -32.29 -32.62 31.23
C ALA F 834 -31.34 -33.80 31.38
N GLN F 835 -30.93 -34.11 32.61
CA GLN F 835 -30.35 -35.42 32.86
C GLN F 835 -31.39 -36.51 32.66
N GLN F 836 -32.66 -36.17 32.93
CA GLN F 836 -33.74 -37.13 32.70
C GLN F 836 -34.46 -36.88 31.38
N ILE F 837 -34.04 -35.88 30.59
CA ILE F 837 -34.44 -35.93 29.18
C ILE F 837 -33.36 -36.63 28.37
N LEU F 838 -32.12 -36.62 28.87
CA LEU F 838 -31.11 -37.48 28.28
C LEU F 838 -31.23 -38.91 28.77
N SER F 839 -31.90 -39.11 29.92
CA SER F 839 -32.21 -40.47 30.36
C SER F 839 -33.48 -40.99 29.68
N GLY F 840 -34.50 -40.14 29.54
CA GLY F 840 -35.69 -40.49 28.80
C GLY F 840 -36.94 -40.74 29.62
N GLU F 841 -36.92 -40.42 30.92
CA GLU F 841 -38.10 -40.68 31.75
C GLU F 841 -39.19 -39.64 31.51
N LEU F 842 -38.83 -38.47 30.99
CA LEU F 842 -39.77 -37.37 30.83
C LEU F 842 -40.60 -37.58 29.55
N VAL F 843 -41.89 -37.29 29.65
CA VAL F 843 -42.83 -37.41 28.54
C VAL F 843 -43.32 -36.01 28.17
N PRO F 844 -43.22 -35.61 26.90
CA PRO F 844 -43.69 -34.28 26.50
C PRO F 844 -45.20 -34.17 26.55
N GLY F 845 -45.67 -33.00 26.98
CA GLY F 845 -47.09 -32.75 27.16
C GLY F 845 -47.65 -33.10 28.52
N LYS F 846 -46.80 -33.51 29.46
CA LYS F 846 -47.22 -33.87 30.80
C LYS F 846 -46.42 -33.05 31.80
N VAL F 847 -47.08 -32.64 32.89
CA VAL F 847 -46.52 -31.63 33.78
C VAL F 847 -45.43 -32.23 34.66
N ILE F 848 -44.42 -31.42 34.97
CA ILE F 848 -43.30 -31.80 35.82
C ILE F 848 -43.49 -31.11 37.15
N ARG F 849 -43.10 -31.78 38.24
CA ARG F 849 -42.83 -31.11 39.50
C ARG F 849 -41.40 -31.42 39.92
N LEU F 850 -40.72 -30.42 40.47
CA LEU F 850 -39.39 -30.64 41.03
C LEU F 850 -39.54 -31.15 42.45
N GLU F 851 -39.30 -32.44 42.63
CA GLU F 851 -39.37 -33.12 43.91
C GLU F 851 -37.98 -33.59 44.31
N VAL F 852 -37.86 -34.40 45.36
CA VAL F 852 -36.56 -34.87 45.82
C VAL F 852 -36.54 -36.40 45.88
N ASN F 853 -36.12 -37.03 44.80
CA ASN F 853 -35.72 -38.43 44.83
C ASN F 853 -34.29 -38.49 44.31
N GLU F 854 -33.38 -38.08 45.18
CA GLU F 854 -31.93 -37.86 45.05
C GLU F 854 -31.47 -37.53 46.47
N ASP F 855 -30.19 -37.17 46.64
CA ASP F 855 -29.77 -36.35 47.77
C ASP F 855 -30.06 -34.87 47.53
N ARG F 856 -30.58 -34.53 46.36
CA ARG F 856 -30.95 -33.19 45.95
C ARG F 856 -32.29 -33.24 45.24
N ILE F 857 -32.59 -32.15 44.52
CA ILE F 857 -33.83 -32.04 43.76
C ILE F 857 -33.75 -32.97 42.56
N VAL F 858 -34.90 -33.52 42.14
CA VAL F 858 -34.97 -34.27 40.90
C VAL F 858 -36.27 -33.90 40.19
N ALA F 859 -36.36 -34.23 38.91
CA ALA F 859 -37.57 -34.02 38.14
C ALA F 859 -38.41 -35.29 38.17
N VAL F 860 -39.72 -35.13 38.01
CA VAL F 860 -40.64 -36.27 37.97
C VAL F 860 -41.86 -35.88 37.15
N GLN F 861 -42.40 -36.85 36.42
CA GLN F 861 -43.56 -36.64 35.55
C GLN F 861 -44.83 -36.78 36.37
PG AGS G . 24.68 12.37 -21.70
S1G AGS G . 24.48 11.67 -19.89
O2G AGS G . 24.79 11.16 -22.68
O3G AGS G . 23.43 13.22 -22.09
PB AGS G . 27.37 12.55 -21.53
O1B AGS G . 27.14 11.07 -21.80
O2B AGS G . 27.83 12.78 -20.13
O3B AGS G . 25.96 13.23 -21.77
PA AGS G . 28.18 14.24 -23.55
O1A AGS G . 28.44 13.86 -24.96
O2A AGS G . 26.74 14.67 -23.32
O3A AGS G . 28.46 13.03 -22.58
O5' AGS G . 29.20 15.41 -23.16
C5' AGS G . 28.73 16.60 -22.46
C4' AGS G . 29.49 17.85 -22.90
O4' AGS G . 30.86 17.78 -22.43
C3' AGS G . 29.57 18.10 -24.40
O3' AGS G . 28.62 19.08 -24.81
C2' AGS G . 31.02 18.61 -24.62
O2' AGS G . 31.01 19.91 -25.21
C1' AGS G . 31.61 18.68 -23.20
N9 AGS G . 33.04 18.36 -23.01
C8 AGS G . 33.53 17.93 -21.80
N7 AGS G . 34.81 17.70 -21.78
C5 AGS G . 35.22 18.03 -23.06
C6 AGS G . 36.48 18.01 -23.70
N6 AGS G . 37.61 17.64 -23.09
N1 AGS G . 36.55 18.40 -24.99
C2 AGS G . 35.42 18.77 -25.60
N3 AGS G . 34.19 18.84 -25.12
C4 AGS G . 34.14 18.45 -23.83
PG AGS H . 14.02 35.32 24.05
S1G AGS H . 15.14 34.15 25.13
O2G AGS H . 14.49 35.21 22.57
O3G AGS H . 12.52 34.92 24.16
PB AGS H . 15.56 37.49 24.16
O1B AGS H . 15.92 37.08 22.74
O2B AGS H . 16.62 37.17 25.15
O3B AGS H . 14.21 36.78 24.52
PA AGS H . 14.49 39.56 22.86
O1A AGS H . 13.59 38.44 22.35
O2A AGS H . 15.39 40.10 21.82
O3A AGS H . 15.29 39.03 24.10
O5' AGS H . 13.66 40.75 23.47
C5' AGS H . 12.42 40.53 24.16
C4' AGS H . 11.40 41.41 23.49
O4' AGS H . 11.46 42.73 24.06
C3' AGS H . 11.63 41.57 21.99
O3' AGS H . 10.90 40.60 21.25
C2' AGS H . 11.19 43.00 21.73
O2' AGS H . 9.77 43.07 21.58
C1' AGS H . 11.59 43.69 23.03
N9 AGS H . 12.96 44.19 23.05
C8 AGS H . 14.00 43.77 23.85
N7 AGS H . 15.12 44.39 23.66
C5 AGS H . 14.82 45.31 22.66
C6 AGS H . 15.60 46.28 21.99
N6 AGS H . 16.89 46.50 22.25
N1 AGS H . 15.00 47.02 21.04
C2 AGS H . 13.70 46.81 20.77
N3 AGS H . 12.87 45.92 21.34
C4 AGS H . 13.49 45.21 22.28
PG AGS I . -7.03 -31.27 -19.48
S1G AGS I . -8.06 -29.75 -18.82
O2G AGS I . -7.80 -32.02 -20.59
O3G AGS I . -5.66 -30.79 -20.02
PB AGS I . -8.03 -32.59 -17.36
O1B AGS I . -9.25 -31.91 -17.99
O2B AGS I . -7.75 -32.07 -16.00
O3B AGS I . -6.81 -32.28 -18.31
PA AGS I . -7.32 -35.18 -17.97
O1A AGS I . -8.02 -36.29 -18.67
O2A AGS I . -6.36 -34.42 -18.88
O3A AGS I . -8.33 -34.15 -17.33
O5' AGS I . -6.54 -35.85 -16.76
C5' AGS I . -5.17 -35.46 -16.46
C4' AGS I . -4.22 -36.58 -16.80
O4' AGS I . -3.69 -37.14 -15.58
C3' AGS I . -4.81 -37.76 -17.58
O3' AGS I . -4.65 -37.57 -18.99
C2' AGS I . -3.98 -38.93 -17.08
O2' AGS I . -2.71 -39.00 -17.71
C1' AGS I . -3.80 -38.55 -15.60
N9 AGS I . -4.84 -38.92 -14.63
C8 AGS I . -4.90 -38.33 -13.40
N7 AGS I . -5.88 -38.76 -12.63
C5 AGS I . -6.53 -39.68 -13.43
C6 AGS I . -7.66 -40.50 -13.21
N6 AGS I . -8.37 -40.49 -12.07
N1 AGS I . -8.05 -41.33 -14.20
C2 AGS I . -7.35 -41.34 -15.33
N3 AGS I . -6.27 -40.62 -15.65
C4 AGS I . -5.91 -39.81 -14.66
PG AGS J . 27.32 -16.41 14.31
S1G AGS J . 26.77 -14.59 13.89
O2G AGS J . 26.16 -17.20 15.00
O3G AGS J . 27.76 -17.16 13.02
PB AGS J . 28.56 -17.65 16.22
O1B AGS J . 27.93 -18.74 15.34
O2B AGS J . 27.81 -17.38 17.46
O3B AGS J . 28.52 -16.40 15.29
PA AGS J . 30.82 -18.66 15.23
O1A AGS J . 30.63 -20.12 15.20
O2A AGS J . 30.32 -17.84 14.04
O3A AGS J . 30.05 -18.07 16.47
O5' AGS J . 32.36 -18.39 15.49
C5' AGS J . 33.04 -17.34 14.80
C4' AGS J . 34.43 -17.79 14.38
O4' AGS J . 34.97 -18.72 15.33
C3' AGS J . 34.51 -18.54 13.06
O3' AGS J . 34.50 -17.65 11.95
C2' AGS J . 35.85 -19.28 13.19
O2' AGS J . 36.91 -18.57 12.58
C1' AGS J . 36.08 -19.33 14.71
N9 AGS J . 36.27 -20.68 15.25
C8 AGS J . 35.41 -21.41 16.03
N7 AGS J . 35.86 -22.59 16.36
C5 AGS J . 37.11 -22.65 15.76
C6 AGS J . 38.11 -23.64 15.73
N6 AGS J . 38.00 -24.82 16.36
N1 AGS J . 39.25 -23.38 15.05
C2 AGS J . 39.36 -22.20 14.43
N3 AGS J . 38.49 -21.19 14.39
C4 AGS J . 37.38 -21.48 15.07
PG AGS K . 21.42 -17.39 -21.70
S1G AGS K . 20.10 -17.46 -20.29
O2G AGS K . 21.08 -18.47 -22.77
O3G AGS K . 21.39 -15.99 -22.38
PB AGS K . 23.26 -19.11 -20.71
O1B AGS K . 22.24 -19.53 -19.66
O2B AGS K . 24.66 -19.17 -20.25
O3B AGS K . 22.85 -17.64 -21.13
PA AGS K . 23.92 -19.95 -23.23
O1A AGS K . 22.91 -20.10 -24.38
O2A AGS K . 25.04 -20.92 -23.19
O3A AGS K . 23.02 -20.06 -21.93
O5' AGS K . 24.56 -18.51 -23.36
C5' AGS K . 24.57 -17.87 -24.66
C4' AGS K . 25.95 -17.90 -25.27
O4' AGS K . 26.91 -17.49 -24.27
C3' AGS K . 26.44 -19.25 -25.76
O3' AGS K . 26.06 -19.45 -27.12
C2' AGS K . 27.96 -19.13 -25.63
O2' AGS K . 28.55 -18.51 -26.77
C1' AGS K . 28.10 -18.24 -24.39
N9 AGS K . 28.33 -18.95 -23.15
C8 AGS K . 27.40 -19.23 -22.16
N7 AGS K . 27.90 -19.89 -21.15
C5 AGS K . 29.23 -20.04 -21.48
C6 AGS K . 30.30 -20.67 -20.81
N6 AGS K . 30.19 -21.26 -19.61
N1 AGS K . 31.52 -20.66 -21.41
C2 AGS K . 31.63 -20.06 -22.60
N3 AGS K . 30.69 -19.44 -23.33
C4 AGS K . 29.51 -19.48 -22.71
PG AGS L . 35.83 15.10 14.94
S1G AGS L . 34.94 13.37 15.12
O2G AGS L . 36.50 15.19 13.55
O3G AGS L . 34.77 16.23 15.05
PB AGS L . 38.09 14.22 16.08
O1B AGS L . 38.19 13.63 14.68
O2B AGS L . 37.81 13.20 17.12
O3B AGS L . 36.93 15.28 16.02
PA AGS L . 40.25 15.65 15.19
O1A AGS L . 39.95 14.89 13.90
O2A AGS L . 41.68 15.79 15.54
O3A AGS L . 39.49 14.92 16.36
O5' AGS L . 39.64 17.11 15.17
C5' AGS L . 38.60 17.52 14.26
C4' AGS L . 39.17 18.41 13.18
O4' AGS L . 40.00 19.42 13.79
C3' AGS L . 40.06 17.68 12.18
O3' AGS L . 39.28 17.24 11.06
C2' AGS L . 41.06 18.77 11.79
O2' AGS L . 40.54 19.60 10.76
C1' AGS L . 41.22 19.54 13.10
N9 AGS L . 42.29 19.10 13.99
C8 AGS L . 42.14 18.83 15.33
N7 AGS L . 43.24 18.44 15.93
C5 AGS L . 44.19 18.47 14.92
C6 AGS L . 45.56 18.16 14.90
N6 AGS L . 46.25 17.77 15.98
N1 AGS L . 46.22 18.29 13.73
C2 AGS L . 45.55 18.70 12.65
N3 AGS L . 44.25 19.01 12.54
C4 AGS L . 43.62 18.87 13.71
PG AGS M . 0.10 31.66 -12.23
S1G AGS M . 1.09 29.99 -12.02
O2G AGS M . 0.29 32.24 -13.66
O3G AGS M . -1.41 31.45 -11.95
PB AGS M . 1.30 34.06 -11.52
O1B AGS M . 1.71 34.00 -13.00
O2B AGS M . 2.44 34.22 -10.60
O3B AGS M . 0.61 32.68 -11.18
PA AGS M . -0.38 35.98 -12.65
O1A AGS M . -0.98 34.90 -13.55
O2A AGS M . 0.64 36.81 -13.33
O3A AGS M . 0.23 35.24 -11.36
O5' AGS M . -1.51 36.96 -12.11
C5' AGS M . -2.82 36.98 -12.70
C4' AGS M . -3.35 38.37 -12.76
O4' AGS M . -2.56 39.22 -11.86
C3' AGS M . -3.27 39.03 -14.14
O3' AGS M . -4.48 38.86 -14.83
C2' AGS M . -3.00 40.51 -13.81
O2' AGS M . -4.21 41.17 -13.52
C1' AGS M . -2.19 40.42 -12.50
N9 AGS M . -0.73 40.47 -12.57
C8 AGS M . 0.12 39.62 -11.93
N7 AGS M . 1.40 39.89 -12.12
C5 AGS M . 1.39 40.99 -12.93
C6 AGS M . 2.42 41.76 -13.49
N6 AGS M . 3.73 41.52 -13.30
N1 AGS M . 2.06 42.81 -14.27
C2 AGS M . 0.78 43.06 -14.48
N3 AGS M . -0.28 42.40 -14.00
C4 AGS M . 0.09 41.38 -13.22
#